data_2CRR
#
_entry.id   2CRR
#
loop_
_entity.id
_entity.type
_entity.pdbx_description
1 polymer 'Stromal membrane-associated protein SMAP1B'
2 non-polymer 'ZINC ION'
#
_entity_poly.entity_id   1
_entity_poly.type   'polypeptide(L)'
_entity_poly.pdbx_seq_one_letter_code
;GSSGSSGKAQKLNEQHQLILSKLLREEDNKYCADCEAKGPRWASWNIGVFICIRCAGIHRNLGVHISRVKSVNLDQWTAE
QIQCMQDMGNTKARLLYEANLPENFRRPQTDQAVEFFIRDKYEKKKYYDKNAIAISGPSSG
;
_entity_poly.pdbx_strand_id   A
#
loop_
_chem_comp.id
_chem_comp.type
_chem_comp.name
_chem_comp.formula
ZN non-polymer 'ZINC ION' 'Zn 2'
#
# COMPACT_ATOMS: atom_id res chain seq x y z
N GLY A 1 21.62 22.68 0.77
CA GLY A 1 20.66 23.77 0.79
C GLY A 1 19.48 23.51 -0.12
N SER A 2 18.34 23.17 0.47
CA SER A 2 17.13 22.90 -0.29
C SER A 2 16.30 24.16 -0.46
N SER A 3 16.50 24.86 -1.57
CA SER A 3 15.77 26.09 -1.85
C SER A 3 14.26 25.85 -1.78
N GLY A 4 13.81 24.77 -2.42
CA GLY A 4 12.39 24.45 -2.43
C GLY A 4 11.64 25.14 -3.55
N SER A 5 10.70 26.00 -3.19
CA SER A 5 9.90 26.72 -4.18
C SER A 5 9.34 25.76 -5.23
N SER A 6 8.85 24.61 -4.77
CA SER A 6 8.29 23.60 -5.67
C SER A 6 7.01 23.02 -5.08
N GLY A 7 5.87 23.37 -5.68
CA GLY A 7 4.60 22.87 -5.21
C GLY A 7 3.44 23.74 -5.64
N LYS A 8 3.12 23.69 -6.93
CA LYS A 8 2.01 24.49 -7.47
C LYS A 8 0.83 23.60 -7.83
N ALA A 9 0.51 22.65 -6.95
CA ALA A 9 -0.61 21.75 -7.17
C ALA A 9 -1.78 22.46 -7.84
N GLN A 10 -2.08 23.66 -7.35
CA GLN A 10 -3.18 24.44 -7.91
C GLN A 10 -3.32 24.22 -9.41
N LYS A 11 -2.23 24.51 -10.13
CA LYS A 11 -2.22 24.34 -11.58
C LYS A 11 -2.46 22.88 -11.97
N LEU A 12 -1.85 21.98 -11.21
CA LEU A 12 -2.00 20.55 -11.47
C LEU A 12 -3.30 20.01 -10.89
N ASN A 13 -4.38 20.76 -11.08
CA ASN A 13 -5.69 20.37 -10.56
C ASN A 13 -6.25 19.22 -11.38
N GLU A 14 -7.05 18.38 -10.71
CA GLU A 14 -7.66 17.23 -11.37
C GLU A 14 -6.61 16.39 -12.09
N GLN A 15 -5.45 16.24 -11.47
CA GLN A 15 -4.36 15.47 -12.04
C GLN A 15 -3.95 14.32 -11.12
N HIS A 16 -4.52 13.14 -11.37
CA HIS A 16 -4.21 11.97 -10.55
C HIS A 16 -2.78 11.50 -10.80
N GLN A 17 -2.48 11.13 -12.04
CA GLN A 17 -1.15 10.67 -12.41
C GLN A 17 -0.09 11.34 -11.54
N LEU A 18 -0.25 12.64 -11.32
CA LEU A 18 0.70 13.39 -10.52
C LEU A 18 0.58 13.03 -9.04
N ILE A 19 -0.64 13.16 -8.51
CA ILE A 19 -0.89 12.84 -7.11
C ILE A 19 -0.15 11.57 -6.69
N LEU A 20 -0.30 10.52 -7.49
CA LEU A 20 0.35 9.25 -7.20
C LEU A 20 1.83 9.45 -6.89
N SER A 21 2.48 10.29 -7.69
CA SER A 21 3.90 10.57 -7.50
C SER A 21 4.15 11.29 -6.17
N LYS A 22 3.33 12.30 -5.89
CA LYS A 22 3.45 13.06 -4.65
C LYS A 22 3.53 12.13 -3.44
N LEU A 23 2.77 11.04 -3.49
CA LEU A 23 2.75 10.08 -2.40
C LEU A 23 4.09 9.36 -2.29
N LEU A 24 4.48 8.69 -3.37
CA LEU A 24 5.75 7.96 -3.40
C LEU A 24 6.89 8.81 -2.85
N ARG A 25 6.89 10.09 -3.22
CA ARG A 25 7.92 11.03 -2.77
C ARG A 25 8.07 10.96 -1.25
N GLU A 26 6.94 10.91 -0.55
CA GLU A 26 6.95 10.86 0.91
C GLU A 26 7.75 9.66 1.40
N GLU A 27 8.54 9.88 2.44
CA GLU A 27 9.37 8.82 3.01
C GLU A 27 8.52 7.60 3.36
N ASP A 28 7.25 7.83 3.66
CA ASP A 28 6.33 6.76 4.00
C ASP A 28 6.10 5.84 2.81
N ASN A 29 6.14 6.40 1.61
CA ASN A 29 5.93 5.64 0.39
C ASN A 29 7.17 5.66 -0.49
N LYS A 30 8.33 5.74 0.14
CA LYS A 30 9.61 5.78 -0.58
C LYS A 30 10.14 4.36 -0.80
N TYR A 31 9.59 3.40 -0.07
CA TYR A 31 10.01 2.02 -0.18
C TYR A 31 8.82 1.07 -0.15
N CYS A 32 8.98 -0.11 -0.74
CA CYS A 32 7.92 -1.10 -0.78
C CYS A 32 7.27 -1.25 0.60
N ALA A 33 6.05 -1.79 0.61
CA ALA A 33 5.31 -1.99 1.86
C ALA A 33 5.54 -3.39 2.40
N ASP A 34 6.46 -4.12 1.77
CA ASP A 34 6.75 -5.48 2.20
C ASP A 34 8.27 -5.69 2.31
N CYS A 35 8.95 -5.67 1.18
CA CYS A 35 10.39 -5.85 1.14
C CYS A 35 11.12 -4.53 1.34
N GLU A 36 10.34 -3.45 1.49
CA GLU A 36 10.91 -2.13 1.69
C GLU A 36 12.02 -1.84 0.68
N ALA A 37 11.77 -2.23 -0.58
CA ALA A 37 12.73 -2.01 -1.64
C ALA A 37 12.99 -0.52 -1.87
N LYS A 38 13.84 -0.22 -2.84
CA LYS A 38 14.17 1.17 -3.16
C LYS A 38 13.60 1.56 -4.51
N GLY A 39 12.50 2.30 -4.49
CA GLY A 39 11.87 2.74 -5.73
C GLY A 39 10.69 1.86 -6.11
N PRO A 40 9.68 1.80 -5.24
CA PRO A 40 8.48 1.00 -5.47
C PRO A 40 7.61 1.58 -6.57
N ARG A 41 7.90 1.21 -7.81
CA ARG A 41 7.14 1.69 -8.96
C ARG A 41 5.68 1.24 -8.87
N TRP A 42 5.45 -0.04 -9.17
CA TRP A 42 4.10 -0.59 -9.13
C TRP A 42 3.39 -0.20 -7.84
N ALA A 43 2.07 -0.35 -7.83
CA ALA A 43 1.27 -0.01 -6.66
C ALA A 43 -0.07 -0.74 -6.68
N SER A 44 -0.45 -1.29 -5.53
CA SER A 44 -1.72 -2.02 -5.41
C SER A 44 -2.82 -1.12 -4.86
N TRP A 45 -3.71 -0.70 -5.74
CA TRP A 45 -4.82 0.17 -5.34
C TRP A 45 -5.82 -0.58 -4.46
N ASN A 46 -6.21 -1.78 -4.92
CA ASN A 46 -7.16 -2.60 -4.17
C ASN A 46 -6.89 -2.52 -2.67
N ILE A 47 -5.62 -2.45 -2.31
CA ILE A 47 -5.23 -2.37 -0.91
C ILE A 47 -4.90 -0.94 -0.51
N GLY A 48 -4.17 -0.24 -1.37
CA GLY A 48 -3.81 1.14 -1.09
C GLY A 48 -2.38 1.28 -0.61
N VAL A 49 -1.46 0.59 -1.29
CA VAL A 49 -0.05 0.64 -0.92
C VAL A 49 0.84 0.47 -2.14
N PHE A 50 2.04 1.02 -2.07
CA PHE A 50 2.99 0.93 -3.17
C PHE A 50 3.96 -0.24 -2.97
N ILE A 51 4.03 -1.10 -3.98
CA ILE A 51 4.91 -2.26 -3.91
C ILE A 51 5.84 -2.32 -5.13
N CYS A 52 6.94 -3.06 -4.99
CA CYS A 52 7.91 -3.19 -6.07
C CYS A 52 7.39 -4.13 -7.15
N ILE A 53 8.23 -4.41 -8.15
CA ILE A 53 7.85 -5.30 -9.23
C ILE A 53 7.84 -6.75 -8.77
N ARG A 54 8.89 -7.17 -8.09
CA ARG A 54 9.00 -8.53 -7.58
C ARG A 54 7.75 -8.92 -6.80
N CYS A 55 7.45 -8.15 -5.75
CA CYS A 55 6.28 -8.41 -4.92
C CYS A 55 5.00 -8.40 -5.76
N ALA A 56 4.86 -7.35 -6.57
CA ALA A 56 3.68 -7.21 -7.42
C ALA A 56 3.24 -8.56 -7.98
N GLY A 57 4.20 -9.33 -8.47
CA GLY A 57 3.89 -10.63 -9.03
C GLY A 57 3.13 -11.51 -8.05
N ILE A 58 3.56 -11.51 -6.80
CA ILE A 58 2.92 -12.32 -5.77
C ILE A 58 1.46 -11.90 -5.57
N HIS A 59 1.23 -10.60 -5.47
CA HIS A 59 -0.11 -10.07 -5.29
C HIS A 59 -1.07 -10.67 -6.30
N ARG A 60 -0.68 -10.66 -7.57
CA ARG A 60 -1.50 -11.20 -8.64
C ARG A 60 -1.97 -12.61 -8.30
N ASN A 61 -1.06 -13.42 -7.79
CA ASN A 61 -1.37 -14.80 -7.42
C ASN A 61 -2.55 -14.85 -6.45
N LEU A 62 -2.51 -14.00 -5.44
CA LEU A 62 -3.57 -13.95 -4.44
C LEU A 62 -4.95 -14.03 -5.10
N GLY A 63 -5.17 -13.16 -6.10
CA GLY A 63 -6.43 -13.15 -6.79
C GLY A 63 -6.99 -11.76 -6.96
N VAL A 64 -7.73 -11.54 -8.05
CA VAL A 64 -8.32 -10.24 -8.31
C VAL A 64 -9.34 -9.86 -7.23
N HIS A 65 -9.65 -10.82 -6.36
CA HIS A 65 -10.60 -10.58 -5.28
C HIS A 65 -9.88 -10.17 -4.00
N ILE A 66 -8.62 -10.59 -3.87
CA ILE A 66 -7.83 -10.27 -2.69
C ILE A 66 -7.02 -8.99 -2.91
N SER A 67 -6.34 -8.92 -4.05
CA SER A 67 -5.51 -7.76 -4.38
C SER A 67 -5.32 -7.65 -5.88
N ARG A 68 -5.60 -6.46 -6.43
CA ARG A 68 -5.46 -6.22 -7.85
C ARG A 68 -4.18 -5.44 -8.15
N VAL A 69 -3.31 -6.04 -8.95
CA VAL A 69 -2.04 -5.40 -9.31
C VAL A 69 -2.14 -4.70 -10.65
N LYS A 70 -1.64 -3.46 -10.70
CA LYS A 70 -1.67 -2.67 -11.93
C LYS A 70 -0.60 -1.60 -11.91
N SER A 71 -0.15 -1.19 -13.09
CA SER A 71 0.88 -0.16 -13.21
C SER A 71 0.37 1.19 -12.70
N VAL A 72 1.26 1.96 -12.10
CA VAL A 72 0.90 3.27 -11.57
C VAL A 72 0.59 4.25 -12.70
N ASN A 73 1.39 4.20 -13.76
CA ASN A 73 1.20 5.09 -14.90
C ASN A 73 0.86 4.28 -16.16
N LEU A 74 1.72 3.33 -16.50
CA LEU A 74 1.50 2.50 -17.68
C LEU A 74 0.05 2.05 -17.77
N ASP A 75 -0.64 2.05 -16.63
CA ASP A 75 -2.04 1.66 -16.58
C ASP A 75 -2.94 2.84 -16.26
N GLN A 76 -4.24 2.67 -16.48
CA GLN A 76 -5.21 3.73 -16.22
C GLN A 76 -5.78 3.61 -14.81
N TRP A 77 -6.18 4.74 -14.24
CA TRP A 77 -6.75 4.75 -12.90
C TRP A 77 -8.03 5.57 -12.86
N THR A 78 -8.70 5.55 -11.71
CA THR A 78 -9.95 6.29 -11.54
C THR A 78 -10.01 6.95 -10.17
N ALA A 79 -10.69 8.10 -10.10
CA ALA A 79 -10.83 8.83 -8.85
C ALA A 79 -11.13 7.89 -7.69
N GLU A 80 -12.10 7.00 -7.89
CA GLU A 80 -12.49 6.04 -6.86
C GLU A 80 -11.25 5.34 -6.30
N GLN A 81 -10.38 4.86 -7.17
CA GLN A 81 -9.17 4.18 -6.76
C GLN A 81 -8.15 5.15 -6.20
N ILE A 82 -8.08 6.34 -6.79
CA ILE A 82 -7.15 7.38 -6.35
C ILE A 82 -7.35 7.69 -4.87
N GLN A 83 -8.54 8.16 -4.53
CA GLN A 83 -8.85 8.52 -3.15
C GLN A 83 -8.39 7.42 -2.20
N CYS A 84 -8.54 6.17 -2.62
CA CYS A 84 -8.14 5.03 -1.80
C CYS A 84 -6.65 5.09 -1.49
N MET A 85 -5.84 5.26 -2.53
CA MET A 85 -4.38 5.33 -2.37
C MET A 85 -4.01 6.20 -1.18
N GLN A 86 -4.66 7.36 -1.07
CA GLN A 86 -4.39 8.28 0.03
C GLN A 86 -5.08 7.82 1.31
N ASP A 87 -6.38 7.55 1.22
CA ASP A 87 -7.15 7.11 2.37
C ASP A 87 -6.39 6.03 3.15
N MET A 88 -5.84 5.06 2.42
CA MET A 88 -5.09 3.97 3.04
C MET A 88 -3.60 4.26 3.00
N GLY A 89 -3.01 4.18 1.82
CA GLY A 89 -1.58 4.43 1.67
C GLY A 89 -0.74 3.51 2.53
N ASN A 90 0.58 3.67 2.44
CA ASN A 90 1.49 2.85 3.22
C ASN A 90 1.40 3.18 4.71
N THR A 91 1.20 4.45 5.01
CA THR A 91 1.10 4.90 6.39
C THR A 91 0.21 3.97 7.21
N LYS A 92 -1.09 4.00 6.95
CA LYS A 92 -2.03 3.15 7.65
C LYS A 92 -1.70 1.67 7.46
N ALA A 93 -1.42 1.30 6.21
CA ALA A 93 -1.07 -0.07 5.90
C ALA A 93 -0.15 -0.68 6.95
N ARG A 94 0.82 0.11 7.40
CA ARG A 94 1.76 -0.34 8.42
C ARG A 94 1.09 -0.45 9.78
N LEU A 95 0.31 0.57 10.13
CA LEU A 95 -0.39 0.59 11.41
C LEU A 95 -1.51 -0.44 11.43
N LEU A 96 -1.74 -1.08 10.29
CA LEU A 96 -2.78 -2.09 10.18
C LEU A 96 -2.18 -3.48 10.00
N TYR A 97 -1.56 -3.70 8.84
CA TYR A 97 -0.94 -4.99 8.54
C TYR A 97 0.28 -5.22 9.41
N GLU A 98 1.16 -4.21 9.48
CA GLU A 98 2.38 -4.31 10.28
C GLU A 98 2.10 -3.93 11.73
N ALA A 99 0.90 -4.26 12.20
CA ALA A 99 0.52 -3.97 13.57
C ALA A 99 0.63 -5.20 14.46
N ASN A 100 0.32 -6.37 13.88
CA ASN A 100 0.39 -7.62 14.63
C ASN A 100 1.72 -8.32 14.38
N LEU A 101 2.72 -7.55 13.97
CA LEU A 101 4.04 -8.10 13.69
C LEU A 101 4.82 -8.29 14.99
N PRO A 102 5.79 -9.22 14.96
CA PRO A 102 6.63 -9.52 16.12
C PRO A 102 7.60 -8.38 16.46
N GLU A 103 7.97 -8.27 17.73
CA GLU A 103 8.87 -7.22 18.18
C GLU A 103 10.16 -7.24 17.35
N ASN A 104 10.64 -8.44 17.04
CA ASN A 104 11.86 -8.58 16.26
C ASN A 104 11.54 -8.93 14.81
N PHE A 105 10.51 -8.30 14.27
CA PHE A 105 10.09 -8.55 12.88
C PHE A 105 11.18 -8.12 11.91
N ARG A 106 11.27 -8.84 10.79
CA ARG A 106 12.28 -8.53 9.77
C ARG A 106 11.78 -8.92 8.39
N ARG A 107 11.69 -7.93 7.51
CA ARG A 107 11.22 -8.17 6.14
C ARG A 107 12.09 -9.21 5.45
N PRO A 108 11.43 -10.15 4.74
CA PRO A 108 12.13 -11.21 4.01
C PRO A 108 12.88 -10.69 2.80
N GLN A 109 14.07 -11.24 2.57
CA GLN A 109 14.89 -10.83 1.43
C GLN A 109 14.74 -11.81 0.27
N THR A 110 14.66 -13.09 0.59
CA THR A 110 14.51 -14.13 -0.43
C THR A 110 13.06 -14.28 -0.84
N ASP A 111 12.83 -14.43 -2.15
CA ASP A 111 11.48 -14.59 -2.68
C ASP A 111 10.78 -15.78 -2.02
N GLN A 112 11.44 -16.93 -2.04
CA GLN A 112 10.88 -18.14 -1.45
C GLN A 112 10.06 -17.81 -0.22
N ALA A 113 10.50 -16.81 0.54
CA ALA A 113 9.81 -16.39 1.75
C ALA A 113 8.80 -15.29 1.46
N VAL A 114 9.27 -14.22 0.82
CA VAL A 114 8.42 -13.09 0.47
C VAL A 114 7.05 -13.57 -0.01
N GLU A 115 7.05 -14.36 -1.07
CA GLU A 115 5.80 -14.88 -1.64
C GLU A 115 4.84 -15.29 -0.53
N PHE A 116 5.32 -16.13 0.38
CA PHE A 116 4.49 -16.60 1.49
C PHE A 116 4.15 -15.45 2.44
N PHE A 117 5.18 -14.83 3.00
CA PHE A 117 5.00 -13.72 3.93
C PHE A 117 3.81 -12.86 3.51
N ILE A 118 3.89 -12.31 2.30
CA ILE A 118 2.83 -11.46 1.77
C ILE A 118 1.49 -12.21 1.75
N ARG A 119 1.53 -13.45 1.28
CA ARG A 119 0.32 -14.26 1.20
C ARG A 119 -0.32 -14.44 2.58
N ASP A 120 0.41 -15.09 3.48
CA ASP A 120 -0.08 -15.33 4.83
C ASP A 120 -0.32 -14.00 5.55
N LYS A 121 0.32 -12.94 5.07
CA LYS A 121 0.18 -11.62 5.67
C LYS A 121 -1.14 -10.97 5.25
N TYR A 122 -1.46 -11.07 3.97
CA TYR A 122 -2.70 -10.49 3.44
C TYR A 122 -3.73 -11.58 3.18
N GLU A 123 -3.36 -12.55 2.35
CA GLU A 123 -4.26 -13.66 2.01
C GLU A 123 -4.85 -14.28 3.27
N LYS A 124 -3.99 -14.71 4.17
CA LYS A 124 -4.42 -15.34 5.42
C LYS A 124 -4.77 -14.28 6.46
N LYS A 125 -4.32 -13.05 6.22
CA LYS A 125 -4.59 -11.94 7.13
C LYS A 125 -4.03 -12.24 8.52
N LYS A 126 -2.96 -13.01 8.57
CA LYS A 126 -2.32 -13.37 9.83
C LYS A 126 -2.08 -12.12 10.69
N TYR A 127 -1.15 -11.28 10.24
CA TYR A 127 -0.82 -10.06 10.96
C TYR A 127 -1.78 -8.93 10.59
N TYR A 128 -3.05 -9.28 10.42
CA TYR A 128 -4.08 -8.30 10.06
C TYR A 128 -4.86 -7.85 11.29
N ASP A 129 -4.82 -6.56 11.59
CA ASP A 129 -5.53 -6.01 12.73
C ASP A 129 -6.92 -5.52 12.33
N LYS A 130 -7.93 -6.30 12.68
CA LYS A 130 -9.32 -5.95 12.36
C LYS A 130 -9.83 -4.85 13.28
N ASN A 131 -9.45 -4.93 14.56
CA ASN A 131 -9.87 -3.94 15.54
C ASN A 131 -9.94 -2.55 14.92
N ALA A 132 -8.91 -2.21 14.15
CA ALA A 132 -8.85 -0.90 13.49
C ALA A 132 -10.17 -0.56 12.82
N ILE A 133 -10.61 -1.43 11.90
CA ILE A 133 -11.85 -1.22 11.18
C ILE A 133 -13.03 -1.83 11.94
N ALA A 134 -13.27 -1.33 13.16
CA ALA A 134 -14.36 -1.82 13.98
C ALA A 134 -15.59 -0.95 13.82
N ILE A 135 -15.65 -0.20 12.73
CA ILE A 135 -16.78 0.68 12.48
C ILE A 135 -17.66 0.15 11.35
N SER A 136 -17.71 -1.18 11.23
CA SER A 136 -18.52 -1.83 10.20
C SER A 136 -20.00 -1.77 10.55
N GLY A 137 -20.77 -1.07 9.73
CA GLY A 137 -22.20 -0.96 9.96
C GLY A 137 -22.96 -0.50 8.73
N PRO A 138 -23.40 -1.46 7.91
CA PRO A 138 -24.15 -1.17 6.68
C PRO A 138 -25.54 -0.63 6.96
N SER A 139 -25.76 0.64 6.63
CA SER A 139 -27.05 1.27 6.85
C SER A 139 -27.63 1.80 5.55
N SER A 140 -28.90 2.18 5.58
CA SER A 140 -29.58 2.68 4.39
C SER A 140 -28.76 3.78 3.73
N GLY A 141 -28.71 3.75 2.40
CA GLY A 141 -27.95 4.75 1.66
C GLY A 141 -28.84 5.67 0.85
ZN ZN B . 8.46 -5.41 -2.55
N GLY A 1 19.84 20.93 7.21
CA GLY A 1 19.27 19.95 8.11
C GLY A 1 18.35 18.97 7.40
N SER A 2 17.10 19.38 7.20
CA SER A 2 16.13 18.54 6.52
C SER A 2 16.30 18.59 5.01
N SER A 3 15.53 17.78 4.30
CA SER A 3 15.60 17.73 2.85
C SER A 3 14.56 18.65 2.22
N GLY A 4 14.41 19.84 2.78
CA GLY A 4 13.44 20.79 2.27
C GLY A 4 12.41 21.18 3.30
N SER A 5 11.26 20.51 3.27
CA SER A 5 10.19 20.79 4.22
C SER A 5 9.05 19.78 4.07
N SER A 6 8.09 19.84 4.97
CA SER A 6 6.94 18.94 4.95
C SER A 6 5.65 19.70 4.69
N GLY A 7 5.04 19.46 3.53
CA GLY A 7 3.80 20.13 3.18
C GLY A 7 2.70 19.16 2.84
N LYS A 8 1.51 19.69 2.57
CA LYS A 8 0.36 18.86 2.23
C LYS A 8 0.27 18.65 0.72
N ALA A 9 -0.05 17.42 0.32
CA ALA A 9 -0.17 17.09 -1.10
C ALA A 9 -1.59 17.29 -1.58
N GLN A 10 -2.56 16.79 -0.81
CA GLN A 10 -3.97 16.91 -1.18
C GLN A 10 -4.23 18.24 -1.88
N LYS A 11 -3.72 19.32 -1.31
CA LYS A 11 -3.90 20.65 -1.89
C LYS A 11 -3.14 20.78 -3.20
N LEU A 12 -1.89 20.35 -3.19
CA LEU A 12 -1.05 20.42 -4.39
C LEU A 12 -1.35 19.27 -5.34
N ASN A 13 -2.64 19.02 -5.56
CA ASN A 13 -3.07 17.95 -6.45
C ASN A 13 -3.62 18.50 -7.76
N GLU A 14 -2.81 18.46 -8.80
CA GLU A 14 -3.23 18.97 -10.11
C GLU A 14 -3.94 17.88 -10.91
N GLN A 15 -3.30 16.72 -11.01
CA GLN A 15 -3.87 15.60 -11.75
C GLN A 15 -3.57 14.28 -11.05
N HIS A 16 -4.50 13.33 -11.18
CA HIS A 16 -4.33 12.02 -10.55
C HIS A 16 -2.91 11.51 -10.73
N GLN A 17 -2.43 11.51 -11.97
CA GLN A 17 -1.08 11.04 -12.27
C GLN A 17 -0.06 11.67 -11.32
N LEU A 18 0.08 12.99 -11.40
CA LEU A 18 1.01 13.70 -10.54
C LEU A 18 0.90 13.23 -9.09
N ILE A 19 -0.31 13.21 -8.58
CA ILE A 19 -0.56 12.79 -7.21
C ILE A 19 0.22 11.51 -6.89
N LEU A 20 -0.13 10.43 -7.58
CA LEU A 20 0.54 9.15 -7.37
C LEU A 20 2.03 9.33 -7.17
N SER A 21 2.65 10.16 -8.01
CA SER A 21 4.07 10.43 -7.93
C SER A 21 4.41 11.19 -6.65
N LYS A 22 3.53 12.12 -6.26
CA LYS A 22 3.74 12.91 -5.06
C LYS A 22 3.68 12.03 -3.81
N LEU A 23 2.75 11.08 -3.80
CA LEU A 23 2.60 10.17 -2.67
C LEU A 23 3.87 9.37 -2.43
N LEU A 24 4.46 8.87 -3.52
CA LEU A 24 5.69 8.09 -3.42
C LEU A 24 6.81 8.91 -2.78
N ARG A 25 7.05 10.10 -3.32
CA ARG A 25 8.09 10.98 -2.80
C ARG A 25 8.11 10.96 -1.27
N GLU A 26 6.94 10.83 -0.68
CA GLU A 26 6.82 10.80 0.77
C GLU A 26 7.51 9.57 1.35
N GLU A 27 8.41 9.78 2.30
CA GLU A 27 9.15 8.70 2.93
C GLU A 27 8.23 7.54 3.26
N ASP A 28 6.94 7.84 3.43
CA ASP A 28 5.95 6.82 3.75
C ASP A 28 5.78 5.84 2.59
N ASN A 29 5.75 6.38 1.37
CA ASN A 29 5.59 5.56 0.17
C ASN A 29 6.85 5.59 -0.68
N LYS A 30 8.00 5.75 -0.02
CA LYS A 30 9.28 5.79 -0.73
C LYS A 30 9.80 4.37 -0.98
N TYR A 31 9.39 3.44 -0.15
CA TYR A 31 9.82 2.05 -0.28
C TYR A 31 8.61 1.10 -0.26
N CYS A 32 8.85 -0.15 -0.65
CA CYS A 32 7.79 -1.15 -0.67
C CYS A 32 7.16 -1.31 0.71
N ALA A 33 5.94 -1.83 0.74
CA ALA A 33 5.23 -2.05 2.00
C ALA A 33 5.47 -3.46 2.53
N ASP A 34 6.39 -4.17 1.89
CA ASP A 34 6.71 -5.54 2.31
C ASP A 34 8.23 -5.75 2.37
N CYS A 35 8.88 -5.55 1.23
CA CYS A 35 10.33 -5.71 1.15
C CYS A 35 11.03 -4.37 1.24
N GLU A 36 10.27 -3.31 1.49
CA GLU A 36 10.82 -1.96 1.61
C GLU A 36 11.86 -1.71 0.52
N ALA A 37 11.62 -2.27 -0.66
CA ALA A 37 12.52 -2.11 -1.78
C ALA A 37 12.79 -0.64 -2.07
N LYS A 38 13.78 -0.37 -2.91
CA LYS A 38 14.13 1.00 -3.25
C LYS A 38 13.48 1.41 -4.58
N GLY A 39 12.45 2.25 -4.49
CA GLY A 39 11.77 2.70 -5.69
C GLY A 39 10.59 1.80 -6.06
N PRO A 40 9.55 1.81 -5.21
CA PRO A 40 8.35 1.01 -5.43
C PRO A 40 7.52 1.50 -6.61
N ARG A 41 7.94 1.11 -7.82
CA ARG A 41 7.23 1.52 -9.04
C ARG A 41 5.76 1.10 -8.97
N TRP A 42 5.51 -0.19 -9.07
CA TRP A 42 4.14 -0.71 -9.03
C TRP A 42 3.42 -0.25 -7.77
N ALA A 43 2.14 -0.54 -7.70
CA ALA A 43 1.33 -0.16 -6.54
C ALA A 43 -0.02 -0.87 -6.55
N SER A 44 -0.45 -1.33 -5.38
CA SER A 44 -1.73 -2.03 -5.26
C SER A 44 -2.83 -1.07 -4.81
N TRP A 45 -3.73 -0.74 -5.73
CA TRP A 45 -4.83 0.17 -5.42
C TRP A 45 -5.86 -0.51 -4.53
N ASN A 46 -6.23 -1.74 -4.89
CA ASN A 46 -7.21 -2.50 -4.11
C ASN A 46 -6.91 -2.42 -2.63
N ILE A 47 -5.63 -2.49 -2.28
CA ILE A 47 -5.21 -2.43 -0.88
C ILE A 47 -4.97 -0.99 -0.45
N GLY A 48 -4.20 -0.26 -1.25
CA GLY A 48 -3.90 1.13 -0.94
C GLY A 48 -2.48 1.33 -0.47
N VAL A 49 -1.55 0.62 -1.10
CA VAL A 49 -0.14 0.72 -0.75
C VAL A 49 0.74 0.61 -1.98
N PHE A 50 2.00 1.05 -1.85
CA PHE A 50 2.95 1.01 -2.96
C PHE A 50 3.93 -0.14 -2.79
N ILE A 51 3.91 -1.07 -3.74
CA ILE A 51 4.80 -2.22 -3.70
C ILE A 51 5.67 -2.30 -4.96
N CYS A 52 6.75 -3.05 -4.87
CA CYS A 52 7.68 -3.20 -6.00
C CYS A 52 7.11 -4.16 -7.03
N ILE A 53 7.84 -4.35 -8.13
CA ILE A 53 7.42 -5.25 -9.20
C ILE A 53 7.46 -6.70 -8.74
N ARG A 54 8.46 -7.03 -7.93
CA ARG A 54 8.62 -8.38 -7.43
C ARG A 54 7.39 -8.82 -6.63
N CYS A 55 7.08 -8.07 -5.59
CA CYS A 55 5.92 -8.38 -4.74
C CYS A 55 4.64 -8.46 -5.57
N ALA A 56 4.43 -7.45 -6.41
CA ALA A 56 3.25 -7.40 -7.26
C ALA A 56 2.98 -8.76 -7.89
N GLY A 57 4.01 -9.35 -8.50
CA GLY A 57 3.85 -10.64 -9.13
C GLY A 57 3.13 -11.64 -8.25
N ILE A 58 3.47 -11.65 -6.96
CA ILE A 58 2.84 -12.56 -6.01
C ILE A 58 1.40 -12.15 -5.73
N HIS A 59 1.16 -10.84 -5.66
CA HIS A 59 -0.17 -10.32 -5.40
C HIS A 59 -1.18 -10.84 -6.42
N ARG A 60 -0.82 -10.71 -7.70
CA ARG A 60 -1.69 -11.16 -8.78
C ARG A 60 -2.18 -12.59 -8.52
N ASN A 61 -1.27 -13.45 -8.08
CA ASN A 61 -1.61 -14.84 -7.80
C ASN A 61 -2.74 -14.93 -6.79
N LEU A 62 -2.58 -14.24 -5.66
CA LEU A 62 -3.59 -14.24 -4.61
C LEU A 62 -4.99 -14.30 -5.20
N GLY A 63 -5.31 -13.32 -6.05
CA GLY A 63 -6.63 -13.27 -6.67
C GLY A 63 -7.20 -11.88 -6.70
N VAL A 64 -7.79 -11.50 -7.84
CA VAL A 64 -8.39 -10.19 -7.99
C VAL A 64 -9.27 -9.83 -6.80
N HIS A 65 -10.03 -10.82 -6.32
CA HIS A 65 -10.92 -10.63 -5.18
C HIS A 65 -10.13 -10.27 -3.93
N ILE A 66 -8.90 -10.79 -3.85
CA ILE A 66 -8.04 -10.53 -2.69
C ILE A 66 -7.25 -9.24 -2.88
N SER A 67 -6.40 -9.21 -3.91
CA SER A 67 -5.59 -8.03 -4.19
C SER A 67 -5.27 -7.94 -5.69
N ARG A 68 -5.53 -6.78 -6.27
CA ARG A 68 -5.27 -6.57 -7.70
C ARG A 68 -3.96 -5.82 -7.89
N VAL A 69 -3.33 -6.03 -9.05
CA VAL A 69 -2.07 -5.37 -9.38
C VAL A 69 -2.15 -4.64 -10.71
N LYS A 70 -1.71 -3.38 -10.72
CA LYS A 70 -1.73 -2.58 -11.94
C LYS A 70 -0.69 -1.46 -11.87
N SER A 71 0.00 -1.22 -12.99
CA SER A 71 1.02 -0.18 -13.04
C SER A 71 0.45 1.15 -12.58
N VAL A 72 1.29 1.95 -11.92
CA VAL A 72 0.87 3.26 -11.43
C VAL A 72 0.69 4.25 -12.58
N ASN A 73 1.76 4.46 -13.34
CA ASN A 73 1.73 5.37 -14.47
C ASN A 73 1.20 4.68 -15.72
N LEU A 74 1.95 3.68 -16.19
CA LEU A 74 1.56 2.93 -17.38
C LEU A 74 0.05 2.72 -17.43
N ASP A 75 -0.50 2.17 -16.35
CA ASP A 75 -1.93 1.92 -16.27
C ASP A 75 -2.68 3.20 -15.93
N GLN A 76 -3.97 3.22 -16.25
CA GLN A 76 -4.81 4.38 -15.99
C GLN A 76 -5.51 4.26 -14.64
N TRP A 77 -5.61 5.37 -13.93
CA TRP A 77 -6.26 5.38 -12.62
C TRP A 77 -7.39 6.41 -12.58
N THR A 78 -8.26 6.28 -11.59
CA THR A 78 -9.39 7.19 -11.44
C THR A 78 -9.53 7.66 -9.99
N ALA A 79 -10.38 8.67 -9.79
CA ALA A 79 -10.60 9.21 -8.45
C ALA A 79 -10.84 8.09 -7.44
N GLU A 80 -11.62 7.10 -7.84
CA GLU A 80 -11.94 5.96 -6.98
C GLU A 80 -10.65 5.35 -6.41
N GLN A 81 -9.73 5.02 -7.29
CA GLN A 81 -8.47 4.42 -6.88
C GLN A 81 -7.58 5.44 -6.18
N ILE A 82 -7.42 6.60 -6.81
CA ILE A 82 -6.60 7.66 -6.24
C ILE A 82 -6.97 7.94 -4.79
N GLN A 83 -8.23 8.30 -4.57
CA GLN A 83 -8.71 8.59 -3.22
C GLN A 83 -8.28 7.51 -2.24
N CYS A 84 -8.45 6.26 -2.63
CA CYS A 84 -8.06 5.13 -1.79
C CYS A 84 -6.58 5.20 -1.43
N MET A 85 -5.74 5.41 -2.44
CA MET A 85 -4.31 5.49 -2.23
C MET A 85 -3.97 6.41 -1.06
N GLN A 86 -4.50 7.63 -1.10
CA GLN A 86 -4.27 8.60 -0.04
C GLN A 86 -4.94 8.16 1.26
N ASP A 87 -6.21 7.79 1.17
CA ASP A 87 -6.95 7.34 2.34
C ASP A 87 -6.17 6.29 3.12
N MET A 88 -5.93 5.15 2.49
CA MET A 88 -5.19 4.06 3.12
C MET A 88 -3.70 4.37 3.15
N GLY A 89 -3.06 4.28 2.00
CA GLY A 89 -1.63 4.55 1.91
C GLY A 89 -0.81 3.58 2.73
N ASN A 90 0.51 3.66 2.59
CA ASN A 90 1.42 2.78 3.34
C ASN A 90 1.32 3.04 4.84
N THR A 91 1.30 4.30 5.21
CA THR A 91 1.21 4.69 6.62
C THR A 91 0.27 3.77 7.38
N LYS A 92 -1.02 3.87 7.06
CA LYS A 92 -2.03 3.04 7.72
C LYS A 92 -1.75 1.55 7.50
N ALA A 93 -1.51 1.18 6.25
CA ALA A 93 -1.22 -0.20 5.90
C ALA A 93 -0.35 -0.86 6.96
N ARG A 94 0.61 -0.10 7.48
CA ARG A 94 1.52 -0.61 8.50
C ARG A 94 0.83 -0.72 9.86
N LEU A 95 0.08 0.33 10.22
CA LEU A 95 -0.64 0.35 11.49
C LEU A 95 -1.75 -0.69 11.50
N LEU A 96 -1.99 -1.31 10.34
CA LEU A 96 -3.02 -2.34 10.23
C LEU A 96 -2.40 -3.72 10.07
N TYR A 97 -1.75 -3.95 8.93
CA TYR A 97 -1.12 -5.23 8.66
C TYR A 97 0.10 -5.42 9.55
N GLU A 98 0.98 -4.41 9.59
CA GLU A 98 2.18 -4.48 10.40
C GLU A 98 1.89 -4.10 11.86
N ALA A 99 0.70 -4.46 12.32
CA ALA A 99 0.29 -4.16 13.69
C ALA A 99 0.38 -5.39 14.58
N ASN A 100 0.17 -6.56 13.98
CA ASN A 100 0.22 -7.82 14.72
C ASN A 100 1.56 -8.52 14.51
N LEU A 101 2.57 -7.75 14.13
CA LEU A 101 3.90 -8.28 13.89
C LEU A 101 4.60 -8.61 15.21
N PRO A 102 5.46 -9.64 15.19
CA PRO A 102 6.21 -10.07 16.38
C PRO A 102 7.28 -9.06 16.78
N GLU A 103 7.49 -8.93 18.09
CA GLU A 103 8.49 -7.99 18.61
C GLU A 103 9.85 -8.22 17.93
N ASN A 104 10.08 -9.44 17.47
CA ASN A 104 11.33 -9.78 16.81
C ASN A 104 11.09 -10.13 15.34
N PHE A 105 10.23 -9.36 14.69
CA PHE A 105 9.91 -9.57 13.29
C PHE A 105 11.14 -9.36 12.41
N ARG A 106 11.28 -10.18 11.38
CA ARG A 106 12.41 -10.07 10.47
C ARG A 106 11.95 -9.97 9.02
N ARG A 107 12.14 -8.80 8.43
CA ARG A 107 11.73 -8.57 7.04
C ARG A 107 12.49 -9.47 6.09
N PRO A 108 11.75 -10.29 5.33
CA PRO A 108 12.35 -11.22 4.36
C PRO A 108 12.96 -10.50 3.16
N GLN A 109 14.15 -10.96 2.76
CA GLN A 109 14.85 -10.35 1.64
C GLN A 109 14.70 -11.22 0.38
N THR A 110 14.76 -12.53 0.57
CA THR A 110 14.64 -13.46 -0.54
C THR A 110 13.17 -13.69 -0.90
N ASP A 111 12.92 -13.88 -2.19
CA ASP A 111 11.56 -14.11 -2.67
C ASP A 111 10.96 -15.34 -2.02
N GLN A 112 11.73 -16.41 -1.97
CA GLN A 112 11.28 -17.66 -1.36
C GLN A 112 10.45 -17.39 -0.11
N ALA A 113 10.88 -16.42 0.69
CA ALA A 113 10.19 -16.06 1.91
C ALA A 113 9.13 -14.99 1.64
N VAL A 114 9.56 -13.88 1.06
CA VAL A 114 8.65 -12.78 0.74
C VAL A 114 7.31 -13.30 0.24
N GLU A 115 7.33 -13.94 -0.93
CA GLU A 115 6.11 -14.49 -1.52
C GLU A 115 5.17 -15.00 -0.44
N PHE A 116 5.68 -15.86 0.43
CA PHE A 116 4.87 -16.43 1.50
C PHE A 116 4.40 -15.34 2.46
N PHE A 117 5.34 -14.57 2.99
CA PHE A 117 5.02 -13.49 3.92
C PHE A 117 3.77 -12.75 3.47
N ILE A 118 3.74 -12.37 2.20
CA ILE A 118 2.60 -11.65 1.65
C ILE A 118 1.40 -12.57 1.45
N ARG A 119 1.68 -13.83 1.10
CA ARG A 119 0.64 -14.82 0.89
C ARG A 119 -0.02 -15.22 2.21
N ASP A 120 0.59 -14.80 3.32
CA ASP A 120 0.07 -15.11 4.64
C ASP A 120 -0.17 -13.84 5.44
N LYS A 121 0.47 -12.75 5.02
CA LYS A 121 0.33 -11.47 5.71
C LYS A 121 -0.91 -10.73 5.23
N TYR A 122 -1.30 -10.98 3.98
CA TYR A 122 -2.47 -10.33 3.40
C TYR A 122 -3.56 -11.36 3.11
N GLU A 123 -3.24 -12.33 2.26
CA GLU A 123 -4.19 -13.37 1.89
C GLU A 123 -4.78 -14.03 3.13
N LYS A 124 -3.91 -14.61 3.96
CA LYS A 124 -4.35 -15.27 5.18
C LYS A 124 -4.72 -14.25 6.26
N LYS A 125 -4.25 -13.01 6.07
CA LYS A 125 -4.54 -11.95 7.03
C LYS A 125 -4.02 -12.31 8.41
N LYS A 126 -2.96 -13.10 8.46
CA LYS A 126 -2.37 -13.52 9.72
C LYS A 126 -2.16 -12.32 10.64
N TYR A 127 -1.25 -11.42 10.26
CA TYR A 127 -0.95 -10.24 11.04
C TYR A 127 -1.95 -9.12 10.73
N TYR A 128 -3.20 -9.49 10.53
CA TYR A 128 -4.24 -8.52 10.22
C TYR A 128 -4.98 -8.08 11.49
N ASP A 129 -4.99 -6.77 11.74
CA ASP A 129 -5.65 -6.22 12.91
C ASP A 129 -7.09 -5.83 12.59
N LYS A 130 -8.03 -6.70 12.93
CA LYS A 130 -9.45 -6.43 12.68
C LYS A 130 -9.98 -5.35 13.61
N ASN A 131 -9.47 -5.35 14.85
CA ASN A 131 -9.90 -4.37 15.85
C ASN A 131 -9.87 -2.95 15.26
N ALA A 132 -8.80 -2.65 14.53
CA ALA A 132 -8.64 -1.34 13.92
C ALA A 132 -9.68 -1.11 12.83
N ILE A 133 -10.24 -2.20 12.31
CA ILE A 133 -11.25 -2.12 11.27
C ILE A 133 -12.60 -1.69 11.84
N ALA A 134 -12.62 -0.51 12.47
CA ALA A 134 -13.85 0.01 13.05
C ALA A 134 -14.27 1.31 12.38
N ILE A 135 -15.55 1.42 12.08
CA ILE A 135 -16.09 2.61 11.42
C ILE A 135 -16.49 3.67 12.45
N SER A 136 -16.32 4.94 12.08
CA SER A 136 -16.67 6.03 12.98
C SER A 136 -18.17 6.08 13.23
N GLY A 137 -18.94 6.31 12.16
CA GLY A 137 -20.38 6.37 12.29
C GLY A 137 -20.84 7.60 13.07
N PRO A 138 -21.50 8.53 12.38
CA PRO A 138 -22.01 9.76 12.98
C PRO A 138 -23.18 9.50 13.93
N SER A 139 -23.59 8.24 14.02
CA SER A 139 -24.70 7.86 14.88
C SER A 139 -24.50 8.39 16.30
N SER A 140 -25.37 9.29 16.72
CA SER A 140 -25.29 9.87 18.05
C SER A 140 -25.83 8.91 19.11
N GLY A 141 -25.14 8.86 20.26
CA GLY A 141 -25.56 7.97 21.33
C GLY A 141 -25.06 8.42 22.68
ZN ZN B . 8.29 -5.44 -2.52
N GLY A 1 13.32 17.49 0.74
CA GLY A 1 13.12 18.71 -0.03
C GLY A 1 12.46 19.81 0.78
N SER A 2 11.33 20.30 0.28
CA SER A 2 10.59 21.36 0.96
C SER A 2 9.24 21.58 0.31
N SER A 3 8.25 21.96 1.12
CA SER A 3 6.89 22.20 0.63
C SER A 3 6.49 23.66 0.86
N GLY A 4 5.94 24.29 -0.17
CA GLY A 4 5.52 25.66 -0.06
C GLY A 4 6.20 26.57 -1.07
N SER A 5 5.78 26.48 -2.32
CA SER A 5 6.36 27.30 -3.38
C SER A 5 5.29 28.07 -4.13
N SER A 6 5.64 29.26 -4.62
CA SER A 6 4.71 30.09 -5.36
C SER A 6 3.97 29.28 -6.42
N GLY A 7 2.81 28.75 -6.05
CA GLY A 7 2.02 27.96 -6.98
C GLY A 7 0.53 28.16 -6.80
N LYS A 8 0.06 27.98 -5.58
CA LYS A 8 -1.36 28.13 -5.27
C LYS A 8 -2.22 27.48 -6.34
N ALA A 9 -1.80 26.31 -6.80
CA ALA A 9 -2.54 25.57 -7.83
C ALA A 9 -3.25 24.35 -7.22
N GLN A 10 -3.77 24.52 -6.02
CA GLN A 10 -4.47 23.44 -5.34
C GLN A 10 -5.66 22.96 -6.17
N LYS A 11 -6.63 23.85 -6.38
CA LYS A 11 -7.82 23.52 -7.15
C LYS A 11 -7.44 22.89 -8.49
N LEU A 12 -6.38 23.42 -9.09
CA LEU A 12 -5.90 22.91 -10.38
C LEU A 12 -5.09 21.64 -10.21
N ASN A 13 -5.61 20.70 -9.42
CA ASN A 13 -4.92 19.44 -9.17
C ASN A 13 -5.71 18.27 -9.74
N GLU A 14 -6.32 18.48 -10.90
CA GLU A 14 -7.11 17.44 -11.56
C GLU A 14 -6.19 16.46 -12.31
N GLN A 15 -5.11 16.07 -11.66
CA GLN A 15 -4.16 15.13 -12.26
C GLN A 15 -3.79 14.02 -11.28
N HIS A 16 -4.30 12.82 -11.52
CA HIS A 16 -4.02 11.68 -10.66
C HIS A 16 -2.55 11.28 -10.76
N GLN A 17 -2.10 10.96 -11.96
CA GLN A 17 -0.72 10.56 -12.18
C GLN A 17 0.22 11.30 -11.23
N LEU A 18 0.10 12.61 -11.18
CA LEU A 18 0.92 13.43 -10.32
C LEU A 18 0.73 13.06 -8.85
N ILE A 19 -0.52 13.09 -8.40
CA ILE A 19 -0.85 12.74 -7.03
C ILE A 19 -0.09 11.51 -6.57
N LEU A 20 -0.31 10.40 -7.27
CA LEU A 20 0.34 9.14 -6.94
C LEU A 20 1.84 9.36 -6.71
N SER A 21 2.47 10.08 -7.62
CA SER A 21 3.90 10.37 -7.51
C SER A 21 4.20 11.16 -6.25
N LYS A 22 3.34 12.12 -5.93
CA LYS A 22 3.51 12.95 -4.75
C LYS A 22 3.51 12.10 -3.49
N LEU A 23 2.71 11.05 -3.48
CA LEU A 23 2.62 10.15 -2.33
C LEU A 23 3.91 9.36 -2.15
N LEU A 24 4.42 8.82 -3.25
CA LEU A 24 5.65 8.05 -3.21
C LEU A 24 6.79 8.86 -2.59
N ARG A 25 6.85 10.14 -2.94
CA ARG A 25 7.89 11.03 -2.42
C ARG A 25 8.00 10.91 -0.90
N GLU A 26 6.86 10.66 -0.25
CA GLU A 26 6.83 10.52 1.19
C GLU A 26 7.64 9.32 1.65
N GLU A 27 8.52 9.54 2.63
CA GLU A 27 9.35 8.46 3.16
C GLU A 27 8.53 7.22 3.46
N ASP A 28 7.23 7.42 3.71
CA ASP A 28 6.33 6.32 4.01
C ASP A 28 6.05 5.49 2.76
N ASN A 29 6.00 6.16 1.61
CA ASN A 29 5.73 5.49 0.35
C ASN A 29 6.94 5.57 -0.58
N LYS A 30 8.12 5.71 0.00
CA LYS A 30 9.36 5.80 -0.76
C LYS A 30 9.90 4.42 -1.08
N TYR A 31 9.57 3.44 -0.24
CA TYR A 31 10.03 2.07 -0.43
C TYR A 31 8.87 1.09 -0.33
N CYS A 32 9.02 -0.06 -0.97
CA CYS A 32 7.98 -1.09 -0.95
C CYS A 32 7.39 -1.23 0.44
N ALA A 33 6.21 -1.85 0.52
CA ALA A 33 5.54 -2.06 1.79
C ALA A 33 5.80 -3.46 2.34
N ASP A 34 6.68 -4.19 1.66
CA ASP A 34 7.02 -5.55 2.07
C ASP A 34 8.53 -5.75 2.10
N CYS A 35 9.18 -5.44 0.98
CA CYS A 35 10.63 -5.59 0.86
C CYS A 35 11.31 -4.24 0.96
N GLU A 36 10.54 -3.20 1.29
CA GLU A 36 11.08 -1.86 1.41
C GLU A 36 12.06 -1.56 0.28
N ALA A 37 11.80 -2.12 -0.90
CA ALA A 37 12.66 -1.92 -2.05
C ALA A 37 12.84 -0.44 -2.34
N LYS A 38 13.83 -0.12 -3.17
CA LYS A 38 14.13 1.27 -3.53
C LYS A 38 13.48 1.63 -4.86
N GLY A 39 12.44 2.46 -4.80
CA GLY A 39 11.75 2.87 -6.01
C GLY A 39 10.56 1.99 -6.33
N PRO A 40 9.59 1.93 -5.40
CA PRO A 40 8.38 1.12 -5.57
C PRO A 40 7.46 1.68 -6.64
N ARG A 41 7.76 1.36 -7.90
CA ARG A 41 6.95 1.83 -9.02
C ARG A 41 5.51 1.35 -8.89
N TRP A 42 5.28 0.09 -9.18
CA TRP A 42 3.93 -0.48 -9.10
C TRP A 42 3.27 -0.10 -7.78
N ALA A 43 1.96 -0.36 -7.69
CA ALA A 43 1.21 -0.04 -6.47
C ALA A 43 -0.15 -0.74 -6.49
N SER A 44 -0.42 -1.48 -5.42
CA SER A 44 -1.69 -2.20 -5.31
C SER A 44 -2.78 -1.30 -4.75
N TRP A 45 -3.68 -0.85 -5.62
CA TRP A 45 -4.78 0.02 -5.20
C TRP A 45 -5.74 -0.71 -4.28
N ASN A 46 -6.23 -1.87 -4.73
CA ASN A 46 -7.16 -2.67 -3.94
C ASN A 46 -6.85 -2.54 -2.45
N ILE A 47 -5.57 -2.57 -2.11
CA ILE A 47 -5.14 -2.46 -0.72
C ILE A 47 -4.78 -1.02 -0.36
N GLY A 48 -4.11 -0.35 -1.29
CA GLY A 48 -3.71 1.03 -1.05
C GLY A 48 -2.28 1.16 -0.58
N VAL A 49 -1.38 0.41 -1.22
CA VAL A 49 0.03 0.44 -0.85
C VAL A 49 0.91 0.32 -2.08
N PHE A 50 2.07 0.98 -2.03
CA PHE A 50 3.01 0.94 -3.15
C PHE A 50 3.99 -0.22 -3.00
N ILE A 51 3.97 -1.13 -3.97
CA ILE A 51 4.86 -2.29 -3.95
C ILE A 51 5.67 -2.39 -5.24
N CYS A 52 6.83 -3.01 -5.15
CA CYS A 52 7.69 -3.18 -6.31
C CYS A 52 7.11 -4.18 -7.29
N ILE A 53 7.82 -4.42 -8.39
CA ILE A 53 7.37 -5.36 -9.41
C ILE A 53 7.42 -6.80 -8.89
N ARG A 54 8.55 -7.16 -8.28
CA ARG A 54 8.73 -8.50 -7.74
C ARG A 54 7.55 -8.89 -6.86
N CYS A 55 7.34 -8.11 -5.79
CA CYS A 55 6.24 -8.38 -4.87
C CYS A 55 4.91 -8.50 -5.61
N ALA A 56 4.64 -7.55 -6.50
CA ALA A 56 3.41 -7.55 -7.27
C ALA A 56 3.16 -8.92 -7.88
N GLY A 57 4.14 -9.43 -8.61
CA GLY A 57 4.00 -10.73 -9.26
C GLY A 57 3.38 -11.75 -8.34
N ILE A 58 3.73 -11.71 -7.06
CA ILE A 58 3.19 -12.64 -6.08
C ILE A 58 1.77 -12.26 -5.68
N HIS A 59 1.52 -10.96 -5.57
CA HIS A 59 0.20 -10.47 -5.20
C HIS A 59 -0.87 -10.97 -6.18
N ARG A 60 -0.56 -10.88 -7.46
CA ARG A 60 -1.49 -11.32 -8.50
C ARG A 60 -2.00 -12.73 -8.22
N ASN A 61 -1.08 -13.63 -7.90
CA ASN A 61 -1.43 -15.01 -7.61
C ASN A 61 -2.57 -15.07 -6.59
N LEU A 62 -2.41 -14.35 -5.50
CA LEU A 62 -3.43 -14.32 -4.45
C LEU A 62 -4.83 -14.43 -5.04
N GLY A 63 -5.14 -13.56 -5.99
CA GLY A 63 -6.45 -13.59 -6.63
C GLY A 63 -7.09 -12.21 -6.67
N VAL A 64 -7.79 -11.92 -7.77
CA VAL A 64 -8.45 -10.65 -7.94
C VAL A 64 -9.40 -10.36 -6.77
N HIS A 65 -9.97 -11.42 -6.20
CA HIS A 65 -10.90 -11.28 -5.09
C HIS A 65 -10.16 -10.79 -3.84
N ILE A 66 -8.89 -11.16 -3.72
CA ILE A 66 -8.08 -10.76 -2.57
C ILE A 66 -7.43 -9.41 -2.81
N SER A 67 -6.71 -9.28 -3.92
CA SER A 67 -6.03 -8.03 -4.26
C SER A 67 -5.78 -7.95 -5.76
N ARG A 68 -5.72 -6.72 -6.27
CA ARG A 68 -5.48 -6.50 -7.70
C ARG A 68 -4.21 -5.70 -7.92
N VAL A 69 -3.30 -6.24 -8.73
CA VAL A 69 -2.04 -5.58 -9.03
C VAL A 69 -2.10 -4.86 -10.37
N LYS A 70 -1.56 -3.65 -10.41
CA LYS A 70 -1.54 -2.85 -11.63
C LYS A 70 -0.56 -1.69 -11.52
N SER A 71 -0.08 -1.22 -12.66
CA SER A 71 0.87 -0.11 -12.69
C SER A 71 0.23 1.17 -12.17
N VAL A 72 1.03 2.22 -12.07
CA VAL A 72 0.54 3.51 -11.58
C VAL A 72 0.37 4.50 -12.73
N ASN A 73 1.32 4.47 -13.67
CA ASN A 73 1.27 5.37 -14.82
C ASN A 73 0.74 4.64 -16.06
N LEU A 74 1.35 3.50 -16.37
CA LEU A 74 0.95 2.70 -17.52
C LEU A 74 -0.56 2.48 -17.53
N ASP A 75 -1.09 2.09 -16.37
CA ASP A 75 -2.52 1.83 -16.23
C ASP A 75 -3.26 3.09 -15.80
N GLN A 76 -4.52 3.20 -16.19
CA GLN A 76 -5.33 4.37 -15.86
C GLN A 76 -6.09 4.13 -14.55
N TRP A 77 -6.22 5.18 -13.75
CA TRP A 77 -6.92 5.09 -12.47
C TRP A 77 -8.11 6.02 -12.43
N THR A 78 -8.86 5.99 -11.34
CA THR A 78 -10.04 6.83 -11.18
C THR A 78 -10.10 7.44 -9.79
N ALA A 79 -10.69 8.62 -9.70
CA ALA A 79 -10.82 9.32 -8.42
C ALA A 79 -11.17 8.34 -7.30
N GLU A 80 -12.15 7.49 -7.55
CA GLU A 80 -12.59 6.50 -6.57
C GLU A 80 -11.39 5.81 -5.92
N GLN A 81 -10.59 5.15 -6.74
CA GLN A 81 -9.40 4.45 -6.25
C GLN A 81 -8.36 5.43 -5.74
N ILE A 82 -8.14 6.50 -6.49
CA ILE A 82 -7.16 7.52 -6.12
C ILE A 82 -7.36 7.96 -4.67
N GLN A 83 -8.51 8.57 -4.41
CA GLN A 83 -8.83 9.04 -3.07
C GLN A 83 -8.35 8.05 -2.01
N CYS A 84 -8.57 6.76 -2.27
CA CYS A 84 -8.17 5.72 -1.34
C CYS A 84 -6.65 5.68 -1.20
N MET A 85 -5.95 5.62 -2.33
CA MET A 85 -4.49 5.57 -2.32
C MET A 85 -3.92 6.53 -1.27
N GLN A 86 -4.32 7.79 -1.34
CA GLN A 86 -3.86 8.79 -0.40
C GLN A 86 -4.31 8.46 1.03
N ASP A 87 -5.62 8.26 1.18
CA ASP A 87 -6.19 7.94 2.49
C ASP A 87 -5.45 6.77 3.13
N MET A 88 -5.55 5.60 2.52
CA MET A 88 -4.89 4.40 3.02
C MET A 88 -3.37 4.59 3.01
N GLY A 89 -2.79 4.53 1.82
CA GLY A 89 -1.34 4.68 1.71
C GLY A 89 -0.58 3.70 2.59
N ASN A 90 0.74 3.85 2.62
CA ASN A 90 1.58 2.99 3.44
C ASN A 90 1.37 3.25 4.92
N THR A 91 1.08 4.51 5.26
CA THR A 91 0.85 4.89 6.64
C THR A 91 -0.15 3.95 7.32
N LYS A 92 -1.42 4.08 6.93
CA LYS A 92 -2.47 3.24 7.50
C LYS A 92 -2.18 1.77 7.25
N ALA A 93 -1.71 1.45 6.05
CA ALA A 93 -1.39 0.08 5.69
C ALA A 93 -0.52 -0.58 6.74
N ARG A 94 0.42 0.18 7.29
CA ARG A 94 1.32 -0.33 8.32
C ARG A 94 0.61 -0.45 9.66
N LEU A 95 -0.18 0.57 10.00
CA LEU A 95 -0.91 0.59 11.26
C LEU A 95 -2.05 -0.44 11.24
N LEU A 96 -2.23 -1.09 10.09
CA LEU A 96 -3.27 -2.10 9.95
C LEU A 96 -2.67 -3.48 9.72
N TYR A 97 -1.92 -3.63 8.64
CA TYR A 97 -1.29 -4.90 8.31
C TYR A 97 -0.06 -5.14 9.19
N GLU A 98 0.80 -4.14 9.26
CA GLU A 98 2.02 -4.22 10.07
C GLU A 98 1.74 -3.86 11.52
N ALA A 99 0.56 -4.22 12.00
CA ALA A 99 0.18 -3.94 13.37
C ALA A 99 0.34 -5.17 14.26
N ASN A 100 -0.02 -6.34 13.73
CA ASN A 100 0.10 -7.59 14.47
C ASN A 100 1.49 -8.20 14.31
N LEU A 101 2.42 -7.40 13.79
CA LEU A 101 3.78 -7.85 13.58
C LEU A 101 4.58 -7.81 14.88
N PRO A 102 5.51 -8.77 15.04
CA PRO A 102 6.35 -8.86 16.23
C PRO A 102 7.36 -7.71 16.32
N GLU A 103 7.53 -7.16 17.51
CA GLU A 103 8.47 -6.06 17.72
C GLU A 103 9.79 -6.32 17.01
N ASN A 104 10.24 -7.57 17.06
CA ASN A 104 11.49 -7.95 16.43
C ASN A 104 11.24 -8.56 15.05
N PHE A 105 10.24 -8.02 14.35
CA PHE A 105 9.90 -8.50 13.02
C PHE A 105 11.04 -8.25 12.04
N ARG A 106 11.20 -9.17 11.09
CA ARG A 106 12.26 -9.04 10.09
C ARG A 106 11.70 -9.22 8.68
N ARG A 107 12.26 -8.49 7.72
CA ARG A 107 11.80 -8.57 6.34
C ARG A 107 12.53 -9.69 5.60
N PRO A 108 11.75 -10.54 4.91
CA PRO A 108 12.30 -11.67 4.16
C PRO A 108 13.07 -11.23 2.92
N GLN A 109 14.40 -11.28 3.00
CA GLN A 109 15.25 -10.87 1.90
C GLN A 109 15.20 -11.90 0.77
N THR A 110 14.84 -13.14 1.12
CA THR A 110 14.76 -14.21 0.14
C THR A 110 13.38 -14.24 -0.52
N ASP A 111 13.37 -14.29 -1.85
CA ASP A 111 12.12 -14.32 -2.60
C ASP A 111 11.23 -15.45 -2.11
N GLN A 112 11.77 -16.66 -2.08
CA GLN A 112 11.01 -17.83 -1.63
C GLN A 112 10.13 -17.48 -0.43
N ALA A 113 10.73 -16.82 0.56
CA ALA A 113 10.01 -16.43 1.76
C ALA A 113 9.06 -15.26 1.47
N VAL A 114 9.57 -14.23 0.82
CA VAL A 114 8.77 -13.06 0.48
C VAL A 114 7.40 -13.47 -0.04
N GLU A 115 7.39 -14.23 -1.13
CA GLU A 115 6.14 -14.69 -1.73
C GLU A 115 5.15 -15.14 -0.66
N PHE A 116 5.59 -16.06 0.20
CA PHE A 116 4.75 -16.58 1.26
C PHE A 116 4.36 -15.47 2.23
N PHE A 117 5.35 -14.84 2.83
CA PHE A 117 5.11 -13.75 3.79
C PHE A 117 3.91 -12.92 3.36
N ILE A 118 3.97 -12.37 2.15
CA ILE A 118 2.90 -11.55 1.62
C ILE A 118 1.58 -12.33 1.57
N ARG A 119 1.66 -13.60 1.21
CA ARG A 119 0.49 -14.45 1.13
C ARG A 119 -0.15 -14.63 2.50
N ASP A 120 0.64 -15.13 3.44
CA ASP A 120 0.15 -15.35 4.80
C ASP A 120 -0.13 -14.03 5.50
N LYS A 121 0.47 -12.96 4.99
CA LYS A 121 0.29 -11.63 5.56
C LYS A 121 -1.04 -11.02 5.10
N TYR A 122 -1.33 -11.16 3.81
CA TYR A 122 -2.56 -10.62 3.24
C TYR A 122 -3.58 -11.72 3.00
N GLU A 123 -3.22 -12.68 2.15
CA GLU A 123 -4.11 -13.79 1.83
C GLU A 123 -4.72 -14.38 3.11
N LYS A 124 -3.86 -14.88 3.99
CA LYS A 124 -4.30 -15.47 5.24
C LYS A 124 -4.73 -14.39 6.23
N LYS A 125 -4.25 -13.17 6.01
CA LYS A 125 -4.58 -12.05 6.89
C LYS A 125 -4.07 -12.29 8.29
N LYS A 126 -3.02 -13.10 8.41
CA LYS A 126 -2.43 -13.41 9.71
C LYS A 126 -2.23 -12.14 10.53
N TYR A 127 -1.29 -11.30 10.10
CA TYR A 127 -1.00 -10.06 10.80
C TYR A 127 -1.99 -8.96 10.40
N TYR A 128 -3.25 -9.36 10.22
CA TYR A 128 -4.29 -8.41 9.84
C TYR A 128 -5.11 -7.99 11.06
N ASP A 129 -5.09 -6.69 11.36
CA ASP A 129 -5.83 -6.16 12.50
C ASP A 129 -7.23 -5.72 12.07
N LYS A 130 -8.23 -6.49 12.46
CA LYS A 130 -9.62 -6.18 12.12
C LYS A 130 -10.18 -5.12 13.07
N ASN A 131 -9.79 -5.19 14.33
CA ASN A 131 -10.25 -4.23 15.33
C ASN A 131 -10.03 -2.80 14.86
N ALA A 132 -8.89 -2.57 14.22
CA ALA A 132 -8.56 -1.24 13.73
C ALA A 132 -9.57 -0.78 12.67
N ILE A 133 -10.30 -1.74 12.10
CA ILE A 133 -11.29 -1.44 11.08
C ILE A 133 -12.61 -0.98 11.70
N ALA A 134 -12.54 0.11 12.46
CA ALA A 134 -13.73 0.64 13.11
C ALA A 134 -14.60 1.42 12.12
N ILE A 135 -15.80 1.79 12.56
CA ILE A 135 -16.73 2.53 11.72
C ILE A 135 -17.15 3.84 12.37
N SER A 136 -17.14 4.91 11.59
CA SER A 136 -17.51 6.23 12.10
C SER A 136 -18.59 6.86 11.22
N GLY A 137 -19.64 7.38 11.86
CA GLY A 137 -20.72 8.01 11.12
C GLY A 137 -20.90 9.47 11.49
N PRO A 138 -21.12 10.32 10.47
CA PRO A 138 -21.32 11.75 10.68
C PRO A 138 -22.65 12.07 11.35
N SER A 139 -22.80 13.31 11.82
CA SER A 139 -24.02 13.73 12.49
C SER A 139 -24.83 14.68 11.61
N SER A 140 -26.10 14.88 11.96
CA SER A 140 -26.96 15.77 11.20
C SER A 140 -27.73 16.70 12.12
N GLY A 141 -28.31 17.75 11.55
CA GLY A 141 -29.07 18.71 12.34
C GLY A 141 -28.18 19.49 13.28
ZN ZN B . 8.57 -5.35 -2.83
N GLY A 1 12.42 10.57 11.52
CA GLY A 1 10.99 10.75 11.40
C GLY A 1 10.51 12.01 12.09
N SER A 2 10.27 13.06 11.31
CA SER A 2 9.81 14.33 11.86
C SER A 2 8.29 14.47 11.72
N SER A 3 7.70 15.34 12.52
CA SER A 3 6.27 15.56 12.50
C SER A 3 5.94 16.89 11.81
N GLY A 4 5.13 16.83 10.77
CA GLY A 4 4.75 18.04 10.05
C GLY A 4 3.96 17.74 8.79
N SER A 5 2.67 18.07 8.80
CA SER A 5 1.81 17.82 7.65
C SER A 5 1.06 19.09 7.26
N SER A 6 1.42 19.66 6.11
CA SER A 6 0.79 20.87 5.63
C SER A 6 0.54 20.79 4.13
N GLY A 7 -0.10 21.82 3.59
CA GLY A 7 -0.39 21.85 2.16
C GLY A 7 -1.61 21.04 1.80
N LYS A 8 -2.79 21.51 2.21
CA LYS A 8 -4.03 20.81 1.92
C LYS A 8 -4.52 21.11 0.51
N ALA A 9 -3.59 21.14 -0.44
CA ALA A 9 -3.92 21.42 -1.83
C ALA A 9 -3.93 20.15 -2.66
N GLN A 10 -4.48 19.08 -2.09
CA GLN A 10 -4.54 17.79 -2.78
C GLN A 10 -5.81 17.69 -3.63
N LYS A 11 -6.96 17.75 -2.97
CA LYS A 11 -8.24 17.67 -3.65
C LYS A 11 -8.24 18.53 -4.91
N LEU A 12 -7.95 19.81 -4.75
CA LEU A 12 -7.91 20.74 -5.87
C LEU A 12 -7.18 20.13 -7.06
N ASN A 13 -5.95 19.69 -6.83
CA ASN A 13 -5.15 19.08 -7.89
C ASN A 13 -5.81 17.82 -8.41
N GLU A 14 -6.46 17.93 -9.56
CA GLU A 14 -7.15 16.79 -10.17
C GLU A 14 -6.21 16.04 -11.11
N GLN A 15 -5.00 15.77 -10.63
CA GLN A 15 -4.00 15.05 -11.43
C GLN A 15 -3.71 13.68 -10.82
N HIS A 16 -4.49 12.68 -11.22
CA HIS A 16 -4.31 11.32 -10.72
C HIS A 16 -2.84 10.90 -10.80
N GLN A 17 -2.26 11.06 -11.98
CA GLN A 17 -0.86 10.69 -12.19
C GLN A 17 0.06 11.50 -11.27
N LEU A 18 0.07 12.81 -11.46
CA LEU A 18 0.90 13.69 -10.65
C LEU A 18 0.81 13.32 -9.17
N ILE A 19 -0.41 13.33 -8.65
CA ILE A 19 -0.65 12.99 -7.24
C ILE A 19 0.09 11.72 -6.85
N LEU A 20 -0.14 10.65 -7.61
CA LEU A 20 0.51 9.37 -7.35
C LEU A 20 1.99 9.56 -7.04
N SER A 21 2.65 10.39 -7.85
CA SER A 21 4.06 10.66 -7.67
C SER A 21 4.32 11.37 -6.34
N LYS A 22 3.44 12.29 -5.98
CA LYS A 22 3.56 13.04 -4.75
C LYS A 22 3.50 12.11 -3.54
N LEU A 23 2.67 11.08 -3.63
CA LEU A 23 2.51 10.12 -2.55
C LEU A 23 3.80 9.33 -2.33
N LEU A 24 4.40 8.87 -3.44
CA LEU A 24 5.63 8.11 -3.38
C LEU A 24 6.75 8.92 -2.71
N ARG A 25 6.90 10.17 -3.16
CA ARG A 25 7.93 11.04 -2.61
C ARG A 25 7.97 10.96 -1.09
N GLU A 26 6.80 10.87 -0.48
CA GLU A 26 6.70 10.78 0.98
C GLU A 26 7.47 9.57 1.50
N GLU A 27 8.20 9.77 2.59
CA GLU A 27 8.98 8.69 3.19
C GLU A 27 8.11 7.47 3.44
N ASP A 28 6.85 7.70 3.76
CA ASP A 28 5.90 6.62 4.05
C ASP A 28 5.73 5.72 2.82
N ASN A 29 5.97 6.30 1.64
CA ASN A 29 5.84 5.55 0.39
C ASN A 29 7.15 5.58 -0.39
N LYS A 30 8.27 5.71 0.31
CA LYS A 30 9.58 5.74 -0.32
C LYS A 30 10.09 4.33 -0.61
N TYR A 31 9.59 3.37 0.16
CA TYR A 31 10.00 1.97 -0.01
C TYR A 31 8.78 1.06 -0.05
N CYS A 32 8.97 -0.13 -0.63
CA CYS A 32 7.89 -1.10 -0.74
C CYS A 32 7.15 -1.25 0.60
N ALA A 33 5.96 -1.83 0.55
CA ALA A 33 5.15 -2.02 1.75
C ALA A 33 5.34 -3.43 2.30
N ASP A 34 6.27 -4.17 1.72
CA ASP A 34 6.55 -5.53 2.15
C ASP A 34 8.06 -5.77 2.28
N CYS A 35 8.78 -5.53 1.19
CA CYS A 35 10.23 -5.71 1.18
C CYS A 35 10.94 -4.37 1.34
N GLU A 36 10.18 -3.31 1.54
CA GLU A 36 10.74 -1.98 1.71
C GLU A 36 11.85 -1.72 0.69
N ALA A 37 11.65 -2.23 -0.52
CA ALA A 37 12.63 -2.06 -1.59
C ALA A 37 12.95 -0.58 -1.81
N LYS A 38 13.88 -0.32 -2.73
CA LYS A 38 14.28 1.06 -3.04
C LYS A 38 13.69 1.50 -4.37
N GLY A 39 12.57 2.21 -4.32
CA GLY A 39 11.93 2.69 -5.54
C GLY A 39 10.70 1.87 -5.90
N PRO A 40 9.68 1.93 -5.04
CA PRO A 40 8.42 1.20 -5.25
C PRO A 40 7.61 1.77 -6.41
N ARG A 41 7.90 1.30 -7.62
CA ARG A 41 7.20 1.76 -8.81
C ARG A 41 5.73 1.37 -8.76
N TRP A 42 5.46 0.09 -9.01
CA TRP A 42 4.09 -0.43 -9.00
C TRP A 42 3.37 -0.03 -7.72
N ALA A 43 2.07 -0.28 -7.68
CA ALA A 43 1.27 0.06 -6.51
C ALA A 43 -0.08 -0.65 -6.55
N SER A 44 -0.36 -1.43 -5.51
CA SER A 44 -1.62 -2.17 -5.42
C SER A 44 -2.75 -1.25 -4.98
N TRP A 45 -3.62 -0.90 -5.93
CA TRP A 45 -4.75 -0.03 -5.64
C TRP A 45 -5.75 -0.72 -4.72
N ASN A 46 -6.09 -1.96 -5.07
CA ASN A 46 -7.04 -2.73 -4.27
C ASN A 46 -6.82 -2.51 -2.78
N ILE A 47 -5.55 -2.57 -2.37
CA ILE A 47 -5.20 -2.37 -0.97
C ILE A 47 -4.95 -0.91 -0.66
N GLY A 48 -4.12 -0.27 -1.49
CA GLY A 48 -3.81 1.13 -1.30
C GLY A 48 -2.40 1.35 -0.80
N VAL A 49 -1.44 0.63 -1.38
CA VAL A 49 -0.05 0.75 -1.00
C VAL A 49 0.88 0.55 -2.19
N PHE A 50 2.06 1.18 -2.13
CA PHE A 50 3.04 1.07 -3.20
C PHE A 50 3.95 -0.12 -3.00
N ILE A 51 4.07 -0.96 -4.02
CA ILE A 51 4.92 -2.15 -3.94
C ILE A 51 5.81 -2.26 -5.17
N CYS A 52 6.94 -2.93 -5.02
CA CYS A 52 7.87 -3.13 -6.12
C CYS A 52 7.32 -4.10 -7.15
N ILE A 53 8.12 -4.41 -8.16
CA ILE A 53 7.70 -5.33 -9.22
C ILE A 53 7.75 -6.78 -8.73
N ARG A 54 8.75 -7.07 -7.90
CA ARG A 54 8.93 -8.42 -7.36
C ARG A 54 7.69 -8.85 -6.57
N CYS A 55 7.23 -7.97 -5.68
CA CYS A 55 6.06 -8.26 -4.86
C CYS A 55 4.79 -8.26 -5.71
N ALA A 56 4.68 -7.29 -6.61
CA ALA A 56 3.52 -7.19 -7.49
C ALA A 56 3.11 -8.55 -8.02
N GLY A 57 4.08 -9.30 -8.54
CA GLY A 57 3.81 -10.62 -9.07
C GLY A 57 3.08 -11.50 -8.09
N ILE A 58 3.49 -11.45 -6.82
CA ILE A 58 2.86 -12.26 -5.78
C ILE A 58 1.40 -11.87 -5.59
N HIS A 59 1.14 -10.57 -5.60
CA HIS A 59 -0.22 -10.07 -5.43
C HIS A 59 -1.16 -10.68 -6.47
N ARG A 60 -0.75 -10.63 -7.73
CA ARG A 60 -1.55 -11.16 -8.82
C ARG A 60 -2.02 -12.59 -8.50
N ASN A 61 -1.08 -13.42 -8.05
CA ASN A 61 -1.39 -14.80 -7.71
C ASN A 61 -2.54 -14.87 -6.72
N LEU A 62 -2.42 -14.14 -5.62
CA LEU A 62 -3.44 -14.12 -4.59
C LEU A 62 -4.83 -14.26 -5.20
N GLY A 63 -5.13 -13.41 -6.18
CA GLY A 63 -6.43 -13.47 -6.84
C GLY A 63 -7.09 -12.10 -6.92
N VAL A 64 -7.85 -11.88 -7.98
CA VAL A 64 -8.54 -10.61 -8.18
C VAL A 64 -9.50 -10.32 -7.03
N HIS A 65 -10.00 -11.39 -6.42
CA HIS A 65 -10.94 -11.24 -5.29
C HIS A 65 -10.20 -10.80 -4.04
N ILE A 66 -8.94 -11.18 -3.93
CA ILE A 66 -8.12 -10.82 -2.77
C ILE A 66 -7.47 -9.45 -2.97
N SER A 67 -6.68 -9.32 -4.03
CA SER A 67 -5.99 -8.07 -4.33
C SER A 67 -5.73 -7.93 -5.82
N ARG A 68 -5.42 -6.71 -6.24
CA ARG A 68 -5.16 -6.44 -7.65
C ARG A 68 -3.74 -5.90 -7.84
N VAL A 69 -3.29 -5.84 -9.10
CA VAL A 69 -1.96 -5.35 -9.41
C VAL A 69 -1.94 -4.64 -10.76
N LYS A 70 -1.38 -3.43 -10.78
CA LYS A 70 -1.29 -2.66 -12.01
C LYS A 70 -0.27 -1.53 -11.87
N SER A 71 0.23 -1.04 -13.00
CA SER A 71 1.21 0.03 -13.00
C SER A 71 0.64 1.30 -12.36
N VAL A 72 1.49 2.31 -12.21
CA VAL A 72 1.07 3.57 -11.61
C VAL A 72 1.02 4.68 -12.65
N ASN A 73 1.98 4.68 -13.57
CA ASN A 73 2.04 5.69 -14.62
C ASN A 73 1.71 5.08 -15.98
N LEU A 74 2.18 3.86 -16.20
CA LEU A 74 1.93 3.16 -17.46
C LEU A 74 0.44 2.97 -17.69
N ASP A 75 -0.24 2.41 -16.70
CA ASP A 75 -1.68 2.18 -16.80
C ASP A 75 -2.47 3.39 -16.32
N GLN A 76 -3.75 3.43 -16.65
CA GLN A 76 -4.61 4.54 -16.26
C GLN A 76 -5.30 4.24 -14.93
N TRP A 77 -5.57 5.30 -14.16
CA TRP A 77 -6.22 5.15 -12.86
C TRP A 77 -7.48 6.00 -12.80
N THR A 78 -8.31 5.75 -11.79
CA THR A 78 -9.55 6.49 -11.61
C THR A 78 -9.65 7.08 -10.21
N ALA A 79 -10.46 8.12 -10.06
CA ALA A 79 -10.64 8.77 -8.78
C ALA A 79 -10.85 7.75 -7.66
N GLU A 80 -11.68 6.74 -7.93
CA GLU A 80 -11.96 5.70 -6.95
C GLU A 80 -10.66 5.10 -6.42
N GLN A 81 -9.78 4.71 -7.33
CA GLN A 81 -8.50 4.12 -6.94
C GLN A 81 -7.60 5.15 -6.26
N ILE A 82 -7.54 6.34 -6.83
CA ILE A 82 -6.73 7.41 -6.27
C ILE A 82 -7.08 7.68 -4.82
N GLN A 83 -8.35 7.98 -4.57
CA GLN A 83 -8.81 8.27 -3.21
C GLN A 83 -8.32 7.19 -2.24
N CYS A 84 -8.32 5.94 -2.69
CA CYS A 84 -7.88 4.83 -1.87
C CYS A 84 -6.41 4.98 -1.50
N MET A 85 -5.60 5.37 -2.48
CA MET A 85 -4.17 5.55 -2.25
C MET A 85 -3.91 6.47 -1.06
N GLN A 86 -4.57 7.63 -1.06
CA GLN A 86 -4.41 8.59 0.03
C GLN A 86 -5.06 8.07 1.31
N ASP A 87 -6.29 7.57 1.18
CA ASP A 87 -7.01 7.05 2.34
C ASP A 87 -6.19 5.99 3.06
N MET A 88 -5.90 4.89 2.36
CA MET A 88 -5.14 3.80 2.94
C MET A 88 -3.66 4.17 3.04
N GLY A 89 -2.97 4.18 1.90
CA GLY A 89 -1.56 4.52 1.89
C GLY A 89 -0.72 3.55 2.70
N ASN A 90 0.59 3.71 2.63
CA ASN A 90 1.51 2.85 3.36
C ASN A 90 1.43 3.11 4.86
N THR A 91 1.36 4.39 5.23
CA THR A 91 1.27 4.77 6.63
C THR A 91 0.33 3.85 7.41
N LYS A 92 -0.95 3.96 7.12
CA LYS A 92 -1.95 3.13 7.79
C LYS A 92 -1.70 1.65 7.53
N ALA A 93 -1.38 1.32 6.28
CA ALA A 93 -1.11 -0.06 5.91
C ALA A 93 -0.20 -0.74 6.92
N ARG A 94 0.78 0.01 7.41
CA ARG A 94 1.72 -0.53 8.40
C ARG A 94 1.07 -0.65 9.77
N LEU A 95 0.32 0.38 10.15
CA LEU A 95 -0.36 0.40 11.44
C LEU A 95 -1.54 -0.57 11.44
N LEU A 96 -1.79 -1.20 10.30
CA LEU A 96 -2.88 -2.15 10.17
C LEU A 96 -2.35 -3.56 9.94
N TYR A 97 -1.66 -3.76 8.83
CA TYR A 97 -1.09 -5.06 8.50
C TYR A 97 0.13 -5.36 9.35
N GLU A 98 1.03 -4.38 9.45
CA GLU A 98 2.24 -4.55 10.25
C GLU A 98 1.99 -4.19 11.70
N ALA A 99 0.80 -4.51 12.19
CA ALA A 99 0.44 -4.21 13.57
C ALA A 99 0.51 -5.47 14.43
N ASN A 100 0.02 -6.58 13.89
CA ASN A 100 0.03 -7.85 14.61
C ASN A 100 1.32 -8.62 14.35
N LEU A 101 2.36 -7.90 13.93
CA LEU A 101 3.65 -8.51 13.65
C LEU A 101 4.36 -8.92 14.94
N PRO A 102 5.27 -9.90 14.82
CA PRO A 102 6.03 -10.41 15.97
C PRO A 102 7.04 -9.39 16.49
N GLU A 103 7.35 -9.47 17.78
CA GLU A 103 8.31 -8.56 18.39
C GLU A 103 9.64 -8.57 17.63
N ASN A 104 10.04 -9.76 17.18
CA ASN A 104 11.29 -9.91 16.44
C ASN A 104 11.03 -10.06 14.95
N PHE A 105 10.05 -9.30 14.44
CA PHE A 105 9.70 -9.36 13.03
C PHE A 105 10.88 -8.94 12.17
N ARG A 106 11.06 -9.63 11.05
CA ARG A 106 12.15 -9.33 10.12
C ARG A 106 11.73 -9.56 8.68
N ARG A 107 11.67 -8.48 7.90
CA ARG A 107 11.27 -8.56 6.51
C ARG A 107 12.12 -9.60 5.76
N PRO A 108 11.45 -10.48 5.02
CA PRO A 108 12.11 -11.54 4.25
C PRO A 108 12.88 -10.99 3.06
N GLN A 109 14.08 -11.50 2.85
CA GLN A 109 14.92 -11.06 1.74
C GLN A 109 14.78 -11.99 0.54
N THR A 110 14.70 -13.30 0.81
CA THR A 110 14.57 -14.29 -0.24
C THR A 110 13.13 -14.34 -0.76
N ASP A 111 13.00 -14.47 -2.07
CA ASP A 111 11.68 -14.53 -2.70
C ASP A 111 10.86 -15.69 -2.12
N GLN A 112 11.47 -16.87 -2.07
CA GLN A 112 10.80 -18.05 -1.54
C GLN A 112 9.93 -17.69 -0.34
N ALA A 113 10.47 -16.86 0.55
CA ALA A 113 9.74 -16.43 1.74
C ALA A 113 8.78 -15.31 1.42
N VAL A 114 9.32 -14.23 0.84
CA VAL A 114 8.51 -13.07 0.48
C VAL A 114 7.13 -13.49 -0.02
N GLU A 115 7.13 -14.30 -1.08
CA GLU A 115 5.88 -14.78 -1.67
C GLU A 115 4.91 -15.24 -0.59
N PHE A 116 5.43 -15.97 0.39
CA PHE A 116 4.60 -16.47 1.49
C PHE A 116 4.27 -15.34 2.47
N PHE A 117 5.30 -14.75 3.06
CA PHE A 117 5.11 -13.67 4.01
C PHE A 117 3.95 -12.76 3.59
N ILE A 118 4.00 -12.27 2.37
CA ILE A 118 2.96 -11.41 1.84
C ILE A 118 1.61 -12.13 1.79
N ARG A 119 1.65 -13.40 1.43
CA ARG A 119 0.44 -14.21 1.34
C ARG A 119 -0.23 -14.35 2.72
N ASP A 120 0.56 -14.74 3.71
CA ASP A 120 0.05 -14.91 5.06
C ASP A 120 -0.17 -13.56 5.73
N LYS A 121 0.31 -12.50 5.09
CA LYS A 121 0.17 -11.15 5.62
C LYS A 121 -0.99 -10.42 4.95
N TYR A 122 -1.40 -10.91 3.78
CA TYR A 122 -2.49 -10.30 3.03
C TYR A 122 -3.61 -11.32 2.78
N GLU A 123 -3.23 -12.47 2.24
CA GLU A 123 -4.19 -13.53 1.94
C GLU A 123 -4.84 -14.05 3.22
N LYS A 124 -4.06 -14.81 4.00
CA LYS A 124 -4.55 -15.37 5.25
C LYS A 124 -4.92 -14.26 6.24
N LYS A 125 -4.29 -13.10 6.07
CA LYS A 125 -4.56 -11.97 6.95
C LYS A 125 -4.21 -12.30 8.39
N LYS A 126 -3.13 -13.05 8.57
CA LYS A 126 -2.68 -13.44 9.91
C LYS A 126 -2.38 -12.21 10.75
N TYR A 127 -1.43 -11.40 10.30
CA TYR A 127 -1.04 -10.20 11.02
C TYR A 127 -1.96 -9.03 10.67
N TYR A 128 -3.21 -9.34 10.39
CA TYR A 128 -4.20 -8.32 10.03
C TYR A 128 -4.98 -7.87 11.26
N ASP A 129 -4.87 -6.59 11.60
CA ASP A 129 -5.57 -6.04 12.74
C ASP A 129 -6.97 -5.56 12.35
N LYS A 130 -7.98 -6.29 12.79
CA LYS A 130 -9.36 -5.95 12.49
C LYS A 130 -9.91 -4.93 13.49
N ASN A 131 -9.43 -5.01 14.73
CA ASN A 131 -9.86 -4.09 15.78
C ASN A 131 -9.66 -2.64 15.34
N ALA A 132 -8.56 -2.38 14.66
CA ALA A 132 -8.24 -1.04 14.19
C ALA A 132 -9.30 -0.54 13.22
N ILE A 133 -10.10 -1.46 12.70
CA ILE A 133 -11.16 -1.10 11.76
C ILE A 133 -12.41 -0.63 12.49
N ALA A 134 -12.27 0.44 13.26
CA ALA A 134 -13.38 1.00 14.00
C ALA A 134 -14.25 1.90 13.11
N ILE A 135 -14.05 1.79 11.80
CA ILE A 135 -14.81 2.59 10.85
C ILE A 135 -16.27 2.15 10.81
N SER A 136 -17.18 3.12 10.95
CA SER A 136 -18.60 2.84 10.93
C SER A 136 -18.99 2.03 9.70
N GLY A 137 -20.19 1.45 9.73
CA GLY A 137 -20.65 0.65 8.61
C GLY A 137 -21.28 1.49 7.52
N PRO A 138 -20.65 1.51 6.34
CA PRO A 138 -21.13 2.28 5.20
C PRO A 138 -22.42 1.69 4.61
N SER A 139 -23.20 2.53 3.93
CA SER A 139 -24.45 2.10 3.33
C SER A 139 -24.18 1.21 2.12
N SER A 140 -24.26 -0.10 2.33
CA SER A 140 -24.03 -1.07 1.26
C SER A 140 -24.72 -0.61 -0.02
N GLY A 141 -26.02 -0.35 0.06
CA GLY A 141 -26.77 0.08 -1.11
C GLY A 141 -26.00 1.09 -1.95
ZN ZN B . 8.44 -5.36 -2.61
N GLY A 1 18.58 13.34 9.13
CA GLY A 1 17.36 13.87 9.72
C GLY A 1 16.89 15.13 9.02
N SER A 2 15.89 14.99 8.15
CA SER A 2 15.36 16.13 7.41
C SER A 2 14.01 15.77 6.78
N SER A 3 13.00 16.60 7.05
CA SER A 3 11.67 16.37 6.51
C SER A 3 10.91 17.68 6.37
N GLY A 4 9.94 17.71 5.47
CA GLY A 4 9.16 18.92 5.24
C GLY A 4 7.91 18.65 4.42
N SER A 5 6.86 18.17 5.09
CA SER A 5 5.60 17.87 4.40
C SER A 5 4.86 19.15 4.06
N SER A 6 5.00 19.60 2.81
CA SER A 6 4.34 20.81 2.35
C SER A 6 3.40 20.51 1.19
N GLY A 7 2.42 21.39 0.99
CA GLY A 7 1.46 21.21 -0.09
C GLY A 7 0.58 20.00 0.13
N LYS A 8 -0.73 20.22 0.23
CA LYS A 8 -1.68 19.15 0.43
C LYS A 8 -2.35 18.75 -0.88
N ALA A 9 -1.86 17.67 -1.48
CA ALA A 9 -2.40 17.19 -2.74
C ALA A 9 -3.93 17.09 -2.68
N GLN A 10 -4.44 16.62 -1.54
CA GLN A 10 -5.88 16.49 -1.36
C GLN A 10 -6.62 17.66 -1.98
N LYS A 11 -6.18 18.87 -1.64
CA LYS A 11 -6.81 20.08 -2.16
C LYS A 11 -6.16 20.51 -3.48
N LEU A 12 -4.84 20.33 -3.55
CA LEU A 12 -4.10 20.70 -4.76
C LEU A 12 -4.12 19.57 -5.79
N ASN A 13 -5.25 18.87 -5.85
CA ASN A 13 -5.40 17.76 -6.79
C ASN A 13 -5.53 18.28 -8.22
N GLU A 14 -4.44 18.22 -8.97
CA GLU A 14 -4.42 18.69 -10.35
C GLU A 14 -4.66 17.52 -11.31
N GLN A 15 -3.86 16.46 -11.16
CA GLN A 15 -3.98 15.29 -12.02
C GLN A 15 -3.56 14.03 -11.26
N HIS A 16 -4.28 12.93 -11.52
CA HIS A 16 -3.98 11.67 -10.87
C HIS A 16 -2.47 11.40 -10.86
N GLN A 17 -1.88 11.31 -12.06
CA GLN A 17 -0.46 11.06 -12.19
C GLN A 17 0.34 11.83 -11.14
N LEU A 18 0.09 13.14 -11.07
CA LEU A 18 0.78 13.99 -10.11
C LEU A 18 0.60 13.47 -8.69
N ILE A 19 -0.64 13.34 -8.26
CA ILE A 19 -0.94 12.84 -6.92
C ILE A 19 -0.14 11.59 -6.62
N LEU A 20 -0.37 10.54 -7.40
CA LEU A 20 0.34 9.27 -7.22
C LEU A 20 1.82 9.51 -6.93
N SER A 21 2.44 10.36 -7.73
CA SER A 21 3.85 10.67 -7.55
C SER A 21 4.11 11.33 -6.20
N LYS A 22 3.26 12.28 -5.84
CA LYS A 22 3.38 12.98 -4.57
C LYS A 22 3.49 12.00 -3.40
N LEU A 23 2.65 10.97 -3.43
CA LEU A 23 2.66 9.96 -2.38
C LEU A 23 4.01 9.27 -2.30
N LEU A 24 4.44 8.68 -3.41
CA LEU A 24 5.72 7.98 -3.47
C LEU A 24 6.83 8.84 -2.89
N ARG A 25 6.89 10.10 -3.33
CA ARG A 25 7.91 11.03 -2.86
C ARG A 25 8.09 10.92 -1.35
N GLU A 26 6.98 10.83 -0.63
CA GLU A 26 7.01 10.71 0.82
C GLU A 26 7.89 9.55 1.26
N GLU A 27 8.57 9.71 2.39
CA GLU A 27 9.45 8.67 2.91
C GLU A 27 8.66 7.39 3.19
N ASP A 28 7.42 7.55 3.65
CA ASP A 28 6.57 6.40 3.96
C ASP A 28 6.31 5.57 2.71
N ASN A 29 6.48 6.19 1.55
CA ASN A 29 6.26 5.51 0.27
C ASN A 29 7.52 5.53 -0.58
N LYS A 30 8.67 5.67 0.07
CA LYS A 30 9.95 5.71 -0.63
C LYS A 30 10.45 4.31 -0.93
N TYR A 31 9.88 3.32 -0.23
CA TYR A 31 10.28 1.93 -0.43
C TYR A 31 9.07 1.00 -0.35
N CYS A 32 9.15 -0.12 -1.06
CA CYS A 32 8.06 -1.09 -1.07
C CYS A 32 7.42 -1.22 0.31
N ALA A 33 6.20 -1.72 0.35
CA ALA A 33 5.48 -1.89 1.60
C ALA A 33 5.74 -3.28 2.20
N ASP A 34 6.55 -4.06 1.50
CA ASP A 34 6.89 -5.41 1.96
C ASP A 34 8.40 -5.61 2.02
N CYS A 35 9.05 -5.48 0.87
CA CYS A 35 10.49 -5.65 0.78
C CYS A 35 11.20 -4.30 0.86
N GLU A 36 10.43 -3.25 1.08
CA GLU A 36 10.98 -1.90 1.18
C GLU A 36 12.07 -1.68 0.13
N ALA A 37 11.82 -2.14 -1.08
CA ALA A 37 12.77 -2.00 -2.18
C ALA A 37 13.09 -0.52 -2.45
N LYS A 38 13.93 -0.28 -3.44
CA LYS A 38 14.32 1.08 -3.79
C LYS A 38 13.65 1.51 -5.10
N GLY A 39 12.55 2.26 -4.98
CA GLY A 39 11.85 2.72 -6.16
C GLY A 39 10.60 1.91 -6.44
N PRO A 40 9.64 1.92 -5.51
CA PRO A 40 8.39 1.17 -5.64
C PRO A 40 7.48 1.76 -6.72
N ARG A 41 7.70 1.35 -7.96
CA ARG A 41 6.91 1.83 -9.08
C ARG A 41 5.46 1.36 -8.96
N TRP A 42 5.24 0.07 -9.17
CA TRP A 42 3.91 -0.50 -9.08
C TRP A 42 3.21 -0.07 -7.79
N ALA A 43 1.89 -0.24 -7.75
CA ALA A 43 1.10 0.13 -6.58
C ALA A 43 -0.26 -0.55 -6.59
N SER A 44 -0.52 -1.34 -5.55
CA SER A 44 -1.78 -2.07 -5.45
C SER A 44 -2.88 -1.14 -4.91
N TRP A 45 -3.88 -0.89 -5.75
CA TRP A 45 -5.00 -0.04 -5.38
C TRP A 45 -5.94 -0.76 -4.42
N ASN A 46 -6.41 -1.94 -4.82
CA ASN A 46 -7.31 -2.73 -4.00
C ASN A 46 -6.94 -2.63 -2.52
N ILE A 47 -5.64 -2.50 -2.26
CA ILE A 47 -5.15 -2.40 -0.89
C ILE A 47 -4.84 -0.95 -0.53
N GLY A 48 -4.12 -0.26 -1.42
CA GLY A 48 -3.77 1.13 -1.17
C GLY A 48 -2.34 1.29 -0.71
N VAL A 49 -1.43 0.56 -1.34
CA VAL A 49 -0.02 0.62 -0.99
C VAL A 49 0.87 0.48 -2.22
N PHE A 50 2.07 1.05 -2.15
CA PHE A 50 3.00 0.98 -3.27
C PHE A 50 3.95 -0.20 -3.11
N ILE A 51 4.04 -1.04 -4.14
CA ILE A 51 4.91 -2.21 -4.12
C ILE A 51 5.80 -2.25 -5.34
N CYS A 52 6.90 -2.98 -5.24
CA CYS A 52 7.84 -3.11 -6.35
C CYS A 52 7.33 -4.09 -7.40
N ILE A 53 8.13 -4.34 -8.43
CA ILE A 53 7.76 -5.26 -9.49
C ILE A 53 7.80 -6.70 -9.01
N ARG A 54 8.68 -6.98 -8.06
CA ARG A 54 8.81 -8.33 -7.51
C ARG A 54 7.56 -8.74 -6.75
N CYS A 55 7.29 -8.05 -5.65
CA CYS A 55 6.12 -8.35 -4.83
C CYS A 55 4.86 -8.36 -5.68
N ALA A 56 4.72 -7.36 -6.54
CA ALA A 56 3.56 -7.26 -7.42
C ALA A 56 3.12 -8.63 -7.91
N GLY A 57 4.09 -9.42 -8.38
CA GLY A 57 3.78 -10.75 -8.88
C GLY A 57 3.03 -11.60 -7.87
N ILE A 58 3.50 -11.59 -6.62
CA ILE A 58 2.86 -12.36 -5.56
C ILE A 58 1.41 -11.92 -5.37
N HIS A 59 1.17 -10.62 -5.49
CA HIS A 59 -0.18 -10.08 -5.33
C HIS A 59 -1.14 -10.68 -6.34
N ARG A 60 -0.70 -10.73 -7.61
CA ARG A 60 -1.53 -11.29 -8.68
C ARG A 60 -1.92 -12.73 -8.36
N ASN A 61 -0.95 -13.52 -7.92
CA ASN A 61 -1.20 -14.92 -7.58
C ASN A 61 -2.36 -15.05 -6.61
N LEU A 62 -2.29 -14.29 -5.52
CA LEU A 62 -3.34 -14.33 -4.49
C LEU A 62 -4.72 -14.49 -5.14
N GLY A 63 -5.04 -13.58 -6.04
CA GLY A 63 -6.33 -13.63 -6.72
C GLY A 63 -7.02 -12.29 -6.78
N VAL A 64 -7.61 -11.98 -7.92
CA VAL A 64 -8.31 -10.71 -8.11
C VAL A 64 -9.24 -10.42 -6.94
N HIS A 65 -9.86 -11.46 -6.41
CA HIS A 65 -10.78 -11.32 -5.29
C HIS A 65 -10.04 -10.85 -4.04
N ILE A 66 -8.80 -11.30 -3.89
CA ILE A 66 -7.98 -10.92 -2.75
C ILE A 66 -7.28 -9.59 -2.98
N SER A 67 -6.43 -9.53 -3.99
CA SER A 67 -5.71 -8.31 -4.32
C SER A 67 -5.45 -8.21 -5.82
N ARG A 68 -5.43 -6.99 -6.33
CA ARG A 68 -5.19 -6.76 -7.76
C ARG A 68 -3.92 -5.94 -7.97
N VAL A 69 -3.27 -6.18 -9.11
CA VAL A 69 -2.03 -5.47 -9.44
C VAL A 69 -2.15 -4.75 -10.77
N LYS A 70 -1.75 -3.49 -10.81
CA LYS A 70 -1.81 -2.69 -12.02
C LYS A 70 -0.79 -1.55 -11.98
N SER A 71 -0.10 -1.33 -13.10
CA SER A 71 0.89 -0.27 -13.18
C SER A 71 0.35 1.04 -12.62
N VAL A 72 1.23 2.00 -12.40
CA VAL A 72 0.84 3.30 -11.88
C VAL A 72 0.75 4.34 -12.99
N ASN A 73 1.80 4.43 -13.79
CA ASN A 73 1.85 5.39 -14.89
C ASN A 73 1.45 4.73 -16.20
N LEU A 74 2.11 3.62 -16.51
CA LEU A 74 1.82 2.89 -17.75
C LEU A 74 0.32 2.67 -17.92
N ASP A 75 -0.35 2.33 -16.83
CA ASP A 75 -1.79 2.10 -16.86
C ASP A 75 -2.55 3.35 -16.43
N GLN A 76 -3.83 3.41 -16.78
CA GLN A 76 -4.66 4.55 -16.43
C GLN A 76 -5.37 4.33 -15.10
N TRP A 77 -5.64 5.42 -14.39
CA TRP A 77 -6.32 5.34 -13.10
C TRP A 77 -7.54 6.26 -13.07
N THR A 78 -8.40 6.06 -12.07
CA THR A 78 -9.60 6.87 -11.93
C THR A 78 -9.64 7.55 -10.57
N ALA A 79 -10.23 8.74 -10.53
CA ALA A 79 -10.34 9.51 -9.29
C ALA A 79 -10.81 8.62 -8.14
N GLU A 80 -11.83 7.81 -8.41
CA GLU A 80 -12.37 6.92 -7.39
C GLU A 80 -11.27 6.06 -6.78
N GLN A 81 -10.39 5.54 -7.62
CA GLN A 81 -9.29 4.69 -7.16
C GLN A 81 -8.18 5.55 -6.53
N ILE A 82 -7.98 6.74 -7.08
CA ILE A 82 -6.96 7.64 -6.57
C ILE A 82 -7.18 7.95 -5.09
N GLN A 83 -8.40 8.36 -4.76
CA GLN A 83 -8.75 8.69 -3.38
C GLN A 83 -8.22 7.62 -2.42
N CYS A 84 -8.50 6.37 -2.73
CA CYS A 84 -8.06 5.26 -1.89
C CYS A 84 -6.59 5.42 -1.52
N MET A 85 -5.72 5.45 -2.54
CA MET A 85 -4.29 5.60 -2.31
C MET A 85 -4.01 6.53 -1.14
N GLN A 86 -4.54 7.75 -1.22
CA GLN A 86 -4.34 8.74 -0.16
C GLN A 86 -4.99 8.28 1.14
N ASP A 87 -6.23 7.81 1.05
CA ASP A 87 -6.95 7.34 2.22
C ASP A 87 -6.15 6.29 2.97
N MET A 88 -5.88 5.17 2.32
CA MET A 88 -5.12 4.08 2.93
C MET A 88 -3.63 4.45 3.02
N GLY A 89 -2.95 4.41 1.88
CA GLY A 89 -1.54 4.74 1.85
C GLY A 89 -0.71 3.82 2.73
N ASN A 90 0.58 3.71 2.42
CA ASN A 90 1.47 2.85 3.19
C ASN A 90 1.41 3.18 4.68
N THR A 91 1.31 4.47 4.99
CA THR A 91 1.23 4.92 6.37
C THR A 91 0.33 4.01 7.20
N LYS A 92 -0.97 4.07 6.93
CA LYS A 92 -1.93 3.24 7.65
C LYS A 92 -1.66 1.76 7.42
N ALA A 93 -1.41 1.40 6.16
CA ALA A 93 -1.13 0.01 5.81
C ALA A 93 -0.23 -0.65 6.86
N ARG A 94 0.77 0.09 7.32
CA ARG A 94 1.70 -0.43 8.31
C ARG A 94 1.02 -0.57 9.67
N LEU A 95 0.30 0.47 10.08
CA LEU A 95 -0.41 0.46 11.35
C LEU A 95 -1.55 -0.55 11.34
N LEU A 96 -1.82 -1.12 10.17
CA LEU A 96 -2.89 -2.10 10.01
C LEU A 96 -2.32 -3.50 9.82
N TYR A 97 -1.66 -3.71 8.68
CA TYR A 97 -1.07 -5.01 8.37
C TYR A 97 0.16 -5.27 9.26
N GLU A 98 1.06 -4.30 9.31
CA GLU A 98 2.26 -4.43 10.11
C GLU A 98 2.02 -3.97 11.54
N ALA A 99 0.82 -4.27 12.06
CA ALA A 99 0.46 -3.89 13.42
C ALA A 99 0.73 -5.03 14.38
N ASN A 100 0.42 -6.25 13.96
CA ASN A 100 0.64 -7.44 14.79
C ASN A 100 2.03 -8.01 14.58
N LEU A 101 2.92 -7.20 14.03
CA LEU A 101 4.30 -7.63 13.77
C LEU A 101 5.18 -7.43 15.00
N PRO A 102 6.16 -8.32 15.18
CA PRO A 102 7.09 -8.25 16.31
C PRO A 102 8.04 -7.07 16.20
N GLU A 103 8.25 -6.38 17.32
CA GLU A 103 9.14 -5.23 17.35
C GLU A 103 10.43 -5.51 16.60
N ASN A 104 10.95 -6.73 16.76
CA ASN A 104 12.19 -7.13 16.10
C ASN A 104 11.88 -7.90 14.81
N PHE A 105 10.81 -7.51 14.13
CA PHE A 105 10.42 -8.16 12.90
C PHE A 105 11.53 -8.05 11.85
N ARG A 106 11.68 -9.11 11.05
CA ARG A 106 12.70 -9.13 10.01
C ARG A 106 12.11 -9.60 8.68
N ARG A 107 11.63 -8.65 7.88
CA ARG A 107 11.04 -8.97 6.59
C ARG A 107 11.95 -9.91 5.80
N PRO A 108 11.33 -10.86 5.08
CA PRO A 108 12.07 -11.83 4.26
C PRO A 108 12.72 -11.19 3.04
N GLN A 109 13.89 -11.71 2.67
CA GLN A 109 14.61 -11.19 1.51
C GLN A 109 14.51 -12.14 0.32
N THR A 110 14.53 -13.43 0.61
CA THR A 110 14.44 -14.45 -0.43
C THR A 110 13.03 -14.55 -1.00
N ASP A 111 12.90 -14.25 -2.28
CA ASP A 111 11.59 -14.31 -2.94
C ASP A 111 10.73 -15.43 -2.36
N GLN A 112 11.25 -16.66 -2.45
CA GLN A 112 10.52 -17.82 -1.94
C GLN A 112 9.74 -17.45 -0.67
N ALA A 113 10.45 -16.98 0.34
CA ALA A 113 9.83 -16.60 1.60
C ALA A 113 8.86 -15.43 1.41
N VAL A 114 9.35 -14.38 0.75
CA VAL A 114 8.53 -13.20 0.49
C VAL A 114 7.15 -13.59 -0.05
N GLU A 115 7.12 -14.58 -0.93
CA GLU A 115 5.88 -15.04 -1.52
C GLU A 115 4.91 -15.51 -0.44
N PHE A 116 5.43 -16.26 0.53
CA PHE A 116 4.60 -16.78 1.62
C PHE A 116 4.25 -15.67 2.60
N PHE A 117 5.27 -14.97 3.10
CA PHE A 117 5.05 -13.88 4.04
C PHE A 117 3.89 -12.99 3.61
N ILE A 118 4.03 -12.39 2.43
CA ILE A 118 2.98 -11.52 1.91
C ILE A 118 1.65 -12.24 1.84
N ARG A 119 1.68 -13.52 1.47
CA ARG A 119 0.47 -14.31 1.37
C ARG A 119 -0.23 -14.42 2.73
N ASP A 120 0.50 -14.91 3.73
CA ASP A 120 -0.05 -15.06 5.07
C ASP A 120 -0.26 -13.70 5.72
N LYS A 121 0.27 -12.66 5.09
CA LYS A 121 0.15 -11.30 5.62
C LYS A 121 -1.09 -10.61 5.05
N TYR A 122 -1.37 -10.85 3.78
CA TYR A 122 -2.53 -10.25 3.13
C TYR A 122 -3.61 -11.30 2.87
N GLU A 123 -3.19 -12.47 2.38
CA GLU A 123 -4.12 -13.54 2.09
C GLU A 123 -4.75 -14.09 3.37
N LYS A 124 -3.92 -14.75 4.18
CA LYS A 124 -4.39 -15.32 5.44
C LYS A 124 -4.78 -14.21 6.43
N LYS A 125 -4.24 -13.02 6.21
CA LYS A 125 -4.53 -11.89 7.08
C LYS A 125 -4.14 -12.18 8.52
N LYS A 126 -3.03 -12.90 8.69
CA LYS A 126 -2.54 -13.25 10.02
C LYS A 126 -2.28 -12.00 10.84
N TYR A 127 -1.21 -11.29 10.52
CA TYR A 127 -0.85 -10.08 11.24
C TYR A 127 -1.89 -8.98 11.01
N TYR A 128 -2.69 -9.14 9.96
CA TYR A 128 -3.73 -8.17 9.65
C TYR A 128 -4.52 -7.78 10.89
N ASP A 129 -4.61 -6.48 11.14
CA ASP A 129 -5.34 -5.98 12.30
C ASP A 129 -6.79 -5.65 11.92
N LYS A 130 -7.73 -6.38 12.54
CA LYS A 130 -9.14 -6.17 12.28
C LYS A 130 -9.73 -5.13 13.23
N ASN A 131 -9.25 -5.13 14.46
CA ASN A 131 -9.72 -4.18 15.47
C ASN A 131 -9.92 -2.79 14.85
N ALA A 132 -9.04 -2.43 13.94
CA ALA A 132 -9.12 -1.13 13.28
C ALA A 132 -10.50 -0.90 12.68
N ILE A 133 -11.03 -1.93 12.02
CA ILE A 133 -12.35 -1.84 11.41
C ILE A 133 -13.28 -0.95 12.21
N ALA A 134 -13.20 -1.07 13.53
CA ALA A 134 -14.03 -0.27 14.43
C ALA A 134 -15.48 -0.76 14.42
N ILE A 135 -15.65 -2.06 14.24
CA ILE A 135 -16.98 -2.66 14.22
C ILE A 135 -17.50 -2.91 15.62
N SER A 136 -18.77 -2.61 15.85
CA SER A 136 -19.39 -2.80 17.15
C SER A 136 -18.86 -4.07 17.82
N GLY A 137 -18.12 -3.90 18.91
CA GLY A 137 -17.56 -5.03 19.62
C GLY A 137 -16.95 -4.65 20.95
N PRO A 138 -17.44 -5.26 22.04
CA PRO A 138 -16.95 -4.98 23.39
C PRO A 138 -15.53 -5.51 23.61
N SER A 139 -15.32 -6.78 23.28
CA SER A 139 -14.02 -7.41 23.44
C SER A 139 -14.03 -8.83 22.87
N SER A 140 -12.87 -9.48 22.91
CA SER A 140 -12.73 -10.84 22.40
C SER A 140 -11.98 -11.73 23.39
N GLY A 141 -12.54 -12.91 23.65
CA GLY A 141 -11.93 -13.83 24.58
C GLY A 141 -10.50 -14.18 24.19
ZN ZN B . 8.48 -5.40 -2.90
N GLY A 1 7.39 33.34 11.45
CA GLY A 1 8.45 33.55 10.48
C GLY A 1 8.20 32.83 9.18
N SER A 2 8.27 31.50 9.21
CA SER A 2 8.05 30.69 8.03
C SER A 2 6.57 30.45 7.79
N SER A 3 5.99 31.20 6.86
CA SER A 3 4.57 31.07 6.54
C SER A 3 4.23 31.84 5.27
N GLY A 4 2.99 31.72 4.82
CA GLY A 4 2.55 32.41 3.63
C GLY A 4 2.17 31.45 2.51
N SER A 5 0.94 31.58 2.03
CA SER A 5 0.45 30.71 0.96
C SER A 5 -0.78 31.31 0.29
N SER A 6 -0.81 31.26 -1.04
CA SER A 6 -1.93 31.81 -1.80
C SER A 6 -2.86 30.69 -2.27
N GLY A 7 -3.15 29.75 -1.38
CA GLY A 7 -4.02 28.64 -1.72
C GLY A 7 -3.27 27.47 -2.34
N LYS A 8 -2.67 26.65 -1.50
CA LYS A 8 -1.92 25.49 -1.96
C LYS A 8 -2.69 24.73 -3.04
N ALA A 9 -2.02 23.78 -3.68
CA ALA A 9 -2.64 22.98 -4.73
C ALA A 9 -2.45 21.49 -4.48
N GLN A 10 -1.33 21.14 -3.84
CA GLN A 10 -1.03 19.75 -3.54
C GLN A 10 -2.31 18.97 -3.23
N LYS A 11 -2.99 19.36 -2.15
CA LYS A 11 -4.22 18.70 -1.75
C LYS A 11 -5.35 18.99 -2.74
N LEU A 12 -5.31 20.17 -3.34
CA LEU A 12 -6.32 20.58 -4.30
C LEU A 12 -5.83 20.37 -5.73
N ASN A 13 -5.91 19.13 -6.20
CA ASN A 13 -5.47 18.80 -7.56
C ASN A 13 -6.16 17.53 -8.06
N GLU A 14 -6.61 17.55 -9.30
CA GLU A 14 -7.28 16.40 -9.89
C GLU A 14 -6.38 15.72 -10.91
N GLN A 15 -5.11 15.54 -10.55
CA GLN A 15 -4.16 14.89 -11.42
C GLN A 15 -3.78 13.51 -10.90
N HIS A 16 -4.56 12.50 -11.29
CA HIS A 16 -4.31 11.13 -10.86
C HIS A 16 -2.82 10.82 -10.88
N GLN A 17 -2.22 10.96 -12.05
CA GLN A 17 -0.79 10.69 -12.21
C GLN A 17 0.03 11.46 -11.18
N LEU A 18 -0.03 12.78 -11.25
CA LEU A 18 0.70 13.63 -10.32
C LEU A 18 0.53 13.15 -8.88
N ILE A 19 -0.71 13.16 -8.41
CA ILE A 19 -1.02 12.73 -7.06
C ILE A 19 -0.24 11.46 -6.69
N LEU A 20 -0.41 10.42 -7.50
CA LEU A 20 0.28 9.16 -7.27
C LEU A 20 1.77 9.38 -7.02
N SER A 21 2.38 10.25 -7.83
CA SER A 21 3.79 10.56 -7.70
C SER A 21 4.08 11.24 -6.36
N LYS A 22 3.24 12.21 -6.01
CA LYS A 22 3.39 12.94 -4.75
C LYS A 22 3.53 11.98 -3.58
N LEU A 23 2.63 11.02 -3.51
CA LEU A 23 2.65 10.03 -2.42
C LEU A 23 4.03 9.39 -2.31
N LEU A 24 4.60 9.02 -3.45
CA LEU A 24 5.92 8.39 -3.47
C LEU A 24 6.97 9.31 -2.86
N ARG A 25 6.61 10.57 -2.66
CA ARG A 25 7.52 11.54 -2.08
C ARG A 25 6.97 12.09 -0.76
N GLU A 26 6.32 11.22 0.00
CA GLU A 26 5.74 11.61 1.28
C GLU A 26 6.35 10.80 2.42
N GLU A 27 7.61 10.38 2.25
CA GLU A 27 8.30 9.61 3.26
C GLU A 27 7.40 8.50 3.81
N ASP A 28 6.42 8.09 3.01
CA ASP A 28 5.49 7.04 3.42
C ASP A 28 5.50 5.89 2.42
N ASN A 29 5.61 6.23 1.13
CA ASN A 29 5.62 5.22 0.07
C ASN A 29 6.95 5.24 -0.67
N LYS A 30 7.98 5.78 -0.02
CA LYS A 30 9.31 5.86 -0.63
C LYS A 30 9.84 4.47 -0.96
N TYR A 31 9.43 3.47 -0.17
CA TYR A 31 9.87 2.10 -0.38
C TYR A 31 8.68 1.15 -0.32
N CYS A 32 8.89 -0.09 -0.78
CA CYS A 32 7.85 -1.10 -0.78
C CYS A 32 7.26 -1.26 0.62
N ALA A 33 6.07 -1.85 0.69
CA ALA A 33 5.40 -2.08 1.96
C ALA A 33 5.68 -3.48 2.49
N ASP A 34 6.50 -4.23 1.77
CA ASP A 34 6.85 -5.59 2.16
C ASP A 34 8.36 -5.77 2.22
N CYS A 35 9.01 -5.71 1.06
CA CYS A 35 10.45 -5.87 0.98
C CYS A 35 11.16 -4.52 1.15
N GLU A 36 10.37 -3.46 1.25
CA GLU A 36 10.92 -2.11 1.41
C GLU A 36 11.96 -1.82 0.33
N ALA A 37 11.70 -2.27 -0.89
CA ALA A 37 12.61 -2.05 -2.00
C ALA A 37 12.64 -0.59 -2.40
N LYS A 38 13.85 -0.04 -2.54
CA LYS A 38 14.03 1.35 -2.92
C LYS A 38 13.54 1.59 -4.35
N GLY A 39 12.51 2.44 -4.49
CA GLY A 39 11.97 2.74 -5.79
C GLY A 39 10.73 1.93 -6.11
N PRO A 40 9.69 2.08 -5.26
CA PRO A 40 8.42 1.37 -5.43
C PRO A 40 7.63 1.86 -6.64
N ARG A 41 7.91 1.28 -7.80
CA ARG A 41 7.23 1.67 -9.04
C ARG A 41 5.76 1.26 -8.98
N TRP A 42 5.51 -0.04 -9.06
CA TRP A 42 4.15 -0.56 -9.03
C TRP A 42 3.44 -0.16 -7.74
N ALA A 43 2.13 -0.34 -7.70
CA ALA A 43 1.34 -0.01 -6.52
C ALA A 43 -0.03 -0.66 -6.58
N SER A 44 -0.42 -1.32 -5.49
CA SER A 44 -1.72 -1.99 -5.42
C SER A 44 -2.79 -1.04 -4.90
N TRP A 45 -3.74 -0.69 -5.76
CA TRP A 45 -4.83 0.20 -5.39
C TRP A 45 -5.82 -0.49 -4.46
N ASN A 46 -6.27 -1.67 -4.86
CA ASN A 46 -7.22 -2.44 -4.07
C ASN A 46 -6.82 -2.44 -2.59
N ILE A 47 -5.52 -2.39 -2.34
CA ILE A 47 -5.01 -2.39 -0.97
C ILE A 47 -4.70 -0.96 -0.51
N GLY A 48 -4.14 -0.16 -1.41
CA GLY A 48 -3.80 1.20 -1.07
C GLY A 48 -2.37 1.36 -0.60
N VAL A 49 -1.45 0.65 -1.25
CA VAL A 49 -0.04 0.70 -0.89
C VAL A 49 0.84 0.54 -2.11
N PHE A 50 2.06 1.09 -2.04
CA PHE A 50 3.00 1.01 -3.14
C PHE A 50 3.98 -0.14 -2.94
N ILE A 51 3.96 -1.09 -3.88
CA ILE A 51 4.84 -2.25 -3.80
C ILE A 51 5.74 -2.33 -5.04
N CYS A 52 6.79 -3.14 -4.94
CA CYS A 52 7.72 -3.31 -6.05
C CYS A 52 7.18 -4.32 -7.06
N ILE A 53 7.91 -4.53 -8.14
CA ILE A 53 7.52 -5.46 -9.18
C ILE A 53 7.50 -6.89 -8.66
N ARG A 54 8.57 -7.29 -7.98
CA ARG A 54 8.69 -8.63 -7.42
C ARG A 54 7.44 -8.98 -6.60
N CYS A 55 7.21 -8.21 -5.53
CA CYS A 55 6.07 -8.45 -4.66
C CYS A 55 4.77 -8.45 -5.47
N ALA A 56 4.62 -7.48 -6.36
CA ALA A 56 3.43 -7.38 -7.19
C ALA A 56 3.07 -8.72 -7.80
N GLY A 57 4.04 -9.35 -8.47
CA GLY A 57 3.80 -10.64 -9.09
C GLY A 57 3.01 -11.58 -8.19
N ILE A 58 3.44 -11.70 -6.94
CA ILE A 58 2.77 -12.57 -5.98
C ILE A 58 1.33 -12.11 -5.74
N HIS A 59 1.15 -10.81 -5.57
CA HIS A 59 -0.16 -10.24 -5.33
C HIS A 59 -1.15 -10.69 -6.40
N ARG A 60 -0.72 -10.64 -7.66
CA ARG A 60 -1.56 -11.05 -8.78
C ARG A 60 -2.12 -12.46 -8.56
N ASN A 61 -1.23 -13.39 -8.23
CA ASN A 61 -1.63 -14.77 -8.00
C ASN A 61 -2.75 -14.84 -6.96
N LEU A 62 -2.55 -14.17 -5.84
CA LEU A 62 -3.55 -14.15 -4.76
C LEU A 62 -4.96 -14.24 -5.33
N GLY A 63 -5.26 -13.37 -6.29
CA GLY A 63 -6.58 -13.36 -6.90
C GLY A 63 -7.16 -11.97 -7.01
N VAL A 64 -7.71 -11.65 -8.17
CA VAL A 64 -8.30 -10.33 -8.40
C VAL A 64 -9.24 -9.95 -7.25
N HIS A 65 -9.76 -10.96 -6.56
CA HIS A 65 -10.68 -10.73 -5.45
C HIS A 65 -9.90 -10.35 -4.19
N ILE A 66 -8.72 -10.95 -4.02
CA ILE A 66 -7.89 -10.68 -2.85
C ILE A 66 -7.14 -9.36 -3.01
N SER A 67 -6.41 -9.23 -4.11
CA SER A 67 -5.64 -8.03 -4.39
C SER A 67 -5.32 -7.90 -5.87
N ARG A 68 -5.60 -6.73 -6.44
CA ARG A 68 -5.33 -6.49 -7.85
C ARG A 68 -4.01 -5.75 -8.05
N VAL A 69 -3.39 -5.94 -9.20
CA VAL A 69 -2.12 -5.29 -9.52
C VAL A 69 -2.19 -4.56 -10.85
N LYS A 70 -1.69 -3.33 -10.86
CA LYS A 70 -1.70 -2.51 -12.08
C LYS A 70 -0.64 -1.42 -11.99
N SER A 71 0.00 -1.12 -13.13
CA SER A 71 1.02 -0.09 -13.18
C SER A 71 0.46 1.25 -12.71
N VAL A 72 1.25 1.97 -11.92
CA VAL A 72 0.84 3.27 -11.40
C VAL A 72 0.60 4.25 -12.54
N ASN A 73 1.55 4.31 -13.47
CA ASN A 73 1.44 5.23 -14.62
C ASN A 73 1.12 4.45 -15.89
N LEU A 74 2.06 3.62 -16.32
CA LEU A 74 1.89 2.82 -17.53
C LEU A 74 0.41 2.45 -17.73
N ASP A 75 -0.25 2.13 -16.63
CA ASP A 75 -1.67 1.74 -16.67
C ASP A 75 -2.55 2.93 -16.29
N GLN A 76 -3.81 2.86 -16.70
CA GLN A 76 -4.77 3.93 -16.40
C GLN A 76 -5.42 3.70 -15.05
N TRP A 77 -5.70 4.80 -14.34
CA TRP A 77 -6.34 4.72 -13.03
C TRP A 77 -7.62 5.53 -12.99
N THR A 78 -8.32 5.47 -11.85
CA THR A 78 -9.57 6.21 -11.70
C THR A 78 -9.64 6.88 -10.33
N ALA A 79 -10.43 7.95 -10.23
CA ALA A 79 -10.58 8.67 -8.98
C ALA A 79 -10.78 7.72 -7.81
N GLU A 80 -11.65 6.73 -7.99
CA GLU A 80 -11.92 5.76 -6.95
C GLU A 80 -10.64 5.22 -6.35
N GLN A 81 -9.72 4.79 -7.21
CA GLN A 81 -8.44 4.25 -6.76
C GLN A 81 -7.59 5.35 -6.13
N ILE A 82 -7.45 6.47 -6.82
CA ILE A 82 -6.66 7.59 -6.33
C ILE A 82 -7.03 7.92 -4.88
N GLN A 83 -8.28 8.31 -4.67
CA GLN A 83 -8.75 8.66 -3.33
C GLN A 83 -8.31 7.62 -2.31
N CYS A 84 -8.53 6.34 -2.63
CA CYS A 84 -8.16 5.25 -1.75
C CYS A 84 -6.69 5.33 -1.37
N MET A 85 -5.82 5.37 -2.38
CA MET A 85 -4.38 5.45 -2.15
C MET A 85 -4.07 6.38 -0.98
N GLN A 86 -4.69 7.56 -0.97
CA GLN A 86 -4.47 8.53 0.09
C GLN A 86 -5.13 8.06 1.39
N ASP A 87 -6.36 7.58 1.29
CA ASP A 87 -7.09 7.10 2.45
C ASP A 87 -6.28 6.07 3.23
N MET A 88 -5.90 4.99 2.54
CA MET A 88 -5.11 3.93 3.16
C MET A 88 -3.62 4.27 3.14
N GLY A 89 -3.02 4.17 1.96
CA GLY A 89 -1.61 4.47 1.83
C GLY A 89 -0.74 3.55 2.66
N ASN A 90 0.58 3.69 2.51
CA ASN A 90 1.51 2.85 3.26
C ASN A 90 1.48 3.19 4.75
N THR A 91 1.42 4.49 5.05
CA THR A 91 1.38 4.93 6.44
C THR A 91 0.51 4.02 7.29
N LYS A 92 -0.79 3.99 6.99
CA LYS A 92 -1.72 3.15 7.73
C LYS A 92 -1.45 1.68 7.49
N ALA A 93 -1.29 1.32 6.21
CA ALA A 93 -1.02 -0.06 5.84
C ALA A 93 -0.06 -0.72 6.84
N ARG A 94 0.95 0.02 7.27
CA ARG A 94 1.93 -0.48 8.21
C ARG A 94 1.33 -0.57 9.62
N LEU A 95 0.53 0.42 9.98
CA LEU A 95 -0.10 0.45 11.29
C LEU A 95 -1.27 -0.53 11.36
N LEU A 96 -1.59 -1.14 10.23
CA LEU A 96 -2.69 -2.10 10.16
C LEU A 96 -2.16 -3.52 9.95
N TYR A 97 -1.51 -3.74 8.82
CA TYR A 97 -0.95 -5.04 8.50
C TYR A 97 0.29 -5.33 9.34
N GLU A 98 1.20 -4.36 9.38
CA GLU A 98 2.43 -4.50 10.14
C GLU A 98 2.21 -4.13 11.60
N ALA A 99 1.03 -4.43 12.12
CA ALA A 99 0.70 -4.12 13.51
C ALA A 99 0.83 -5.36 14.39
N ASN A 100 0.45 -6.51 13.85
CA ASN A 100 0.52 -7.76 14.60
C ASN A 100 1.88 -8.43 14.40
N LEU A 101 2.86 -7.65 13.94
CA LEU A 101 4.21 -8.16 13.71
C LEU A 101 4.95 -8.34 15.03
N PRO A 102 5.80 -9.38 15.09
CA PRO A 102 6.59 -9.68 16.29
C PRO A 102 7.69 -8.65 16.54
N GLU A 103 7.92 -8.33 17.80
CA GLU A 103 8.94 -7.36 18.17
C GLU A 103 10.26 -7.65 17.45
N ASN A 104 10.58 -8.93 17.33
CA ASN A 104 11.82 -9.36 16.67
C ASN A 104 11.54 -9.80 15.23
N PHE A 105 10.64 -9.09 14.56
CA PHE A 105 10.28 -9.40 13.18
C PHE A 105 11.50 -9.27 12.27
N ARG A 106 11.59 -10.15 11.28
CA ARG A 106 12.70 -10.13 10.33
C ARG A 106 12.18 -10.07 8.90
N ARG A 107 12.14 -8.86 8.34
CA ARG A 107 11.67 -8.67 6.97
C ARG A 107 12.44 -9.55 6.00
N PRO A 108 11.71 -10.44 5.30
CA PRO A 108 12.32 -11.36 4.33
C PRO A 108 12.82 -10.63 3.08
N GLN A 109 13.94 -11.10 2.55
CA GLN A 109 14.54 -10.49 1.36
C GLN A 109 14.38 -11.41 0.15
N THR A 110 14.52 -12.70 0.38
CA THR A 110 14.39 -13.69 -0.70
C THR A 110 12.93 -14.01 -0.98
N ASP A 111 12.62 -14.23 -2.25
CA ASP A 111 11.25 -14.54 -2.65
C ASP A 111 10.69 -15.70 -1.83
N GLN A 112 11.48 -16.77 -1.72
CA GLN A 112 11.07 -17.95 -0.96
C GLN A 112 10.27 -17.55 0.27
N ALA A 113 10.77 -16.54 0.99
CA ALA A 113 10.10 -16.06 2.20
C ALA A 113 9.03 -15.03 1.86
N VAL A 114 9.43 -13.97 1.16
CA VAL A 114 8.51 -12.91 0.78
C VAL A 114 7.18 -13.50 0.29
N GLU A 115 7.23 -14.19 -0.85
CA GLU A 115 6.03 -14.79 -1.41
C GLU A 115 5.07 -15.24 -0.31
N PHE A 116 5.57 -16.05 0.60
CA PHE A 116 4.75 -16.56 1.70
C PHE A 116 4.25 -15.41 2.57
N PHE A 117 5.17 -14.52 2.94
CA PHE A 117 4.83 -13.37 3.78
C PHE A 117 3.52 -12.73 3.32
N ILE A 118 3.52 -12.24 2.08
CA ILE A 118 2.33 -11.60 1.52
C ILE A 118 1.17 -12.58 1.42
N ARG A 119 1.48 -13.82 1.06
CA ARG A 119 0.46 -14.86 0.93
C ARG A 119 -0.10 -15.24 2.30
N ASP A 120 0.52 -14.72 3.35
CA ASP A 120 0.08 -15.01 4.72
C ASP A 120 -0.19 -13.71 5.48
N LYS A 121 0.22 -12.59 4.89
CA LYS A 121 0.02 -11.29 5.51
C LYS A 121 -1.26 -10.64 5.03
N TYR A 122 -1.58 -10.84 3.75
CA TYR A 122 -2.78 -10.27 3.16
C TYR A 122 -3.83 -11.35 2.92
N GLU A 123 -3.41 -12.46 2.33
CA GLU A 123 -4.30 -13.56 2.05
C GLU A 123 -4.82 -14.20 3.34
N LYS A 124 -3.91 -14.77 4.11
CA LYS A 124 -4.26 -15.41 5.38
C LYS A 124 -4.62 -14.37 6.43
N LYS A 125 -4.14 -13.14 6.22
CA LYS A 125 -4.41 -12.06 7.16
C LYS A 125 -3.90 -12.40 8.56
N LYS A 126 -2.77 -13.09 8.61
CA LYS A 126 -2.18 -13.49 9.90
C LYS A 126 -1.93 -12.27 10.77
N TYR A 127 -1.02 -11.41 10.33
CA TYR A 127 -0.67 -10.21 11.09
C TYR A 127 -1.63 -9.07 10.76
N TYR A 128 -2.89 -9.44 10.49
CA TYR A 128 -3.91 -8.44 10.17
C TYR A 128 -4.64 -7.97 11.43
N ASP A 129 -4.60 -6.67 11.67
CA ASP A 129 -5.24 -6.09 12.84
C ASP A 129 -6.67 -5.66 12.52
N LYS A 130 -7.48 -6.62 12.07
CA LYS A 130 -8.87 -6.35 11.72
C LYS A 130 -9.52 -5.46 12.78
N ASN A 131 -9.05 -5.56 14.01
CA ASN A 131 -9.59 -4.77 15.11
C ASN A 131 -9.76 -3.31 14.69
N ALA A 132 -8.75 -2.76 14.04
CA ALA A 132 -8.79 -1.38 13.58
C ALA A 132 -10.11 -1.07 12.90
N ILE A 133 -10.60 -2.01 12.08
CA ILE A 133 -11.86 -1.84 11.37
C ILE A 133 -12.97 -2.64 12.02
N ALA A 134 -13.34 -2.26 13.24
CA ALA A 134 -14.40 -2.95 13.97
C ALA A 134 -15.78 -2.49 13.48
N ILE A 135 -15.79 -1.79 12.36
CA ILE A 135 -17.04 -1.31 11.79
C ILE A 135 -17.71 -2.37 10.93
N SER A 136 -18.57 -3.18 11.55
CA SER A 136 -19.27 -4.24 10.84
C SER A 136 -20.63 -4.51 11.46
N GLY A 137 -21.61 -4.83 10.62
CA GLY A 137 -22.94 -5.10 11.11
C GLY A 137 -23.29 -6.58 11.08
N PRO A 138 -24.45 -6.93 11.63
CA PRO A 138 -24.91 -8.32 11.68
C PRO A 138 -25.28 -8.87 10.30
N SER A 139 -25.71 -7.98 9.41
CA SER A 139 -26.09 -8.38 8.06
C SER A 139 -24.88 -8.39 7.14
N SER A 140 -24.73 -9.47 6.38
CA SER A 140 -23.61 -9.60 5.46
C SER A 140 -24.11 -9.84 4.03
N GLY A 141 -23.63 -9.01 3.10
CA GLY A 141 -24.04 -9.15 1.72
C GLY A 141 -23.36 -10.31 1.02
ZN ZN B . 8.38 -5.44 -2.49
N GLY A 1 6.43 32.85 18.98
CA GLY A 1 5.38 32.34 18.12
C GLY A 1 5.91 31.76 16.82
N SER A 2 5.64 30.48 16.60
CA SER A 2 6.10 29.81 15.40
C SER A 2 4.92 29.22 14.61
N SER A 3 5.14 28.98 13.32
CA SER A 3 4.10 28.43 12.47
C SER A 3 4.69 27.85 11.19
N GLY A 4 3.96 26.93 10.56
CA GLY A 4 4.43 26.31 9.34
C GLY A 4 4.01 24.86 9.23
N SER A 5 2.73 24.64 8.95
CA SER A 5 2.21 23.28 8.82
C SER A 5 1.49 23.10 7.49
N SER A 6 1.84 22.04 6.77
CA SER A 6 1.23 21.76 5.47
C SER A 6 0.70 20.33 5.43
N GLY A 7 -0.20 20.08 4.48
CA GLY A 7 -0.78 18.75 4.35
C GLY A 7 -2.29 18.80 4.13
N LYS A 8 -2.71 19.58 3.14
CA LYS A 8 -4.13 19.71 2.83
C LYS A 8 -4.48 18.95 1.55
N ALA A 9 -4.74 17.65 1.69
CA ALA A 9 -5.08 16.83 0.54
C ALA A 9 -5.95 17.59 -0.46
N GLN A 10 -6.98 18.26 0.04
CA GLN A 10 -7.88 19.02 -0.81
C GLN A 10 -7.09 19.94 -1.74
N LYS A 11 -6.09 20.61 -1.18
CA LYS A 11 -5.25 21.53 -1.95
C LYS A 11 -4.33 20.76 -2.89
N LEU A 12 -3.78 19.66 -2.40
CA LEU A 12 -2.88 18.83 -3.19
C LEU A 12 -3.66 17.87 -4.08
N ASN A 13 -4.63 18.41 -4.82
CA ASN A 13 -5.46 17.60 -5.72
C ASN A 13 -5.56 18.25 -7.09
N GLU A 14 -4.72 17.77 -8.03
CA GLU A 14 -4.73 18.30 -9.38
C GLU A 14 -5.06 17.21 -10.39
N GLN A 15 -4.26 16.15 -10.39
CA GLN A 15 -4.47 15.02 -11.31
C GLN A 15 -3.95 13.73 -10.70
N HIS A 16 -4.75 12.68 -10.80
CA HIS A 16 -4.37 11.37 -10.27
C HIS A 16 -2.89 11.09 -10.51
N GLN A 17 -2.52 11.00 -11.79
CA GLN A 17 -1.13 10.73 -12.16
C GLN A 17 -0.17 11.44 -11.21
N LEU A 18 -0.15 12.76 -11.26
CA LEU A 18 0.73 13.55 -10.40
C LEU A 18 0.61 13.11 -8.94
N ILE A 19 -0.59 13.20 -8.40
CA ILE A 19 -0.84 12.80 -7.02
C ILE A 19 -0.05 11.55 -6.66
N LEU A 20 -0.30 10.47 -7.40
CA LEU A 20 0.38 9.20 -7.17
C LEU A 20 1.87 9.43 -6.90
N SER A 21 2.48 10.32 -7.70
CA SER A 21 3.90 10.62 -7.55
C SER A 21 4.16 11.37 -6.24
N LYS A 22 3.26 12.27 -5.89
CA LYS A 22 3.38 13.04 -4.66
C LYS A 22 3.43 12.13 -3.44
N LEU A 23 2.67 11.05 -3.49
CA LEU A 23 2.63 10.09 -2.39
C LEU A 23 3.95 9.33 -2.28
N LEU A 24 4.48 8.91 -3.41
CA LEU A 24 5.74 8.18 -3.46
C LEU A 24 6.87 8.99 -2.81
N ARG A 25 6.93 10.27 -3.16
CA ARG A 25 7.96 11.16 -2.62
C ARG A 25 8.03 11.04 -1.10
N GLU A 26 6.89 10.77 -0.48
CA GLU A 26 6.83 10.62 0.97
C GLU A 26 7.60 9.39 1.44
N GLU A 27 8.38 9.56 2.50
CA GLU A 27 9.18 8.47 3.05
C GLU A 27 8.31 7.24 3.30
N ASP A 28 7.05 7.47 3.64
CA ASP A 28 6.11 6.38 3.90
C ASP A 28 5.94 5.50 2.67
N ASN A 29 6.00 6.13 1.50
CA ASN A 29 5.86 5.40 0.23
C ASN A 29 7.14 5.48 -0.59
N LYS A 30 8.26 5.64 0.08
CA LYS A 30 9.55 5.74 -0.58
C LYS A 30 10.10 4.34 -0.90
N TYR A 31 9.56 3.34 -0.23
CA TYR A 31 9.99 1.96 -0.43
C TYR A 31 8.80 1.00 -0.38
N CYS A 32 9.02 -0.22 -0.87
CA CYS A 32 7.97 -1.22 -0.88
C CYS A 32 7.33 -1.38 0.50
N ALA A 33 6.10 -1.86 0.52
CA ALA A 33 5.38 -2.04 1.78
C ALA A 33 5.66 -3.43 2.37
N ASP A 34 6.57 -4.15 1.75
CA ASP A 34 6.94 -5.49 2.21
C ASP A 34 8.46 -5.65 2.25
N CYS A 35 9.09 -5.52 1.08
CA CYS A 35 10.53 -5.65 0.98
C CYS A 35 11.23 -4.29 1.07
N GLU A 36 10.44 -3.26 1.37
CA GLU A 36 10.97 -1.91 1.49
C GLU A 36 12.01 -1.64 0.41
N ALA A 37 11.78 -2.19 -0.78
CA ALA A 37 12.70 -2.01 -1.90
C ALA A 37 12.82 -0.53 -2.27
N LYS A 38 14.00 -0.16 -2.78
CA LYS A 38 14.25 1.23 -3.17
C LYS A 38 13.68 1.51 -4.55
N GLY A 39 12.59 2.28 -4.60
CA GLY A 39 11.96 2.61 -5.86
C GLY A 39 10.69 1.82 -6.11
N PRO A 40 9.68 2.03 -5.24
CA PRO A 40 8.40 1.35 -5.34
C PRO A 40 7.58 1.81 -6.55
N ARG A 41 7.89 1.26 -7.71
CA ARG A 41 7.19 1.62 -8.94
C ARG A 41 5.73 1.16 -8.89
N TRP A 42 5.52 -0.15 -8.97
CA TRP A 42 4.17 -0.71 -8.94
C TRP A 42 3.45 -0.30 -7.65
N ALA A 43 2.15 -0.56 -7.62
CA ALA A 43 1.33 -0.22 -6.45
C ALA A 43 -0.01 -0.92 -6.49
N SER A 44 -0.42 -1.46 -5.34
CA SER A 44 -1.69 -2.17 -5.25
C SER A 44 -2.78 -1.27 -4.68
N TRP A 45 -3.69 -0.82 -5.55
CA TRP A 45 -4.78 0.05 -5.15
C TRP A 45 -5.75 -0.69 -4.24
N ASN A 46 -6.25 -1.83 -4.72
CA ASN A 46 -7.20 -2.64 -3.95
C ASN A 46 -6.90 -2.54 -2.45
N ILE A 47 -5.61 -2.57 -2.11
CA ILE A 47 -5.20 -2.48 -0.71
C ILE A 47 -4.85 -1.05 -0.32
N GLY A 48 -4.11 -0.37 -1.19
CA GLY A 48 -3.72 1.00 -0.91
C GLY A 48 -2.30 1.12 -0.42
N VAL A 49 -1.39 0.36 -1.03
CA VAL A 49 0.02 0.38 -0.65
C VAL A 49 0.92 0.28 -1.87
N PHE A 50 2.07 0.94 -1.81
CA PHE A 50 3.02 0.93 -2.91
C PHE A 50 4.02 -0.22 -2.76
N ILE A 51 4.09 -1.06 -3.78
CA ILE A 51 5.00 -2.20 -3.77
C ILE A 51 5.86 -2.24 -5.03
N CYS A 52 6.90 -3.07 -5.00
CA CYS A 52 7.81 -3.19 -6.14
C CYS A 52 7.25 -4.19 -7.16
N ILE A 53 8.01 -4.41 -8.23
CA ILE A 53 7.60 -5.33 -9.28
C ILE A 53 7.68 -6.78 -8.80
N ARG A 54 8.69 -7.06 -7.98
CA ARG A 54 8.88 -8.41 -7.45
C ARG A 54 7.66 -8.86 -6.66
N CYS A 55 7.36 -8.15 -5.57
CA CYS A 55 6.21 -8.48 -4.74
C CYS A 55 4.93 -8.51 -5.56
N ALA A 56 4.75 -7.51 -6.42
CA ALA A 56 3.56 -7.42 -7.26
C ALA A 56 3.25 -8.78 -7.89
N GLY A 57 4.23 -9.37 -8.54
CA GLY A 57 4.03 -10.65 -9.19
C GLY A 57 3.30 -11.64 -8.29
N ILE A 58 3.64 -11.63 -7.01
CA ILE A 58 3.00 -12.53 -6.05
C ILE A 58 1.57 -12.08 -5.72
N HIS A 59 1.39 -10.76 -5.65
CA HIS A 59 0.08 -10.19 -5.35
C HIS A 59 -0.96 -10.65 -6.37
N ARG A 60 -0.57 -10.66 -7.64
CA ARG A 60 -1.47 -11.08 -8.71
C ARG A 60 -2.00 -12.49 -8.46
N ASN A 61 -1.11 -13.38 -8.03
CA ASN A 61 -1.49 -14.76 -7.75
C ASN A 61 -2.64 -14.82 -6.75
N LEU A 62 -2.52 -14.06 -5.67
CA LEU A 62 -3.54 -14.03 -4.63
C LEU A 62 -4.93 -14.18 -5.25
N GLY A 63 -5.21 -13.40 -6.29
CA GLY A 63 -6.50 -13.46 -6.94
C GLY A 63 -7.11 -12.10 -7.16
N VAL A 64 -7.81 -11.92 -8.28
CA VAL A 64 -8.45 -10.66 -8.60
C VAL A 64 -9.41 -10.23 -7.50
N HIS A 65 -9.78 -11.18 -6.64
CA HIS A 65 -10.70 -10.90 -5.55
C HIS A 65 -9.95 -10.44 -4.31
N ILE A 66 -8.69 -10.87 -4.20
CA ILE A 66 -7.86 -10.51 -3.06
C ILE A 66 -7.08 -9.23 -3.33
N SER A 67 -6.46 -9.14 -4.50
CA SER A 67 -5.69 -7.97 -4.89
C SER A 67 -5.59 -7.86 -6.40
N ARG A 68 -5.56 -6.63 -6.90
CA ARG A 68 -5.46 -6.38 -8.34
C ARG A 68 -4.26 -5.51 -8.65
N VAL A 69 -3.13 -6.14 -8.97
CA VAL A 69 -1.91 -5.41 -9.30
C VAL A 69 -2.05 -4.67 -10.62
N LYS A 70 -1.59 -3.43 -10.65
CA LYS A 70 -1.66 -2.62 -11.86
C LYS A 70 -0.60 -1.53 -11.85
N SER A 71 -0.12 -1.15 -13.03
CA SER A 71 0.90 -0.12 -13.16
C SER A 71 0.37 1.24 -12.71
N VAL A 72 1.15 1.94 -11.89
CA VAL A 72 0.75 3.25 -11.40
C VAL A 72 0.58 4.25 -12.55
N ASN A 73 1.42 4.10 -13.57
CA ASN A 73 1.37 4.98 -14.73
C ASN A 73 0.91 4.22 -15.98
N LEU A 74 1.75 3.30 -16.44
CA LEU A 74 1.43 2.51 -17.61
C LEU A 74 -0.06 2.14 -17.65
N ASP A 75 -0.63 1.93 -16.47
CA ASP A 75 -2.04 1.58 -16.36
C ASP A 75 -2.90 2.81 -16.14
N GLN A 76 -4.19 2.70 -16.43
CA GLN A 76 -5.11 3.82 -16.26
C GLN A 76 -5.82 3.74 -14.91
N TRP A 77 -5.62 4.75 -14.08
CA TRP A 77 -6.25 4.79 -12.76
C TRP A 77 -7.48 5.69 -12.77
N THR A 78 -8.29 5.59 -11.72
CA THR A 78 -9.50 6.38 -11.61
C THR A 78 -9.63 7.02 -10.23
N ALA A 79 -10.30 8.16 -10.16
CA ALA A 79 -10.48 8.87 -8.90
C ALA A 79 -10.69 7.89 -7.75
N GLU A 80 -11.59 6.94 -7.95
CA GLU A 80 -11.88 5.94 -6.93
C GLU A 80 -10.60 5.26 -6.45
N GLN A 81 -9.81 4.77 -7.39
CA GLN A 81 -8.56 4.10 -7.07
C GLN A 81 -7.59 5.05 -6.37
N ILE A 82 -7.75 6.34 -6.64
CA ILE A 82 -6.89 7.37 -6.03
C ILE A 82 -7.35 7.70 -4.62
N GLN A 83 -8.65 7.55 -4.37
CA GLN A 83 -9.20 7.84 -3.06
C GLN A 83 -8.71 6.84 -2.02
N CYS A 84 -8.41 5.62 -2.48
CA CYS A 84 -7.93 4.57 -1.59
C CYS A 84 -6.44 4.73 -1.32
N MET A 85 -5.68 5.03 -2.37
CA MET A 85 -4.23 5.21 -2.24
C MET A 85 -3.91 6.15 -1.09
N GLN A 86 -4.68 7.23 -0.97
CA GLN A 86 -4.46 8.21 0.08
C GLN A 86 -5.10 7.75 1.39
N ASP A 87 -6.41 7.54 1.36
CA ASP A 87 -7.15 7.10 2.54
C ASP A 87 -6.37 6.00 3.28
N MET A 88 -5.77 5.10 2.52
CA MET A 88 -5.00 4.00 3.10
C MET A 88 -3.52 4.32 3.09
N GLY A 89 -2.91 4.24 1.91
CA GLY A 89 -1.49 4.52 1.78
C GLY A 89 -0.63 3.50 2.50
N ASN A 90 0.62 3.85 2.74
CA ASN A 90 1.55 2.95 3.44
C ASN A 90 1.65 3.30 4.92
N THR A 91 1.42 4.57 5.24
CA THR A 91 1.48 5.03 6.61
C THR A 91 0.48 4.29 7.49
N LYS A 92 -0.73 4.12 6.97
CA LYS A 92 -1.79 3.42 7.71
C LYS A 92 -1.72 1.92 7.45
N ALA A 93 -1.39 1.54 6.23
CA ALA A 93 -1.30 0.14 5.85
C ALA A 93 -0.24 -0.58 6.69
N ARG A 94 0.83 0.12 7.01
CA ARG A 94 1.91 -0.45 7.82
C ARG A 94 1.47 -0.62 9.27
N LEU A 95 0.88 0.44 9.82
CA LEU A 95 0.42 0.41 11.20
C LEU A 95 -0.76 -0.55 11.37
N LEU A 96 -1.33 -0.96 10.24
CA LEU A 96 -2.47 -1.88 10.27
C LEU A 96 -2.01 -3.32 10.04
N TYR A 97 -1.52 -3.61 8.84
CA TYR A 97 -1.05 -4.93 8.49
C TYR A 97 0.22 -5.28 9.28
N GLU A 98 1.18 -4.36 9.27
CA GLU A 98 2.44 -4.57 9.97
C GLU A 98 2.36 -4.04 11.41
N ALA A 99 1.19 -4.22 12.02
CA ALA A 99 0.98 -3.77 13.39
C ALA A 99 1.20 -4.89 14.39
N ASN A 100 0.69 -6.07 14.07
CA ASN A 100 0.83 -7.24 14.93
C ASN A 100 2.10 -8.01 14.60
N LEU A 101 3.06 -7.33 13.98
CA LEU A 101 4.32 -7.95 13.61
C LEU A 101 5.05 -8.51 14.83
N PRO A 102 5.86 -9.55 14.62
CA PRO A 102 6.62 -10.19 15.70
C PRO A 102 7.74 -9.29 16.23
N GLU A 103 8.05 -9.45 17.51
CA GLU A 103 9.11 -8.65 18.13
C GLU A 103 10.40 -8.73 17.33
N ASN A 104 10.78 -9.93 16.93
CA ASN A 104 12.00 -10.14 16.15
C ASN A 104 11.69 -10.19 14.66
N PHE A 105 10.75 -9.34 14.22
CA PHE A 105 10.36 -9.30 12.82
C PHE A 105 11.55 -8.95 11.94
N ARG A 106 11.56 -9.50 10.72
CA ARG A 106 12.64 -9.25 9.78
C ARG A 106 12.16 -9.40 8.34
N ARG A 107 12.18 -8.30 7.59
CA ARG A 107 11.75 -8.31 6.20
C ARG A 107 12.45 -9.41 5.42
N PRO A 108 11.66 -10.28 4.77
CA PRO A 108 12.19 -11.39 3.97
C PRO A 108 12.88 -10.91 2.69
N GLN A 109 14.00 -11.54 2.36
CA GLN A 109 14.75 -11.18 1.16
C GLN A 109 14.53 -12.21 0.05
N THR A 110 14.50 -13.48 0.43
CA THR A 110 14.31 -14.56 -0.54
C THR A 110 12.82 -14.74 -0.86
N ASP A 111 12.50 -14.70 -2.15
CA ASP A 111 11.12 -14.86 -2.60
C ASP A 111 10.43 -16.00 -1.84
N GLN A 112 11.08 -17.16 -1.81
CA GLN A 112 10.53 -18.31 -1.13
C GLN A 112 9.80 -17.90 0.15
N ALA A 113 10.32 -16.88 0.81
CA ALA A 113 9.72 -16.38 2.04
C ALA A 113 8.81 -15.19 1.77
N VAL A 114 9.33 -14.22 1.03
CA VAL A 114 8.57 -13.02 0.69
C VAL A 114 7.17 -13.38 0.18
N GLU A 115 7.12 -14.07 -0.95
CA GLU A 115 5.85 -14.47 -1.54
C GLU A 115 4.84 -14.84 -0.46
N PHE A 116 5.22 -15.81 0.38
CA PHE A 116 4.35 -16.26 1.46
C PHE A 116 3.99 -15.11 2.39
N PHE A 117 5.01 -14.48 2.97
CA PHE A 117 4.80 -13.37 3.89
C PHE A 117 3.64 -12.50 3.43
N ILE A 118 3.69 -12.06 2.17
CA ILE A 118 2.64 -11.23 1.62
C ILE A 118 1.30 -11.96 1.60
N ARG A 119 1.34 -13.26 1.32
CA ARG A 119 0.13 -14.07 1.28
C ARG A 119 -0.46 -14.22 2.68
N ASP A 120 0.32 -14.79 3.59
CA ASP A 120 -0.14 -14.99 4.96
C ASP A 120 -0.36 -13.66 5.66
N LYS A 121 0.07 -12.58 5.02
CA LYS A 121 -0.09 -11.24 5.58
C LYS A 121 -1.36 -10.57 5.06
N TYR A 122 -1.60 -10.71 3.76
CA TYR A 122 -2.78 -10.12 3.14
C TYR A 122 -3.85 -11.17 2.89
N GLU A 123 -3.44 -12.29 2.33
CA GLU A 123 -4.37 -13.39 2.04
C GLU A 123 -4.95 -13.96 3.32
N LYS A 124 -4.10 -14.52 4.16
CA LYS A 124 -4.54 -15.11 5.42
C LYS A 124 -4.88 -14.02 6.44
N LYS A 125 -4.27 -12.86 6.27
CA LYS A 125 -4.51 -11.73 7.16
C LYS A 125 -4.10 -12.08 8.59
N LYS A 126 -2.98 -12.77 8.73
CA LYS A 126 -2.46 -13.16 10.03
C LYS A 126 -2.16 -11.93 10.88
N TYR A 127 -1.10 -11.21 10.52
CA TYR A 127 -0.69 -10.02 11.24
C TYR A 127 -1.73 -8.91 11.09
N TYR A 128 -2.57 -9.03 10.06
CA TYR A 128 -3.61 -8.04 9.80
C TYR A 128 -4.37 -7.70 11.08
N ASP A 129 -4.30 -6.44 11.48
CA ASP A 129 -4.99 -5.98 12.69
C ASP A 129 -6.40 -5.52 12.36
N LYS A 130 -7.39 -6.23 12.89
CA LYS A 130 -8.79 -5.89 12.65
C LYS A 130 -9.30 -4.93 13.72
N ASN A 131 -8.87 -5.14 14.96
CA ASN A 131 -9.28 -4.29 16.08
C ASN A 131 -9.19 -2.82 15.70
N ALA A 132 -8.10 -2.45 15.03
CA ALA A 132 -7.90 -1.07 14.60
C ALA A 132 -9.21 -0.41 14.21
N ILE A 133 -10.07 -1.17 13.53
CA ILE A 133 -11.36 -0.66 13.09
C ILE A 133 -12.47 -1.07 14.06
N ALA A 134 -12.38 -0.58 15.29
CA ALA A 134 -13.38 -0.89 16.31
C ALA A 134 -13.50 0.25 17.32
N ILE A 135 -14.58 0.23 18.10
CA ILE A 135 -14.81 1.26 19.11
C ILE A 135 -14.04 0.96 20.39
N SER A 136 -13.32 1.96 20.89
CA SER A 136 -12.55 1.80 22.11
C SER A 136 -13.35 1.06 23.18
N GLY A 137 -12.67 0.18 23.91
CA GLY A 137 -13.33 -0.58 24.96
C GLY A 137 -13.31 0.12 26.29
N PRO A 138 -13.47 -0.65 27.37
CA PRO A 138 -13.48 -0.10 28.74
C PRO A 138 -12.09 0.38 29.17
N SER A 139 -12.08 1.47 29.93
CA SER A 139 -10.82 2.04 30.41
C SER A 139 -10.89 2.32 31.92
N SER A 140 -9.75 2.16 32.59
CA SER A 140 -9.68 2.39 34.03
C SER A 140 -8.71 3.53 34.35
N GLY A 141 -7.51 3.44 33.79
CA GLY A 141 -6.51 4.47 34.03
C GLY A 141 -5.11 3.89 34.18
ZN ZN B . 8.53 -5.50 -2.74
N GLY A 1 15.03 14.82 8.58
CA GLY A 1 14.64 15.18 7.23
C GLY A 1 14.06 16.57 7.14
N SER A 2 14.35 17.27 6.05
CA SER A 2 13.86 18.63 5.85
C SER A 2 12.44 18.61 5.30
N SER A 3 11.48 19.03 6.13
CA SER A 3 10.08 19.06 5.73
C SER A 3 9.53 20.48 5.80
N GLY A 4 8.67 20.83 4.83
CA GLY A 4 8.08 22.15 4.79
C GLY A 4 7.11 22.33 3.65
N SER A 5 6.06 21.51 3.65
CA SER A 5 5.04 21.57 2.61
C SER A 5 3.66 21.79 3.20
N SER A 6 3.07 22.95 2.90
CA SER A 6 1.74 23.28 3.42
C SER A 6 0.92 24.01 2.35
N GLY A 7 -0.20 23.40 1.96
CA GLY A 7 -1.06 24.00 0.96
C GLY A 7 -2.43 23.36 0.92
N LYS A 8 -3.00 23.27 -0.29
CA LYS A 8 -4.32 22.67 -0.46
C LYS A 8 -4.27 21.49 -1.41
N ALA A 9 -4.13 20.28 -0.85
CA ALA A 9 -4.05 19.08 -1.65
C ALA A 9 -5.45 18.58 -2.01
N GLN A 10 -6.30 18.40 -1.00
CA GLN A 10 -7.66 17.93 -1.22
C GLN A 10 -8.28 18.61 -2.43
N LYS A 11 -7.95 19.88 -2.63
CA LYS A 11 -8.47 20.65 -3.76
C LYS A 11 -7.65 20.39 -5.01
N LEU A 12 -6.33 20.45 -4.88
CA LEU A 12 -5.43 20.21 -6.00
C LEU A 12 -5.26 18.73 -6.28
N ASN A 13 -6.38 18.00 -6.26
CA ASN A 13 -6.36 16.56 -6.50
C ASN A 13 -7.01 16.23 -7.84
N GLU A 14 -6.70 17.03 -8.86
CA GLU A 14 -7.27 16.82 -10.19
C GLU A 14 -6.31 16.02 -11.06
N GLN A 15 -5.03 16.38 -11.03
CA GLN A 15 -4.02 15.70 -11.82
C GLN A 15 -3.62 14.39 -11.16
N HIS A 16 -4.34 13.32 -11.50
CA HIS A 16 -4.06 12.00 -10.94
C HIS A 16 -2.56 11.70 -10.98
N GLN A 17 -2.03 11.53 -12.18
CA GLN A 17 -0.61 11.24 -12.35
C GLN A 17 0.23 11.98 -11.30
N LEU A 18 0.04 13.29 -11.23
CA LEU A 18 0.77 14.12 -10.27
C LEU A 18 0.59 13.59 -8.84
N ILE A 19 -0.66 13.43 -8.43
CA ILE A 19 -0.97 12.93 -7.10
C ILE A 19 -0.19 11.66 -6.79
N LEU A 20 -0.44 10.62 -7.58
CA LEU A 20 0.24 9.35 -7.39
C LEU A 20 1.72 9.55 -7.10
N SER A 21 2.35 10.46 -7.84
CA SER A 21 3.77 10.75 -7.66
C SER A 21 4.01 11.39 -6.30
N LYS A 22 3.12 12.30 -5.90
CA LYS A 22 3.25 12.99 -4.63
C LYS A 22 3.33 11.99 -3.48
N LEU A 23 2.49 10.96 -3.52
CA LEU A 23 2.47 9.94 -2.49
C LEU A 23 3.84 9.28 -2.35
N LEU A 24 4.40 8.86 -3.48
CA LEU A 24 5.71 8.21 -3.50
C LEU A 24 6.77 9.12 -2.88
N ARG A 25 6.72 10.40 -3.21
CA ARG A 25 7.67 11.36 -2.69
C ARG A 25 7.72 11.31 -1.17
N GLU A 26 6.54 11.25 -0.55
CA GLU A 26 6.45 11.19 0.91
C GLU A 26 7.46 10.22 1.48
N GLU A 27 7.79 10.39 2.76
CA GLU A 27 8.74 9.51 3.43
C GLU A 27 8.06 8.26 3.96
N ASP A 28 6.95 7.90 3.34
CA ASP A 28 6.19 6.71 3.75
C ASP A 28 6.10 5.71 2.60
N ASN A 29 5.95 6.22 1.38
CA ASN A 29 5.84 5.37 0.20
C ASN A 29 7.13 5.41 -0.61
N LYS A 30 8.24 5.67 0.06
CA LYS A 30 9.54 5.74 -0.61
C LYS A 30 10.02 4.34 -0.99
N TYR A 31 9.57 3.33 -0.25
CA TYR A 31 9.95 1.96 -0.51
C TYR A 31 8.74 1.04 -0.49
N CYS A 32 8.95 -0.23 -0.82
CA CYS A 32 7.88 -1.22 -0.83
C CYS A 32 7.26 -1.37 0.56
N ALA A 33 6.09 -2.00 0.61
CA ALA A 33 5.40 -2.21 1.88
C ALA A 33 5.70 -3.60 2.43
N ASP A 34 6.45 -4.39 1.67
CA ASP A 34 6.80 -5.75 2.09
C ASP A 34 8.32 -5.91 2.16
N CYS A 35 9.00 -5.59 1.07
CA CYS A 35 10.45 -5.70 1.01
C CYS A 35 11.11 -4.32 1.06
N GLU A 36 10.31 -3.30 1.34
CA GLU A 36 10.81 -1.94 1.41
C GLU A 36 11.88 -1.69 0.36
N ALA A 37 11.65 -2.25 -0.84
CA ALA A 37 12.59 -2.08 -1.94
C ALA A 37 12.78 -0.62 -2.29
N LYS A 38 13.92 -0.30 -2.90
CA LYS A 38 14.22 1.07 -3.30
C LYS A 38 13.65 1.38 -4.67
N GLY A 39 12.58 2.17 -4.69
CA GLY A 39 11.95 2.53 -5.95
C GLY A 39 10.70 1.73 -6.23
N PRO A 40 9.68 1.89 -5.38
CA PRO A 40 8.41 1.18 -5.51
C PRO A 40 7.60 1.65 -6.71
N ARG A 41 7.88 1.07 -7.88
CA ARG A 41 7.18 1.43 -9.10
C ARG A 41 5.72 0.99 -9.05
N TRP A 42 5.50 -0.31 -8.98
CA TRP A 42 4.14 -0.87 -8.92
C TRP A 42 3.42 -0.38 -7.66
N ALA A 43 2.10 -0.51 -7.67
CA ALA A 43 1.29 -0.08 -6.54
C ALA A 43 -0.08 -0.75 -6.56
N SER A 44 -0.39 -1.51 -5.51
CA SER A 44 -1.67 -2.20 -5.42
C SER A 44 -2.77 -1.26 -4.95
N TRP A 45 -3.58 -0.79 -5.89
CA TRP A 45 -4.68 0.12 -5.57
C TRP A 45 -5.72 -0.57 -4.71
N ASN A 46 -6.13 -1.76 -5.11
CA ASN A 46 -7.13 -2.53 -4.38
C ASN A 46 -6.86 -2.48 -2.88
N ILE A 47 -5.59 -2.54 -2.51
CA ILE A 47 -5.18 -2.50 -1.11
C ILE A 47 -4.95 -1.07 -0.65
N GLY A 48 -4.14 -0.34 -1.42
CA GLY A 48 -3.85 1.04 -1.07
C GLY A 48 -2.41 1.23 -0.59
N VAL A 49 -1.48 0.57 -1.27
CA VAL A 49 -0.08 0.67 -0.92
C VAL A 49 0.82 0.46 -2.14
N PHE A 50 2.01 1.06 -2.10
CA PHE A 50 2.96 0.94 -3.21
C PHE A 50 3.92 -0.21 -2.97
N ILE A 51 4.01 -1.11 -3.94
CA ILE A 51 4.89 -2.27 -3.85
C ILE A 51 5.80 -2.36 -5.07
N CYS A 52 6.80 -3.24 -4.99
CA CYS A 52 7.74 -3.43 -6.09
C CYS A 52 7.19 -4.43 -7.11
N ILE A 53 7.95 -4.65 -8.17
CA ILE A 53 7.55 -5.59 -9.21
C ILE A 53 7.60 -7.03 -8.72
N ARG A 54 8.62 -7.33 -7.92
CA ARG A 54 8.81 -8.67 -7.37
C ARG A 54 7.56 -9.11 -6.60
N CYS A 55 7.24 -8.38 -5.54
CA CYS A 55 6.08 -8.69 -4.71
C CYS A 55 4.80 -8.69 -5.55
N ALA A 56 4.71 -7.73 -6.46
CA ALA A 56 3.53 -7.61 -7.33
C ALA A 56 3.17 -8.97 -7.93
N GLY A 57 4.14 -9.62 -8.56
CA GLY A 57 3.90 -10.90 -9.17
C GLY A 57 3.21 -11.87 -8.23
N ILE A 58 3.60 -11.84 -6.97
CA ILE A 58 3.01 -12.72 -5.96
C ILE A 58 1.59 -12.29 -5.62
N HIS A 59 1.39 -10.98 -5.48
CA HIS A 59 0.07 -10.44 -5.16
C HIS A 59 -0.99 -10.98 -6.12
N ARG A 60 -0.73 -10.86 -7.41
CA ARG A 60 -1.66 -11.34 -8.43
C ARG A 60 -2.17 -12.73 -8.08
N ASN A 61 -1.25 -13.64 -7.79
CA ASN A 61 -1.60 -15.02 -7.46
C ASN A 61 -2.70 -15.04 -6.39
N LEU A 62 -2.51 -14.27 -5.34
CA LEU A 62 -3.49 -14.20 -4.25
C LEU A 62 -4.91 -14.30 -4.79
N GLY A 63 -5.23 -13.43 -5.76
CA GLY A 63 -6.56 -13.44 -6.34
C GLY A 63 -7.10 -12.04 -6.55
N VAL A 64 -7.74 -11.82 -7.71
CA VAL A 64 -8.31 -10.52 -8.02
C VAL A 64 -9.19 -10.01 -6.88
N HIS A 65 -9.75 -10.94 -6.11
CA HIS A 65 -10.61 -10.59 -4.99
C HIS A 65 -9.78 -10.08 -3.82
N ILE A 66 -8.55 -10.55 -3.71
CA ILE A 66 -7.65 -10.14 -2.63
C ILE A 66 -6.87 -8.89 -3.02
N SER A 67 -6.13 -8.97 -4.12
CA SER A 67 -5.33 -7.85 -4.60
C SER A 67 -5.20 -7.88 -6.11
N ARG A 68 -5.48 -6.75 -6.74
CA ARG A 68 -5.40 -6.64 -8.20
C ARG A 68 -4.21 -5.77 -8.62
N VAL A 69 -3.02 -6.34 -8.55
CA VAL A 69 -1.80 -5.62 -8.92
C VAL A 69 -2.03 -4.78 -10.17
N LYS A 70 -1.62 -3.51 -10.11
CA LYS A 70 -1.78 -2.59 -11.23
C LYS A 70 -0.54 -1.73 -11.40
N SER A 71 -0.47 -1.01 -12.51
CA SER A 71 0.66 -0.14 -12.80
C SER A 71 0.30 1.32 -12.53
N VAL A 72 1.21 2.04 -11.87
CA VAL A 72 0.98 3.45 -11.56
C VAL A 72 1.04 4.30 -12.83
N ASN A 73 2.11 4.16 -13.59
CA ASN A 73 2.28 4.92 -14.83
C ASN A 73 1.67 4.17 -16.01
N LEU A 74 2.28 3.05 -16.39
CA LEU A 74 1.79 2.25 -17.50
C LEU A 74 0.27 2.33 -17.61
N ASP A 75 -0.41 2.14 -16.48
CA ASP A 75 -1.86 2.20 -16.45
C ASP A 75 -2.34 3.54 -15.90
N GLN A 76 -3.62 3.85 -16.14
CA GLN A 76 -4.20 5.10 -15.68
C GLN A 76 -4.96 4.90 -14.38
N TRP A 77 -5.20 5.99 -13.65
CA TRP A 77 -5.92 5.92 -12.39
C TRP A 77 -7.06 6.94 -12.36
N THR A 78 -8.17 6.56 -11.75
CA THR A 78 -9.33 7.45 -11.65
C THR A 78 -9.49 7.98 -10.23
N ALA A 79 -10.15 9.13 -10.11
CA ALA A 79 -10.37 9.76 -8.82
C ALA A 79 -10.73 8.72 -7.77
N GLU A 80 -11.64 7.81 -8.11
CA GLU A 80 -12.07 6.77 -7.20
C GLU A 80 -10.87 6.06 -6.56
N GLN A 81 -10.08 5.40 -7.40
CA GLN A 81 -8.89 4.69 -6.91
C GLN A 81 -7.89 5.65 -6.29
N ILE A 82 -7.63 6.76 -6.97
CA ILE A 82 -6.70 7.76 -6.48
C ILE A 82 -6.98 8.11 -5.02
N GLN A 83 -8.21 8.51 -4.74
CA GLN A 83 -8.61 8.87 -3.38
C GLN A 83 -8.24 7.76 -2.40
N CYS A 84 -8.51 6.52 -2.78
CA CYS A 84 -8.20 5.38 -1.93
C CYS A 84 -6.74 5.40 -1.49
N MET A 85 -5.85 5.68 -2.43
CA MET A 85 -4.41 5.74 -2.14
C MET A 85 -4.14 6.64 -0.94
N GLN A 86 -4.55 7.90 -1.05
CA GLN A 86 -4.35 8.86 0.03
C GLN A 86 -5.01 8.39 1.31
N ASP A 87 -6.25 7.93 1.19
CA ASP A 87 -7.01 7.45 2.35
C ASP A 87 -6.23 6.36 3.08
N MET A 88 -5.99 5.24 2.39
CA MET A 88 -5.26 4.13 2.98
C MET A 88 -3.76 4.43 3.04
N GLY A 89 -3.11 4.40 1.88
CA GLY A 89 -1.69 4.68 1.83
C GLY A 89 -0.88 3.72 2.68
N ASN A 90 0.43 3.77 2.54
CA ASN A 90 1.33 2.91 3.30
C ASN A 90 1.23 3.22 4.80
N THR A 91 1.26 4.51 5.14
CA THR A 91 1.19 4.94 6.52
C THR A 91 0.28 4.02 7.33
N LYS A 92 -1.01 4.05 7.03
CA LYS A 92 -1.98 3.22 7.73
C LYS A 92 -1.71 1.74 7.48
N ALA A 93 -1.60 1.37 6.21
CA ALA A 93 -1.34 -0.02 5.84
C ALA A 93 -0.41 -0.70 6.84
N ARG A 94 0.56 0.07 7.35
CA ARG A 94 1.52 -0.44 8.32
C ARG A 94 0.87 -0.61 9.69
N LEU A 95 0.11 0.40 10.10
CA LEU A 95 -0.56 0.38 11.39
C LEU A 95 -1.70 -0.65 11.39
N LEU A 96 -1.98 -1.22 10.23
CA LEU A 96 -3.03 -2.22 10.10
C LEU A 96 -2.43 -3.60 9.83
N TYR A 97 -1.75 -3.74 8.69
CA TYR A 97 -1.14 -5.00 8.31
C TYR A 97 0.10 -5.28 9.14
N GLU A 98 0.95 -4.26 9.28
CA GLU A 98 2.18 -4.37 10.05
C GLU A 98 1.95 -4.03 11.51
N ALA A 99 0.78 -4.39 12.03
CA ALA A 99 0.43 -4.11 13.41
C ALA A 99 0.66 -5.34 14.29
N ASN A 100 0.28 -6.50 13.79
CA ASN A 100 0.44 -7.75 14.53
C ASN A 100 1.87 -8.27 14.40
N LEU A 101 2.77 -7.42 13.92
CA LEU A 101 4.16 -7.80 13.76
C LEU A 101 4.93 -7.66 15.06
N PRO A 102 5.88 -8.57 15.31
CA PRO A 102 6.70 -8.57 16.52
C PRO A 102 7.69 -7.42 16.55
N GLU A 103 7.98 -6.92 17.74
CA GLU A 103 8.92 -5.81 17.90
C GLU A 103 10.21 -6.08 17.12
N ASN A 104 10.70 -7.30 17.21
CA ASN A 104 11.92 -7.69 16.52
C ASN A 104 11.61 -8.46 15.24
N PHE A 105 10.63 -7.99 14.49
CA PHE A 105 10.22 -8.65 13.25
C PHE A 105 11.36 -8.61 12.23
N ARG A 106 11.27 -9.48 11.24
CA ARG A 106 12.29 -9.55 10.19
C ARG A 106 11.67 -9.89 8.84
N ARG A 107 11.97 -9.09 7.83
CA ARG A 107 11.44 -9.31 6.49
C ARG A 107 12.33 -10.26 5.70
N PRO A 108 11.71 -11.20 4.97
CA PRO A 108 12.42 -12.19 4.16
C PRO A 108 13.10 -11.55 2.94
N GLN A 109 14.36 -11.92 2.71
CA GLN A 109 15.11 -11.39 1.59
C GLN A 109 14.90 -12.25 0.34
N THR A 110 14.94 -13.57 0.52
CA THR A 110 14.76 -14.49 -0.59
C THR A 110 13.30 -14.56 -1.02
N ASP A 111 13.07 -14.55 -2.33
CA ASP A 111 11.71 -14.60 -2.87
C ASP A 111 10.93 -15.76 -2.24
N GLN A 112 11.47 -16.97 -2.36
CA GLN A 112 10.82 -18.15 -1.81
C GLN A 112 10.05 -17.81 -0.54
N ALA A 113 10.67 -17.01 0.34
CA ALA A 113 10.05 -16.61 1.59
C ALA A 113 9.09 -15.44 1.37
N VAL A 114 9.61 -14.35 0.83
CA VAL A 114 8.80 -13.16 0.56
C VAL A 114 7.40 -13.55 0.09
N GLU A 115 7.36 -14.30 -1.01
CA GLU A 115 6.08 -14.74 -1.58
C GLU A 115 5.13 -15.21 -0.48
N PHE A 116 5.60 -16.13 0.35
CA PHE A 116 4.81 -16.68 1.44
C PHE A 116 4.39 -15.57 2.41
N PHE A 117 5.38 -14.87 2.95
CA PHE A 117 5.12 -13.79 3.90
C PHE A 117 3.95 -12.93 3.43
N ILE A 118 4.04 -12.42 2.21
CA ILE A 118 2.99 -11.58 1.65
C ILE A 118 1.68 -12.35 1.54
N ARG A 119 1.77 -13.63 1.24
CA ARG A 119 0.60 -14.48 1.11
C ARG A 119 -0.13 -14.61 2.44
N ASP A 120 0.59 -15.09 3.45
CA ASP A 120 0.02 -15.27 4.78
C ASP A 120 -0.25 -13.91 5.44
N LYS A 121 0.32 -12.86 4.87
CA LYS A 121 0.16 -11.52 5.41
C LYS A 121 -1.11 -10.86 4.86
N TYR A 122 -1.31 -11.00 3.55
CA TYR A 122 -2.48 -10.42 2.89
C TYR A 122 -3.56 -11.48 2.68
N GLU A 123 -3.17 -12.60 2.07
CA GLU A 123 -4.11 -13.69 1.82
C GLU A 123 -4.70 -14.22 3.11
N LYS A 124 -3.87 -14.92 3.89
CA LYS A 124 -4.30 -15.49 5.16
C LYS A 124 -4.67 -14.39 6.15
N LYS A 125 -4.11 -13.20 5.94
CA LYS A 125 -4.38 -12.07 6.82
C LYS A 125 -3.91 -12.35 8.24
N LYS A 126 -2.85 -13.14 8.37
CA LYS A 126 -2.30 -13.49 9.67
C LYS A 126 -2.06 -12.24 10.51
N TYR A 127 -1.14 -11.40 10.05
CA TYR A 127 -0.81 -10.16 10.77
C TYR A 127 -1.80 -9.06 10.42
N TYR A 128 -3.07 -9.44 10.27
CA TYR A 128 -4.11 -8.48 9.94
C TYR A 128 -4.89 -8.08 11.19
N ASP A 129 -4.86 -6.80 11.52
CA ASP A 129 -5.57 -6.29 12.69
C ASP A 129 -6.97 -5.83 12.31
N LYS A 130 -7.97 -6.63 12.66
CA LYS A 130 -9.36 -6.29 12.36
C LYS A 130 -9.88 -5.20 13.31
N ASN A 131 -9.53 -5.32 14.58
CA ASN A 131 -9.96 -4.34 15.58
C ASN A 131 -9.94 -2.93 15.00
N ALA A 132 -8.87 -2.60 14.29
CA ALA A 132 -8.74 -1.27 13.68
C ALA A 132 -10.08 -0.78 13.16
N ILE A 133 -10.81 -1.66 12.48
CA ILE A 133 -12.11 -1.31 11.92
C ILE A 133 -12.15 0.15 11.49
N ALA A 134 -11.20 0.54 10.63
CA ALA A 134 -11.12 1.90 10.13
C ALA A 134 -11.06 1.93 8.61
N ILE A 135 -11.45 0.82 7.99
CA ILE A 135 -11.44 0.72 6.54
C ILE A 135 -12.27 1.83 5.89
N SER A 136 -12.15 1.95 4.57
CA SER A 136 -12.90 2.97 3.84
C SER A 136 -13.98 2.34 2.97
N GLY A 137 -13.58 1.41 2.11
CA GLY A 137 -14.53 0.74 1.24
C GLY A 137 -14.40 -0.76 1.29
N PRO A 138 -15.48 -1.43 1.71
CA PRO A 138 -15.51 -2.90 1.82
C PRO A 138 -15.51 -3.58 0.46
N SER A 139 -15.55 -4.90 0.47
CA SER A 139 -15.54 -5.68 -0.78
C SER A 139 -16.23 -7.02 -0.58
N SER A 140 -16.62 -7.64 -1.69
CA SER A 140 -17.30 -8.93 -1.64
C SER A 140 -16.30 -10.06 -1.38
N GLY A 141 -16.73 -11.06 -0.62
CA GLY A 141 -15.86 -12.18 -0.31
C GLY A 141 -14.64 -11.77 0.49
ZN ZN B . 8.34 -5.58 -2.54
N GLY A 1 11.54 13.08 2.34
CA GLY A 1 12.52 14.02 1.83
C GLY A 1 12.19 15.46 2.16
N SER A 2 11.99 16.27 1.14
CA SER A 2 11.66 17.68 1.32
C SER A 2 11.22 18.32 0.01
N SER A 3 10.03 18.91 0.04
CA SER A 3 9.48 19.56 -1.16
C SER A 3 8.78 20.86 -0.79
N GLY A 4 8.59 21.73 -1.79
CA GLY A 4 7.93 23.00 -1.55
C GLY A 4 7.03 23.40 -2.69
N SER A 5 5.73 23.48 -2.41
CA SER A 5 4.75 23.85 -3.43
C SER A 5 4.78 25.35 -3.69
N SER A 6 5.44 25.73 -4.79
CA SER A 6 5.55 27.14 -5.16
C SER A 6 4.53 27.50 -6.24
N GLY A 7 3.31 26.98 -6.10
CA GLY A 7 2.27 27.25 -7.07
C GLY A 7 1.17 28.13 -6.50
N LYS A 8 0.35 28.69 -7.39
CA LYS A 8 -0.76 29.55 -6.97
C LYS A 8 -2.06 28.77 -6.92
N ALA A 9 -2.44 28.18 -8.05
CA ALA A 9 -3.68 27.41 -8.13
C ALA A 9 -3.38 25.96 -8.52
N GLN A 10 -2.35 25.38 -7.93
CA GLN A 10 -1.97 24.01 -8.23
C GLN A 10 -2.92 23.02 -7.55
N LYS A 11 -3.15 23.23 -6.26
CA LYS A 11 -4.05 22.36 -5.50
C LYS A 11 -5.43 22.31 -6.14
N LEU A 12 -5.91 23.45 -6.61
CA LEU A 12 -7.21 23.54 -7.26
C LEU A 12 -7.42 22.37 -8.23
N ASN A 13 -6.57 22.30 -9.25
CA ASN A 13 -6.66 21.24 -10.24
C ASN A 13 -6.65 19.86 -9.56
N GLU A 14 -7.03 18.84 -10.32
CA GLU A 14 -7.07 17.48 -9.80
C GLU A 14 -6.42 16.51 -10.78
N GLN A 15 -5.10 16.48 -10.80
CA GLN A 15 -4.36 15.60 -11.69
C GLN A 15 -3.94 14.33 -10.97
N HIS A 16 -4.58 13.21 -11.32
CA HIS A 16 -4.27 11.93 -10.72
C HIS A 16 -2.77 11.61 -10.82
N GLN A 17 -2.30 11.46 -12.06
CA GLN A 17 -0.89 11.16 -12.30
C GLN A 17 0.00 11.84 -11.25
N LEU A 18 -0.03 13.16 -11.24
CA LEU A 18 0.77 13.94 -10.29
C LEU A 18 0.56 13.43 -8.87
N ILE A 19 -0.69 13.35 -8.45
CA ILE A 19 -1.02 12.88 -7.11
C ILE A 19 -0.31 11.57 -6.79
N LEU A 20 -0.58 10.55 -7.60
CA LEU A 20 0.05 9.24 -7.41
C LEU A 20 1.53 9.39 -7.15
N SER A 21 2.19 10.28 -7.89
CA SER A 21 3.62 10.50 -7.74
C SER A 21 3.91 11.26 -6.44
N LYS A 22 3.04 12.19 -6.09
CA LYS A 22 3.19 12.97 -4.87
C LYS A 22 3.32 12.06 -3.65
N LEU A 23 2.49 11.02 -3.61
CA LEU A 23 2.50 10.08 -2.50
C LEU A 23 3.84 9.36 -2.42
N LEU A 24 4.27 8.79 -3.54
CA LEU A 24 5.53 8.07 -3.59
C LEU A 24 6.67 8.92 -3.03
N ARG A 25 6.76 10.16 -3.51
CA ARG A 25 7.81 11.07 -3.06
C ARG A 25 8.02 10.95 -1.55
N GLU A 26 6.92 10.88 -0.82
CA GLU A 26 6.98 10.76 0.64
C GLU A 26 7.84 9.57 1.06
N GLU A 27 8.64 9.76 2.11
CA GLU A 27 9.51 8.71 2.61
C GLU A 27 8.71 7.45 2.94
N ASP A 28 7.49 7.63 3.42
CA ASP A 28 6.63 6.52 3.77
C ASP A 28 6.31 5.67 2.55
N ASN A 29 6.53 6.23 1.37
CA ASN A 29 6.28 5.53 0.12
C ASN A 29 7.51 5.54 -0.78
N LYS A 30 8.67 5.74 -0.17
CA LYS A 30 9.93 5.77 -0.91
C LYS A 30 10.40 4.35 -1.23
N TYR A 31 9.93 3.38 -0.45
CA TYR A 31 10.30 1.99 -0.65
C TYR A 31 9.09 1.08 -0.49
N CYS A 32 9.19 -0.13 -1.05
CA CYS A 32 8.11 -1.10 -0.97
C CYS A 32 7.54 -1.16 0.45
N ALA A 33 6.28 -1.59 0.55
CA ALA A 33 5.62 -1.71 1.85
C ALA A 33 5.89 -3.06 2.49
N ASP A 34 6.68 -3.89 1.80
CA ASP A 34 7.02 -5.21 2.31
C ASP A 34 8.53 -5.41 2.33
N CYS A 35 9.12 -5.57 1.16
CA CYS A 35 10.56 -5.78 1.04
C CYS A 35 11.30 -4.44 1.10
N GLU A 36 10.55 -3.36 1.19
CA GLU A 36 11.14 -2.02 1.25
C GLU A 36 12.20 -1.85 0.17
N ALA A 37 11.90 -2.33 -1.03
CA ALA A 37 12.83 -2.22 -2.15
C ALA A 37 12.98 -0.78 -2.61
N LYS A 38 13.86 -0.56 -3.58
CA LYS A 38 14.09 0.78 -4.12
C LYS A 38 13.26 1.02 -5.37
N GLY A 39 12.20 1.82 -5.23
CA GLY A 39 11.34 2.10 -6.37
C GLY A 39 9.99 1.41 -6.27
N PRO A 40 9.22 1.78 -5.24
CA PRO A 40 7.89 1.20 -5.00
C PRO A 40 6.88 1.65 -6.05
N ARG A 41 7.38 2.12 -7.20
CA ARG A 41 6.51 2.57 -8.27
C ARG A 41 5.17 1.86 -8.24
N TRP A 42 5.17 0.61 -8.69
CA TRP A 42 3.94 -0.19 -8.72
C TRP A 42 3.19 -0.08 -7.40
N ALA A 43 1.88 -0.26 -7.45
CA ALA A 43 1.05 -0.18 -6.25
C ALA A 43 -0.25 -0.96 -6.43
N SER A 44 -0.76 -1.53 -5.35
CA SER A 44 -1.98 -2.30 -5.38
C SER A 44 -3.17 -1.47 -4.92
N TRP A 45 -3.78 -0.75 -5.86
CA TRP A 45 -4.93 0.10 -5.55
C TRP A 45 -5.94 -0.65 -4.68
N ASN A 46 -6.15 -1.92 -4.99
CA ASN A 46 -7.08 -2.75 -4.24
C ASN A 46 -6.88 -2.58 -2.74
N ILE A 47 -5.62 -2.51 -2.32
CA ILE A 47 -5.28 -2.36 -0.92
C ILE A 47 -5.00 -0.89 -0.58
N GLY A 48 -4.16 -0.27 -1.41
CA GLY A 48 -3.82 1.14 -1.19
C GLY A 48 -2.39 1.31 -0.70
N VAL A 49 -1.47 0.56 -1.30
CA VAL A 49 -0.06 0.64 -0.92
C VAL A 49 0.84 0.53 -2.15
N PHE A 50 2.04 1.07 -2.05
CA PHE A 50 3.00 1.05 -3.14
C PHE A 50 4.01 -0.08 -2.95
N ILE A 51 4.04 -1.01 -3.90
CA ILE A 51 4.95 -2.14 -3.84
C ILE A 51 5.87 -2.18 -5.05
N CYS A 52 6.92 -2.98 -4.98
CA CYS A 52 7.86 -3.11 -6.08
C CYS A 52 7.33 -4.07 -7.14
N ILE A 53 8.15 -4.33 -8.16
CA ILE A 53 7.77 -5.23 -9.24
C ILE A 53 7.78 -6.69 -8.78
N ARG A 54 8.80 -7.05 -8.01
CA ARG A 54 8.93 -8.41 -7.51
C ARG A 54 7.68 -8.82 -6.74
N CYS A 55 7.44 -8.16 -5.61
CA CYS A 55 6.27 -8.46 -4.78
C CYS A 55 4.99 -8.42 -5.60
N ALA A 56 4.84 -7.37 -6.40
CA ALA A 56 3.66 -7.22 -7.24
C ALA A 56 3.24 -8.55 -7.85
N GLY A 57 4.21 -9.30 -8.36
CA GLY A 57 3.92 -10.58 -8.97
C GLY A 57 3.20 -11.51 -8.01
N ILE A 58 3.59 -11.48 -6.75
CA ILE A 58 2.97 -12.33 -5.73
C ILE A 58 1.52 -11.93 -5.49
N HIS A 59 1.26 -10.63 -5.46
CA HIS A 59 -0.09 -10.12 -5.24
C HIS A 59 -1.05 -10.69 -6.27
N ARG A 60 -0.65 -10.66 -7.53
CA ARG A 60 -1.49 -11.17 -8.62
C ARG A 60 -1.93 -12.60 -8.34
N ASN A 61 -1.00 -13.43 -7.89
CA ASN A 61 -1.30 -14.82 -7.58
C ASN A 61 -2.49 -14.93 -6.64
N LEU A 62 -2.43 -14.18 -5.54
CA LEU A 62 -3.50 -14.19 -4.56
C LEU A 62 -4.87 -14.31 -5.23
N GLY A 63 -5.13 -13.41 -6.17
CA GLY A 63 -6.39 -13.43 -6.88
C GLY A 63 -7.03 -12.05 -6.98
N VAL A 64 -7.48 -11.70 -8.18
CA VAL A 64 -8.11 -10.40 -8.39
C VAL A 64 -9.04 -10.04 -7.23
N HIS A 65 -9.68 -11.05 -6.66
CA HIS A 65 -10.60 -10.85 -5.54
C HIS A 65 -9.85 -10.37 -4.31
N ILE A 66 -8.68 -10.95 -4.07
CA ILE A 66 -7.86 -10.59 -2.92
C ILE A 66 -7.10 -9.29 -3.17
N SER A 67 -6.32 -9.28 -4.26
CA SER A 67 -5.53 -8.11 -4.62
C SER A 67 -5.47 -7.93 -6.13
N ARG A 68 -5.28 -6.70 -6.58
CA ARG A 68 -5.20 -6.40 -8.00
C ARG A 68 -4.00 -5.50 -8.30
N VAL A 69 -2.90 -6.11 -8.75
CA VAL A 69 -1.70 -5.37 -9.08
C VAL A 69 -1.85 -4.62 -10.39
N LYS A 70 -1.35 -3.38 -10.42
CA LYS A 70 -1.43 -2.56 -11.63
C LYS A 70 -0.47 -1.38 -11.54
N SER A 71 0.26 -1.13 -12.62
CA SER A 71 1.22 -0.04 -12.67
C SER A 71 0.57 1.28 -12.23
N VAL A 72 1.40 2.28 -11.95
CA VAL A 72 0.90 3.58 -11.52
C VAL A 72 0.69 4.50 -12.72
N ASN A 73 1.61 4.46 -13.67
CA ASN A 73 1.52 5.29 -14.86
C ASN A 73 1.11 4.46 -16.07
N LEU A 74 1.84 3.38 -16.32
CA LEU A 74 1.54 2.51 -17.45
C LEU A 74 0.07 2.13 -17.48
N ASP A 75 -0.53 2.01 -16.30
CA ASP A 75 -1.94 1.65 -16.18
C ASP A 75 -2.80 2.90 -16.05
N GLN A 76 -4.06 2.78 -16.43
CA GLN A 76 -5.00 3.90 -16.36
C GLN A 76 -5.71 3.93 -15.00
N TRP A 77 -5.70 5.10 -14.37
CA TRP A 77 -6.34 5.26 -13.07
C TRP A 77 -7.50 6.26 -13.15
N THR A 78 -8.30 6.32 -12.10
CA THR A 78 -9.44 7.24 -12.05
C THR A 78 -9.50 7.97 -10.72
N ALA A 79 -9.80 9.26 -10.78
CA ALA A 79 -9.89 10.08 -9.57
C ALA A 79 -10.48 9.29 -8.42
N GLU A 80 -11.56 8.54 -8.70
CA GLU A 80 -12.22 7.74 -7.69
C GLU A 80 -11.23 6.82 -6.98
N GLN A 81 -10.51 6.01 -7.76
CA GLN A 81 -9.53 5.09 -7.21
C GLN A 81 -8.40 5.84 -6.50
N ILE A 82 -8.03 6.98 -7.07
CA ILE A 82 -6.96 7.80 -6.50
C ILE A 82 -7.20 8.05 -5.01
N GLN A 83 -8.35 8.61 -4.69
CA GLN A 83 -8.69 8.89 -3.30
C GLN A 83 -8.26 7.75 -2.38
N CYS A 84 -8.62 6.53 -2.77
CA CYS A 84 -8.27 5.35 -1.98
C CYS A 84 -6.78 5.35 -1.63
N MET A 85 -5.94 5.38 -2.65
CA MET A 85 -4.49 5.39 -2.45
C MET A 85 -4.12 6.17 -1.18
N GLN A 86 -4.49 7.45 -1.16
CA GLN A 86 -4.20 8.29 -0.01
C GLN A 86 -4.90 7.79 1.24
N ASP A 87 -6.19 7.50 1.11
CA ASP A 87 -6.98 7.01 2.23
C ASP A 87 -6.21 5.96 3.02
N MET A 88 -5.73 4.94 2.33
CA MET A 88 -4.97 3.87 2.96
C MET A 88 -3.49 4.23 3.05
N GLY A 89 -2.80 4.18 1.90
CA GLY A 89 -1.39 4.50 1.88
C GLY A 89 -0.56 3.55 2.71
N ASN A 90 0.76 3.60 2.54
CA ASN A 90 1.66 2.73 3.29
C ASN A 90 1.57 3.01 4.78
N THR A 91 1.55 4.29 5.15
CA THR A 91 1.46 4.69 6.54
C THR A 91 0.55 3.76 7.32
N LYS A 92 -0.74 3.78 6.98
CA LYS A 92 -1.73 2.94 7.66
C LYS A 92 -1.42 1.47 7.42
N ALA A 93 -1.23 1.09 6.16
CA ALA A 93 -0.93 -0.28 5.81
C ALA A 93 0.01 -0.92 6.83
N ARG A 94 1.04 -0.19 7.22
CA ARG A 94 2.01 -0.68 8.19
C ARG A 94 1.39 -0.79 9.58
N LEU A 95 0.63 0.24 9.97
CA LEU A 95 -0.03 0.25 11.26
C LEU A 95 -1.20 -0.72 11.30
N LEU A 96 -1.48 -1.34 10.16
CA LEU A 96 -2.58 -2.31 10.06
C LEU A 96 -2.05 -3.71 9.86
N TYR A 97 -1.46 -3.96 8.69
CA TYR A 97 -0.91 -5.28 8.39
C TYR A 97 0.42 -5.49 9.10
N GLU A 98 1.29 -4.47 9.06
CA GLU A 98 2.59 -4.55 9.70
C GLU A 98 2.51 -4.07 11.15
N ALA A 99 1.40 -4.38 11.81
CA ALA A 99 1.21 -3.98 13.20
C ALA A 99 1.13 -5.21 14.12
N ASN A 100 0.56 -6.28 13.59
CA ASN A 100 0.42 -7.52 14.37
C ASN A 100 1.63 -8.42 14.16
N LEU A 101 2.72 -7.85 13.68
CA LEU A 101 3.95 -8.60 13.44
C LEU A 101 4.50 -9.16 14.74
N PRO A 102 5.28 -10.26 14.63
CA PRO A 102 5.89 -10.92 15.79
C PRO A 102 7.00 -10.08 16.42
N GLU A 103 7.23 -10.28 17.71
CA GLU A 103 8.27 -9.54 18.43
C GLU A 103 9.64 -9.78 17.79
N ASN A 104 9.79 -10.91 17.12
CA ASN A 104 11.04 -11.26 16.47
C ASN A 104 10.86 -11.41 14.96
N PHE A 105 10.13 -10.47 14.37
CA PHE A 105 9.86 -10.49 12.94
C PHE A 105 11.16 -10.34 12.14
N ARG A 106 11.24 -11.02 11.01
CA ARG A 106 12.42 -10.97 10.17
C ARG A 106 12.04 -10.80 8.70
N ARG A 107 12.20 -9.58 8.19
CA ARG A 107 11.87 -9.28 6.81
C ARG A 107 12.56 -10.26 5.86
N PRO A 108 11.76 -11.04 5.12
CA PRO A 108 12.26 -12.03 4.16
C PRO A 108 12.92 -11.37 2.95
N GLN A 109 14.03 -11.94 2.50
CA GLN A 109 14.75 -11.41 1.34
C GLN A 109 14.53 -12.30 0.12
N THR A 110 14.49 -13.61 0.34
CA THR A 110 14.30 -14.56 -0.75
C THR A 110 12.81 -14.75 -1.04
N ASP A 111 12.45 -14.62 -2.32
CA ASP A 111 11.06 -14.78 -2.74
C ASP A 111 10.42 -15.95 -2.03
N GLN A 112 11.12 -17.09 -2.00
CA GLN A 112 10.61 -18.29 -1.36
C GLN A 112 9.79 -17.94 -0.12
N ALA A 113 10.30 -17.01 0.68
CA ALA A 113 9.62 -16.58 1.89
C ALA A 113 8.68 -15.41 1.61
N VAL A 114 9.22 -14.37 0.98
CA VAL A 114 8.44 -13.18 0.65
C VAL A 114 7.06 -13.57 0.13
N GLU A 115 7.04 -14.39 -0.92
CA GLU A 115 5.79 -14.84 -1.52
C GLU A 115 4.76 -15.19 -0.44
N PHE A 116 5.22 -15.89 0.60
CA PHE A 116 4.35 -16.29 1.69
C PHE A 116 4.05 -15.11 2.61
N PHE A 117 5.10 -14.52 3.16
CA PHE A 117 4.95 -13.38 4.07
C PHE A 117 3.78 -12.51 3.64
N ILE A 118 3.77 -12.12 2.37
CA ILE A 118 2.70 -11.28 1.85
C ILE A 118 1.37 -12.01 1.83
N ARG A 119 1.41 -13.30 1.47
CA ARG A 119 0.20 -14.12 1.42
C ARG A 119 -0.40 -14.28 2.81
N ASP A 120 0.37 -14.86 3.72
CA ASP A 120 -0.09 -15.06 5.09
C ASP A 120 -0.33 -13.73 5.80
N LYS A 121 0.13 -12.65 5.18
CA LYS A 121 -0.03 -11.31 5.75
C LYS A 121 -1.34 -10.68 5.29
N TYR A 122 -1.65 -10.84 4.00
CA TYR A 122 -2.88 -10.28 3.44
C TYR A 122 -3.89 -11.38 3.17
N GLU A 123 -3.45 -12.44 2.51
CA GLU A 123 -4.32 -13.56 2.17
C GLU A 123 -4.90 -14.18 3.43
N LYS A 124 -4.03 -14.63 4.33
CA LYS A 124 -4.46 -15.25 5.59
C LYS A 124 -4.85 -14.18 6.61
N LYS A 125 -4.31 -12.97 6.44
CA LYS A 125 -4.60 -11.87 7.34
C LYS A 125 -4.11 -12.17 8.75
N LYS A 126 -3.03 -12.94 8.84
CA LYS A 126 -2.45 -13.31 10.13
C LYS A 126 -2.14 -12.08 10.96
N TYR A 127 -1.18 -11.27 10.49
CA TYR A 127 -0.79 -10.06 11.19
C TYR A 127 -1.70 -8.90 10.82
N TYR A 128 -2.99 -9.20 10.62
CA TYR A 128 -3.96 -8.19 10.25
C TYR A 128 -4.63 -7.61 11.51
N ASP A 129 -4.47 -6.30 11.69
CA ASP A 129 -5.06 -5.62 12.83
C ASP A 129 -6.32 -4.86 12.43
N LYS A 130 -7.46 -5.33 12.92
CA LYS A 130 -8.74 -4.70 12.61
C LYS A 130 -9.07 -3.60 13.61
N ASN A 131 -8.58 -3.76 14.84
CA ASN A 131 -8.81 -2.78 15.90
C ASN A 131 -8.48 -1.37 15.41
N ALA A 132 -7.37 -1.25 14.69
CA ALA A 132 -6.94 0.04 14.15
C ALA A 132 -8.09 0.75 13.45
N ILE A 133 -8.48 0.22 12.29
CA ILE A 133 -9.57 0.80 11.52
C ILE A 133 -10.70 1.26 12.41
N ALA A 134 -11.24 0.33 13.21
CA ALA A 134 -12.33 0.65 14.12
C ALA A 134 -12.08 1.98 14.85
N ILE A 135 -13.06 2.85 14.82
CA ILE A 135 -12.95 4.16 15.47
C ILE A 135 -13.58 4.13 16.86
N SER A 136 -12.93 4.80 17.81
CA SER A 136 -13.43 4.85 19.18
C SER A 136 -14.60 5.81 19.30
N GLY A 137 -15.61 5.61 18.44
CA GLY A 137 -16.78 6.47 18.47
C GLY A 137 -17.89 5.98 17.55
N PRO A 138 -18.88 6.82 17.30
CA PRO A 138 -20.02 6.48 16.44
C PRO A 138 -19.62 6.38 14.97
N SER A 139 -18.53 7.05 14.60
CA SER A 139 -18.04 7.03 13.24
C SER A 139 -18.27 5.66 12.60
N SER A 140 -18.61 5.66 11.32
CA SER A 140 -18.86 4.42 10.59
C SER A 140 -18.20 4.47 9.21
N GLY A 141 -17.53 3.36 8.85
CA GLY A 141 -16.88 3.29 7.56
C GLY A 141 -16.49 1.88 7.18
ZN ZN B . 8.54 -5.46 -2.64
N GLY A 1 15.36 22.58 -0.95
CA GLY A 1 14.02 22.02 -0.83
C GLY A 1 13.15 22.81 0.13
N SER A 2 12.45 23.81 -0.40
CA SER A 2 11.57 24.64 0.41
C SER A 2 10.51 25.30 -0.45
N SER A 3 9.36 25.57 0.15
CA SER A 3 8.24 26.20 -0.56
C SER A 3 8.60 27.63 -0.98
N GLY A 4 7.86 28.14 -1.95
CA GLY A 4 8.12 29.50 -2.43
C GLY A 4 6.98 30.45 -2.11
N SER A 5 6.18 30.79 -3.12
CA SER A 5 5.06 31.70 -2.94
C SER A 5 3.92 31.01 -2.21
N SER A 6 2.89 31.78 -1.86
CA SER A 6 1.74 31.25 -1.15
C SER A 6 0.72 30.68 -2.13
N GLY A 7 0.71 29.36 -2.26
CA GLY A 7 -0.22 28.71 -3.16
C GLY A 7 -0.15 27.20 -3.09
N LYS A 8 -0.87 26.63 -2.13
CA LYS A 8 -0.88 25.17 -1.94
C LYS A 8 -1.27 24.47 -3.23
N ALA A 9 -2.46 24.77 -3.73
CA ALA A 9 -2.95 24.16 -4.97
C ALA A 9 -2.77 22.65 -4.95
N GLN A 10 -3.05 22.04 -3.79
CA GLN A 10 -2.93 20.60 -3.64
C GLN A 10 -4.24 19.90 -3.95
N LYS A 11 -5.34 20.42 -3.39
CA LYS A 11 -6.65 19.84 -3.61
C LYS A 11 -7.21 20.26 -4.96
N LEU A 12 -7.34 21.57 -5.16
CA LEU A 12 -7.87 22.11 -6.41
C LEU A 12 -7.38 21.29 -7.60
N ASN A 13 -6.10 20.91 -7.57
CA ASN A 13 -5.51 20.13 -8.65
C ASN A 13 -5.92 18.66 -8.53
N GLU A 14 -6.93 18.27 -9.29
CA GLU A 14 -7.42 16.90 -9.29
C GLU A 14 -6.65 16.04 -10.28
N GLN A 15 -5.33 16.23 -10.33
CA GLN A 15 -4.49 15.48 -11.25
C GLN A 15 -4.07 14.15 -10.63
N HIS A 16 -4.62 13.06 -11.15
CA HIS A 16 -4.30 11.73 -10.66
C HIS A 16 -2.78 11.53 -10.58
N GLN A 17 -2.15 11.40 -11.74
CA GLN A 17 -0.71 11.20 -11.81
C GLN A 17 -0.01 11.98 -10.70
N LEU A 18 -0.01 13.30 -10.81
CA LEU A 18 0.63 14.16 -9.82
C LEU A 18 0.40 13.63 -8.41
N ILE A 19 -0.87 13.44 -8.06
CA ILE A 19 -1.23 12.94 -6.74
C ILE A 19 -0.43 11.69 -6.39
N LEU A 20 -0.44 10.72 -7.29
CA LEU A 20 0.28 9.47 -7.08
C LEU A 20 1.73 9.74 -6.70
N SER A 21 2.32 10.75 -7.34
CA SER A 21 3.71 11.11 -7.06
C SER A 21 3.85 11.68 -5.66
N LYS A 22 2.96 12.58 -5.28
CA LYS A 22 2.98 13.20 -3.96
C LYS A 22 3.17 12.14 -2.87
N LEU A 23 2.39 11.07 -2.94
CA LEU A 23 2.47 10.00 -1.96
C LEU A 23 3.89 9.46 -1.87
N LEU A 24 4.43 9.01 -3.00
CA LEU A 24 5.79 8.47 -3.04
C LEU A 24 6.80 9.51 -2.57
N ARG A 25 6.40 10.77 -2.61
CA ARG A 25 7.27 11.86 -2.18
C ARG A 25 6.83 12.42 -0.83
N GLU A 26 6.39 11.53 0.06
CA GLU A 26 5.94 11.93 1.38
C GLU A 26 6.59 11.07 2.46
N GLU A 27 7.82 10.63 2.19
CA GLU A 27 8.55 9.80 3.14
C GLU A 27 7.65 8.71 3.73
N ASP A 28 6.61 8.35 2.98
CA ASP A 28 5.67 7.33 3.42
C ASP A 28 5.79 6.08 2.56
N ASN A 29 5.91 6.27 1.25
CA ASN A 29 6.03 5.15 0.33
C ASN A 29 7.41 5.14 -0.33
N LYS A 30 8.41 5.65 0.39
CA LYS A 30 9.76 5.69 -0.12
C LYS A 30 10.22 4.31 -0.58
N TYR A 31 9.72 3.28 0.09
CA TYR A 31 10.08 1.90 -0.26
C TYR A 31 8.84 1.01 -0.31
N CYS A 32 9.03 -0.23 -0.72
CA CYS A 32 7.93 -1.19 -0.82
C CYS A 32 7.23 -1.34 0.53
N ALA A 33 6.03 -1.91 0.51
CA ALA A 33 5.26 -2.12 1.73
C ALA A 33 5.56 -3.48 2.34
N ASP A 34 6.40 -4.26 1.67
CA ASP A 34 6.76 -5.58 2.15
C ASP A 34 8.28 -5.72 2.24
N CYS A 35 8.93 -5.80 1.10
CA CYS A 35 10.39 -5.94 1.04
C CYS A 35 11.07 -4.59 1.28
N GLU A 36 10.26 -3.54 1.38
CA GLU A 36 10.80 -2.20 1.60
C GLU A 36 11.90 -1.87 0.61
N ALA A 37 11.69 -2.28 -0.64
CA ALA A 37 12.67 -2.04 -1.70
C ALA A 37 12.75 -0.55 -2.04
N LYS A 38 13.90 -0.12 -2.54
CA LYS A 38 14.11 1.27 -2.91
C LYS A 38 13.63 1.54 -4.33
N GLY A 39 12.58 2.36 -4.46
CA GLY A 39 12.04 2.68 -5.76
C GLY A 39 10.81 1.86 -6.09
N PRO A 40 9.78 1.95 -5.25
CA PRO A 40 8.52 1.22 -5.44
C PRO A 40 7.73 1.74 -6.63
N ARG A 41 8.08 1.27 -7.82
CA ARG A 41 7.39 1.69 -9.04
C ARG A 41 5.92 1.27 -9.00
N TRP A 42 5.68 -0.03 -9.14
CA TRP A 42 4.32 -0.56 -9.12
C TRP A 42 3.59 -0.15 -7.85
N ALA A 43 2.27 -0.34 -7.84
CA ALA A 43 1.47 0.01 -6.68
C ALA A 43 0.10 -0.66 -6.75
N SER A 44 -0.27 -1.35 -5.67
CA SER A 44 -1.56 -2.05 -5.62
C SER A 44 -2.67 -1.09 -5.22
N TRP A 45 -3.58 -0.83 -6.15
CA TRP A 45 -4.69 0.07 -5.90
C TRP A 45 -5.72 -0.58 -4.97
N ASN A 46 -6.03 -1.83 -5.23
CA ASN A 46 -7.00 -2.57 -4.41
C ASN A 46 -6.69 -2.41 -2.93
N ILE A 47 -5.41 -2.54 -2.58
CA ILE A 47 -4.99 -2.41 -1.20
C ILE A 47 -4.72 -0.95 -0.84
N GLY A 48 -4.10 -0.23 -1.76
CA GLY A 48 -3.79 1.18 -1.53
C GLY A 48 -2.38 1.40 -1.03
N VAL A 49 -1.44 0.63 -1.59
CA VAL A 49 -0.04 0.74 -1.20
C VAL A 49 0.88 0.62 -2.41
N PHE A 50 2.13 1.03 -2.25
CA PHE A 50 3.11 0.97 -3.32
C PHE A 50 4.07 -0.20 -3.11
N ILE A 51 4.02 -1.16 -4.03
CA ILE A 51 4.89 -2.33 -3.95
C ILE A 51 5.79 -2.44 -5.17
N CYS A 52 6.87 -3.18 -5.04
CA CYS A 52 7.82 -3.37 -6.13
C CYS A 52 7.26 -4.32 -7.18
N ILE A 53 8.05 -4.59 -8.21
CA ILE A 53 7.64 -5.49 -9.29
C ILE A 53 7.63 -6.94 -8.81
N ARG A 54 8.66 -7.32 -8.07
CA ARG A 54 8.78 -8.67 -7.55
C ARG A 54 7.53 -9.06 -6.74
N CYS A 55 7.33 -8.37 -5.63
CA CYS A 55 6.17 -8.64 -4.76
C CYS A 55 4.89 -8.68 -5.58
N ALA A 56 4.68 -7.65 -6.39
CA ALA A 56 3.48 -7.57 -7.22
C ALA A 56 3.13 -8.93 -7.81
N GLY A 57 4.11 -9.59 -8.41
CA GLY A 57 3.87 -10.89 -9.01
C GLY A 57 3.07 -11.80 -8.10
N ILE A 58 3.48 -11.90 -6.84
CA ILE A 58 2.79 -12.74 -5.88
C ILE A 58 1.38 -12.25 -5.63
N HIS A 59 1.24 -10.93 -5.47
CA HIS A 59 -0.07 -10.33 -5.22
C HIS A 59 -1.10 -10.82 -6.23
N ARG A 60 -0.73 -10.83 -7.50
CA ARG A 60 -1.62 -11.28 -8.56
C ARG A 60 -2.09 -12.70 -8.29
N ASN A 61 -1.17 -13.58 -7.93
CA ASN A 61 -1.48 -14.97 -7.64
C ASN A 61 -2.60 -15.06 -6.61
N LEU A 62 -2.43 -14.37 -5.49
CA LEU A 62 -3.43 -14.38 -4.42
C LEU A 62 -4.83 -14.50 -4.98
N GLY A 63 -5.17 -13.62 -5.93
CA GLY A 63 -6.48 -13.65 -6.55
C GLY A 63 -7.08 -12.28 -6.71
N VAL A 64 -7.68 -12.02 -7.87
CA VAL A 64 -8.30 -10.73 -8.14
C VAL A 64 -9.26 -10.33 -7.04
N HIS A 65 -9.82 -11.32 -6.36
CA HIS A 65 -10.76 -11.07 -5.27
C HIS A 65 -10.02 -10.66 -3.99
N ILE A 66 -8.77 -11.05 -3.90
CA ILE A 66 -7.95 -10.73 -2.73
C ILE A 66 -7.20 -9.42 -2.94
N SER A 67 -6.38 -9.37 -3.99
CA SER A 67 -5.59 -8.18 -4.30
C SER A 67 -5.19 -8.16 -5.76
N ARG A 68 -5.26 -6.98 -6.38
CA ARG A 68 -4.90 -6.83 -7.78
C ARG A 68 -3.57 -6.11 -7.93
N VAL A 69 -3.06 -6.07 -9.15
CA VAL A 69 -1.79 -5.41 -9.43
C VAL A 69 -1.85 -4.61 -10.73
N LYS A 70 -1.20 -3.45 -10.73
CA LYS A 70 -1.18 -2.60 -11.91
C LYS A 70 -0.17 -1.47 -11.75
N SER A 71 0.41 -1.03 -12.87
CA SER A 71 1.39 0.04 -12.85
C SER A 71 0.82 1.31 -12.24
N VAL A 72 1.67 2.31 -12.02
CA VAL A 72 1.23 3.58 -11.45
C VAL A 72 1.09 4.65 -12.53
N ASN A 73 1.90 4.53 -13.58
CA ASN A 73 1.86 5.49 -14.68
C ASN A 73 1.51 4.79 -15.99
N LEU A 74 2.25 3.73 -16.31
CA LEU A 74 2.02 2.98 -17.54
C LEU A 74 0.54 2.70 -17.73
N ASP A 75 -0.19 2.60 -16.62
CA ASP A 75 -1.62 2.33 -16.66
C ASP A 75 -2.42 3.57 -16.29
N GLN A 76 -3.57 3.74 -16.93
CA GLN A 76 -4.43 4.90 -16.67
C GLN A 76 -5.31 4.65 -15.46
N TRP A 77 -5.18 5.52 -14.45
CA TRP A 77 -5.97 5.39 -13.23
C TRP A 77 -7.19 6.31 -13.28
N THR A 78 -8.09 6.13 -12.32
CA THR A 78 -9.30 6.94 -12.25
C THR A 78 -9.46 7.59 -10.88
N ALA A 79 -9.92 8.84 -10.86
CA ALA A 79 -10.12 9.56 -9.61
C ALA A 79 -10.64 8.64 -8.52
N GLU A 80 -11.64 7.83 -8.86
CA GLU A 80 -12.22 6.90 -7.90
C GLU A 80 -11.15 6.03 -7.26
N GLN A 81 -10.25 5.50 -8.09
CA GLN A 81 -9.18 4.64 -7.61
C GLN A 81 -8.12 5.46 -6.88
N ILE A 82 -7.79 6.62 -7.42
CA ILE A 82 -6.79 7.49 -6.81
C ILE A 82 -7.07 7.70 -5.33
N GLN A 83 -8.22 8.31 -5.03
CA GLN A 83 -8.61 8.57 -3.66
C GLN A 83 -8.11 7.46 -2.73
N CYS A 84 -8.48 6.22 -3.06
CA CYS A 84 -8.08 5.07 -2.26
C CYS A 84 -6.63 5.20 -1.81
N MET A 85 -5.72 5.29 -2.77
CA MET A 85 -4.29 5.43 -2.46
C MET A 85 -4.08 6.28 -1.22
N GLN A 86 -4.57 7.51 -1.26
CA GLN A 86 -4.44 8.43 -0.13
C GLN A 86 -5.16 7.89 1.10
N ASP A 87 -6.44 7.57 0.94
CA ASP A 87 -7.24 7.04 2.03
C ASP A 87 -6.47 5.99 2.82
N MET A 88 -5.79 5.10 2.09
CA MET A 88 -5.01 4.05 2.72
C MET A 88 -3.53 4.41 2.77
N GLY A 89 -2.87 4.33 1.61
CA GLY A 89 -1.46 4.65 1.54
C GLY A 89 -0.61 3.72 2.37
N ASN A 90 0.70 3.78 2.16
CA ASN A 90 1.63 2.92 2.89
C ASN A 90 1.59 3.22 4.39
N THR A 91 1.61 4.51 4.73
CA THR A 91 1.57 4.93 6.12
C THR A 91 0.62 4.05 6.93
N LYS A 92 -0.67 4.13 6.62
CA LYS A 92 -1.66 3.33 7.33
C LYS A 92 -1.39 1.84 7.16
N ALA A 93 -1.16 1.43 5.92
CA ALA A 93 -0.88 0.02 5.62
C ALA A 93 0.10 -0.56 6.63
N ARG A 94 1.08 0.23 7.04
CA ARG A 94 2.08 -0.21 7.99
C ARG A 94 1.50 -0.28 9.41
N LEU A 95 0.64 0.68 9.72
CA LEU A 95 0.01 0.74 11.04
C LEU A 95 -1.20 -0.20 11.10
N LEU A 96 -1.51 -0.83 9.98
CA LEU A 96 -2.64 -1.75 9.91
C LEU A 96 -2.16 -3.19 9.77
N TYR A 97 -1.59 -3.51 8.60
CA TYR A 97 -1.10 -4.85 8.33
C TYR A 97 0.15 -5.14 9.16
N GLU A 98 1.11 -4.22 9.12
CA GLU A 98 2.35 -4.39 9.87
C GLU A 98 2.20 -3.84 11.29
N ALA A 99 1.02 -4.04 11.87
CA ALA A 99 0.75 -3.57 13.22
C ALA A 99 0.93 -4.69 14.24
N ASN A 100 0.64 -5.92 13.82
CA ASN A 100 0.76 -7.08 14.69
C ASN A 100 2.09 -7.80 14.45
N LEU A 101 3.05 -7.07 13.88
CA LEU A 101 4.36 -7.63 13.61
C LEU A 101 5.13 -7.91 14.90
N PRO A 102 5.92 -8.99 14.90
CA PRO A 102 6.72 -9.38 16.07
C PRO A 102 7.86 -8.41 16.34
N GLU A 103 8.19 -8.22 17.62
CA GLU A 103 9.27 -7.33 18.01
C GLU A 103 10.53 -7.60 17.21
N ASN A 104 10.83 -8.88 17.02
CA ASN A 104 12.02 -9.27 16.26
C ASN A 104 11.65 -9.66 14.83
N PHE A 105 10.74 -8.89 14.24
CA PHE A 105 10.29 -9.15 12.87
C PHE A 105 11.46 -9.01 11.89
N ARG A 106 11.35 -9.69 10.76
CA ARG A 106 12.39 -9.65 9.74
C ARG A 106 11.78 -9.79 8.34
N ARG A 107 11.97 -8.77 7.51
CA ARG A 107 11.45 -8.78 6.15
C ARG A 107 12.15 -9.84 5.30
N PRO A 108 11.37 -10.56 4.48
CA PRO A 108 11.90 -11.62 3.61
C PRO A 108 12.75 -11.06 2.48
N GLN A 109 13.88 -11.71 2.23
CA GLN A 109 14.80 -11.28 1.18
C GLN A 109 14.68 -12.18 -0.05
N THR A 110 14.49 -13.47 0.21
CA THR A 110 14.37 -14.45 -0.87
C THR A 110 12.91 -14.61 -1.31
N ASP A 111 12.66 -14.44 -2.60
CA ASP A 111 11.31 -14.58 -3.13
C ASP A 111 10.53 -15.65 -2.38
N GLN A 112 11.09 -16.85 -2.32
CA GLN A 112 10.45 -17.96 -1.64
C GLN A 112 9.69 -17.48 -0.40
N ALA A 113 10.43 -16.96 0.57
CA ALA A 113 9.82 -16.46 1.80
C ALA A 113 8.88 -15.29 1.52
N VAL A 114 9.39 -14.29 0.83
CA VAL A 114 8.60 -13.11 0.48
C VAL A 114 7.17 -13.50 0.11
N GLU A 115 7.05 -14.41 -0.85
CA GLU A 115 5.75 -14.87 -1.31
C GLU A 115 4.87 -15.26 -0.12
N PHE A 116 5.39 -16.13 0.73
CA PHE A 116 4.65 -16.60 1.90
C PHE A 116 4.24 -15.42 2.78
N PHE A 117 5.21 -14.58 3.11
CA PHE A 117 4.94 -13.41 3.95
C PHE A 117 3.71 -12.66 3.48
N ILE A 118 3.57 -12.53 2.16
CA ILE A 118 2.42 -11.84 1.58
C ILE A 118 1.21 -12.76 1.49
N ARG A 119 1.47 -14.05 1.27
CA ARG A 119 0.39 -15.03 1.17
C ARG A 119 -0.21 -15.33 2.55
N ASP A 120 0.42 -14.78 3.59
CA ASP A 120 -0.05 -15.00 4.95
C ASP A 120 -0.29 -13.65 5.65
N LYS A 121 0.25 -12.59 5.07
CA LYS A 121 0.10 -11.25 5.64
C LYS A 121 -1.17 -10.58 5.13
N TYR A 122 -1.40 -10.68 3.82
CA TYR A 122 -2.58 -10.08 3.21
C TYR A 122 -3.68 -11.13 3.01
N GLU A 123 -3.31 -12.25 2.41
CA GLU A 123 -4.26 -13.33 2.16
C GLU A 123 -4.84 -13.86 3.46
N LYS A 124 -4.02 -14.57 4.23
CA LYS A 124 -4.45 -15.12 5.51
C LYS A 124 -4.80 -14.02 6.49
N LYS A 125 -4.28 -12.82 6.26
CA LYS A 125 -4.53 -11.67 7.12
C LYS A 125 -4.05 -11.95 8.54
N LYS A 126 -2.89 -12.60 8.65
CA LYS A 126 -2.31 -12.92 9.96
C LYS A 126 -2.02 -11.65 10.74
N TYR A 127 -0.99 -10.93 10.34
CA TYR A 127 -0.59 -9.69 11.00
C TYR A 127 -1.66 -8.62 10.82
N TYR A 128 -2.59 -8.86 9.91
CA TYR A 128 -3.67 -7.91 9.63
C TYR A 128 -4.41 -7.55 10.92
N ASP A 129 -4.40 -6.26 11.26
CA ASP A 129 -5.07 -5.78 12.45
C ASP A 129 -6.49 -5.31 12.13
N LYS A 130 -7.47 -6.02 12.69
CA LYS A 130 -8.87 -5.67 12.46
C LYS A 130 -9.41 -4.82 13.60
N ASN A 131 -8.69 -4.79 14.71
CA ASN A 131 -9.10 -4.01 15.87
C ASN A 131 -8.94 -2.52 15.61
N ALA A 132 -7.93 -2.17 14.81
CA ALA A 132 -7.68 -0.77 14.48
C ALA A 132 -8.97 -0.04 14.11
N ILE A 133 -9.82 -0.72 13.35
CA ILE A 133 -11.09 -0.14 12.94
C ILE A 133 -12.22 -0.55 13.87
N ALA A 134 -12.11 -0.13 15.13
CA ALA A 134 -13.12 -0.45 16.13
C ALA A 134 -14.23 0.60 16.16
N ILE A 135 -14.34 1.35 15.06
CA ILE A 135 -15.35 2.40 14.97
C ILE A 135 -16.65 1.98 15.65
N SER A 136 -17.41 2.97 16.10
CA SER A 136 -18.68 2.70 16.77
C SER A 136 -18.46 1.82 18.00
N GLY A 137 -17.45 2.14 18.79
CA GLY A 137 -17.15 1.37 19.98
C GLY A 137 -16.73 2.24 21.15
N PRO A 138 -17.28 1.96 22.33
CA PRO A 138 -16.97 2.71 23.55
C PRO A 138 -15.55 2.45 24.05
N SER A 139 -15.01 1.29 23.71
CA SER A 139 -13.66 0.91 24.12
C SER A 139 -12.64 1.88 23.55
N SER A 140 -12.02 2.67 24.41
CA SER A 140 -11.02 3.65 23.99
C SER A 140 -9.96 2.99 23.11
N GLY A 141 -9.35 1.93 23.63
CA GLY A 141 -8.32 1.24 22.87
C GLY A 141 -6.93 1.75 23.17
ZN ZN B . 8.34 -5.52 -2.57
N GLY A 1 8.29 15.30 15.29
CA GLY A 1 7.80 16.44 16.07
C GLY A 1 6.29 16.52 16.06
N SER A 2 5.76 17.74 15.98
CA SER A 2 4.32 17.95 15.97
C SER A 2 3.95 19.14 15.11
N SER A 3 3.00 18.94 14.19
CA SER A 3 2.57 19.99 13.29
C SER A 3 1.28 19.59 12.56
N GLY A 4 0.40 20.56 12.35
CA GLY A 4 -0.85 20.29 11.67
C GLY A 4 -0.88 20.86 10.25
N SER A 5 -1.79 20.33 9.44
CA SER A 5 -1.92 20.78 8.05
C SER A 5 -3.38 20.81 7.63
N SER A 6 -3.72 21.76 6.75
CA SER A 6 -5.09 21.89 6.26
C SER A 6 -5.29 21.06 5.00
N GLY A 7 -6.55 20.82 4.65
CA GLY A 7 -6.87 20.05 3.47
C GLY A 7 -7.22 20.92 2.28
N LYS A 8 -8.35 20.63 1.65
CA LYS A 8 -8.80 21.39 0.49
C LYS A 8 -7.65 21.62 -0.49
N ALA A 9 -6.83 20.59 -0.67
CA ALA A 9 -5.70 20.68 -1.59
C ALA A 9 -5.92 19.82 -2.82
N GLN A 10 -6.20 18.54 -2.60
CA GLN A 10 -6.43 17.61 -3.69
C GLN A 10 -7.47 18.15 -4.67
N LYS A 11 -8.61 18.58 -4.13
CA LYS A 11 -9.68 19.13 -4.94
C LYS A 11 -9.13 19.98 -6.08
N LEU A 12 -8.03 20.69 -5.81
CA LEU A 12 -7.40 21.54 -6.81
C LEU A 12 -6.67 20.70 -7.85
N ASN A 13 -5.82 19.79 -7.38
CA ASN A 13 -5.07 18.93 -8.27
C ASN A 13 -5.90 17.72 -8.70
N GLU A 14 -5.88 17.42 -10.00
CA GLU A 14 -6.63 16.30 -10.54
C GLU A 14 -5.71 15.28 -11.20
N GLN A 15 -4.75 15.79 -11.99
CA GLN A 15 -3.80 14.92 -12.69
C GLN A 15 -3.41 13.74 -11.82
N HIS A 16 -4.03 12.59 -12.08
CA HIS A 16 -3.73 11.38 -11.32
C HIS A 16 -2.23 11.16 -11.19
N GLN A 17 -1.56 11.03 -12.32
CA GLN A 17 -0.11 10.83 -12.33
C GLN A 17 0.55 11.57 -11.18
N LEU A 18 0.43 12.89 -11.19
CA LEU A 18 1.03 13.71 -10.13
C LEU A 18 0.72 13.13 -8.75
N ILE A 19 -0.56 13.16 -8.38
CA ILE A 19 -0.98 12.65 -7.08
C ILE A 19 -0.16 11.42 -6.68
N LEU A 20 -0.35 10.33 -7.40
CA LEU A 20 0.38 9.10 -7.13
C LEU A 20 1.85 9.38 -6.84
N SER A 21 2.45 10.23 -7.67
CA SER A 21 3.85 10.59 -7.50
C SER A 21 4.08 11.34 -6.19
N LYS A 22 3.13 12.21 -5.85
CA LYS A 22 3.21 12.99 -4.62
C LYS A 22 3.28 12.08 -3.40
N LEU A 23 2.55 10.97 -3.45
CA LEU A 23 2.52 10.01 -2.35
C LEU A 23 3.88 9.33 -2.19
N LEU A 24 4.37 8.73 -3.28
CA LEU A 24 5.65 8.04 -3.25
C LEU A 24 6.72 8.92 -2.61
N ARG A 25 6.73 10.20 -2.97
CA ARG A 25 7.71 11.13 -2.44
C ARG A 25 7.83 10.98 -0.92
N GLU A 26 6.72 10.64 -0.27
CA GLU A 26 6.71 10.47 1.17
C GLU A 26 7.56 9.27 1.58
N GLU A 27 8.33 9.44 2.65
CA GLU A 27 9.19 8.37 3.15
C GLU A 27 8.39 7.09 3.39
N ASP A 28 7.12 7.25 3.75
CA ASP A 28 6.25 6.11 4.01
C ASP A 28 5.97 5.35 2.72
N ASN A 29 6.09 6.04 1.59
CA ASN A 29 5.84 5.42 0.29
C ASN A 29 7.10 5.43 -0.57
N LYS A 30 8.23 5.73 0.06
CA LYS A 30 9.51 5.78 -0.65
C LYS A 30 10.04 4.38 -0.91
N TYR A 31 9.60 3.42 -0.09
CA TYR A 31 10.05 2.03 -0.23
C TYR A 31 8.86 1.08 -0.18
N CYS A 32 9.03 -0.11 -0.74
CA CYS A 32 7.98 -1.11 -0.76
C CYS A 32 7.33 -1.25 0.63
N ALA A 33 6.14 -1.83 0.66
CA ALA A 33 5.42 -2.03 1.91
C ALA A 33 5.67 -3.42 2.48
N ASP A 34 6.53 -4.18 1.80
CA ASP A 34 6.86 -5.54 2.24
C ASP A 34 8.36 -5.74 2.30
N CYS A 35 9.03 -5.51 1.16
CA CYS A 35 10.48 -5.67 1.08
C CYS A 35 11.17 -4.33 1.16
N GLU A 36 10.41 -3.28 1.48
CA GLU A 36 10.95 -1.93 1.58
C GLU A 36 12.02 -1.69 0.52
N ALA A 37 11.78 -2.21 -0.68
CA ALA A 37 12.72 -2.06 -1.78
C ALA A 37 13.01 -0.58 -2.05
N LYS A 38 13.94 -0.33 -2.95
CA LYS A 38 14.32 1.05 -3.29
C LYS A 38 13.67 1.47 -4.61
N GLY A 39 12.63 2.29 -4.51
CA GLY A 39 11.94 2.75 -5.70
C GLY A 39 10.76 1.89 -6.07
N PRO A 40 9.76 1.83 -5.18
CA PRO A 40 8.55 1.01 -5.40
C PRO A 40 7.67 1.58 -6.50
N ARG A 41 8.02 1.29 -7.75
CA ARG A 41 7.26 1.76 -8.90
C ARG A 41 5.81 1.29 -8.82
N TRP A 42 5.59 0.02 -9.14
CA TRP A 42 4.25 -0.56 -9.12
C TRP A 42 3.52 -0.19 -7.84
N ALA A 43 2.22 -0.43 -7.80
CA ALA A 43 1.41 -0.11 -6.63
C ALA A 43 0.09 -0.88 -6.65
N SER A 44 -0.41 -1.22 -5.47
CA SER A 44 -1.66 -1.96 -5.34
C SER A 44 -2.77 -1.07 -4.78
N TRP A 45 -3.70 -0.68 -5.65
CA TRP A 45 -4.81 0.17 -5.23
C TRP A 45 -5.76 -0.59 -4.30
N ASN A 46 -6.22 -1.75 -4.75
CA ASN A 46 -7.13 -2.56 -3.94
C ASN A 46 -6.79 -2.45 -2.47
N ILE A 47 -5.50 -2.55 -2.14
CA ILE A 47 -5.05 -2.45 -0.76
C ILE A 47 -4.75 -1.01 -0.38
N GLY A 48 -4.04 -0.31 -1.25
CA GLY A 48 -3.69 1.08 -1.00
C GLY A 48 -2.25 1.24 -0.53
N VAL A 49 -1.33 0.59 -1.24
CA VAL A 49 0.08 0.66 -0.90
C VAL A 49 0.96 0.46 -2.13
N PHE A 50 2.13 1.08 -2.13
CA PHE A 50 3.06 0.96 -3.25
C PHE A 50 4.04 -0.19 -3.03
N ILE A 51 4.06 -1.12 -3.97
CA ILE A 51 4.94 -2.28 -3.89
C ILE A 51 5.82 -2.40 -5.13
N CYS A 52 6.95 -3.09 -5.00
CA CYS A 52 7.86 -3.28 -6.12
C CYS A 52 7.30 -4.28 -7.12
N ILE A 53 7.98 -4.41 -8.25
CA ILE A 53 7.53 -5.34 -9.29
C ILE A 53 7.51 -6.78 -8.79
N ARG A 54 8.60 -7.19 -8.16
CA ARG A 54 8.70 -8.54 -7.62
C ARG A 54 7.48 -8.89 -6.77
N CYS A 55 7.27 -8.11 -5.72
CA CYS A 55 6.15 -8.32 -4.82
C CYS A 55 4.83 -8.31 -5.59
N ALA A 56 4.68 -7.33 -6.48
CA ALA A 56 3.46 -7.21 -7.28
C ALA A 56 3.07 -8.56 -7.87
N GLY A 57 4.00 -9.19 -8.57
CA GLY A 57 3.72 -10.48 -9.18
C GLY A 57 2.97 -11.42 -8.25
N ILE A 58 3.49 -11.59 -7.05
CA ILE A 58 2.87 -12.46 -6.07
C ILE A 58 1.48 -11.97 -5.71
N HIS A 59 1.31 -10.66 -5.61
CA HIS A 59 0.02 -10.07 -5.28
C HIS A 59 -1.04 -10.47 -6.30
N ARG A 60 -0.63 -10.59 -7.56
CA ARG A 60 -1.54 -10.97 -8.63
C ARG A 60 -2.12 -12.36 -8.39
N ASN A 61 -1.23 -13.31 -8.05
CA ASN A 61 -1.65 -14.69 -7.80
C ASN A 61 -2.74 -14.73 -6.74
N LEU A 62 -2.51 -14.03 -5.64
CA LEU A 62 -3.48 -13.99 -4.54
C LEU A 62 -4.91 -14.08 -5.07
N GLY A 63 -5.22 -13.27 -6.06
CA GLY A 63 -6.55 -13.27 -6.64
C GLY A 63 -7.14 -11.87 -6.75
N VAL A 64 -7.87 -11.63 -7.84
CA VAL A 64 -8.50 -10.33 -8.05
C VAL A 64 -9.40 -9.96 -6.89
N HIS A 65 -9.73 -10.93 -6.07
CA HIS A 65 -10.59 -10.70 -4.91
C HIS A 65 -9.78 -10.29 -3.69
N ILE A 66 -8.62 -10.91 -3.53
CA ILE A 66 -7.73 -10.60 -2.40
C ILE A 66 -7.00 -9.28 -2.62
N SER A 67 -6.39 -9.14 -3.80
CA SER A 67 -5.65 -7.93 -4.13
C SER A 67 -5.34 -7.87 -5.62
N ARG A 68 -5.41 -6.67 -6.18
CA ARG A 68 -5.14 -6.48 -7.61
C ARG A 68 -3.86 -5.67 -7.82
N VAL A 69 -3.18 -5.92 -8.93
CA VAL A 69 -1.96 -5.21 -9.24
C VAL A 69 -2.03 -4.54 -10.61
N LYS A 70 -1.56 -3.30 -10.69
CA LYS A 70 -1.58 -2.55 -11.94
C LYS A 70 -0.55 -1.42 -11.91
N SER A 71 0.12 -1.21 -13.04
CA SER A 71 1.14 -0.18 -13.15
C SER A 71 0.57 1.18 -12.74
N VAL A 72 1.44 2.07 -12.25
CA VAL A 72 1.02 3.40 -11.83
C VAL A 72 0.89 4.33 -13.02
N ASN A 73 1.94 4.39 -13.83
CA ASN A 73 1.95 5.26 -15.01
C ASN A 73 1.54 4.49 -16.26
N LEU A 74 2.27 3.42 -16.55
CA LEU A 74 1.99 2.60 -17.72
C LEU A 74 0.49 2.35 -17.86
N ASP A 75 -0.17 2.08 -16.74
CA ASP A 75 -1.60 1.83 -16.72
C ASP A 75 -2.37 3.08 -16.31
N GLN A 76 -3.65 3.13 -16.65
CA GLN A 76 -4.49 4.27 -16.31
C GLN A 76 -5.23 4.03 -15.00
N TRP A 77 -5.63 5.11 -14.34
CA TRP A 77 -6.34 5.02 -13.07
C TRP A 77 -7.61 5.88 -13.10
N THR A 78 -8.40 5.78 -12.04
CA THR A 78 -9.64 6.53 -11.94
C THR A 78 -9.81 7.12 -10.54
N ALA A 79 -10.39 8.31 -10.47
CA ALA A 79 -10.62 8.98 -9.19
C ALA A 79 -11.00 7.97 -8.11
N GLU A 80 -11.90 7.06 -8.44
CA GLU A 80 -12.35 6.04 -7.50
C GLU A 80 -11.15 5.37 -6.82
N GLN A 81 -10.23 4.85 -7.63
CA GLN A 81 -9.04 4.18 -7.11
C GLN A 81 -8.08 5.20 -6.50
N ILE A 82 -7.80 6.26 -7.25
CA ILE A 82 -6.89 7.30 -6.78
C ILE A 82 -7.17 7.66 -5.33
N GLN A 83 -8.42 8.00 -5.04
CA GLN A 83 -8.82 8.38 -3.69
C GLN A 83 -8.38 7.32 -2.68
N CYS A 84 -8.58 6.05 -3.04
CA CYS A 84 -8.20 4.95 -2.16
C CYS A 84 -6.74 5.07 -1.73
N MET A 85 -5.84 5.11 -2.71
CA MET A 85 -4.41 5.22 -2.43
C MET A 85 -4.17 6.10 -1.20
N GLN A 86 -4.71 7.31 -1.23
CA GLN A 86 -4.56 8.24 -0.12
C GLN A 86 -5.30 7.76 1.11
N ASP A 87 -6.57 7.42 0.93
CA ASP A 87 -7.40 6.93 2.03
C ASP A 87 -6.64 5.94 2.89
N MET A 88 -5.95 5.00 2.24
CA MET A 88 -5.18 3.99 2.96
C MET A 88 -3.72 4.42 3.09
N GLY A 89 -2.98 4.36 1.98
CA GLY A 89 -1.59 4.74 2.00
C GLY A 89 -0.74 3.83 2.87
N ASN A 90 0.55 3.79 2.59
CA ASN A 90 1.47 2.94 3.35
C ASN A 90 1.35 3.22 4.85
N THR A 91 1.46 4.50 5.20
CA THR A 91 1.36 4.90 6.61
C THR A 91 0.40 4.00 7.37
N LYS A 92 -0.87 4.04 6.99
CA LYS A 92 -1.89 3.23 7.63
C LYS A 92 -1.63 1.74 7.43
N ALA A 93 -1.40 1.35 6.19
CA ALA A 93 -1.12 -0.05 5.86
C ALA A 93 -0.17 -0.66 6.87
N ARG A 94 0.75 0.14 7.39
CA ARG A 94 1.72 -0.33 8.36
C ARG A 94 1.08 -0.47 9.75
N LEU A 95 0.37 0.56 10.16
CA LEU A 95 -0.30 0.55 11.47
C LEU A 95 -1.42 -0.49 11.49
N LEU A 96 -1.70 -1.08 10.34
CA LEU A 96 -2.74 -2.10 10.24
C LEU A 96 -2.14 -3.48 9.99
N TYR A 97 -1.46 -3.63 8.86
CA TYR A 97 -0.84 -4.89 8.49
C TYR A 97 0.42 -5.13 9.33
N GLU A 98 1.28 -4.13 9.42
CA GLU A 98 2.51 -4.23 10.19
C GLU A 98 2.27 -3.86 11.65
N ALA A 99 1.11 -4.24 12.16
CA ALA A 99 0.76 -3.96 13.55
C ALA A 99 0.81 -5.22 14.40
N ASN A 100 0.44 -6.35 13.80
CA ASN A 100 0.43 -7.62 14.50
C ASN A 100 1.72 -8.40 14.23
N LEU A 101 2.77 -7.67 13.85
CA LEU A 101 4.06 -8.28 13.57
C LEU A 101 4.75 -8.73 14.85
N PRO A 102 5.66 -9.72 14.72
CA PRO A 102 6.41 -10.25 15.87
C PRO A 102 7.42 -9.25 16.40
N GLU A 103 7.85 -9.46 17.65
CA GLU A 103 8.83 -8.58 18.28
C GLU A 103 10.11 -8.51 17.46
N ASN A 104 10.60 -9.67 17.03
CA ASN A 104 11.82 -9.74 16.24
C ASN A 104 11.50 -9.93 14.76
N PHE A 105 10.52 -9.16 14.27
CA PHE A 105 10.12 -9.23 12.88
C PHE A 105 11.28 -8.89 11.95
N ARG A 106 11.35 -9.56 10.81
CA ARG A 106 12.41 -9.33 9.84
C ARG A 106 11.89 -9.45 8.42
N ARG A 107 12.18 -8.44 7.60
CA ARG A 107 11.74 -8.44 6.21
C ARG A 107 12.47 -9.51 5.39
N PRO A 108 11.70 -10.37 4.71
CA PRO A 108 12.26 -11.45 3.89
C PRO A 108 12.95 -10.92 2.64
N GLN A 109 14.11 -11.50 2.32
CA GLN A 109 14.87 -11.09 1.15
C GLN A 109 14.68 -12.07 0.01
N THR A 110 14.65 -13.36 0.33
CA THR A 110 14.47 -14.40 -0.67
C THR A 110 13.02 -14.49 -1.13
N ASP A 111 12.81 -14.65 -2.44
CA ASP A 111 11.47 -14.75 -3.00
C ASP A 111 10.67 -15.85 -2.31
N GLN A 112 11.31 -17.00 -2.11
CA GLN A 112 10.65 -18.13 -1.46
C GLN A 112 9.85 -17.67 -0.24
N ALA A 113 10.49 -16.89 0.63
CA ALA A 113 9.85 -16.39 1.83
C ALA A 113 8.87 -15.27 1.50
N VAL A 114 9.38 -14.20 0.87
CA VAL A 114 8.56 -13.07 0.50
C VAL A 114 7.19 -13.52 -0.03
N GLU A 115 7.22 -14.33 -1.08
CA GLU A 115 5.99 -14.84 -1.68
C GLU A 115 4.98 -15.22 -0.60
N PHE A 116 5.41 -16.06 0.34
CA PHE A 116 4.54 -16.52 1.41
C PHE A 116 4.22 -15.36 2.36
N PHE A 117 5.25 -14.76 2.93
CA PHE A 117 5.08 -13.64 3.86
C PHE A 117 3.91 -12.75 3.42
N ILE A 118 3.93 -12.36 2.16
CA ILE A 118 2.87 -11.51 1.60
C ILE A 118 1.53 -12.22 1.61
N ARG A 119 1.55 -13.50 1.25
CA ARG A 119 0.33 -14.30 1.20
C ARG A 119 -0.26 -14.47 2.60
N ASP A 120 0.52 -15.05 3.52
CA ASP A 120 0.07 -15.27 4.88
C ASP A 120 -0.17 -13.93 5.59
N LYS A 121 0.40 -12.87 5.04
CA LYS A 121 0.23 -11.54 5.61
C LYS A 121 -1.05 -10.88 5.13
N TYR A 122 -1.32 -10.99 3.83
CA TYR A 122 -2.51 -10.41 3.24
C TYR A 122 -3.60 -11.47 3.05
N GLU A 123 -3.24 -12.55 2.36
CA GLU A 123 -4.16 -13.63 2.10
C GLU A 123 -4.72 -14.20 3.40
N LYS A 124 -3.84 -14.72 4.25
CA LYS A 124 -4.24 -15.29 5.53
C LYS A 124 -4.55 -14.19 6.54
N LYS A 125 -4.09 -12.98 6.25
CA LYS A 125 -4.32 -11.84 7.13
C LYS A 125 -3.77 -12.11 8.54
N LYS A 126 -2.75 -12.96 8.61
CA LYS A 126 -2.14 -13.31 9.88
C LYS A 126 -1.85 -12.06 10.71
N TYR A 127 -0.94 -11.23 10.22
CA TYR A 127 -0.58 -10.00 10.92
C TYR A 127 -1.56 -8.88 10.59
N TYR A 128 -2.84 -9.24 10.47
CA TYR A 128 -3.88 -8.26 10.16
C TYR A 128 -4.57 -7.78 11.42
N ASP A 129 -4.53 -6.47 11.65
CA ASP A 129 -5.16 -5.89 12.83
C ASP A 129 -6.57 -5.41 12.50
N LYS A 130 -7.42 -6.34 12.06
CA LYS A 130 -8.80 -6.02 11.72
C LYS A 130 -9.42 -5.10 12.77
N ASN A 131 -9.11 -5.37 14.04
CA ASN A 131 -9.64 -4.57 15.14
C ASN A 131 -9.72 -3.10 14.75
N ALA A 132 -8.65 -2.58 14.15
CA ALA A 132 -8.61 -1.19 13.72
C ALA A 132 -9.90 -0.78 13.04
N ILE A 133 -10.25 -1.49 11.97
CA ILE A 133 -11.47 -1.20 11.22
C ILE A 133 -12.70 -1.33 12.11
N ALA A 134 -12.70 -2.32 12.98
CA ALA A 134 -13.81 -2.56 13.90
C ALA A 134 -15.03 -3.10 13.16
N ILE A 135 -14.78 -3.84 12.09
CA ILE A 135 -15.85 -4.42 11.29
C ILE A 135 -17.05 -4.79 12.15
N SER A 136 -18.21 -4.29 11.79
CA SER A 136 -19.43 -4.56 12.54
C SER A 136 -19.54 -6.05 12.88
N GLY A 137 -19.56 -6.34 14.18
CA GLY A 137 -19.65 -7.73 14.62
C GLY A 137 -20.58 -8.55 13.74
N PRO A 138 -20.24 -9.83 13.56
CA PRO A 138 -21.03 -10.74 12.73
C PRO A 138 -22.36 -11.10 13.38
N SER A 139 -23.37 -11.37 12.57
CA SER A 139 -24.69 -11.72 13.06
C SER A 139 -24.66 -13.05 13.79
N SER A 140 -25.73 -13.35 14.53
CA SER A 140 -25.82 -14.59 15.28
C SER A 140 -25.98 -15.78 14.34
N GLY A 141 -25.76 -16.98 14.87
CA GLY A 141 -25.89 -18.18 14.06
C GLY A 141 -25.98 -19.44 14.91
ZN ZN B . 8.52 -5.41 -2.55
N GLY A 1 -12.07 16.72 3.19
CA GLY A 1 -11.66 17.68 4.19
C GLY A 1 -11.31 19.03 3.58
N SER A 2 -12.01 20.07 4.03
CA SER A 2 -11.77 21.42 3.51
C SER A 2 -10.53 22.03 4.16
N SER A 3 -9.83 22.86 3.40
CA SER A 3 -8.62 23.51 3.90
C SER A 3 -8.97 24.73 4.74
N GLY A 4 -9.86 25.58 4.22
CA GLY A 4 -10.26 26.76 4.94
C GLY A 4 -9.84 28.04 4.25
N SER A 5 -8.53 28.25 4.11
CA SER A 5 -8.00 29.44 3.47
C SER A 5 -6.55 29.24 3.08
N SER A 6 -6.02 30.15 2.26
CA SER A 6 -4.64 30.08 1.81
C SER A 6 -4.39 28.78 1.04
N GLY A 7 -5.35 28.41 0.19
CA GLY A 7 -5.21 27.20 -0.60
C GLY A 7 -6.50 26.42 -0.69
N LYS A 8 -6.50 25.36 -1.49
CA LYS A 8 -7.69 24.52 -1.65
C LYS A 8 -7.32 23.20 -2.31
N ALA A 9 -7.51 22.10 -1.58
CA ALA A 9 -7.21 20.78 -2.09
C ALA A 9 -7.57 20.66 -3.57
N GLN A 10 -8.85 20.88 -3.88
CA GLN A 10 -9.32 20.80 -5.25
C GLN A 10 -8.35 21.50 -6.21
N LYS A 11 -7.89 22.68 -5.80
CA LYS A 11 -6.96 23.46 -6.62
C LYS A 11 -5.56 22.84 -6.58
N LEU A 12 -5.00 22.73 -5.38
CA LEU A 12 -3.67 22.17 -5.22
C LEU A 12 -3.45 21.00 -6.17
N ASN A 13 -4.36 20.02 -6.12
CA ASN A 13 -4.27 18.85 -6.98
C ASN A 13 -4.16 19.25 -8.44
N GLU A 14 -3.06 18.87 -9.09
CA GLU A 14 -2.83 19.19 -10.49
C GLU A 14 -3.39 18.10 -11.39
N GLN A 15 -3.17 16.85 -11.01
CA GLN A 15 -3.65 15.71 -11.79
C GLN A 15 -3.36 14.40 -11.07
N HIS A 16 -4.13 13.37 -11.42
CA HIS A 16 -3.95 12.05 -10.79
C HIS A 16 -2.51 11.58 -10.91
N GLN A 17 -2.07 11.34 -12.14
CA GLN A 17 -0.71 10.89 -12.39
C GLN A 17 0.27 11.56 -11.43
N LEU A 18 0.20 12.88 -11.36
CA LEU A 18 1.09 13.64 -10.49
C LEU A 18 0.95 13.20 -9.04
N ILE A 19 -0.24 13.38 -8.48
CA ILE A 19 -0.50 12.98 -7.10
C ILE A 19 0.25 11.70 -6.75
N LEU A 20 -0.09 10.61 -7.43
CA LEU A 20 0.56 9.33 -7.19
C LEU A 20 2.03 9.52 -6.86
N SER A 21 2.72 10.33 -7.64
CA SER A 21 4.14 10.59 -7.43
C SER A 21 4.36 11.28 -6.10
N LYS A 22 3.52 12.26 -5.79
CA LYS A 22 3.63 13.01 -4.54
C LYS A 22 3.57 12.07 -3.34
N LEU A 23 2.76 11.02 -3.46
CA LEU A 23 2.61 10.04 -2.38
C LEU A 23 3.89 9.24 -2.20
N LEU A 24 4.41 8.70 -3.29
CA LEU A 24 5.65 7.91 -3.25
C LEU A 24 6.78 8.70 -2.60
N ARG A 25 6.94 9.95 -3.01
CA ARG A 25 7.98 10.80 -2.47
C ARG A 25 8.03 10.70 -0.94
N GLU A 26 6.86 10.63 -0.32
CA GLU A 26 6.77 10.52 1.13
C GLU A 26 7.50 9.29 1.64
N GLU A 27 8.35 9.49 2.65
CA GLU A 27 9.12 8.39 3.22
C GLU A 27 8.23 7.18 3.50
N ASP A 28 6.95 7.45 3.77
CA ASP A 28 5.99 6.39 4.06
C ASP A 28 5.78 5.51 2.83
N ASN A 29 5.78 6.13 1.65
CA ASN A 29 5.57 5.41 0.41
C ASN A 29 6.83 5.47 -0.47
N LYS A 30 7.99 5.57 0.17
CA LYS A 30 9.26 5.63 -0.54
C LYS A 30 9.75 4.23 -0.89
N TYR A 31 9.47 3.27 -0.02
CA TYR A 31 9.90 1.89 -0.23
C TYR A 31 8.69 0.94 -0.20
N CYS A 32 8.86 -0.22 -0.81
CA CYS A 32 7.79 -1.22 -0.84
C CYS A 32 7.13 -1.35 0.52
N ALA A 33 5.92 -1.92 0.53
CA ALA A 33 5.18 -2.11 1.77
C ALA A 33 5.44 -3.48 2.36
N ASP A 34 6.28 -4.27 1.69
CA ASP A 34 6.62 -5.61 2.15
C ASP A 34 8.13 -5.79 2.25
N CYS A 35 8.82 -5.55 1.13
CA CYS A 35 10.26 -5.69 1.09
C CYS A 35 10.95 -4.33 1.19
N GLU A 36 10.15 -3.29 1.41
CA GLU A 36 10.66 -1.93 1.52
C GLU A 36 11.77 -1.68 0.49
N ALA A 37 11.55 -2.16 -0.74
CA ALA A 37 12.53 -1.99 -1.80
C ALA A 37 12.78 -0.51 -2.10
N LYS A 38 13.85 -0.24 -2.83
CA LYS A 38 14.20 1.14 -3.17
C LYS A 38 13.59 1.52 -4.52
N GLY A 39 12.54 2.35 -4.47
CA GLY A 39 11.89 2.78 -5.70
C GLY A 39 10.73 1.88 -6.09
N PRO A 40 9.72 1.78 -5.20
CA PRO A 40 8.54 0.96 -5.43
C PRO A 40 7.65 1.51 -6.53
N ARG A 41 7.98 1.20 -7.77
CA ARG A 41 7.20 1.68 -8.92
C ARG A 41 5.75 1.22 -8.82
N TRP A 42 5.51 -0.05 -9.11
CA TRP A 42 4.17 -0.61 -9.05
C TRP A 42 3.46 -0.20 -7.77
N ALA A 43 2.14 -0.37 -7.73
CA ALA A 43 1.35 -0.01 -6.56
C ALA A 43 -0.01 -0.71 -6.58
N SER A 44 -0.28 -1.49 -5.55
CA SER A 44 -1.55 -2.22 -5.45
C SER A 44 -2.66 -1.30 -4.97
N TRP A 45 -3.44 -0.79 -5.91
CA TRP A 45 -4.54 0.11 -5.59
C TRP A 45 -5.57 -0.60 -4.71
N ASN A 46 -5.99 -1.78 -5.14
CA ASN A 46 -6.97 -2.56 -4.39
C ASN A 46 -6.70 -2.49 -2.90
N ILE A 47 -5.42 -2.62 -2.53
CA ILE A 47 -5.03 -2.57 -1.12
C ILE A 47 -4.82 -1.13 -0.67
N GLY A 48 -4.09 -0.36 -1.45
CA GLY A 48 -3.83 1.03 -1.11
C GLY A 48 -2.41 1.25 -0.65
N VAL A 49 -1.45 0.68 -1.37
CA VAL A 49 -0.04 0.82 -1.03
C VAL A 49 0.85 0.63 -2.25
N PHE A 50 2.10 1.05 -2.14
CA PHE A 50 3.05 0.93 -3.24
C PHE A 50 3.96 -0.28 -3.03
N ILE A 51 4.00 -1.15 -4.04
CA ILE A 51 4.83 -2.35 -3.98
C ILE A 51 5.71 -2.47 -5.23
N CYS A 52 6.83 -3.18 -5.08
CA CYS A 52 7.75 -3.37 -6.19
C CYS A 52 7.20 -4.37 -7.20
N ILE A 53 7.86 -4.47 -8.35
CA ILE A 53 7.42 -5.40 -9.40
C ILE A 53 7.52 -6.84 -8.94
N ARG A 54 8.52 -7.13 -8.11
CA ARG A 54 8.72 -8.48 -7.60
C ARG A 54 7.51 -8.94 -6.78
N CYS A 55 7.12 -8.12 -5.80
CA CYS A 55 5.98 -8.44 -4.96
C CYS A 55 4.69 -8.47 -5.77
N ALA A 56 4.50 -7.46 -6.60
CA ALA A 56 3.30 -7.37 -7.43
C ALA A 56 2.96 -8.72 -8.05
N GLY A 57 3.97 -9.38 -8.61
CA GLY A 57 3.76 -10.68 -9.22
C GLY A 57 3.11 -11.67 -8.28
N ILE A 58 3.56 -11.68 -7.03
CA ILE A 58 3.02 -12.59 -6.02
C ILE A 58 1.61 -12.17 -5.60
N HIS A 59 1.36 -10.86 -5.62
CA HIS A 59 0.07 -10.32 -5.24
C HIS A 59 -1.04 -10.87 -6.16
N ARG A 60 -0.76 -10.87 -7.46
CA ARG A 60 -1.73 -11.36 -8.43
C ARG A 60 -2.27 -12.72 -8.03
N ASN A 61 -1.36 -13.63 -7.68
CA ASN A 61 -1.75 -14.98 -7.26
C ASN A 61 -2.86 -14.92 -6.22
N LEU A 62 -2.64 -14.14 -5.17
CA LEU A 62 -3.62 -14.00 -4.10
C LEU A 62 -5.04 -14.08 -4.64
N GLY A 63 -5.34 -13.25 -5.64
CA GLY A 63 -6.66 -13.24 -6.23
C GLY A 63 -7.22 -11.84 -6.39
N VAL A 64 -7.89 -11.59 -7.51
CA VAL A 64 -8.47 -10.28 -7.78
C VAL A 64 -9.30 -9.80 -6.59
N HIS A 65 -9.87 -10.74 -5.85
CA HIS A 65 -10.69 -10.41 -4.69
C HIS A 65 -9.82 -9.88 -3.55
N ILE A 66 -8.60 -10.41 -3.44
CA ILE A 66 -7.67 -9.99 -2.39
C ILE A 66 -6.91 -8.74 -2.81
N SER A 67 -6.42 -8.73 -4.05
CA SER A 67 -5.66 -7.60 -4.56
C SER A 67 -5.52 -7.69 -6.08
N ARG A 68 -5.52 -6.53 -6.73
CA ARG A 68 -5.40 -6.47 -8.18
C ARG A 68 -4.18 -5.64 -8.58
N VAL A 69 -3.04 -6.30 -8.76
CA VAL A 69 -1.82 -5.63 -9.15
C VAL A 69 -2.01 -4.83 -10.43
N LYS A 70 -1.63 -3.56 -10.39
CA LYS A 70 -1.77 -2.68 -11.56
C LYS A 70 -0.72 -1.58 -11.52
N SER A 71 -0.20 -1.23 -12.69
CA SER A 71 0.81 -0.18 -12.80
C SER A 71 0.33 1.11 -12.15
N VAL A 72 1.21 2.10 -12.09
CA VAL A 72 0.87 3.38 -11.49
C VAL A 72 0.76 4.48 -12.56
N ASN A 73 1.76 4.54 -13.42
CA ASN A 73 1.78 5.54 -14.49
C ASN A 73 1.43 4.90 -15.84
N LEU A 74 1.90 3.67 -16.03
CA LEU A 74 1.64 2.94 -17.27
C LEU A 74 0.17 2.60 -17.41
N ASP A 75 -0.50 2.40 -16.28
CA ASP A 75 -1.92 2.07 -16.27
C ASP A 75 -2.76 3.30 -15.99
N GLN A 76 -4.03 3.25 -16.39
CA GLN A 76 -4.94 4.38 -16.19
C GLN A 76 -5.68 4.24 -14.85
N TRP A 77 -5.79 5.35 -14.12
CA TRP A 77 -6.47 5.34 -12.84
C TRP A 77 -7.65 6.31 -12.85
N THR A 78 -8.38 6.36 -11.73
CA THR A 78 -9.53 7.25 -11.61
C THR A 78 -9.72 7.73 -10.18
N ALA A 79 -10.45 8.82 -10.01
CA ALA A 79 -10.70 9.38 -8.70
C ALA A 79 -10.95 8.28 -7.67
N GLU A 80 -11.74 7.28 -8.05
CA GLU A 80 -12.05 6.18 -7.16
C GLU A 80 -10.78 5.57 -6.58
N GLN A 81 -9.94 5.03 -7.47
CA GLN A 81 -8.68 4.41 -7.04
C GLN A 81 -7.76 5.44 -6.38
N ILE A 82 -7.65 6.61 -7.00
CA ILE A 82 -6.81 7.67 -6.47
C ILE A 82 -7.12 7.94 -5.01
N GLN A 83 -8.35 8.34 -4.72
CA GLN A 83 -8.78 8.62 -3.36
C GLN A 83 -8.30 7.54 -2.40
N CYS A 84 -8.47 6.28 -2.81
CA CYS A 84 -8.06 5.15 -1.99
C CYS A 84 -6.62 5.31 -1.52
N MET A 85 -5.70 5.42 -2.47
CA MET A 85 -4.29 5.58 -2.15
C MET A 85 -4.11 6.53 -0.96
N GLN A 86 -4.73 7.69 -1.04
CA GLN A 86 -4.64 8.68 0.03
C GLN A 86 -5.33 8.18 1.30
N ASP A 87 -6.53 7.64 1.13
CA ASP A 87 -7.30 7.12 2.26
C ASP A 87 -6.49 6.07 3.04
N MET A 88 -6.14 4.99 2.36
CA MET A 88 -5.38 3.92 2.98
C MET A 88 -3.88 4.24 2.99
N GLY A 89 -3.27 4.15 1.80
CA GLY A 89 -1.85 4.44 1.68
C GLY A 89 -1.01 3.53 2.55
N ASN A 90 0.31 3.61 2.37
CA ASN A 90 1.24 2.78 3.14
C ASN A 90 1.15 3.11 4.62
N THR A 91 1.05 4.39 4.95
CA THR A 91 0.96 4.83 6.33
C THR A 91 0.06 3.91 7.15
N LYS A 92 -1.25 3.99 6.88
CA LYS A 92 -2.22 3.15 7.58
C LYS A 92 -1.93 1.67 7.36
N ALA A 93 -1.69 1.30 6.11
CA ALA A 93 -1.39 -0.08 5.75
C ALA A 93 -0.44 -0.72 6.77
N ARG A 94 0.53 0.06 7.22
CA ARG A 94 1.51 -0.42 8.19
C ARG A 94 0.86 -0.64 9.55
N LEU A 95 0.06 0.34 9.99
CA LEU A 95 -0.61 0.25 11.28
C LEU A 95 -1.71 -0.82 11.24
N LEU A 96 -2.00 -1.32 10.06
CA LEU A 96 -3.03 -2.34 9.88
C LEU A 96 -2.40 -3.70 9.64
N TYR A 97 -1.76 -3.87 8.50
CA TYR A 97 -1.11 -5.12 8.14
C TYR A 97 0.14 -5.34 8.98
N GLU A 98 0.96 -4.30 9.09
CA GLU A 98 2.20 -4.37 9.85
C GLU A 98 1.97 -3.93 11.29
N ALA A 99 0.81 -4.27 11.84
CA ALA A 99 0.47 -3.90 13.21
C ALA A 99 0.64 -5.09 14.15
N ASN A 100 0.30 -6.28 13.66
CA ASN A 100 0.41 -7.50 14.47
C ASN A 100 1.79 -8.12 14.31
N LEU A 101 2.75 -7.32 13.83
CA LEU A 101 4.11 -7.80 13.63
C LEU A 101 4.86 -7.85 14.95
N PRO A 102 5.81 -8.79 15.07
CA PRO A 102 6.63 -8.96 16.27
C PRO A 102 7.59 -7.80 16.49
N GLU A 103 8.02 -7.62 17.75
CA GLU A 103 8.95 -6.55 18.08
C GLU A 103 10.20 -6.61 17.21
N ASN A 104 10.80 -7.79 17.14
CA ASN A 104 12.01 -7.98 16.34
C ASN A 104 11.67 -8.52 14.95
N PHE A 105 10.60 -7.98 14.37
CA PHE A 105 10.17 -8.40 13.04
C PHE A 105 11.26 -8.17 12.01
N ARG A 106 11.30 -9.03 10.99
CA ARG A 106 12.30 -8.92 9.94
C ARG A 106 11.69 -9.23 8.58
N ARG A 107 12.06 -8.44 7.57
CA ARG A 107 11.55 -8.64 6.22
C ARG A 107 12.36 -9.70 5.48
N PRO A 108 11.66 -10.56 4.74
CA PRO A 108 12.30 -11.64 3.96
C PRO A 108 13.09 -11.11 2.77
N GLN A 109 14.33 -11.57 2.65
CA GLN A 109 15.20 -11.14 1.55
C GLN A 109 15.06 -12.08 0.36
N THR A 110 14.98 -13.37 0.64
CA THR A 110 14.84 -14.38 -0.41
C THR A 110 13.40 -14.50 -0.88
N ASP A 111 13.21 -14.49 -2.18
CA ASP A 111 11.87 -14.61 -2.77
C ASP A 111 11.09 -15.73 -2.10
N GLN A 112 11.72 -16.90 -1.98
CA GLN A 112 11.09 -18.06 -1.37
C GLN A 112 10.21 -17.63 -0.19
N ALA A 113 10.75 -16.75 0.65
CA ALA A 113 10.02 -16.27 1.81
C ALA A 113 9.02 -15.17 1.42
N VAL A 114 9.54 -14.08 0.88
CA VAL A 114 8.70 -12.96 0.47
C VAL A 114 7.36 -13.45 -0.05
N GLU A 115 7.39 -14.24 -1.12
CA GLU A 115 6.17 -14.77 -1.72
C GLU A 115 5.19 -15.20 -0.63
N PHE A 116 5.65 -16.04 0.29
CA PHE A 116 4.81 -16.54 1.37
C PHE A 116 4.47 -15.41 2.35
N PHE A 117 5.50 -14.80 2.93
CA PHE A 117 5.31 -13.71 3.87
C PHE A 117 4.14 -12.83 3.47
N ILE A 118 4.13 -12.43 2.20
CA ILE A 118 3.06 -11.58 1.68
C ILE A 118 1.73 -12.32 1.65
N ARG A 119 1.78 -13.60 1.25
CA ARG A 119 0.58 -14.42 1.18
C ARG A 119 -0.05 -14.60 2.55
N ASP A 120 0.74 -15.13 3.49
CA ASP A 120 0.26 -15.35 4.85
C ASP A 120 0.01 -14.02 5.56
N LYS A 121 0.64 -12.96 5.08
CA LYS A 121 0.49 -11.64 5.66
C LYS A 121 -0.85 -11.01 5.25
N TYR A 122 -1.14 -11.06 3.96
CA TYR A 122 -2.38 -10.50 3.43
C TYR A 122 -3.42 -11.60 3.22
N GLU A 123 -3.15 -12.47 2.24
CA GLU A 123 -4.08 -13.56 1.93
C GLU A 123 -4.65 -14.16 3.21
N LYS A 124 -3.77 -14.67 4.06
CA LYS A 124 -4.19 -15.27 5.32
C LYS A 124 -4.55 -14.21 6.35
N LYS A 125 -4.07 -13.00 6.13
CA LYS A 125 -4.34 -11.89 7.04
C LYS A 125 -3.77 -12.16 8.42
N LYS A 126 -2.74 -12.99 8.48
CA LYS A 126 -2.10 -13.34 9.75
C LYS A 126 -1.90 -12.09 10.61
N TYR A 127 -1.00 -11.22 10.17
CA TYR A 127 -0.71 -9.99 10.90
C TYR A 127 -1.71 -8.90 10.56
N TYR A 128 -2.96 -9.30 10.31
CA TYR A 128 -4.02 -8.37 9.98
C TYR A 128 -4.73 -7.86 11.23
N ASP A 129 -4.72 -6.55 11.41
CA ASP A 129 -5.37 -5.94 12.57
C ASP A 129 -6.80 -5.54 12.26
N LYS A 130 -7.65 -6.54 11.98
CA LYS A 130 -9.04 -6.29 11.66
C LYS A 130 -9.70 -5.42 12.73
N ASN A 131 -9.25 -5.57 13.96
CA ASN A 131 -9.80 -4.80 15.07
C ASN A 131 -9.78 -3.30 14.77
N ALA A 132 -8.70 -2.86 14.14
CA ALA A 132 -8.55 -1.45 13.80
C ALA A 132 -9.53 -1.06 12.68
N ILE A 133 -10.04 -2.06 11.97
CA ILE A 133 -10.98 -1.83 10.89
C ILE A 133 -12.39 -1.63 11.42
N ALA A 134 -12.58 -0.62 12.26
CA ALA A 134 -13.88 -0.33 12.84
C ALA A 134 -14.59 0.78 12.06
N ILE A 135 -15.90 0.63 11.88
CA ILE A 135 -16.69 1.62 11.15
C ILE A 135 -15.97 2.05 9.87
N SER A 136 -15.57 1.09 9.06
CA SER A 136 -14.88 1.37 7.82
C SER A 136 -15.58 0.71 6.64
N GLY A 137 -15.98 1.52 5.67
CA GLY A 137 -16.67 1.00 4.50
C GLY A 137 -18.18 0.96 4.68
N PRO A 138 -18.92 1.17 3.58
CA PRO A 138 -20.38 1.17 3.59
C PRO A 138 -20.96 -0.23 3.83
N SER A 139 -20.33 -1.23 3.22
CA SER A 139 -20.78 -2.61 3.35
C SER A 139 -21.15 -2.92 4.79
N SER A 140 -22.38 -3.38 5.00
CA SER A 140 -22.87 -3.71 6.34
C SER A 140 -22.22 -4.98 6.85
N GLY A 141 -21.57 -4.88 8.01
CA GLY A 141 -20.90 -6.03 8.58
C GLY A 141 -19.55 -5.69 9.19
ZN ZN B . 8.31 -5.52 -2.64
N GLY A 1 0.60 14.06 15.79
CA GLY A 1 0.46 12.88 14.97
C GLY A 1 0.77 13.15 13.50
N SER A 2 0.29 14.28 13.00
CA SER A 2 0.52 14.66 11.61
C SER A 2 0.34 16.16 11.42
N SER A 3 0.86 16.67 10.30
CA SER A 3 0.77 18.09 10.00
C SER A 3 -0.45 18.39 9.14
N GLY A 4 -1.56 18.74 9.78
CA GLY A 4 -2.78 19.03 9.06
C GLY A 4 -3.18 17.92 8.12
N SER A 5 -3.95 16.97 8.61
CA SER A 5 -4.40 15.84 7.81
C SER A 5 -5.74 16.14 7.15
N SER A 6 -5.77 16.04 5.82
CA SER A 6 -7.00 16.30 5.06
C SER A 6 -6.93 15.64 3.69
N GLY A 7 -8.10 15.23 3.19
CA GLY A 7 -8.16 14.59 1.88
C GLY A 7 -9.21 15.20 0.99
N LYS A 8 -8.89 16.33 0.38
CA LYS A 8 -9.82 17.01 -0.51
C LYS A 8 -9.49 16.74 -1.98
N ALA A 9 -8.28 17.14 -2.38
CA ALA A 9 -7.84 16.93 -3.75
C ALA A 9 -8.76 17.62 -4.74
N GLN A 10 -9.13 18.86 -4.44
CA GLN A 10 -10.01 19.64 -5.30
C GLN A 10 -9.38 19.87 -6.67
N LYS A 11 -8.10 20.22 -6.66
CA LYS A 11 -7.36 20.47 -7.90
C LYS A 11 -6.45 19.30 -8.24
N LEU A 12 -5.91 18.65 -7.21
CA LEU A 12 -5.01 17.51 -7.40
C LEU A 12 -5.72 16.40 -8.17
N ASN A 13 -6.97 16.13 -7.80
CA ASN A 13 -7.76 15.09 -8.45
C ASN A 13 -7.60 15.15 -9.96
N GLU A 14 -7.81 16.33 -10.53
CA GLU A 14 -7.69 16.53 -11.97
C GLU A 14 -6.49 15.77 -12.52
N GLN A 15 -5.33 15.97 -11.90
CA GLN A 15 -4.11 15.31 -12.33
C GLN A 15 -3.77 14.15 -11.40
N HIS A 16 -4.22 12.96 -11.75
CA HIS A 16 -3.96 11.77 -10.95
C HIS A 16 -2.47 11.45 -10.92
N GLN A 17 -1.90 11.20 -12.10
CA GLN A 17 -0.47 10.88 -12.20
C GLN A 17 0.32 11.61 -11.14
N LEU A 18 0.38 12.94 -11.25
CA LEU A 18 1.12 13.76 -10.29
C LEU A 18 0.86 13.30 -8.87
N ILE A 19 -0.42 13.19 -8.51
CA ILE A 19 -0.80 12.75 -7.17
C ILE A 19 -0.03 11.50 -6.76
N LEU A 20 -0.28 10.40 -7.47
CA LEU A 20 0.39 9.14 -7.18
C LEU A 20 1.88 9.35 -6.94
N SER A 21 2.52 10.08 -7.86
CA SER A 21 3.95 10.36 -7.75
C SER A 21 4.25 11.16 -6.49
N LYS A 22 3.36 12.10 -6.17
CA LYS A 22 3.54 12.94 -4.99
C LYS A 22 3.57 12.11 -3.72
N LEU A 23 2.72 11.10 -3.67
CA LEU A 23 2.64 10.21 -2.51
C LEU A 23 3.96 9.46 -2.32
N LEU A 24 4.44 8.83 -3.38
CA LEU A 24 5.69 8.08 -3.33
C LEU A 24 6.81 8.93 -2.74
N ARG A 25 6.92 10.17 -3.19
CA ARG A 25 7.95 11.08 -2.71
C ARG A 25 8.06 11.01 -1.18
N GLU A 26 6.91 10.92 -0.52
CA GLU A 26 6.88 10.85 0.94
C GLU A 26 7.59 9.58 1.43
N GLU A 27 8.49 9.76 2.40
CA GLU A 27 9.24 8.63 2.96
C GLU A 27 8.31 7.46 3.26
N ASP A 28 7.07 7.78 3.63
CA ASP A 28 6.09 6.75 3.96
C ASP A 28 5.83 5.84 2.75
N ASN A 29 5.81 6.45 1.57
CA ASN A 29 5.58 5.69 0.34
C ASN A 29 6.82 5.70 -0.55
N LYS A 30 7.99 5.88 0.06
CA LYS A 30 9.24 5.90 -0.66
C LYS A 30 9.74 4.49 -0.95
N TYR A 31 9.40 3.56 -0.07
CA TYR A 31 9.82 2.17 -0.23
C TYR A 31 8.61 1.25 -0.20
N CYS A 32 8.82 0.00 -0.61
CA CYS A 32 7.75 -1.00 -0.62
C CYS A 32 7.15 -1.17 0.77
N ALA A 33 6.00 -1.82 0.83
CA ALA A 33 5.31 -2.06 2.09
C ALA A 33 5.61 -3.47 2.61
N ASP A 34 6.30 -4.27 1.81
CA ASP A 34 6.64 -5.64 2.19
C ASP A 34 8.16 -5.81 2.24
N CYS A 35 8.83 -5.41 1.18
CA CYS A 35 10.28 -5.53 1.09
C CYS A 35 10.94 -4.16 1.14
N GLU A 36 10.16 -3.14 1.49
CA GLU A 36 10.67 -1.78 1.57
C GLU A 36 11.73 -1.53 0.49
N ALA A 37 11.51 -2.11 -0.69
CA ALA A 37 12.43 -1.94 -1.80
C ALA A 37 12.68 -0.47 -2.11
N LYS A 38 13.76 -0.18 -2.82
CA LYS A 38 14.10 1.19 -3.17
C LYS A 38 13.49 1.56 -4.53
N GLY A 39 12.46 2.39 -4.50
CA GLY A 39 11.81 2.81 -5.72
C GLY A 39 10.61 1.94 -6.07
N PRO A 40 9.63 1.89 -5.16
CA PRO A 40 8.41 1.11 -5.35
C PRO A 40 7.50 1.68 -6.43
N ARG A 41 7.84 1.40 -7.69
CA ARG A 41 7.06 1.89 -8.82
C ARG A 41 5.61 1.43 -8.72
N TRP A 42 5.37 0.18 -9.07
CA TRP A 42 4.03 -0.39 -9.02
C TRP A 42 3.32 0.00 -7.74
N ALA A 43 2.01 -0.26 -7.68
CA ALA A 43 1.21 0.07 -6.50
C ALA A 43 -0.13 -0.65 -6.54
N SER A 44 -0.51 -1.22 -5.40
CA SER A 44 -1.78 -1.93 -5.30
C SER A 44 -2.90 -1.00 -4.84
N TRP A 45 -3.83 -0.70 -5.75
CA TRP A 45 -4.95 0.17 -5.44
C TRP A 45 -5.90 -0.49 -4.47
N ASN A 46 -6.39 -1.67 -4.83
CA ASN A 46 -7.32 -2.42 -3.98
C ASN A 46 -6.95 -2.26 -2.51
N ILE A 47 -5.66 -2.44 -2.20
CA ILE A 47 -5.18 -2.31 -0.83
C ILE A 47 -4.93 -0.85 -0.46
N GLY A 48 -4.25 -0.14 -1.35
CA GLY A 48 -3.95 1.26 -1.10
C GLY A 48 -2.53 1.48 -0.64
N VAL A 49 -1.60 0.76 -1.26
CA VAL A 49 -0.18 0.88 -0.90
C VAL A 49 0.71 0.70 -2.12
N PHE A 50 1.93 1.20 -2.04
CA PHE A 50 2.88 1.10 -3.14
C PHE A 50 3.83 -0.07 -2.93
N ILE A 51 3.86 -0.99 -3.89
CA ILE A 51 4.73 -2.16 -3.81
C ILE A 51 5.63 -2.26 -5.04
N CYS A 52 6.72 -3.01 -4.92
CA CYS A 52 7.65 -3.19 -6.01
C CYS A 52 7.12 -4.20 -7.02
N ILE A 53 7.86 -4.38 -8.11
CA ILE A 53 7.47 -5.32 -9.16
C ILE A 53 7.49 -6.75 -8.65
N ARG A 54 8.53 -7.09 -7.90
CA ARG A 54 8.66 -8.43 -7.35
C ARG A 54 7.43 -8.82 -6.55
N CYS A 55 7.14 -8.05 -5.50
CA CYS A 55 5.99 -8.32 -4.65
C CYS A 55 4.70 -8.37 -5.47
N ALA A 56 4.52 -7.37 -6.34
CA ALA A 56 3.33 -7.31 -7.18
C ALA A 56 3.06 -8.65 -7.84
N GLY A 57 4.09 -9.22 -8.46
CA GLY A 57 3.94 -10.50 -9.12
C GLY A 57 3.18 -11.51 -8.29
N ILE A 58 3.56 -11.63 -7.02
CA ILE A 58 2.89 -12.55 -6.11
C ILE A 58 1.45 -12.13 -5.84
N HIS A 59 1.26 -10.85 -5.56
CA HIS A 59 -0.08 -10.32 -5.29
C HIS A 59 -1.08 -10.84 -6.30
N ARG A 60 -0.73 -10.71 -7.58
CA ARG A 60 -1.62 -11.16 -8.66
C ARG A 60 -2.12 -12.57 -8.39
N ASN A 61 -1.21 -13.47 -8.03
CA ASN A 61 -1.56 -14.86 -7.74
C ASN A 61 -2.66 -14.93 -6.69
N LEU A 62 -2.44 -14.26 -5.57
CA LEU A 62 -3.42 -14.25 -4.49
C LEU A 62 -4.84 -14.35 -5.03
N GLY A 63 -5.18 -13.43 -5.93
CA GLY A 63 -6.52 -13.44 -6.51
C GLY A 63 -7.10 -12.04 -6.62
N VAL A 64 -7.78 -11.76 -7.73
CA VAL A 64 -8.39 -10.46 -7.95
C VAL A 64 -9.29 -10.07 -6.78
N HIS A 65 -9.89 -11.07 -6.14
CA HIS A 65 -10.77 -10.84 -5.01
C HIS A 65 -9.98 -10.39 -3.78
N ILE A 66 -8.77 -10.94 -3.62
CA ILE A 66 -7.92 -10.60 -2.50
C ILE A 66 -7.20 -9.28 -2.74
N SER A 67 -6.41 -9.22 -3.80
CA SER A 67 -5.66 -8.02 -4.14
C SER A 67 -5.27 -8.01 -5.62
N ARG A 68 -5.49 -6.89 -6.27
CA ARG A 68 -5.16 -6.76 -7.70
C ARG A 68 -3.85 -6.01 -7.89
N VAL A 69 -3.32 -6.05 -9.10
CA VAL A 69 -2.07 -5.37 -9.41
C VAL A 69 -2.14 -4.68 -10.77
N LYS A 70 -1.71 -3.42 -10.82
CA LYS A 70 -1.71 -2.65 -12.06
C LYS A 70 -0.69 -1.52 -12.00
N SER A 71 -0.09 -1.22 -13.15
CA SER A 71 0.92 -0.16 -13.23
C SER A 71 0.36 1.15 -12.70
N VAL A 72 1.26 2.05 -12.31
CA VAL A 72 0.85 3.35 -11.78
C VAL A 72 0.69 4.37 -12.90
N ASN A 73 1.66 4.41 -13.81
CA ASN A 73 1.63 5.33 -14.94
C ASN A 73 1.28 4.61 -16.23
N LEU A 74 1.96 3.50 -16.48
CA LEU A 74 1.72 2.71 -17.68
C LEU A 74 0.23 2.46 -17.88
N ASP A 75 -0.46 2.13 -16.80
CA ASP A 75 -1.89 1.86 -16.84
C ASP A 75 -2.69 3.09 -16.44
N GLN A 76 -3.99 3.04 -16.68
CA GLN A 76 -4.87 4.16 -16.33
C GLN A 76 -5.44 4.00 -14.93
N TRP A 77 -6.00 5.08 -14.40
CA TRP A 77 -6.58 5.06 -13.07
C TRP A 77 -7.85 5.92 -13.01
N THR A 78 -8.46 5.98 -11.83
CA THR A 78 -9.68 6.76 -11.65
C THR A 78 -9.77 7.29 -10.21
N ALA A 79 -10.41 8.45 -10.07
CA ALA A 79 -10.57 9.07 -8.76
C ALA A 79 -10.91 8.03 -7.70
N GLU A 80 -11.89 7.19 -8.00
CA GLU A 80 -12.32 6.15 -7.07
C GLU A 80 -11.11 5.43 -6.48
N GLN A 81 -10.14 5.11 -7.32
CA GLN A 81 -8.93 4.42 -6.90
C GLN A 81 -7.93 5.39 -6.30
N ILE A 82 -7.71 6.50 -7.00
CA ILE A 82 -6.77 7.52 -6.53
C ILE A 82 -7.07 7.94 -5.10
N GLN A 83 -8.29 8.45 -4.89
CA GLN A 83 -8.71 8.90 -3.57
C GLN A 83 -8.35 7.86 -2.50
N CYS A 84 -8.57 6.59 -2.83
CA CYS A 84 -8.26 5.50 -1.90
C CYS A 84 -6.78 5.50 -1.54
N MET A 85 -5.92 5.50 -2.55
CA MET A 85 -4.49 5.49 -2.35
C MET A 85 -4.11 6.37 -1.16
N GLN A 86 -4.67 7.58 -1.12
CA GLN A 86 -4.39 8.52 -0.05
C GLN A 86 -5.10 8.11 1.24
N ASP A 87 -6.39 7.77 1.12
CA ASP A 87 -7.18 7.36 2.26
C ASP A 87 -6.45 6.29 3.08
N MET A 88 -5.88 5.31 2.38
CA MET A 88 -5.16 4.23 3.03
C MET A 88 -3.67 4.53 3.07
N GLY A 89 -3.02 4.43 1.91
CA GLY A 89 -1.59 4.69 1.84
C GLY A 89 -0.78 3.69 2.64
N ASN A 90 0.54 3.84 2.60
CA ASN A 90 1.43 2.95 3.33
C ASN A 90 1.37 3.20 4.83
N THR A 91 1.31 4.48 5.21
CA THR A 91 1.24 4.86 6.61
C THR A 91 0.32 3.93 7.39
N LYS A 92 -0.96 3.98 7.07
CA LYS A 92 -1.95 3.14 7.74
C LYS A 92 -1.67 1.67 7.48
N ALA A 93 -1.50 1.31 6.21
CA ALA A 93 -1.23 -0.07 5.83
C ALA A 93 -0.33 -0.75 6.85
N ARG A 94 0.69 -0.03 7.31
CA ARG A 94 1.62 -0.56 8.29
C ARG A 94 0.96 -0.69 9.66
N LEU A 95 0.29 0.38 10.08
CA LEU A 95 -0.38 0.39 11.37
C LEU A 95 -1.53 -0.61 11.40
N LEU A 96 -1.87 -1.15 10.23
CA LEU A 96 -2.95 -2.13 10.12
C LEU A 96 -2.39 -3.54 9.93
N TYR A 97 -1.72 -3.74 8.79
CA TYR A 97 -1.14 -5.04 8.47
C TYR A 97 0.12 -5.29 9.28
N GLU A 98 1.00 -4.29 9.32
CA GLU A 98 2.25 -4.39 10.05
C GLU A 98 2.04 -4.03 11.53
N ALA A 99 0.85 -4.30 12.03
CA ALA A 99 0.53 -4.01 13.43
C ALA A 99 0.63 -5.26 14.28
N ASN A 100 0.16 -6.38 13.76
CA ASN A 100 0.20 -7.65 14.48
C ASN A 100 1.57 -8.32 14.34
N LEU A 101 2.55 -7.53 13.91
CA LEU A 101 3.90 -8.05 13.73
C LEU A 101 4.66 -8.05 15.06
N PRO A 102 5.49 -9.09 15.27
CA PRO A 102 6.29 -9.24 16.49
C PRO A 102 7.40 -8.21 16.58
N GLU A 103 7.61 -7.69 17.79
CA GLU A 103 8.65 -6.68 18.02
C GLU A 103 9.95 -7.08 17.31
N ASN A 104 10.28 -8.37 17.34
CA ASN A 104 11.48 -8.87 16.71
C ASN A 104 11.16 -9.52 15.36
N PHE A 105 10.24 -8.92 14.63
CA PHE A 105 9.84 -9.44 13.32
C PHE A 105 11.01 -9.40 12.35
N ARG A 106 11.11 -10.43 11.52
CA ARG A 106 12.17 -10.52 10.53
C ARG A 106 11.63 -10.38 9.11
N ARG A 107 12.12 -9.39 8.39
CA ARG A 107 11.68 -9.14 7.02
C ARG A 107 12.43 -10.03 6.04
N PRO A 108 11.66 -10.71 5.16
CA PRO A 108 12.23 -11.62 4.16
C PRO A 108 12.98 -10.87 3.07
N GLN A 109 14.14 -11.40 2.68
CA GLN A 109 14.96 -10.78 1.65
C GLN A 109 14.80 -11.51 0.32
N THR A 110 14.74 -12.83 0.38
CA THR A 110 14.58 -13.64 -0.82
C THR A 110 13.12 -13.86 -1.17
N ASP A 111 12.84 -14.13 -2.43
CA ASP A 111 11.48 -14.35 -2.88
C ASP A 111 10.84 -15.53 -2.15
N GLN A 112 11.54 -16.65 -2.12
CA GLN A 112 11.05 -17.85 -1.45
C GLN A 112 10.28 -17.48 -0.18
N ALA A 113 10.77 -16.49 0.55
CA ALA A 113 10.13 -16.04 1.77
C ALA A 113 9.04 -15.01 1.47
N VAL A 114 9.44 -13.90 0.86
CA VAL A 114 8.50 -12.84 0.51
C VAL A 114 7.19 -13.41 -0.03
N GLU A 115 7.30 -14.27 -1.03
CA GLU A 115 6.13 -14.89 -1.65
C GLU A 115 5.16 -15.38 -0.57
N PHE A 116 5.66 -16.15 0.38
CA PHE A 116 4.83 -16.68 1.46
C PHE A 116 4.38 -15.56 2.39
N PHE A 117 5.33 -14.73 2.82
CA PHE A 117 5.02 -13.62 3.71
C PHE A 117 3.73 -12.93 3.31
N ILE A 118 3.64 -12.55 2.03
CA ILE A 118 2.46 -11.89 1.51
C ILE A 118 1.26 -12.84 1.47
N ARG A 119 1.52 -14.09 1.11
CA ARG A 119 0.47 -15.10 1.04
C ARG A 119 -0.01 -15.50 2.43
N ASP A 120 0.68 -14.99 3.45
CA ASP A 120 0.31 -15.29 4.83
C ASP A 120 -0.03 -14.01 5.60
N LYS A 121 0.48 -12.88 5.11
CA LYS A 121 0.23 -11.59 5.75
C LYS A 121 -1.09 -11.01 5.26
N TYR A 122 -1.28 -11.02 3.95
CA TYR A 122 -2.50 -10.47 3.35
C TYR A 122 -3.52 -11.57 3.10
N GLU A 123 -3.16 -12.53 2.25
CA GLU A 123 -4.04 -13.65 1.94
C GLU A 123 -4.63 -14.27 3.20
N LYS A 124 -3.76 -14.80 4.05
CA LYS A 124 -4.19 -15.42 5.29
C LYS A 124 -4.60 -14.36 6.32
N LYS A 125 -4.07 -13.16 6.15
CA LYS A 125 -4.39 -12.05 7.05
C LYS A 125 -3.86 -12.34 8.45
N LYS A 126 -2.80 -13.13 8.52
CA LYS A 126 -2.18 -13.47 9.81
C LYS A 126 -1.99 -12.23 10.67
N TYR A 127 -1.15 -11.32 10.21
CA TYR A 127 -0.87 -10.08 10.93
C TYR A 127 -1.86 -8.99 10.54
N TYR A 128 -3.11 -9.39 10.31
CA TYR A 128 -4.15 -8.44 9.93
C TYR A 128 -4.96 -8.00 11.15
N ASP A 129 -4.92 -6.70 11.44
CA ASP A 129 -5.65 -6.15 12.58
C ASP A 129 -6.99 -5.58 12.14
N LYS A 130 -8.06 -6.31 12.40
CA LYS A 130 -9.40 -5.87 12.03
C LYS A 130 -9.95 -4.88 13.04
N ASN A 131 -9.66 -5.12 14.32
CA ASN A 131 -10.12 -4.24 15.38
C ASN A 131 -9.97 -2.77 14.98
N ALA A 132 -8.86 -2.46 14.33
CA ALA A 132 -8.58 -1.10 13.88
C ALA A 132 -9.82 -0.47 13.24
N ILE A 133 -10.52 -1.26 12.42
CA ILE A 133 -11.72 -0.78 11.75
C ILE A 133 -11.59 0.69 11.35
N ALA A 134 -10.52 0.99 10.62
CA ALA A 134 -10.26 2.35 10.17
C ALA A 134 -10.76 2.57 8.75
N ILE A 135 -10.61 3.79 8.25
CA ILE A 135 -11.05 4.11 6.89
C ILE A 135 -10.75 2.97 5.93
N SER A 136 -11.82 2.32 5.47
CA SER A 136 -11.67 1.20 4.53
C SER A 136 -12.89 1.10 3.61
N GLY A 137 -12.66 0.61 2.40
CA GLY A 137 -13.74 0.47 1.44
C GLY A 137 -14.39 -0.89 1.50
N PRO A 138 -14.82 -1.41 0.33
CA PRO A 138 -15.47 -2.72 0.23
C PRO A 138 -14.51 -3.87 0.51
N SER A 139 -13.29 -3.52 0.92
CA SER A 139 -12.28 -4.54 1.22
C SER A 139 -12.48 -5.11 2.62
N SER A 140 -12.87 -6.38 2.68
CA SER A 140 -13.09 -7.05 3.95
C SER A 140 -12.14 -8.23 4.13
N GLY A 141 -12.23 -8.90 5.28
CA GLY A 141 -11.38 -10.03 5.54
C GLY A 141 -11.32 -10.38 7.02
ZN ZN B . 8.22 -5.30 -2.45
N GLY A 1 4.04 28.48 16.79
CA GLY A 1 4.56 27.49 15.86
C GLY A 1 4.37 27.90 14.42
N SER A 2 4.81 27.05 13.50
CA SER A 2 4.69 27.33 12.07
C SER A 2 4.98 26.07 11.25
N SER A 3 4.00 25.66 10.45
CA SER A 3 4.14 24.48 9.61
C SER A 3 4.66 24.85 8.23
N GLY A 4 5.98 24.83 8.07
CA GLY A 4 6.59 25.16 6.80
C GLY A 4 5.93 26.36 6.15
N SER A 5 5.90 26.37 4.81
CA SER A 5 5.30 27.47 4.07
C SER A 5 4.30 26.94 3.03
N SER A 6 3.22 27.68 2.83
CA SER A 6 2.19 27.29 1.88
C SER A 6 2.48 27.89 0.51
N GLY A 7 2.88 27.04 -0.44
CA GLY A 7 3.18 27.50 -1.78
C GLY A 7 3.36 26.36 -2.76
N LYS A 8 2.33 25.53 -2.89
CA LYS A 8 2.37 24.39 -3.80
C LYS A 8 1.58 24.67 -5.06
N ALA A 9 2.28 24.81 -6.19
CA ALA A 9 1.63 25.08 -7.46
C ALA A 9 1.22 23.79 -8.16
N GLN A 10 2.20 22.95 -8.48
CA GLN A 10 1.93 21.68 -9.14
C GLN A 10 0.79 20.93 -8.46
N LYS A 11 0.63 21.17 -7.16
CA LYS A 11 -0.42 20.53 -6.40
C LYS A 11 -1.80 21.04 -6.82
N LEU A 12 -2.00 22.36 -6.69
CA LEU A 12 -3.27 22.97 -7.06
C LEU A 12 -3.90 22.26 -8.25
N ASN A 13 -3.10 22.06 -9.31
CA ASN A 13 -3.58 21.38 -10.51
C ASN A 13 -4.22 20.05 -10.17
N GLU A 14 -5.37 19.77 -10.77
CA GLU A 14 -6.08 18.52 -10.53
C GLU A 14 -5.61 17.43 -11.48
N GLN A 15 -4.60 16.67 -11.04
CA GLN A 15 -4.05 15.59 -11.85
C GLN A 15 -3.77 14.36 -10.99
N HIS A 16 -4.41 13.25 -11.33
CA HIS A 16 -4.23 12.00 -10.59
C HIS A 16 -2.78 11.51 -10.71
N GLN A 17 -2.32 11.34 -11.94
CA GLN A 17 -0.96 10.87 -12.18
C GLN A 17 0.02 11.54 -11.23
N LEU A 18 0.01 12.88 -11.22
CA LEU A 18 0.90 13.65 -10.36
C LEU A 18 0.75 13.21 -8.90
N ILE A 19 -0.48 13.22 -8.41
CA ILE A 19 -0.75 12.84 -7.03
C ILE A 19 0.02 11.57 -6.66
N LEU A 20 -0.32 10.46 -7.33
CA LEU A 20 0.34 9.19 -7.07
C LEU A 20 1.83 9.39 -6.80
N SER A 21 2.47 10.20 -7.64
CA SER A 21 3.89 10.48 -7.50
C SER A 21 4.19 11.18 -6.18
N LYS A 22 3.39 12.19 -5.87
CA LYS A 22 3.57 12.95 -4.64
C LYS A 22 3.62 12.02 -3.43
N LEU A 23 2.79 10.99 -3.44
CA LEU A 23 2.75 10.02 -2.35
C LEU A 23 4.08 9.28 -2.23
N LEU A 24 4.52 8.70 -3.33
CA LEU A 24 5.78 7.95 -3.34
C LEU A 24 6.91 8.79 -2.76
N ARG A 25 6.92 10.08 -3.10
CA ARG A 25 7.95 10.99 -2.59
C ARG A 25 8.10 10.87 -1.08
N GLU A 26 6.97 10.74 -0.39
CA GLU A 26 6.98 10.61 1.06
C GLU A 26 7.76 9.37 1.49
N GLU A 27 8.55 9.52 2.55
CA GLU A 27 9.36 8.42 3.07
C GLU A 27 8.49 7.19 3.31
N ASP A 28 7.25 7.42 3.75
CA ASP A 28 6.32 6.33 4.03
C ASP A 28 6.06 5.50 2.77
N ASN A 29 6.16 6.15 1.61
CA ASN A 29 5.93 5.48 0.34
C ASN A 29 7.16 5.57 -0.55
N LYS A 30 8.33 5.65 0.07
CA LYS A 30 9.59 5.74 -0.67
C LYS A 30 10.10 4.35 -1.06
N TYR A 31 9.62 3.34 -0.36
CA TYR A 31 10.02 1.96 -0.63
C TYR A 31 8.84 1.00 -0.49
N CYS A 32 8.95 -0.16 -1.12
CA CYS A 32 7.89 -1.17 -1.06
C CYS A 32 7.30 -1.26 0.34
N ALA A 33 6.11 -1.83 0.43
CA ALA A 33 5.44 -1.98 1.71
C ALA A 33 5.71 -3.36 2.32
N ASP A 34 6.55 -4.13 1.64
CA ASP A 34 6.89 -5.48 2.11
C ASP A 34 8.40 -5.68 2.10
N CYS A 35 9.02 -5.48 0.95
CA CYS A 35 10.46 -5.64 0.82
C CYS A 35 11.17 -4.29 0.88
N GLU A 36 10.42 -3.25 1.23
CA GLU A 36 10.98 -1.91 1.32
C GLU A 36 11.95 -1.64 0.18
N ALA A 37 11.66 -2.20 -0.98
CA ALA A 37 12.50 -2.02 -2.15
C ALA A 37 12.62 -0.54 -2.53
N LYS A 38 13.77 -0.16 -3.07
CA LYS A 38 14.01 1.22 -3.47
C LYS A 38 13.44 1.49 -4.86
N GLY A 39 12.40 2.31 -4.92
CA GLY A 39 11.79 2.64 -6.19
C GLY A 39 10.62 1.73 -6.53
N PRO A 40 9.65 1.64 -5.60
CA PRO A 40 8.47 0.79 -5.79
C PRO A 40 7.54 1.33 -6.86
N ARG A 41 7.87 1.07 -8.12
CA ARG A 41 7.06 1.53 -9.24
C ARG A 41 5.62 1.05 -9.10
N TRP A 42 5.40 -0.22 -9.42
CA TRP A 42 4.06 -0.81 -9.33
C TRP A 42 3.37 -0.40 -8.04
N ALA A 43 2.06 -0.66 -7.96
CA ALA A 43 1.29 -0.31 -6.78
C ALA A 43 -0.06 -1.04 -6.77
N SER A 44 -0.56 -1.33 -5.58
CA SER A 44 -1.83 -2.03 -5.44
C SER A 44 -2.91 -1.07 -4.95
N TRP A 45 -3.86 -0.76 -5.82
CA TRP A 45 -4.96 0.15 -5.47
C TRP A 45 -5.91 -0.50 -4.49
N ASN A 46 -6.45 -1.65 -4.88
CA ASN A 46 -7.40 -2.38 -4.03
C ASN A 46 -7.01 -2.24 -2.56
N ILE A 47 -5.73 -2.44 -2.26
CA ILE A 47 -5.24 -2.34 -0.89
C ILE A 47 -4.90 -0.89 -0.54
N GLY A 48 -4.15 -0.24 -1.42
CA GLY A 48 -3.77 1.15 -1.19
C GLY A 48 -2.33 1.28 -0.74
N VAL A 49 -1.45 0.49 -1.32
CA VAL A 49 -0.04 0.52 -0.97
C VAL A 49 0.85 0.36 -2.21
N PHE A 50 2.02 0.99 -2.18
CA PHE A 50 2.95 0.92 -3.29
C PHE A 50 3.92 -0.25 -3.12
N ILE A 51 3.98 -1.12 -4.12
CA ILE A 51 4.87 -2.27 -4.08
C ILE A 51 5.72 -2.36 -5.34
N CYS A 52 6.83 -3.08 -5.25
CA CYS A 52 7.73 -3.25 -6.38
C CYS A 52 7.14 -4.21 -7.41
N ILE A 53 7.92 -4.52 -8.44
CA ILE A 53 7.47 -5.42 -9.50
C ILE A 53 7.55 -6.88 -9.04
N ARG A 54 8.35 -7.12 -8.01
CA ARG A 54 8.50 -8.47 -7.47
C ARG A 54 7.28 -8.88 -6.65
N CYS A 55 7.00 -8.11 -5.60
CA CYS A 55 5.86 -8.39 -4.74
C CYS A 55 4.57 -8.46 -5.54
N ALA A 56 4.41 -7.53 -6.48
CA ALA A 56 3.23 -7.49 -7.33
C ALA A 56 2.91 -8.86 -7.90
N GLY A 57 3.92 -9.49 -8.52
CA GLY A 57 3.72 -10.80 -9.10
C GLY A 57 3.02 -11.76 -8.17
N ILE A 58 3.41 -11.73 -6.90
CA ILE A 58 2.82 -12.60 -5.89
C ILE A 58 1.39 -12.17 -5.57
N HIS A 59 1.12 -10.88 -5.70
CA HIS A 59 -0.20 -10.33 -5.42
C HIS A 59 -1.22 -10.84 -6.44
N ARG A 60 -0.87 -10.72 -7.72
CA ARG A 60 -1.76 -11.15 -8.79
C ARG A 60 -2.21 -12.59 -8.57
N ASN A 61 -1.29 -13.44 -8.11
CA ASN A 61 -1.61 -14.84 -7.85
C ASN A 61 -2.75 -14.97 -6.86
N LEU A 62 -2.63 -14.27 -5.73
CA LEU A 62 -3.65 -14.31 -4.69
C LEU A 62 -5.05 -14.34 -5.30
N GLY A 63 -5.37 -13.33 -6.09
CA GLY A 63 -6.68 -13.26 -6.72
C GLY A 63 -7.22 -11.85 -6.79
N VAL A 64 -7.72 -11.46 -7.95
CA VAL A 64 -8.28 -10.12 -8.14
C VAL A 64 -9.19 -9.74 -6.98
N HIS A 65 -9.82 -10.74 -6.37
CA HIS A 65 -10.71 -10.51 -5.24
C HIS A 65 -9.92 -10.15 -3.99
N ILE A 66 -8.75 -10.77 -3.84
CA ILE A 66 -7.90 -10.52 -2.68
C ILE A 66 -7.14 -9.21 -2.83
N SER A 67 -6.45 -9.06 -3.96
CA SER A 67 -5.67 -7.85 -4.23
C SER A 67 -5.47 -7.65 -5.73
N ARG A 68 -5.73 -6.44 -6.20
CA ARG A 68 -5.58 -6.11 -7.61
C ARG A 68 -4.26 -5.40 -7.87
N VAL A 69 -3.51 -5.90 -8.84
CA VAL A 69 -2.22 -5.31 -9.20
C VAL A 69 -2.29 -4.63 -10.56
N LYS A 70 -1.64 -3.46 -10.66
CA LYS A 70 -1.63 -2.71 -11.91
C LYS A 70 -0.68 -1.52 -11.82
N SER A 71 0.19 -1.38 -12.80
CA SER A 71 1.16 -0.28 -12.83
C SER A 71 0.49 1.04 -12.45
N VAL A 72 1.30 2.04 -12.13
CA VAL A 72 0.79 3.35 -11.75
C VAL A 72 0.60 4.24 -12.97
N ASN A 73 1.61 4.27 -13.83
CA ASN A 73 1.57 5.08 -15.04
C ASN A 73 1.11 4.25 -16.23
N LEU A 74 1.93 3.27 -16.61
CA LEU A 74 1.62 2.41 -17.75
C LEU A 74 0.13 2.07 -17.77
N ASP A 75 -0.47 1.96 -16.59
CA ASP A 75 -1.89 1.65 -16.47
C ASP A 75 -2.70 2.91 -16.19
N GLN A 76 -4.01 2.82 -16.41
CA GLN A 76 -4.90 3.95 -16.19
C GLN A 76 -5.41 3.96 -14.75
N TRP A 77 -5.85 5.13 -14.30
CA TRP A 77 -6.35 5.29 -12.93
C TRP A 77 -7.50 6.28 -12.88
N THR A 78 -8.42 6.08 -11.94
CA THR A 78 -9.58 6.95 -11.80
C THR A 78 -9.66 7.51 -10.37
N ALA A 79 -10.34 8.64 -10.23
CA ALA A 79 -10.50 9.27 -8.92
C ALA A 79 -10.82 8.23 -7.86
N GLU A 80 -11.79 7.37 -8.14
CA GLU A 80 -12.20 6.34 -7.19
C GLU A 80 -10.98 5.62 -6.63
N GLN A 81 -10.08 5.21 -7.52
CA GLN A 81 -8.87 4.50 -7.11
C GLN A 81 -7.88 5.45 -6.45
N ILE A 82 -7.74 6.65 -7.02
CA ILE A 82 -6.83 7.65 -6.48
C ILE A 82 -7.10 7.91 -5.01
N GLN A 83 -8.31 8.35 -4.71
CA GLN A 83 -8.71 8.64 -3.33
C GLN A 83 -8.22 7.55 -2.39
N CYS A 84 -8.48 6.30 -2.75
CA CYS A 84 -8.06 5.17 -1.93
C CYS A 84 -6.58 5.28 -1.56
N MET A 85 -5.73 5.33 -2.58
CA MET A 85 -4.29 5.44 -2.35
C MET A 85 -3.99 6.35 -1.16
N GLN A 86 -4.57 7.54 -1.17
CA GLN A 86 -4.36 8.50 -0.09
C GLN A 86 -5.03 8.02 1.20
N ASP A 87 -6.31 7.65 1.10
CA ASP A 87 -7.05 7.18 2.25
C ASP A 87 -6.27 6.13 3.02
N MET A 88 -5.93 5.03 2.36
CA MET A 88 -5.17 3.96 2.99
C MET A 88 -3.69 4.32 3.07
N GLY A 89 -3.01 4.26 1.93
CA GLY A 89 -1.59 4.59 1.90
C GLY A 89 -0.75 3.59 2.67
N ASN A 90 0.57 3.70 2.55
CA ASN A 90 1.48 2.80 3.23
C ASN A 90 1.45 3.04 4.74
N THR A 91 1.32 4.30 5.13
CA THR A 91 1.28 4.65 6.55
C THR A 91 0.35 3.72 7.32
N LYS A 92 -0.95 3.84 7.05
CA LYS A 92 -1.95 3.01 7.72
C LYS A 92 -1.68 1.53 7.47
N ALA A 93 -1.39 1.19 6.21
CA ALA A 93 -1.11 -0.19 5.84
C ALA A 93 -0.19 -0.86 6.85
N ARG A 94 0.82 -0.12 7.30
CA ARG A 94 1.77 -0.64 8.27
C ARG A 94 1.15 -0.72 9.67
N LEU A 95 0.34 0.28 10.00
CA LEU A 95 -0.32 0.33 11.30
C LEU A 95 -1.50 -0.63 11.35
N LEU A 96 -1.76 -1.29 10.23
CA LEU A 96 -2.86 -2.24 10.14
C LEU A 96 -2.35 -3.66 9.92
N TYR A 97 -1.78 -3.90 8.74
CA TYR A 97 -1.24 -5.21 8.41
C TYR A 97 0.00 -5.52 9.24
N GLU A 98 0.97 -4.61 9.20
CA GLU A 98 2.21 -4.78 9.95
C GLU A 98 2.08 -4.22 11.36
N ALA A 99 0.90 -4.41 11.96
CA ALA A 99 0.64 -3.93 13.31
C ALA A 99 0.80 -5.05 14.33
N ASN A 100 0.42 -6.26 13.94
CA ASN A 100 0.52 -7.42 14.82
C ASN A 100 1.84 -8.14 14.62
N LEU A 101 2.81 -7.44 14.03
CA LEU A 101 4.13 -8.02 13.78
C LEU A 101 4.78 -8.45 15.09
N PRO A 102 5.58 -9.53 15.02
CA PRO A 102 6.28 -10.07 16.19
C PRO A 102 7.40 -9.15 16.66
N GLU A 103 7.59 -9.08 17.97
CA GLU A 103 8.63 -8.23 18.56
C GLU A 103 9.98 -8.47 17.86
N ASN A 104 10.19 -9.70 17.39
CA ASN A 104 11.43 -10.05 16.71
C ASN A 104 11.18 -10.32 15.24
N PHE A 105 10.39 -9.46 14.61
CA PHE A 105 10.07 -9.60 13.20
C PHE A 105 11.32 -9.42 12.33
N ARG A 106 11.34 -10.09 11.19
CA ARG A 106 12.48 -10.01 10.27
C ARG A 106 12.01 -9.90 8.83
N ARG A 107 12.30 -8.76 8.20
CA ARG A 107 11.91 -8.53 6.82
C ARG A 107 12.70 -9.43 5.87
N PRO A 108 11.98 -10.30 5.15
CA PRO A 108 12.59 -11.23 4.20
C PRO A 108 13.14 -10.52 2.96
N GLN A 109 14.28 -10.99 2.48
CA GLN A 109 14.91 -10.40 1.31
C GLN A 109 14.71 -11.28 0.08
N THR A 110 14.71 -12.59 0.28
CA THR A 110 14.52 -13.53 -0.82
C THR A 110 13.04 -13.83 -1.03
N ASP A 111 12.67 -14.06 -2.29
CA ASP A 111 11.29 -14.36 -2.63
C ASP A 111 10.79 -15.58 -1.86
N GLN A 112 11.65 -16.59 -1.74
CA GLN A 112 11.29 -17.81 -1.03
C GLN A 112 10.50 -17.50 0.23
N ALA A 113 10.85 -16.40 0.88
CA ALA A 113 10.18 -15.98 2.11
C ALA A 113 9.15 -14.88 1.83
N VAL A 114 9.60 -13.82 1.15
CA VAL A 114 8.72 -12.71 0.81
C VAL A 114 7.39 -13.20 0.28
N GLU A 115 7.42 -13.92 -0.84
CA GLU A 115 6.21 -14.46 -1.44
C GLU A 115 5.23 -14.92 -0.38
N PHE A 116 5.68 -15.80 0.49
CA PHE A 116 4.83 -16.33 1.56
C PHE A 116 4.38 -15.22 2.49
N PHE A 117 5.35 -14.48 3.04
CA PHE A 117 5.06 -13.38 3.95
C PHE A 117 3.85 -12.58 3.47
N ILE A 118 3.89 -12.16 2.21
CA ILE A 118 2.81 -11.39 1.63
C ILE A 118 1.52 -12.21 1.57
N ARG A 119 1.65 -13.48 1.23
CA ARG A 119 0.49 -14.37 1.16
C ARG A 119 -0.19 -14.49 2.51
N ASP A 120 0.56 -14.95 3.51
CA ASP A 120 0.03 -15.12 4.85
C ASP A 120 -0.20 -13.77 5.52
N LYS A 121 0.27 -12.70 4.88
CA LYS A 121 0.12 -11.35 5.41
C LYS A 121 -1.22 -10.75 5.01
N TYR A 122 -1.63 -11.01 3.77
CA TYR A 122 -2.90 -10.49 3.27
C TYR A 122 -3.91 -11.62 3.07
N GLU A 123 -3.47 -12.68 2.40
CA GLU A 123 -4.34 -13.83 2.13
C GLU A 123 -4.85 -14.43 3.44
N LYS A 124 -3.92 -14.80 4.33
CA LYS A 124 -4.27 -15.39 5.61
C LYS A 124 -4.68 -14.32 6.61
N LYS A 125 -4.26 -13.08 6.34
CA LYS A 125 -4.57 -11.95 7.21
C LYS A 125 -4.01 -12.18 8.61
N LYS A 126 -2.90 -12.91 8.69
CA LYS A 126 -2.27 -13.20 9.97
C LYS A 126 -2.01 -11.91 10.76
N TYR A 127 -1.01 -11.15 10.33
CA TYR A 127 -0.66 -9.90 10.99
C TYR A 127 -1.81 -8.89 10.86
N TYR A 128 -2.67 -9.10 9.88
CA TYR A 128 -3.79 -8.20 9.65
C TYR A 128 -4.53 -7.91 10.96
N ASP A 129 -4.66 -6.62 11.27
CA ASP A 129 -5.36 -6.21 12.48
C ASP A 129 -6.78 -5.76 12.18
N LYS A 130 -7.74 -6.62 12.50
CA LYS A 130 -9.15 -6.32 12.26
C LYS A 130 -9.70 -5.42 13.36
N ASN A 131 -9.24 -5.63 14.59
CA ASN A 131 -9.69 -4.83 15.72
C ASN A 131 -9.78 -3.36 15.36
N ALA A 132 -8.75 -2.87 14.67
CA ALA A 132 -8.72 -1.46 14.25
C ALA A 132 -9.87 -1.15 13.31
N ILE A 133 -10.00 -1.95 12.26
CA ILE A 133 -11.07 -1.76 11.28
C ILE A 133 -12.36 -1.31 11.95
N ALA A 134 -12.77 -2.07 12.97
CA ALA A 134 -14.00 -1.75 13.70
C ALA A 134 -15.24 -1.98 12.83
N ILE A 135 -15.13 -2.93 11.90
CA ILE A 135 -16.24 -3.24 11.01
C ILE A 135 -17.58 -3.02 11.70
N SER A 136 -17.80 -3.74 12.79
CA SER A 136 -19.05 -3.63 13.54
C SER A 136 -18.92 -4.27 14.91
N GLY A 137 -19.97 -4.17 15.72
CA GLY A 137 -19.95 -4.74 17.05
C GLY A 137 -19.47 -6.18 17.05
N PRO A 138 -19.42 -6.79 18.26
CA PRO A 138 -18.97 -8.18 18.42
C PRO A 138 -19.98 -9.17 17.85
N SER A 139 -19.81 -9.51 16.57
CA SER A 139 -20.70 -10.44 15.90
C SER A 139 -21.05 -11.61 16.83
N SER A 140 -22.31 -12.05 16.77
CA SER A 140 -22.77 -13.15 17.61
C SER A 140 -23.57 -14.15 16.78
N GLY A 141 -23.33 -15.44 17.02
CA GLY A 141 -24.05 -16.47 16.31
C GLY A 141 -23.30 -17.80 16.32
ZN ZN B . 8.38 -5.46 -2.89
N GLY A 1 6.33 29.11 0.99
CA GLY A 1 4.99 28.56 1.08
C GLY A 1 3.95 29.51 0.52
N SER A 2 2.77 28.97 0.23
CA SER A 2 1.68 29.77 -0.32
C SER A 2 0.34 29.03 -0.21
N SER A 3 -0.64 29.70 0.39
CA SER A 3 -1.96 29.11 0.56
C SER A 3 -2.99 30.17 0.96
N GLY A 4 -4.07 30.25 0.20
CA GLY A 4 -5.11 31.22 0.49
C GLY A 4 -4.87 32.54 -0.22
N SER A 5 -4.88 32.51 -1.55
CA SER A 5 -4.65 33.71 -2.35
C SER A 5 -5.85 33.99 -3.26
N SER A 6 -6.00 35.24 -3.66
CA SER A 6 -7.11 35.64 -4.52
C SER A 6 -7.31 34.62 -5.64
N GLY A 7 -6.28 34.44 -6.46
CA GLY A 7 -6.35 33.49 -7.55
C GLY A 7 -5.02 32.83 -7.86
N LYS A 8 -5.06 31.55 -8.18
CA LYS A 8 -3.85 30.80 -8.49
C LYS A 8 -4.18 29.49 -9.19
N ALA A 9 -3.33 29.07 -10.12
CA ALA A 9 -3.53 27.84 -10.85
C ALA A 9 -2.76 26.69 -10.21
N GLN A 10 -3.35 26.11 -9.16
CA GLN A 10 -2.72 25.00 -8.45
C GLN A 10 -3.62 23.78 -8.44
N LYS A 11 -4.89 23.99 -8.10
CA LYS A 11 -5.85 22.90 -8.06
C LYS A 11 -6.27 22.48 -9.46
N LEU A 12 -6.56 23.46 -10.31
CA LEU A 12 -6.97 23.19 -11.68
C LEU A 12 -6.11 22.09 -12.29
N ASN A 13 -4.81 22.15 -12.05
CA ASN A 13 -3.89 21.15 -12.58
C ASN A 13 -3.73 19.99 -11.60
N GLU A 14 -4.70 19.09 -11.59
CA GLU A 14 -4.68 17.93 -10.71
C GLU A 14 -5.03 16.66 -11.47
N GLN A 15 -4.00 15.91 -11.87
CA GLN A 15 -4.21 14.67 -12.61
C GLN A 15 -3.82 13.46 -11.76
N HIS A 16 -4.64 12.42 -11.80
CA HIS A 16 -4.37 11.21 -11.04
C HIS A 16 -2.89 10.88 -11.04
N GLN A 17 -2.37 10.55 -12.23
CA GLN A 17 -0.96 10.21 -12.36
C GLN A 17 -0.10 11.00 -11.37
N LEU A 18 -0.08 12.32 -11.54
CA LEU A 18 0.70 13.19 -10.68
C LEU A 18 0.52 12.80 -9.21
N ILE A 19 -0.69 13.00 -8.69
CA ILE A 19 -0.99 12.65 -7.31
C ILE A 19 -0.22 11.42 -6.87
N LEU A 20 -0.46 10.30 -7.54
CA LEU A 20 0.21 9.05 -7.21
C LEU A 20 1.70 9.29 -6.93
N SER A 21 2.33 10.08 -7.79
CA SER A 21 3.75 10.39 -7.63
C SER A 21 4.00 11.18 -6.35
N LYS A 22 3.13 12.14 -6.09
CA LYS A 22 3.25 12.97 -4.89
C LYS A 22 3.31 12.12 -3.63
N LEU A 23 2.64 10.97 -3.67
CA LEU A 23 2.62 10.06 -2.53
C LEU A 23 3.97 9.35 -2.39
N LEU A 24 4.47 8.80 -3.49
CA LEU A 24 5.75 8.10 -3.48
C LEU A 24 6.83 8.95 -2.82
N ARG A 25 6.83 10.24 -3.11
CA ARG A 25 7.80 11.16 -2.54
C ARG A 25 7.93 10.96 -1.03
N GLU A 26 6.79 10.91 -0.35
CA GLU A 26 6.78 10.73 1.10
C GLU A 26 7.66 9.55 1.50
N GLU A 27 8.39 9.73 2.60
CA GLU A 27 9.28 8.68 3.10
C GLU A 27 8.51 7.42 3.44
N ASP A 28 7.18 7.55 3.51
CA ASP A 28 6.31 6.42 3.83
C ASP A 28 6.01 5.60 2.59
N ASN A 29 6.22 6.20 1.42
CA ASN A 29 5.96 5.52 0.15
C ASN A 29 7.21 5.51 -0.72
N LYS A 30 8.36 5.77 -0.11
CA LYS A 30 9.63 5.78 -0.83
C LYS A 30 10.13 4.36 -1.07
N TYR A 31 9.68 3.43 -0.25
CA TYR A 31 10.08 2.03 -0.38
C TYR A 31 8.87 1.11 -0.41
N CYS A 32 9.08 -0.15 -0.77
CA CYS A 32 8.01 -1.13 -0.84
C CYS A 32 7.33 -1.28 0.52
N ALA A 33 6.16 -1.90 0.52
CA ALA A 33 5.40 -2.11 1.75
C ALA A 33 5.67 -3.49 2.33
N ASP A 34 6.50 -4.27 1.63
CA ASP A 34 6.84 -5.61 2.06
C ASP A 34 8.35 -5.79 2.15
N CYS A 35 9.01 -5.71 1.00
CA CYS A 35 10.46 -5.87 0.94
C CYS A 35 11.16 -4.53 1.14
N GLU A 36 10.37 -3.47 1.29
CA GLU A 36 10.92 -2.14 1.50
C GLU A 36 12.00 -1.82 0.47
N ALA A 37 11.81 -2.32 -0.75
CA ALA A 37 12.76 -2.09 -1.83
C ALA A 37 12.84 -0.61 -2.18
N LYS A 38 13.93 -0.23 -2.84
CA LYS A 38 14.14 1.15 -3.25
C LYS A 38 13.58 1.41 -4.64
N GLY A 39 12.58 2.29 -4.73
CA GLY A 39 11.99 2.61 -6.00
C GLY A 39 10.75 1.77 -6.29
N PRO A 40 9.77 1.81 -5.38
CA PRO A 40 8.53 1.05 -5.50
C PRO A 40 7.64 1.59 -6.63
N ARG A 41 7.92 1.19 -7.85
CA ARG A 41 7.15 1.62 -9.01
C ARG A 41 5.70 1.16 -8.89
N TRP A 42 5.46 -0.12 -9.14
CA TRP A 42 4.12 -0.69 -9.07
C TRP A 42 3.43 -0.26 -7.78
N ALA A 43 2.12 -0.49 -7.72
CA ALA A 43 1.33 -0.14 -6.55
C ALA A 43 -0.03 -0.80 -6.58
N SER A 44 -0.47 -1.30 -5.42
CA SER A 44 -1.76 -1.97 -5.32
C SER A 44 -2.82 -1.02 -4.77
N TRP A 45 -3.78 -0.67 -5.62
CA TRP A 45 -4.86 0.23 -5.23
C TRP A 45 -5.87 -0.48 -4.34
N ASN A 46 -6.38 -1.61 -4.82
CA ASN A 46 -7.36 -2.39 -4.07
C ASN A 46 -7.04 -2.37 -2.57
N ILE A 47 -5.76 -2.25 -2.25
CA ILE A 47 -5.33 -2.21 -0.86
C ILE A 47 -4.90 -0.81 -0.45
N GLY A 48 -4.14 -0.15 -1.32
CA GLY A 48 -3.68 1.19 -1.04
C GLY A 48 -2.25 1.22 -0.54
N VAL A 49 -1.35 0.55 -1.25
CA VAL A 49 0.05 0.50 -0.87
C VAL A 49 0.95 0.34 -2.09
N PHE A 50 2.10 1.02 -2.06
CA PHE A 50 3.04 0.94 -3.18
C PHE A 50 4.00 -0.22 -2.99
N ILE A 51 4.02 -1.12 -3.98
CA ILE A 51 4.91 -2.28 -3.93
C ILE A 51 5.80 -2.35 -5.17
N CYS A 52 6.92 -3.05 -5.04
CA CYS A 52 7.87 -3.19 -6.14
C CYS A 52 7.31 -4.14 -7.20
N ILE A 53 8.13 -4.42 -8.21
CA ILE A 53 7.72 -5.31 -9.30
C ILE A 53 7.73 -6.77 -8.84
N ARG A 54 8.74 -7.14 -8.08
CA ARG A 54 8.87 -8.51 -7.56
C ARG A 54 7.62 -8.90 -6.77
N CYS A 55 7.42 -8.25 -5.63
CA CYS A 55 6.28 -8.53 -4.78
C CYS A 55 4.97 -8.50 -5.59
N ALA A 56 4.79 -7.43 -6.36
CA ALA A 56 3.60 -7.28 -7.17
C ALA A 56 3.22 -8.60 -7.84
N GLY A 57 4.21 -9.25 -8.45
CA GLY A 57 3.96 -10.52 -9.12
C GLY A 57 3.23 -11.50 -8.24
N ILE A 58 3.55 -11.52 -6.95
CA ILE A 58 2.91 -12.41 -6.01
C ILE A 58 1.49 -11.97 -5.70
N HIS A 59 1.27 -10.66 -5.69
CA HIS A 59 -0.06 -10.10 -5.42
C HIS A 59 -1.05 -10.54 -6.47
N ARG A 60 -0.60 -10.61 -7.73
CA ARG A 60 -1.47 -11.02 -8.83
C ARG A 60 -1.98 -12.44 -8.62
N ASN A 61 -1.07 -13.36 -8.30
CA ASN A 61 -1.41 -14.75 -8.08
C ASN A 61 -2.54 -14.87 -7.04
N LEU A 62 -2.36 -14.19 -5.92
CA LEU A 62 -3.36 -14.22 -4.85
C LEU A 62 -4.78 -14.24 -5.42
N GLY A 63 -5.09 -13.27 -6.28
CA GLY A 63 -6.41 -13.21 -6.88
C GLY A 63 -6.96 -11.81 -6.89
N VAL A 64 -7.69 -11.47 -7.96
CA VAL A 64 -8.29 -10.15 -8.09
C VAL A 64 -9.24 -9.86 -6.95
N HIS A 65 -9.62 -10.90 -6.22
CA HIS A 65 -10.53 -10.75 -5.08
C HIS A 65 -9.76 -10.51 -3.80
N ILE A 66 -8.45 -10.76 -3.84
CA ILE A 66 -7.61 -10.57 -2.68
C ILE A 66 -6.79 -9.28 -2.79
N SER A 67 -6.10 -9.12 -3.92
CA SER A 67 -5.28 -7.95 -4.17
C SER A 67 -5.03 -7.76 -5.66
N ARG A 68 -5.44 -6.60 -6.18
CA ARG A 68 -5.26 -6.31 -7.60
C ARG A 68 -3.96 -5.54 -7.83
N VAL A 69 -3.26 -5.87 -8.90
CA VAL A 69 -2.01 -5.21 -9.24
C VAL A 69 -2.10 -4.49 -10.58
N LYS A 70 -1.62 -3.25 -10.62
CA LYS A 70 -1.65 -2.46 -11.83
C LYS A 70 -0.58 -1.37 -11.80
N SER A 71 0.04 -1.13 -12.95
CA SER A 71 1.08 -0.12 -13.05
C SER A 71 0.54 1.27 -12.68
N VAL A 72 1.36 2.06 -12.01
CA VAL A 72 0.97 3.40 -11.60
C VAL A 72 0.78 4.31 -12.81
N ASN A 73 1.59 4.10 -13.84
CA ASN A 73 1.52 4.90 -15.06
C ASN A 73 1.17 4.02 -16.26
N LEU A 74 2.05 3.10 -16.59
CA LEU A 74 1.83 2.20 -17.72
C LEU A 74 0.37 1.79 -17.81
N ASP A 75 -0.31 1.78 -16.67
CA ASP A 75 -1.72 1.42 -16.62
C ASP A 75 -2.60 2.63 -16.30
N GLN A 76 -3.88 2.51 -16.61
CA GLN A 76 -4.82 3.60 -16.36
C GLN A 76 -5.46 3.47 -14.98
N TRP A 77 -5.77 4.61 -14.37
CA TRP A 77 -6.38 4.61 -13.05
C TRP A 77 -7.67 5.42 -13.05
N THR A 78 -8.27 5.59 -11.88
CA THR A 78 -9.52 6.34 -11.75
C THR A 78 -9.59 7.04 -10.40
N ALA A 79 -10.17 8.23 -10.39
CA ALA A 79 -10.32 9.00 -9.15
C ALA A 79 -10.72 8.11 -7.99
N GLU A 80 -11.78 7.32 -8.18
CA GLU A 80 -12.26 6.42 -7.15
C GLU A 80 -11.12 5.62 -6.54
N GLN A 81 -10.18 5.22 -7.39
CA GLN A 81 -9.03 4.44 -6.93
C GLN A 81 -8.00 5.34 -6.26
N ILE A 82 -7.79 6.53 -6.82
CA ILE A 82 -6.82 7.48 -6.29
C ILE A 82 -7.13 7.79 -4.83
N GLN A 83 -8.34 8.28 -4.57
CA GLN A 83 -8.77 8.62 -3.22
C GLN A 83 -8.28 7.57 -2.23
N CYS A 84 -8.52 6.30 -2.55
CA CYS A 84 -8.11 5.21 -1.68
C CYS A 84 -6.63 5.33 -1.29
N MET A 85 -5.77 5.36 -2.31
CA MET A 85 -4.34 5.48 -2.08
C MET A 85 -4.04 6.39 -0.90
N GLN A 86 -4.51 7.63 -0.99
CA GLN A 86 -4.31 8.61 0.08
C GLN A 86 -4.92 8.13 1.39
N ASP A 87 -6.19 7.75 1.34
CA ASP A 87 -6.90 7.27 2.52
C ASP A 87 -6.07 6.20 3.25
N MET A 88 -5.82 5.10 2.57
CA MET A 88 -5.04 4.00 3.16
C MET A 88 -3.57 4.38 3.27
N GLY A 89 -2.88 4.40 2.12
CA GLY A 89 -1.47 4.74 2.11
C GLY A 89 -0.61 3.73 2.85
N ASN A 90 0.70 3.85 2.69
CA ASN A 90 1.63 2.93 3.35
C ASN A 90 1.60 3.13 4.86
N THR A 91 1.55 4.38 5.30
CA THR A 91 1.52 4.70 6.72
C THR A 91 0.57 3.76 7.47
N LYS A 92 -0.72 3.90 7.19
CA LYS A 92 -1.73 3.06 7.84
C LYS A 92 -1.49 1.59 7.54
N ALA A 93 -1.28 1.27 6.27
CA ALA A 93 -1.04 -0.10 5.85
C ALA A 93 -0.19 -0.84 6.88
N ARG A 94 0.76 -0.14 7.47
CA ARG A 94 1.64 -0.73 8.47
C ARG A 94 0.91 -0.94 9.78
N LEU A 95 0.20 0.10 10.24
CA LEU A 95 -0.54 0.03 11.48
C LEU A 95 -1.74 -0.91 11.36
N LEU A 96 -1.98 -1.39 10.14
CA LEU A 96 -3.10 -2.29 9.87
C LEU A 96 -2.58 -3.71 9.60
N TYR A 97 -1.79 -3.85 8.54
CA TYR A 97 -1.24 -5.15 8.16
C TYR A 97 -0.09 -5.53 9.08
N GLU A 98 0.73 -4.54 9.43
CA GLU A 98 1.89 -4.77 10.29
C GLU A 98 1.57 -4.35 11.73
N ALA A 99 0.34 -4.61 12.16
CA ALA A 99 -0.08 -4.26 13.51
C ALA A 99 -0.06 -5.48 14.42
N ASN A 100 -0.25 -6.66 13.83
CA ASN A 100 -0.24 -7.90 14.59
C ASN A 100 1.12 -8.57 14.54
N LEU A 101 2.14 -7.81 14.14
CA LEU A 101 3.49 -8.34 14.05
C LEU A 101 4.15 -8.37 15.42
N PRO A 102 5.00 -9.40 15.64
CA PRO A 102 5.71 -9.57 16.92
C PRO A 102 6.79 -8.50 17.13
N GLU A 103 7.17 -8.29 18.38
CA GLU A 103 8.19 -7.31 18.71
C GLU A 103 9.50 -7.62 18.01
N ASN A 104 9.80 -8.91 17.86
CA ASN A 104 11.02 -9.34 17.21
C ASN A 104 10.73 -9.84 15.79
N PHE A 105 9.75 -9.22 15.14
CA PHE A 105 9.39 -9.60 13.78
C PHE A 105 10.58 -9.49 12.84
N ARG A 106 10.47 -10.13 11.68
CA ARG A 106 11.54 -10.11 10.70
C ARG A 106 10.99 -9.88 9.29
N ARG A 107 11.75 -9.19 8.46
CA ARG A 107 11.34 -8.91 7.09
C ARG A 107 12.09 -9.79 6.10
N PRO A 108 11.33 -10.62 5.37
CA PRO A 108 11.90 -11.53 4.36
C PRO A 108 12.44 -10.80 3.15
N GLN A 109 13.49 -11.35 2.55
CA GLN A 109 14.11 -10.75 1.37
C GLN A 109 14.03 -11.68 0.18
N THR A 110 14.19 -12.98 0.43
CA THR A 110 14.14 -13.98 -0.63
C THR A 110 12.71 -14.25 -1.07
N ASP A 111 12.49 -14.29 -2.37
CA ASP A 111 11.16 -14.55 -2.92
C ASP A 111 10.50 -15.73 -2.22
N GLN A 112 11.15 -16.89 -2.30
CA GLN A 112 10.62 -18.09 -1.66
C GLN A 112 9.91 -17.77 -0.36
N ALA A 113 10.43 -16.78 0.36
CA ALA A 113 9.85 -16.36 1.63
C ALA A 113 8.86 -15.21 1.43
N VAL A 114 9.37 -14.07 0.96
CA VAL A 114 8.53 -12.91 0.73
C VAL A 114 7.16 -13.31 0.22
N GLU A 115 7.13 -14.02 -0.91
CA GLU A 115 5.88 -14.46 -1.50
C GLU A 115 4.90 -14.91 -0.42
N PHE A 116 5.35 -15.76 0.48
CA PHE A 116 4.52 -16.25 1.57
C PHE A 116 4.13 -15.13 2.52
N PHE A 117 5.14 -14.53 3.14
CA PHE A 117 4.90 -13.44 4.09
C PHE A 117 3.75 -12.55 3.61
N ILE A 118 3.77 -12.21 2.34
CA ILE A 118 2.74 -11.35 1.75
C ILE A 118 1.40 -12.08 1.70
N ARG A 119 1.46 -13.39 1.42
CA ARG A 119 0.25 -14.20 1.34
C ARG A 119 -0.39 -14.37 2.72
N ASP A 120 0.44 -14.65 3.72
CA ASP A 120 -0.04 -14.85 5.08
C ASP A 120 -0.44 -13.51 5.70
N LYS A 121 -0.05 -12.42 5.06
CA LYS A 121 -0.37 -11.08 5.54
C LYS A 121 -1.47 -10.45 4.70
N TYR A 122 -1.63 -10.93 3.48
CA TYR A 122 -2.64 -10.41 2.57
C TYR A 122 -3.65 -11.48 2.20
N GLU A 123 -3.14 -12.66 1.83
CA GLU A 123 -4.00 -13.78 1.45
C GLU A 123 -4.84 -14.25 2.64
N LYS A 124 -4.17 -14.86 3.61
CA LYS A 124 -4.85 -15.35 4.81
C LYS A 124 -5.24 -14.21 5.73
N LYS A 125 -4.51 -13.10 5.64
CA LYS A 125 -4.78 -11.94 6.47
C LYS A 125 -4.56 -12.25 7.95
N LYS A 126 -3.47 -12.95 8.24
CA LYS A 126 -3.15 -13.31 9.62
C LYS A 126 -2.79 -12.08 10.44
N TYR A 127 -1.71 -11.41 10.05
CA TYR A 127 -1.25 -10.21 10.75
C TYR A 127 -2.12 -9.01 10.39
N TYR A 128 -3.16 -9.25 9.61
CA TYR A 128 -4.07 -8.19 9.18
C TYR A 128 -4.95 -7.73 10.34
N ASP A 129 -4.88 -6.46 10.66
CA ASP A 129 -5.67 -5.90 11.75
C ASP A 129 -7.07 -5.51 11.26
N LYS A 130 -8.05 -6.34 11.56
CA LYS A 130 -9.43 -6.08 11.15
C LYS A 130 -10.20 -5.35 12.24
N ASN A 131 -9.65 -5.36 13.45
CA ASN A 131 -10.28 -4.68 14.58
C ASN A 131 -10.13 -3.17 14.47
N ALA A 132 -9.03 -2.74 13.87
CA ALA A 132 -8.75 -1.31 13.70
C ALA A 132 -9.84 -0.64 12.87
N ILE A 133 -10.04 -1.14 11.66
CA ILE A 133 -11.07 -0.59 10.76
C ILE A 133 -12.31 -0.18 11.54
N ALA A 134 -13.10 -1.19 11.93
CA ALA A 134 -14.33 -0.94 12.68
C ALA A 134 -15.06 0.28 12.15
N ILE A 135 -14.84 0.59 10.88
CA ILE A 135 -15.48 1.73 10.25
C ILE A 135 -16.99 1.51 10.12
N SER A 136 -17.70 2.56 9.70
CA SER A 136 -19.15 2.49 9.55
C SER A 136 -19.55 2.79 8.11
N GLY A 137 -20.83 2.56 7.80
CA GLY A 137 -21.32 2.82 6.46
C GLY A 137 -20.68 4.04 5.83
N PRO A 138 -19.67 3.81 4.98
CA PRO A 138 -18.94 4.89 4.30
C PRO A 138 -19.80 5.57 3.23
N SER A 139 -19.35 6.73 2.78
CA SER A 139 -20.08 7.49 1.78
C SER A 139 -20.11 6.73 0.44
N SER A 140 -21.31 6.51 -0.07
CA SER A 140 -21.47 5.80 -1.33
C SER A 140 -22.67 6.34 -2.11
N GLY A 141 -22.45 6.60 -3.40
CA GLY A 141 -23.52 7.12 -4.24
C GLY A 141 -23.01 7.69 -5.55
ZN ZN B . 8.50 -5.44 -2.64
N GLY A 1 -6.27 12.51 22.95
CA GLY A 1 -5.25 12.94 22.02
C GLY A 1 -5.57 12.58 20.58
N SER A 2 -6.43 13.37 19.96
CA SER A 2 -6.83 13.13 18.57
C SER A 2 -6.76 14.41 17.75
N SER A 3 -5.97 14.37 16.68
CA SER A 3 -5.81 15.53 15.81
C SER A 3 -7.13 15.89 15.13
N GLY A 4 -7.13 17.03 14.43
CA GLY A 4 -8.34 17.46 13.75
C GLY A 4 -8.06 18.02 12.37
N SER A 5 -7.79 17.12 11.42
CA SER A 5 -7.50 17.52 10.05
C SER A 5 -8.57 17.03 9.10
N SER A 6 -9.41 17.97 8.64
CA SER A 6 -10.49 17.63 7.72
C SER A 6 -10.18 18.12 6.31
N GLY A 7 -9.47 17.29 5.56
CA GLY A 7 -9.11 17.64 4.20
C GLY A 7 -7.70 17.21 3.83
N LYS A 8 -7.51 16.84 2.57
CA LYS A 8 -6.21 16.40 2.09
C LYS A 8 -6.11 16.52 0.57
N ALA A 9 -4.93 16.86 0.09
CA ALA A 9 -4.70 17.01 -1.34
C ALA A 9 -5.85 17.76 -2.01
N GLN A 10 -6.35 18.79 -1.33
CA GLN A 10 -7.45 19.59 -1.86
C GLN A 10 -6.94 20.65 -2.83
N LYS A 11 -6.02 21.50 -2.35
CA LYS A 11 -5.46 22.55 -3.17
C LYS A 11 -4.42 22.00 -4.14
N LEU A 12 -3.61 21.06 -3.66
CA LEU A 12 -2.57 20.45 -4.48
C LEU A 12 -3.17 19.38 -5.39
N ASN A 13 -4.29 19.69 -6.01
CA ASN A 13 -4.96 18.75 -6.91
C ASN A 13 -4.93 19.27 -8.35
N GLU A 14 -4.05 18.70 -9.16
CA GLU A 14 -3.92 19.09 -10.56
C GLU A 14 -4.22 17.92 -11.48
N GLN A 15 -3.53 16.80 -11.23
CA GLN A 15 -3.71 15.60 -12.05
C GLN A 15 -3.36 14.35 -11.27
N HIS A 16 -4.17 13.30 -11.42
CA HIS A 16 -3.94 12.04 -10.72
C HIS A 16 -2.51 11.56 -10.94
N GLN A 17 -2.16 11.30 -12.20
CA GLN A 17 -0.84 10.83 -12.55
C GLN A 17 0.21 11.40 -11.59
N LEU A 18 0.25 12.72 -11.50
CA LEU A 18 1.21 13.38 -10.62
C LEU A 18 1.06 12.90 -9.18
N ILE A 19 -0.10 13.18 -8.58
CA ILE A 19 -0.37 12.77 -7.22
C ILE A 19 0.32 11.44 -6.89
N LEU A 20 -0.09 10.38 -7.57
CA LEU A 20 0.48 9.06 -7.36
C LEU A 20 1.97 9.16 -7.03
N SER A 21 2.73 9.79 -7.93
CA SER A 21 4.16 9.95 -7.73
C SER A 21 4.45 10.78 -6.49
N LYS A 22 3.65 11.82 -6.28
CA LYS A 22 3.81 12.69 -5.12
C LYS A 22 3.78 11.90 -3.82
N LEU A 23 2.82 10.97 -3.73
CA LEU A 23 2.69 10.14 -2.54
C LEU A 23 3.96 9.35 -2.27
N LEU A 24 4.47 8.68 -3.30
CA LEU A 24 5.69 7.89 -3.17
C LEU A 24 6.80 8.72 -2.53
N ARG A 25 6.96 9.95 -3.00
CA ARG A 25 7.99 10.84 -2.47
C ARG A 25 8.07 10.74 -0.94
N GLU A 26 6.89 10.69 -0.30
CA GLU A 26 6.84 10.60 1.15
C GLU A 26 7.53 9.33 1.65
N GLU A 27 8.32 9.48 2.70
CA GLU A 27 9.04 8.35 3.27
C GLU A 27 8.11 7.16 3.50
N ASP A 28 6.87 7.46 3.87
CA ASP A 28 5.87 6.41 4.12
C ASP A 28 5.68 5.55 2.87
N ASN A 29 5.70 6.18 1.71
CA ASN A 29 5.52 5.47 0.44
C ASN A 29 6.80 5.51 -0.39
N LYS A 30 7.94 5.65 0.29
CA LYS A 30 9.22 5.70 -0.40
C LYS A 30 9.74 4.30 -0.69
N TYR A 31 9.33 3.33 0.12
CA TYR A 31 9.75 1.96 -0.05
C TYR A 31 8.56 1.01 -0.02
N CYS A 32 8.74 -0.18 -0.60
CA CYS A 32 7.68 -1.17 -0.66
C CYS A 32 7.07 -1.41 0.73
N ALA A 33 5.91 -2.05 0.76
CA ALA A 33 5.24 -2.34 2.02
C ALA A 33 5.56 -3.75 2.51
N ASP A 34 6.27 -4.51 1.68
CA ASP A 34 6.65 -5.87 2.03
C ASP A 34 8.17 -6.02 2.08
N CYS A 35 8.82 -5.75 0.95
CA CYS A 35 10.27 -5.86 0.86
C CYS A 35 10.92 -4.48 0.98
N GLU A 36 10.11 -3.48 1.32
CA GLU A 36 10.61 -2.12 1.46
C GLU A 36 11.63 -1.79 0.36
N ALA A 37 11.40 -2.33 -0.83
CA ALA A 37 12.29 -2.10 -1.96
C ALA A 37 12.36 -0.61 -2.30
N LYS A 38 13.55 -0.14 -2.63
CA LYS A 38 13.76 1.26 -2.98
C LYS A 38 13.09 1.59 -4.31
N GLY A 39 12.26 2.62 -4.31
CA GLY A 39 11.57 3.02 -5.52
C GLY A 39 10.43 2.09 -5.88
N PRO A 40 9.45 1.98 -4.97
CA PRO A 40 8.28 1.11 -5.16
C PRO A 40 7.35 1.64 -6.24
N ARG A 41 7.70 1.39 -7.51
CA ARG A 41 6.89 1.84 -8.63
C ARG A 41 5.47 1.31 -8.52
N TRP A 42 5.30 0.01 -8.77
CA TRP A 42 3.99 -0.61 -8.70
C TRP A 42 3.22 -0.13 -7.48
N ALA A 43 1.91 -0.34 -7.49
CA ALA A 43 1.05 0.08 -6.38
C ALA A 43 -0.34 -0.55 -6.48
N SER A 44 -0.72 -1.30 -5.45
CA SER A 44 -2.02 -1.96 -5.44
C SER A 44 -3.11 -1.01 -4.96
N TRP A 45 -3.99 -0.62 -5.86
CA TRP A 45 -5.08 0.29 -5.53
C TRP A 45 -6.10 -0.39 -4.61
N ASN A 46 -6.49 -1.61 -4.97
CA ASN A 46 -7.45 -2.36 -4.18
C ASN A 46 -7.15 -2.24 -2.68
N ILE A 47 -5.88 -2.43 -2.33
CA ILE A 47 -5.46 -2.34 -0.94
C ILE A 47 -5.16 -0.90 -0.54
N GLY A 48 -4.38 -0.21 -1.37
CA GLY A 48 -4.03 1.18 -1.10
C GLY A 48 -2.60 1.33 -0.62
N VAL A 49 -1.69 0.56 -1.20
CA VAL A 49 -0.28 0.61 -0.82
C VAL A 49 0.62 0.51 -2.04
N PHE A 50 1.82 1.07 -1.94
CA PHE A 50 2.77 1.04 -3.04
C PHE A 50 3.77 -0.10 -2.86
N ILE A 51 3.81 -1.01 -3.84
CA ILE A 51 4.72 -2.14 -3.80
C ILE A 51 5.62 -2.17 -5.01
N CYS A 52 6.65 -3.01 -4.97
CA CYS A 52 7.60 -3.14 -6.07
C CYS A 52 7.03 -4.05 -7.16
N ILE A 53 7.86 -4.32 -8.17
CA ILE A 53 7.45 -5.18 -9.27
C ILE A 53 7.43 -6.65 -8.85
N ARG A 54 8.42 -7.04 -8.06
CA ARG A 54 8.51 -8.43 -7.59
C ARG A 54 7.27 -8.80 -6.79
N CYS A 55 7.10 -8.19 -5.63
CA CYS A 55 5.96 -8.46 -4.76
C CYS A 55 4.67 -8.47 -5.57
N ALA A 56 4.45 -7.42 -6.35
CA ALA A 56 3.25 -7.30 -7.16
C ALA A 56 2.92 -8.63 -7.84
N GLY A 57 3.92 -9.23 -8.49
CA GLY A 57 3.71 -10.50 -9.17
C GLY A 57 3.02 -11.51 -8.29
N ILE A 58 3.44 -11.61 -7.03
CA ILE A 58 2.85 -12.55 -6.09
C ILE A 58 1.42 -12.16 -5.75
N HIS A 59 1.20 -10.87 -5.50
CA HIS A 59 -0.12 -10.37 -5.16
C HIS A 59 -1.17 -10.88 -6.15
N ARG A 60 -0.89 -10.74 -7.44
CA ARG A 60 -1.80 -11.19 -8.48
C ARG A 60 -2.28 -12.61 -8.20
N ASN A 61 -1.34 -13.50 -7.92
CA ASN A 61 -1.67 -14.90 -7.64
C ASN A 61 -2.73 -14.99 -6.55
N LEU A 62 -2.48 -14.32 -5.43
CA LEU A 62 -3.42 -14.33 -4.31
C LEU A 62 -4.86 -14.40 -4.81
N GLY A 63 -5.22 -13.45 -5.66
CA GLY A 63 -6.57 -13.40 -6.19
C GLY A 63 -7.07 -11.99 -6.41
N VAL A 64 -7.65 -11.74 -7.57
CA VAL A 64 -8.17 -10.41 -7.91
C VAL A 64 -8.93 -9.83 -6.74
N HIS A 65 -9.79 -10.63 -6.12
CA HIS A 65 -10.58 -10.19 -4.98
C HIS A 65 -9.69 -9.70 -3.84
N ILE A 66 -8.58 -10.41 -3.62
CA ILE A 66 -7.64 -10.06 -2.57
C ILE A 66 -6.82 -8.84 -2.96
N SER A 67 -6.17 -8.92 -4.12
CA SER A 67 -5.34 -7.82 -4.61
C SER A 67 -5.27 -7.82 -6.13
N ARG A 68 -5.53 -6.66 -6.72
CA ARG A 68 -5.51 -6.53 -8.18
C ARG A 68 -4.36 -5.63 -8.62
N VAL A 69 -3.14 -6.15 -8.55
CA VAL A 69 -1.95 -5.41 -8.95
C VAL A 69 -2.21 -4.61 -10.22
N LYS A 70 -1.85 -3.33 -10.18
CA LYS A 70 -2.04 -2.45 -11.34
C LYS A 70 -0.90 -1.43 -11.44
N SER A 71 -0.34 -1.31 -12.64
CA SER A 71 0.76 -0.37 -12.86
C SER A 71 0.35 1.05 -12.50
N VAL A 72 1.32 1.87 -12.12
CA VAL A 72 1.06 3.26 -11.75
C VAL A 72 1.03 4.16 -12.98
N ASN A 73 1.95 3.91 -13.90
CA ASN A 73 2.03 4.71 -15.12
C ASN A 73 1.49 3.93 -16.32
N LEU A 74 2.14 2.82 -16.65
CA LEU A 74 1.73 1.98 -17.77
C LEU A 74 0.21 1.84 -17.80
N ASP A 75 -0.40 1.78 -16.62
CA ASP A 75 -1.85 1.65 -16.53
C ASP A 75 -2.49 2.97 -16.11
N GLN A 76 -3.77 3.13 -16.43
CA GLN A 76 -4.50 4.35 -16.10
C GLN A 76 -5.27 4.18 -14.79
N TRP A 77 -5.53 5.30 -14.12
CA TRP A 77 -6.27 5.27 -12.86
C TRP A 77 -7.50 6.17 -12.94
N THR A 78 -8.20 6.30 -11.80
CA THR A 78 -9.40 7.13 -11.74
C THR A 78 -9.53 7.79 -10.38
N ALA A 79 -10.13 8.98 -10.36
CA ALA A 79 -10.32 9.73 -9.13
C ALA A 79 -10.81 8.81 -8.01
N GLU A 80 -11.85 8.02 -8.30
CA GLU A 80 -12.40 7.11 -7.31
C GLU A 80 -11.31 6.29 -6.65
N GLN A 81 -10.42 5.73 -7.47
CA GLN A 81 -9.32 4.92 -6.96
C GLN A 81 -8.27 5.79 -6.27
N ILE A 82 -7.97 6.92 -6.88
CA ILE A 82 -6.99 7.85 -6.33
C ILE A 82 -7.26 8.14 -4.85
N GLN A 83 -8.44 8.69 -4.58
CA GLN A 83 -8.83 9.01 -3.21
C GLN A 83 -8.47 7.89 -2.26
N CYS A 84 -8.71 6.65 -2.69
CA CYS A 84 -8.40 5.48 -1.87
C CYS A 84 -6.92 5.46 -1.49
N MET A 85 -6.06 5.60 -2.48
CA MET A 85 -4.61 5.59 -2.25
C MET A 85 -4.26 6.45 -1.04
N GLN A 86 -4.66 7.71 -1.09
CA GLN A 86 -4.38 8.64 0.01
C GLN A 86 -5.06 8.19 1.29
N ASP A 87 -6.32 7.78 1.18
CA ASP A 87 -7.08 7.31 2.33
C ASP A 87 -6.31 6.25 3.10
N MET A 88 -6.09 5.10 2.47
CA MET A 88 -5.37 4.01 3.10
C MET A 88 -3.87 4.30 3.15
N GLY A 89 -3.23 4.28 1.98
CA GLY A 89 -1.80 4.55 1.92
C GLY A 89 -0.99 3.56 2.71
N ASN A 90 0.33 3.65 2.61
CA ASN A 90 1.22 2.77 3.34
C ASN A 90 1.15 3.02 4.84
N THR A 91 1.15 4.29 5.22
CA THR A 91 1.09 4.68 6.62
C THR A 91 0.15 3.76 7.40
N LYS A 92 -1.14 3.85 7.09
CA LYS A 92 -2.14 3.03 7.77
C LYS A 92 -1.87 1.55 7.54
N ALA A 93 -1.70 1.17 6.28
CA ALA A 93 -1.42 -0.22 5.93
C ALA A 93 -0.44 -0.85 6.91
N ARG A 94 0.56 -0.09 7.32
CA ARG A 94 1.57 -0.57 8.26
C ARG A 94 0.98 -0.71 9.65
N LEU A 95 0.22 0.30 10.08
CA LEU A 95 -0.41 0.28 11.39
C LEU A 95 -1.53 -0.75 11.46
N LEU A 96 -1.87 -1.32 10.31
CA LEU A 96 -2.92 -2.33 10.23
C LEU A 96 -2.34 -3.72 10.01
N TYR A 97 -1.69 -3.90 8.86
CA TYR A 97 -1.09 -5.18 8.53
C TYR A 97 0.18 -5.41 9.35
N GLU A 98 1.02 -4.39 9.42
CA GLU A 98 2.27 -4.48 10.17
C GLU A 98 2.06 -4.09 11.63
N ALA A 99 0.89 -4.45 12.17
CA ALA A 99 0.57 -4.13 13.56
C ALA A 99 0.73 -5.36 14.44
N ASN A 100 0.24 -6.50 13.97
CA ASN A 100 0.31 -7.75 14.72
C ASN A 100 1.67 -8.41 14.51
N LEU A 101 2.65 -7.63 14.06
CA LEU A 101 3.99 -8.15 13.82
C LEU A 101 4.75 -8.34 15.13
N PRO A 102 5.55 -9.40 15.20
CA PRO A 102 6.36 -9.71 16.39
C PRO A 102 7.48 -8.71 16.61
N GLU A 103 7.79 -8.43 17.87
CA GLU A 103 8.86 -7.50 18.21
C GLU A 103 10.12 -7.79 17.42
N ASN A 104 10.45 -9.07 17.31
CA ASN A 104 11.64 -9.49 16.57
C ASN A 104 11.27 -9.97 15.17
N PHE A 105 10.35 -9.26 14.54
CA PHE A 105 9.91 -9.61 13.18
C PHE A 105 11.06 -9.50 12.18
N ARG A 106 11.04 -10.35 11.17
CA ARG A 106 12.08 -10.35 10.16
C ARG A 106 11.49 -10.15 8.77
N ARG A 107 12.07 -9.23 8.01
CA ARG A 107 11.59 -8.92 6.67
C ARG A 107 12.32 -9.78 5.63
N PRO A 108 11.54 -10.44 4.77
CA PRO A 108 12.09 -11.31 3.72
C PRO A 108 12.80 -10.51 2.62
N GLN A 109 13.86 -11.07 2.07
CA GLN A 109 14.62 -10.42 1.01
C GLN A 109 14.37 -11.08 -0.33
N THR A 110 14.34 -12.42 -0.33
CA THR A 110 14.11 -13.18 -1.55
C THR A 110 12.68 -13.70 -1.62
N ASP A 111 12.21 -13.98 -2.83
CA ASP A 111 10.85 -14.49 -3.03
C ASP A 111 10.59 -15.68 -2.12
N GLN A 112 11.56 -16.58 -2.02
CA GLN A 112 11.43 -17.77 -1.18
C GLN A 112 10.69 -17.44 0.11
N ALA A 113 10.91 -16.24 0.63
CA ALA A 113 10.28 -15.80 1.85
C ALA A 113 9.17 -14.78 1.58
N VAL A 114 9.51 -13.75 0.80
CA VAL A 114 8.55 -12.70 0.46
C VAL A 114 7.23 -13.31 0.00
N GLU A 115 7.26 -14.03 -1.11
CA GLU A 115 6.07 -14.66 -1.66
C GLU A 115 5.15 -15.13 -0.54
N PHE A 116 5.70 -15.94 0.37
CA PHE A 116 4.93 -16.47 1.49
C PHE A 116 4.48 -15.34 2.41
N PHE A 117 5.42 -14.52 2.84
CA PHE A 117 5.13 -13.40 3.74
C PHE A 117 3.82 -12.71 3.31
N ILE A 118 3.72 -12.39 2.03
CA ILE A 118 2.53 -11.72 1.50
C ILE A 118 1.38 -12.70 1.35
N ARG A 119 1.70 -13.93 0.99
CA ARG A 119 0.68 -14.97 0.81
C ARG A 119 0.10 -15.40 2.15
N ASP A 120 0.72 -14.93 3.24
CA ASP A 120 0.26 -15.27 4.58
C ASP A 120 -0.04 -14.00 5.38
N LYS A 121 0.48 -12.87 4.91
CA LYS A 121 0.26 -11.59 5.58
C LYS A 121 -1.09 -10.99 5.18
N TYR A 122 -1.37 -10.98 3.89
CA TYR A 122 -2.62 -10.43 3.38
C TYR A 122 -3.65 -11.54 3.12
N GLU A 123 -3.25 -12.52 2.31
CA GLU A 123 -4.12 -13.64 1.99
C GLU A 123 -4.63 -14.32 3.26
N LYS A 124 -3.71 -14.92 4.01
CA LYS A 124 -4.06 -15.61 5.25
C LYS A 124 -4.46 -14.61 6.33
N LYS A 125 -4.02 -13.37 6.18
CA LYS A 125 -4.34 -12.31 7.13
C LYS A 125 -3.77 -12.64 8.51
N LYS A 126 -2.66 -13.36 8.52
CA LYS A 126 -2.00 -13.73 9.77
C LYS A 126 -1.76 -12.51 10.65
N TYR A 127 -0.92 -11.60 10.17
CA TYR A 127 -0.61 -10.39 10.92
C TYR A 127 -1.63 -9.28 10.61
N TYR A 128 -2.89 -9.67 10.49
CA TYR A 128 -3.95 -8.72 10.20
C TYR A 128 -4.67 -8.29 11.48
N ASP A 129 -4.62 -7.01 11.78
CA ASP A 129 -5.27 -6.47 12.97
C ASP A 129 -6.68 -5.99 12.65
N LYS A 130 -7.67 -6.76 13.09
CA LYS A 130 -9.07 -6.42 12.85
C LYS A 130 -9.56 -5.39 13.86
N ASN A 131 -9.10 -5.53 15.10
CA ASN A 131 -9.49 -4.62 16.17
C ASN A 131 -9.30 -3.16 15.74
N ALA A 132 -8.21 -2.91 15.02
CA ALA A 132 -7.91 -1.57 14.54
C ALA A 132 -9.19 -0.78 14.24
N ILE A 133 -10.04 -1.36 13.38
CA ILE A 133 -11.28 -0.72 13.01
C ILE A 133 -11.15 0.80 13.02
N ALA A 134 -10.18 1.31 12.26
CA ALA A 134 -9.95 2.74 12.17
C ALA A 134 -10.38 3.28 10.81
N ILE A 135 -11.41 4.14 10.82
CA ILE A 135 -11.90 4.73 9.59
C ILE A 135 -12.01 3.68 8.48
N SER A 136 -12.72 2.59 8.77
CA SER A 136 -12.89 1.52 7.79
C SER A 136 -14.35 1.45 7.32
N GLY A 137 -14.53 1.23 6.03
CA GLY A 137 -15.86 1.13 5.47
C GLY A 137 -16.12 -0.19 4.78
N PRO A 138 -17.39 -0.63 4.80
CA PRO A 138 -17.80 -1.90 4.18
C PRO A 138 -17.73 -1.85 2.66
N SER A 139 -17.46 -0.66 2.12
CA SER A 139 -17.37 -0.47 0.68
C SER A 139 -15.97 -0.82 0.17
N SER A 140 -15.87 -1.95 -0.53
CA SER A 140 -14.58 -2.40 -1.07
C SER A 140 -14.80 -3.26 -2.31
N GLY A 141 -13.76 -3.32 -3.15
CA GLY A 141 -13.85 -4.11 -4.37
C GLY A 141 -14.23 -3.27 -5.57
ZN ZN B . 8.20 -5.44 -2.58
N GLY A 1 18.80 23.23 8.50
CA GLY A 1 18.25 22.48 9.61
C GLY A 1 18.07 21.01 9.29
N SER A 2 17.02 20.40 9.84
CA SER A 2 16.74 18.99 9.61
C SER A 2 15.33 18.80 9.08
N SER A 3 14.35 19.32 9.81
CA SER A 3 12.95 19.21 9.40
C SER A 3 12.78 19.57 7.93
N GLY A 4 11.85 18.88 7.26
CA GLY A 4 11.60 19.14 5.86
C GLY A 4 10.40 20.05 5.64
N SER A 5 10.00 20.21 4.38
CA SER A 5 8.87 21.05 4.04
C SER A 5 7.55 20.34 4.32
N SER A 6 7.00 20.56 5.52
CA SER A 6 5.74 19.93 5.91
C SER A 6 4.56 20.62 5.22
N GLY A 7 4.06 19.99 4.17
CA GLY A 7 2.93 20.55 3.44
C GLY A 7 2.03 19.47 2.85
N LYS A 8 0.73 19.67 2.97
CA LYS A 8 -0.24 18.72 2.44
C LYS A 8 -0.86 19.23 1.14
N ALA A 9 -1.01 18.34 0.17
CA ALA A 9 -1.59 18.70 -1.12
C ALA A 9 -2.77 17.80 -1.46
N GLN A 10 -3.61 17.54 -0.47
CA GLN A 10 -4.79 16.69 -0.67
C GLN A 10 -5.92 17.47 -1.31
N LYS A 11 -6.11 18.70 -0.86
CA LYS A 11 -7.17 19.56 -1.39
C LYS A 11 -6.82 20.07 -2.77
N LEU A 12 -5.53 20.34 -2.99
CA LEU A 12 -5.06 20.83 -4.28
C LEU A 12 -4.89 19.69 -5.27
N ASN A 13 -5.88 18.79 -5.30
CA ASN A 13 -5.83 17.64 -6.21
C ASN A 13 -6.33 18.03 -7.60
N GLU A 14 -5.39 18.18 -8.54
CA GLU A 14 -5.73 18.55 -9.90
C GLU A 14 -5.84 17.31 -10.79
N GLN A 15 -4.76 16.55 -10.87
CA GLN A 15 -4.73 15.34 -11.69
C GLN A 15 -4.25 14.14 -10.87
N HIS A 16 -4.72 12.95 -11.24
CA HIS A 16 -4.33 11.73 -10.55
C HIS A 16 -2.84 11.47 -10.69
N GLN A 17 -2.41 11.20 -11.92
CA GLN A 17 -1.00 10.93 -12.20
C GLN A 17 -0.10 11.68 -11.22
N LEU A 18 -0.38 12.97 -11.02
CA LEU A 18 0.39 13.79 -10.12
C LEU A 18 0.23 13.33 -8.67
N ILE A 19 -1.03 13.18 -8.25
CA ILE A 19 -1.33 12.75 -6.90
C ILE A 19 -0.53 11.49 -6.53
N LEU A 20 -0.66 10.46 -7.36
CA LEU A 20 0.04 9.21 -7.13
C LEU A 20 1.51 9.47 -6.79
N SER A 21 2.14 10.35 -7.56
CA SER A 21 3.54 10.69 -7.36
C SER A 21 3.74 11.39 -6.02
N LYS A 22 2.85 12.32 -5.70
CA LYS A 22 2.92 13.06 -4.45
C LYS A 22 3.07 12.12 -3.26
N LEU A 23 2.24 11.09 -3.22
CA LEU A 23 2.28 10.11 -2.14
C LEU A 23 3.69 9.53 -1.99
N LEU A 24 4.26 9.08 -3.11
CA LEU A 24 5.60 8.51 -3.11
C LEU A 24 6.63 9.53 -2.67
N ARG A 25 6.33 10.80 -2.90
CA ARG A 25 7.24 11.88 -2.53
C ARG A 25 6.91 12.42 -1.13
N GLU A 26 5.85 11.88 -0.54
CA GLU A 26 5.44 12.30 0.79
C GLU A 26 6.13 11.47 1.87
N GLU A 27 7.33 11.00 1.56
CA GLU A 27 8.10 10.19 2.51
C GLU A 27 7.20 9.18 3.21
N ASP A 28 6.25 8.61 2.46
CA ASP A 28 5.34 7.62 3.01
C ASP A 28 5.40 6.32 2.22
N ASN A 29 5.40 6.44 0.90
CA ASN A 29 5.45 5.27 0.02
C ASN A 29 6.78 5.21 -0.72
N LYS A 30 7.83 5.73 -0.09
CA LYS A 30 9.16 5.73 -0.70
C LYS A 30 9.71 4.31 -0.81
N TYR A 31 9.12 3.39 -0.06
CA TYR A 31 9.55 2.00 -0.07
C TYR A 31 8.35 1.05 -0.07
N CYS A 32 8.52 -0.11 -0.70
CA CYS A 32 7.45 -1.10 -0.77
C CYS A 32 6.72 -1.21 0.56
N ALA A 33 5.43 -1.51 0.51
CA ALA A 33 4.61 -1.65 1.71
C ALA A 33 4.81 -3.01 2.34
N ASP A 34 5.79 -3.77 1.83
CA ASP A 34 6.08 -5.10 2.36
C ASP A 34 7.58 -5.29 2.52
N CYS A 35 8.30 -5.30 1.40
CA CYS A 35 9.75 -5.48 1.42
C CYS A 35 10.46 -4.13 1.47
N GLU A 36 9.70 -3.07 1.71
CA GLU A 36 10.27 -1.73 1.79
C GLU A 36 11.41 -1.57 0.78
N ALA A 37 11.17 -2.00 -0.45
CA ALA A 37 12.19 -1.89 -1.49
C ALA A 37 12.49 -0.45 -1.83
N LYS A 38 13.65 -0.21 -2.44
CA LYS A 38 14.05 1.14 -2.82
C LYS A 38 13.55 1.49 -4.22
N GLY A 39 12.48 2.28 -4.27
CA GLY A 39 11.92 2.68 -5.56
C GLY A 39 10.69 1.87 -5.93
N PRO A 40 9.67 1.91 -5.06
CA PRO A 40 8.42 1.17 -5.28
C PRO A 40 7.60 1.76 -6.42
N ARG A 41 7.96 1.39 -7.65
CA ARG A 41 7.26 1.88 -8.83
C ARG A 41 5.80 1.42 -8.82
N TRP A 42 5.59 0.14 -9.11
CA TRP A 42 4.26 -0.43 -9.12
C TRP A 42 3.48 -0.07 -7.86
N ALA A 43 2.18 -0.31 -7.88
CA ALA A 43 1.33 -0.01 -6.73
C ALA A 43 0.00 -0.75 -6.82
N SER A 44 -0.47 -1.26 -5.68
CA SER A 44 -1.73 -2.00 -5.63
C SER A 44 -2.87 -1.10 -5.16
N TRP A 45 -3.73 -0.71 -6.09
CA TRP A 45 -4.86 0.15 -5.76
C TRP A 45 -5.84 -0.56 -4.83
N ASN A 46 -6.32 -1.72 -5.26
CA ASN A 46 -7.26 -2.51 -4.46
C ASN A 46 -6.98 -2.35 -2.98
N ILE A 47 -5.69 -2.31 -2.63
CA ILE A 47 -5.29 -2.17 -1.24
C ILE A 47 -5.01 -0.71 -0.90
N GLY A 48 -4.36 -0.01 -1.82
CA GLY A 48 -4.04 1.40 -1.61
C GLY A 48 -2.62 1.59 -1.11
N VAL A 49 -1.72 0.72 -1.52
CA VAL A 49 -0.32 0.80 -1.12
C VAL A 49 0.61 0.54 -2.29
N PHE A 50 1.76 1.21 -2.28
CA PHE A 50 2.74 1.07 -3.35
C PHE A 50 3.69 -0.11 -3.05
N ILE A 51 3.91 -0.94 -4.07
CA ILE A 51 4.79 -2.10 -3.93
C ILE A 51 5.75 -2.19 -5.10
N CYS A 52 6.74 -3.08 -4.97
CA CYS A 52 7.74 -3.28 -6.02
C CYS A 52 7.24 -4.27 -7.06
N ILE A 53 8.06 -4.52 -8.08
CA ILE A 53 7.69 -5.45 -9.13
C ILE A 53 7.72 -6.89 -8.63
N ARG A 54 8.65 -7.18 -7.72
CA ARG A 54 8.78 -8.52 -7.15
C ARG A 54 7.49 -8.93 -6.45
N CYS A 55 7.17 -8.24 -5.37
CA CYS A 55 5.95 -8.53 -4.60
C CYS A 55 4.72 -8.54 -5.51
N ALA A 56 4.63 -7.53 -6.38
CA ALA A 56 3.50 -7.43 -7.29
C ALA A 56 3.18 -8.78 -7.93
N GLY A 57 4.20 -9.41 -8.50
CA GLY A 57 4.01 -10.70 -9.14
C GLY A 57 3.29 -11.69 -8.24
N ILE A 58 3.61 -11.66 -6.96
CA ILE A 58 2.98 -12.57 -5.99
C ILE A 58 1.54 -12.14 -5.70
N HIS A 59 1.31 -10.84 -5.63
CA HIS A 59 -0.03 -10.31 -5.37
C HIS A 59 -1.03 -10.84 -6.39
N ARG A 60 -0.68 -10.75 -7.65
CA ARG A 60 -1.55 -11.21 -8.73
C ARG A 60 -2.05 -12.63 -8.44
N ASN A 61 -1.14 -13.51 -8.06
CA ASN A 61 -1.48 -14.89 -7.76
C ASN A 61 -2.68 -14.96 -6.81
N LEU A 62 -2.61 -14.21 -5.73
CA LEU A 62 -3.68 -14.17 -4.74
C LEU A 62 -5.05 -14.26 -5.43
N GLY A 63 -5.29 -13.35 -6.37
CA GLY A 63 -6.55 -13.35 -7.09
C GLY A 63 -7.11 -11.94 -7.26
N VAL A 64 -7.74 -11.70 -8.40
CA VAL A 64 -8.32 -10.38 -8.68
C VAL A 64 -9.33 -9.99 -7.61
N HIS A 65 -9.71 -10.95 -6.78
CA HIS A 65 -10.68 -10.71 -5.72
C HIS A 65 -9.96 -10.33 -4.42
N ILE A 66 -8.74 -10.81 -4.27
CA ILE A 66 -7.95 -10.52 -3.07
C ILE A 66 -7.13 -9.25 -3.25
N SER A 67 -6.45 -9.14 -4.40
CA SER A 67 -5.63 -7.98 -4.69
C SER A 67 -5.28 -7.92 -6.17
N ARG A 68 -5.45 -6.75 -6.77
CA ARG A 68 -5.17 -6.56 -8.19
C ARG A 68 -3.92 -5.69 -8.38
N VAL A 69 -2.97 -6.20 -9.16
CA VAL A 69 -1.73 -5.47 -9.43
C VAL A 69 -1.80 -4.76 -10.77
N LYS A 70 -1.26 -3.54 -10.82
CA LYS A 70 -1.25 -2.75 -12.05
C LYS A 70 -0.31 -1.55 -11.91
N SER A 71 0.37 -1.22 -13.00
CA SER A 71 1.30 -0.09 -13.01
C SER A 71 0.61 1.17 -12.53
N VAL A 72 1.42 2.18 -12.18
CA VAL A 72 0.89 3.45 -11.69
C VAL A 72 0.65 4.42 -12.85
N ASN A 73 1.60 4.46 -13.79
CA ASN A 73 1.50 5.34 -14.94
C ASN A 73 1.08 4.57 -16.19
N LEU A 74 1.85 3.54 -16.52
CA LEU A 74 1.57 2.71 -17.69
C LEU A 74 0.08 2.36 -17.76
N ASP A 75 -0.52 2.11 -16.60
CA ASP A 75 -1.94 1.77 -16.52
C ASP A 75 -2.77 3.01 -16.24
N GLN A 76 -4.08 2.90 -16.49
CA GLN A 76 -4.99 4.01 -16.25
C GLN A 76 -5.67 3.90 -14.90
N TRP A 77 -5.86 5.04 -14.24
CA TRP A 77 -6.49 5.06 -12.92
C TRP A 77 -7.68 6.02 -12.91
N THR A 78 -8.53 5.89 -11.89
CA THR A 78 -9.70 6.74 -11.77
C THR A 78 -9.74 7.42 -10.40
N ALA A 79 -10.15 8.68 -10.38
CA ALA A 79 -10.23 9.44 -9.14
C ALA A 79 -10.72 8.56 -7.99
N GLU A 80 -11.78 7.80 -8.25
CA GLU A 80 -12.35 6.91 -7.25
C GLU A 80 -11.27 6.02 -6.63
N GLN A 81 -10.50 5.37 -7.49
CA GLN A 81 -9.43 4.48 -7.03
C GLN A 81 -8.32 5.27 -6.35
N ILE A 82 -8.01 6.44 -6.91
CA ILE A 82 -6.97 7.30 -6.35
C ILE A 82 -7.17 7.51 -4.85
N GLN A 83 -8.35 8.00 -4.48
CA GLN A 83 -8.67 8.24 -3.08
C GLN A 83 -8.09 7.14 -2.19
N CYS A 84 -8.42 5.90 -2.52
CA CYS A 84 -7.94 4.75 -1.75
C CYS A 84 -6.44 4.87 -1.48
N MET A 85 -5.65 4.94 -2.55
CA MET A 85 -4.21 5.07 -2.43
C MET A 85 -3.82 5.93 -1.23
N GLN A 86 -4.51 7.06 -1.09
CA GLN A 86 -4.25 7.98 0.01
C GLN A 86 -4.88 7.48 1.31
N ASP A 87 -6.14 7.09 1.22
CA ASP A 87 -6.86 6.58 2.39
C ASP A 87 -6.09 5.46 3.06
N MET A 88 -5.30 4.72 2.27
CA MET A 88 -4.51 3.62 2.79
C MET A 88 -3.03 3.97 2.81
N GLY A 89 -2.40 3.97 1.64
CA GLY A 89 -1.00 4.29 1.54
C GLY A 89 -0.14 3.44 2.46
N ASN A 90 1.17 3.54 2.30
CA ASN A 90 2.10 2.77 3.13
C ASN A 90 1.96 3.15 4.61
N THR A 91 1.82 4.43 4.87
CA THR A 91 1.68 4.92 6.24
C THR A 91 0.77 4.01 7.05
N LYS A 92 -0.53 4.05 6.75
CA LYS A 92 -1.49 3.23 7.46
C LYS A 92 -1.17 1.75 7.30
N ALA A 93 -0.91 1.34 6.07
CA ALA A 93 -0.58 -0.05 5.78
C ALA A 93 0.30 -0.65 6.87
N ARG A 94 1.36 0.08 7.24
CA ARG A 94 2.28 -0.38 8.26
C ARG A 94 1.59 -0.41 9.63
N LEU A 95 0.77 0.58 9.90
CA LEU A 95 0.05 0.67 11.16
C LEU A 95 -1.16 -0.26 11.17
N LEU A 96 -1.37 -0.95 10.05
CA LEU A 96 -2.49 -1.88 9.92
C LEU A 96 -1.99 -3.31 9.75
N TYR A 97 -1.40 -3.59 8.60
CA TYR A 97 -0.87 -4.92 8.30
C TYR A 97 0.36 -5.22 9.16
N GLU A 98 1.29 -4.27 9.18
CA GLU A 98 2.52 -4.44 9.94
C GLU A 98 2.30 -4.05 11.41
N ALA A 99 1.11 -4.34 11.92
CA ALA A 99 0.77 -4.03 13.30
C ALA A 99 0.65 -5.30 14.14
N ASN A 100 0.09 -6.34 13.53
CA ASN A 100 -0.10 -7.62 14.23
C ASN A 100 1.14 -8.51 14.06
N LEU A 101 2.27 -7.88 13.75
CA LEU A 101 3.52 -8.61 13.58
C LEU A 101 4.09 -9.06 14.91
N PRO A 102 4.89 -10.13 14.89
CA PRO A 102 5.51 -10.68 16.10
C PRO A 102 6.60 -9.76 16.66
N GLU A 103 6.79 -9.83 17.98
CA GLU A 103 7.80 -9.00 18.63
C GLU A 103 9.17 -9.22 18.01
N ASN A 104 9.39 -10.42 17.49
CA ASN A 104 10.67 -10.76 16.86
C ASN A 104 10.50 -10.98 15.37
N PHE A 105 9.72 -10.11 14.73
CA PHE A 105 9.47 -10.20 13.30
C PHE A 105 10.77 -9.99 12.51
N ARG A 106 10.89 -10.70 11.40
CA ARG A 106 12.08 -10.59 10.56
C ARG A 106 11.70 -10.45 9.08
N ARG A 107 11.71 -9.22 8.59
CA ARG A 107 11.37 -8.96 7.20
C ARG A 107 12.10 -9.91 6.26
N PRO A 108 11.35 -10.64 5.45
CA PRO A 108 11.91 -11.60 4.48
C PRO A 108 12.64 -10.91 3.33
N GLN A 109 13.81 -11.43 2.97
CA GLN A 109 14.60 -10.86 1.90
C GLN A 109 14.45 -11.69 0.62
N THR A 110 14.40 -13.01 0.77
CA THR A 110 14.26 -13.90 -0.36
C THR A 110 12.79 -14.10 -0.73
N ASP A 111 12.54 -14.40 -2.00
CA ASP A 111 11.18 -14.62 -2.48
C ASP A 111 10.52 -15.77 -1.74
N GLN A 112 11.25 -16.87 -1.60
CA GLN A 112 10.73 -18.04 -0.91
C GLN A 112 9.91 -17.65 0.30
N ALA A 113 10.31 -16.58 0.97
CA ALA A 113 9.60 -16.08 2.15
C ALA A 113 8.59 -15.01 1.77
N VAL A 114 9.09 -13.87 1.28
CA VAL A 114 8.22 -12.77 0.89
C VAL A 114 6.93 -13.27 0.29
N GLU A 115 7.04 -14.14 -0.73
CA GLU A 115 5.87 -14.70 -1.39
C GLU A 115 4.81 -15.11 -0.37
N PHE A 116 5.24 -15.83 0.65
CA PHE A 116 4.33 -16.29 1.70
C PHE A 116 3.95 -15.14 2.63
N PHE A 117 4.96 -14.45 3.15
CA PHE A 117 4.74 -13.33 4.05
C PHE A 117 3.58 -12.46 3.57
N ILE A 118 3.58 -12.15 2.27
CA ILE A 118 2.53 -11.32 1.69
C ILE A 118 1.21 -12.07 1.65
N ARG A 119 1.28 -13.37 1.35
CA ARG A 119 0.08 -14.19 1.28
C ARG A 119 -0.59 -14.31 2.64
N ASP A 120 0.15 -14.84 3.61
CA ASP A 120 -0.38 -15.01 4.96
C ASP A 120 -0.65 -13.66 5.61
N LYS A 121 -0.18 -12.60 4.97
CA LYS A 121 -0.38 -11.24 5.48
C LYS A 121 -1.67 -10.64 4.94
N TYR A 122 -1.90 -10.83 3.65
CA TYR A 122 -3.10 -10.30 3.00
C TYR A 122 -4.12 -11.42 2.76
N GLU A 123 -3.65 -12.53 2.21
CA GLU A 123 -4.52 -13.66 1.93
C GLU A 123 -5.14 -14.22 3.21
N LYS A 124 -4.28 -14.75 4.07
CA LYS A 124 -4.74 -15.31 5.34
C LYS A 124 -5.13 -14.20 6.32
N LYS A 125 -4.62 -13.01 6.09
CA LYS A 125 -4.92 -11.87 6.94
C LYS A 125 -4.50 -12.14 8.39
N LYS A 126 -3.37 -12.82 8.55
CA LYS A 126 -2.86 -13.15 9.87
C LYS A 126 -2.53 -11.88 10.66
N TYR A 127 -1.54 -11.13 10.17
CA TYR A 127 -1.14 -9.89 10.83
C TYR A 127 -2.03 -8.72 10.39
N TYR A 128 -3.31 -9.00 10.21
CA TYR A 128 -4.26 -7.98 9.80
C TYR A 128 -5.05 -7.45 10.99
N ASP A 129 -4.90 -6.16 11.26
CA ASP A 129 -5.60 -5.53 12.37
C ASP A 129 -6.84 -4.78 11.88
N LYS A 130 -8.01 -5.36 12.14
CA LYS A 130 -9.26 -4.75 11.74
C LYS A 130 -9.70 -3.67 12.73
N ASN A 131 -9.29 -3.83 13.99
CA ASN A 131 -9.65 -2.87 15.02
C ASN A 131 -9.20 -1.47 14.64
N ALA A 132 -8.02 -1.36 14.04
CA ALA A 132 -7.49 -0.07 13.62
C ALA A 132 -8.59 0.84 13.11
N ILE A 133 -9.25 0.43 12.03
CA ILE A 133 -10.33 1.21 11.45
C ILE A 133 -11.34 1.63 12.51
N ALA A 134 -11.91 0.65 13.18
CA ALA A 134 -12.90 0.92 14.23
C ALA A 134 -12.22 1.48 15.49
N ILE A 135 -13.04 1.83 16.47
CA ILE A 135 -12.51 2.38 17.73
C ILE A 135 -12.13 1.26 18.69
N SER A 136 -11.05 1.47 19.44
CA SER A 136 -10.58 0.48 20.40
C SER A 136 -11.47 0.46 21.64
N GLY A 137 -11.67 -0.73 22.19
CA GLY A 137 -12.50 -0.87 23.38
C GLY A 137 -11.69 -0.82 24.65
N PRO A 138 -12.26 -1.37 25.74
CA PRO A 138 -11.60 -1.40 27.05
C PRO A 138 -10.40 -2.34 27.08
N SER A 139 -9.21 -1.77 27.26
CA SER A 139 -7.99 -2.55 27.29
C SER A 139 -8.01 -3.54 28.45
N SER A 140 -7.75 -4.81 28.15
CA SER A 140 -7.74 -5.85 29.16
C SER A 140 -6.32 -6.20 29.58
N GLY A 141 -6.19 -6.94 30.68
CA GLY A 141 -4.88 -7.33 31.16
C GLY A 141 -4.96 -8.33 32.31
ZN ZN B . 8.06 -5.43 -2.47
N GLY A 1 -7.03 11.60 14.41
CA GLY A 1 -5.98 10.62 14.49
C GLY A 1 -4.65 11.21 14.92
N SER A 2 -4.24 12.28 14.24
CA SER A 2 -2.98 12.94 14.56
C SER A 2 -3.23 14.35 15.11
N SER A 3 -2.22 14.90 15.78
CA SER A 3 -2.33 16.24 16.36
C SER A 3 -2.77 17.25 15.30
N GLY A 4 -4.08 17.38 15.14
CA GLY A 4 -4.62 18.31 14.16
C GLY A 4 -3.80 18.36 12.89
N SER A 5 -4.16 17.53 11.93
CA SER A 5 -3.44 17.47 10.66
C SER A 5 -4.20 18.22 9.57
N SER A 6 -3.80 19.48 9.35
CA SER A 6 -4.45 20.30 8.34
C SER A 6 -3.67 20.27 7.02
N GLY A 7 -4.07 19.36 6.13
CA GLY A 7 -3.40 19.24 4.85
C GLY A 7 -4.31 18.66 3.78
N LYS A 8 -5.51 19.23 3.66
CA LYS A 8 -6.46 18.77 2.67
C LYS A 8 -6.21 19.43 1.31
N ALA A 9 -5.93 18.61 0.30
CA ALA A 9 -5.67 19.12 -1.04
C ALA A 9 -6.71 18.61 -2.03
N GLN A 10 -7.97 18.57 -1.60
CA GLN A 10 -9.05 18.09 -2.44
C GLN A 10 -9.18 18.96 -3.70
N LYS A 11 -9.12 20.27 -3.51
CA LYS A 11 -9.21 21.20 -4.63
C LYS A 11 -7.87 21.34 -5.35
N LEU A 12 -6.84 21.67 -4.60
CA LEU A 12 -5.50 21.83 -5.17
C LEU A 12 -5.21 20.74 -6.20
N ASN A 13 -5.45 19.49 -5.82
CA ASN A 13 -5.22 18.36 -6.71
C ASN A 13 -6.16 18.42 -7.92
N GLU A 14 -5.59 18.34 -9.11
CA GLU A 14 -6.37 18.37 -10.34
C GLU A 14 -6.20 17.09 -11.13
N GLN A 15 -4.95 16.66 -11.29
CA GLN A 15 -4.65 15.44 -12.03
C GLN A 15 -4.28 14.30 -11.09
N HIS A 16 -4.77 13.10 -11.38
CA HIS A 16 -4.49 11.94 -10.56
C HIS A 16 -3.04 11.50 -10.72
N GLN A 17 -2.64 11.23 -11.96
CA GLN A 17 -1.28 10.80 -12.24
C GLN A 17 -0.29 11.46 -11.28
N LEU A 18 -0.41 12.77 -11.12
CA LEU A 18 0.48 13.51 -10.23
C LEU A 18 0.28 13.08 -8.78
N ILE A 19 -0.97 13.03 -8.36
CA ILE A 19 -1.30 12.63 -6.98
C ILE A 19 -0.51 11.39 -6.58
N LEU A 20 -0.51 10.39 -7.45
CA LEU A 20 0.21 9.15 -7.18
C LEU A 20 1.67 9.42 -6.85
N SER A 21 2.31 10.26 -7.65
CA SER A 21 3.71 10.61 -7.44
C SER A 21 3.91 11.25 -6.07
N LYS A 22 3.02 12.17 -5.72
CA LYS A 22 3.09 12.87 -4.44
C LYS A 22 3.28 11.87 -3.30
N LEU A 23 2.46 10.82 -3.29
CA LEU A 23 2.55 9.80 -2.25
C LEU A 23 3.95 9.22 -2.16
N LEU A 24 4.45 8.71 -3.28
CA LEU A 24 5.79 8.13 -3.34
C LEU A 24 6.81 9.05 -2.68
N ARG A 25 6.74 10.33 -3.02
CA ARG A 25 7.67 11.32 -2.46
C ARG A 25 7.88 11.07 -0.97
N GLU A 26 6.78 10.86 -0.24
CA GLU A 26 6.86 10.63 1.19
C GLU A 26 7.76 9.44 1.51
N GLU A 27 8.49 9.52 2.61
CA GLU A 27 9.39 8.46 3.02
C GLU A 27 8.62 7.16 3.30
N ASP A 28 7.37 7.31 3.70
CA ASP A 28 6.53 6.16 4.00
C ASP A 28 6.23 5.36 2.74
N ASN A 29 6.47 5.97 1.59
CA ASN A 29 6.23 5.32 0.31
C ASN A 29 7.48 5.35 -0.57
N LYS A 30 8.62 5.65 0.06
CA LYS A 30 9.88 5.72 -0.66
C LYS A 30 10.37 4.32 -1.04
N TYR A 31 9.90 3.32 -0.30
CA TYR A 31 10.29 1.93 -0.55
C TYR A 31 9.07 1.01 -0.46
N CYS A 32 9.21 -0.18 -1.04
CA CYS A 32 8.13 -1.16 -1.02
C CYS A 32 7.52 -1.28 0.37
N ALA A 33 6.32 -1.86 0.44
CA ALA A 33 5.63 -2.03 1.71
C ALA A 33 5.86 -3.43 2.27
N ASP A 34 6.71 -4.19 1.61
CA ASP A 34 7.02 -5.56 2.04
C ASP A 34 8.52 -5.79 2.06
N CYS A 35 9.19 -5.44 0.96
CA CYS A 35 10.63 -5.61 0.85
C CYS A 35 11.35 -4.27 0.90
N GLU A 36 10.61 -3.22 1.27
CA GLU A 36 11.18 -1.88 1.35
C GLU A 36 12.20 -1.65 0.24
N ALA A 37 11.90 -2.15 -0.95
CA ALA A 37 12.78 -2.00 -2.10
C ALA A 37 12.96 -0.53 -2.46
N LYS A 38 14.06 -0.22 -3.12
CA LYS A 38 14.35 1.15 -3.53
C LYS A 38 13.75 1.45 -4.90
N GLY A 39 12.70 2.27 -4.91
CA GLY A 39 12.05 2.63 -6.16
C GLY A 39 10.83 1.77 -6.43
N PRO A 40 9.84 1.84 -5.52
CA PRO A 40 8.60 1.08 -5.65
C PRO A 40 7.72 1.59 -6.78
N ARG A 41 8.03 1.17 -8.01
CA ARG A 41 7.27 1.60 -9.18
C ARG A 41 5.81 1.19 -9.05
N TRP A 42 5.54 -0.10 -9.25
CA TRP A 42 4.18 -0.61 -9.16
C TRP A 42 3.50 -0.13 -7.88
N ALA A 43 2.20 -0.38 -7.79
CA ALA A 43 1.43 0.03 -6.61
C ALA A 43 0.05 -0.62 -6.60
N SER A 44 -0.22 -1.41 -5.56
CA SER A 44 -1.50 -2.09 -5.44
C SER A 44 -2.58 -1.14 -4.94
N TRP A 45 -3.56 -0.84 -5.80
CA TRP A 45 -4.65 0.06 -5.45
C TRP A 45 -5.63 -0.63 -4.52
N ASN A 46 -6.11 -1.81 -4.91
CA ASN A 46 -7.06 -2.57 -4.12
C ASN A 46 -6.67 -2.55 -2.64
N ILE A 47 -5.36 -2.59 -2.38
CA ILE A 47 -4.86 -2.57 -1.01
C ILE A 47 -4.61 -1.15 -0.53
N GLY A 48 -3.96 -0.35 -1.38
CA GLY A 48 -3.67 1.03 -1.02
C GLY A 48 -2.23 1.22 -0.58
N VAL A 49 -1.31 0.57 -1.28
CA VAL A 49 0.11 0.68 -0.95
C VAL A 49 0.98 0.51 -2.19
N PHE A 50 2.20 1.03 -2.13
CA PHE A 50 3.13 0.94 -3.25
C PHE A 50 4.07 -0.26 -3.08
N ILE A 51 4.09 -1.13 -4.09
CA ILE A 51 4.94 -2.31 -4.06
C ILE A 51 5.78 -2.42 -5.32
N CYS A 52 6.91 -3.12 -5.23
CA CYS A 52 7.80 -3.30 -6.36
C CYS A 52 7.21 -4.28 -7.37
N ILE A 53 7.98 -4.61 -8.39
CA ILE A 53 7.53 -5.53 -9.42
C ILE A 53 7.56 -6.98 -8.92
N ARG A 54 8.51 -7.27 -8.03
CA ARG A 54 8.64 -8.60 -7.48
C ARG A 54 7.44 -8.97 -6.62
N CYS A 55 7.29 -8.29 -5.48
CA CYS A 55 6.18 -8.54 -4.58
C CYS A 55 4.87 -8.63 -5.35
N ALA A 56 4.66 -7.68 -6.25
CA ALA A 56 3.44 -7.65 -7.06
C ALA A 56 3.16 -9.01 -7.69
N GLY A 57 4.16 -9.54 -8.41
CA GLY A 57 4.01 -10.83 -9.05
C GLY A 57 3.31 -11.84 -8.16
N ILE A 58 3.43 -11.65 -6.86
CA ILE A 58 2.80 -12.56 -5.90
C ILE A 58 1.38 -12.12 -5.55
N HIS A 59 1.18 -10.80 -5.50
CA HIS A 59 -0.13 -10.25 -5.19
C HIS A 59 -1.15 -10.66 -6.25
N ARG A 60 -0.71 -10.77 -7.49
CA ARG A 60 -1.59 -11.15 -8.59
C ARG A 60 -2.14 -12.55 -8.39
N ASN A 61 -1.24 -13.48 -8.05
CA ASN A 61 -1.63 -14.87 -7.84
C ASN A 61 -2.73 -14.98 -6.78
N LEU A 62 -2.53 -14.29 -5.65
CA LEU A 62 -3.49 -14.31 -4.57
C LEU A 62 -4.91 -14.41 -5.11
N GLY A 63 -5.24 -13.53 -6.05
CA GLY A 63 -6.57 -13.54 -6.64
C GLY A 63 -7.12 -12.14 -6.84
N VAL A 64 -7.57 -11.86 -8.07
CA VAL A 64 -8.12 -10.55 -8.39
C VAL A 64 -9.02 -10.03 -7.27
N HIS A 65 -9.80 -10.94 -6.67
CA HIS A 65 -10.70 -10.58 -5.59
C HIS A 65 -9.91 -10.22 -4.32
N ILE A 66 -8.79 -10.90 -4.12
CA ILE A 66 -7.95 -10.67 -2.96
C ILE A 66 -7.14 -9.39 -3.12
N SER A 67 -6.39 -9.31 -4.21
CA SER A 67 -5.56 -8.14 -4.48
C SER A 67 -5.27 -8.00 -5.97
N ARG A 68 -5.40 -6.78 -6.49
CA ARG A 68 -5.17 -6.52 -7.89
C ARG A 68 -3.89 -5.69 -8.09
N VAL A 69 -3.10 -6.07 -9.09
CA VAL A 69 -1.86 -5.36 -9.39
C VAL A 69 -1.94 -4.63 -10.72
N LYS A 70 -1.44 -3.40 -10.75
CA LYS A 70 -1.46 -2.60 -11.97
C LYS A 70 -0.48 -1.43 -11.86
N SER A 71 0.35 -1.25 -12.88
CA SER A 71 1.32 -0.17 -12.90
C SER A 71 0.69 1.15 -12.48
N VAL A 72 1.52 2.14 -12.18
CA VAL A 72 1.04 3.45 -11.77
C VAL A 72 0.92 4.39 -12.96
N ASN A 73 1.84 4.27 -13.91
CA ASN A 73 1.82 5.11 -15.11
C ASN A 73 1.47 4.29 -16.34
N LEU A 74 2.16 3.17 -16.52
CA LEU A 74 1.91 2.30 -17.67
C LEU A 74 0.42 1.98 -17.79
N ASP A 75 -0.29 2.02 -16.68
CA ASP A 75 -1.72 1.75 -16.66
C ASP A 75 -2.51 2.99 -16.26
N GLN A 76 -3.83 2.93 -16.46
CA GLN A 76 -4.70 4.06 -16.12
C GLN A 76 -5.41 3.82 -14.80
N TRP A 77 -5.73 4.89 -14.10
CA TRP A 77 -6.42 4.79 -12.82
C TRP A 77 -7.69 5.63 -12.81
N THR A 78 -8.43 5.57 -11.70
CA THR A 78 -9.67 6.33 -11.58
C THR A 78 -9.77 6.98 -10.20
N ALA A 79 -10.25 8.23 -10.18
CA ALA A 79 -10.40 8.97 -8.92
C ALA A 79 -10.82 8.04 -7.79
N GLU A 80 -11.77 7.15 -8.07
CA GLU A 80 -12.25 6.21 -7.07
C GLU A 80 -11.09 5.54 -6.34
N GLN A 81 -10.29 4.80 -7.11
CA GLN A 81 -9.13 4.10 -6.54
C GLN A 81 -8.11 5.09 -6.00
N ILE A 82 -7.87 6.15 -6.77
CA ILE A 82 -6.90 7.17 -6.37
C ILE A 82 -7.11 7.61 -4.93
N GLN A 83 -8.31 8.12 -4.64
CA GLN A 83 -8.64 8.56 -3.29
C GLN A 83 -8.22 7.52 -2.25
N CYS A 84 -8.22 6.25 -2.66
CA CYS A 84 -7.85 5.16 -1.77
C CYS A 84 -6.36 5.23 -1.41
N MET A 85 -5.53 5.47 -2.42
CA MET A 85 -4.09 5.56 -2.22
C MET A 85 -3.76 6.56 -1.11
N GLN A 86 -4.37 7.74 -1.18
CA GLN A 86 -4.15 8.78 -0.18
C GLN A 86 -4.76 8.40 1.15
N ASP A 87 -6.00 7.93 1.12
CA ASP A 87 -6.70 7.52 2.34
C ASP A 87 -5.91 6.45 3.08
N MET A 88 -5.70 5.31 2.44
CA MET A 88 -4.96 4.22 3.04
C MET A 88 -3.47 4.53 3.09
N GLY A 89 -2.82 4.49 1.93
CA GLY A 89 -1.40 4.77 1.86
C GLY A 89 -0.58 3.80 2.68
N ASN A 90 0.73 3.78 2.45
CA ASN A 90 1.63 2.89 3.16
C ASN A 90 1.58 3.18 4.66
N THR A 91 1.47 4.45 5.02
CA THR A 91 1.42 4.85 6.42
C THR A 91 0.51 3.93 7.22
N LYS A 92 -0.79 4.03 6.99
CA LYS A 92 -1.76 3.20 7.70
C LYS A 92 -1.47 1.72 7.48
N ALA A 93 -1.24 1.34 6.21
CA ALA A 93 -0.96 -0.04 5.87
C ALA A 93 -0.05 -0.69 6.92
N ARG A 94 0.94 0.06 7.38
CA ARG A 94 1.88 -0.44 8.39
C ARG A 94 1.20 -0.54 9.75
N LEU A 95 0.43 0.49 10.10
CA LEU A 95 -0.26 0.51 11.39
C LEU A 95 -1.42 -0.48 11.40
N LEU A 96 -1.70 -1.07 10.24
CA LEU A 96 -2.78 -2.05 10.12
C LEU A 96 -2.22 -3.45 9.88
N TYR A 97 -1.58 -3.64 8.73
CA TYR A 97 -1.00 -4.93 8.38
C TYR A 97 0.22 -5.23 9.26
N GLU A 98 1.13 -4.27 9.35
CA GLU A 98 2.33 -4.43 10.15
C GLU A 98 2.07 -4.08 11.62
N ALA A 99 0.87 -4.38 12.08
CA ALA A 99 0.49 -4.10 13.46
C ALA A 99 0.53 -5.36 14.32
N ASN A 100 0.17 -6.48 13.70
CA ASN A 100 0.16 -7.76 14.41
C ASN A 100 1.47 -8.51 14.19
N LEU A 101 2.50 -7.79 13.80
CA LEU A 101 3.81 -8.39 13.55
C LEU A 101 4.54 -8.66 14.86
N PRO A 102 5.46 -9.65 14.84
CA PRO A 102 6.25 -10.01 16.02
C PRO A 102 7.26 -8.94 16.40
N GLU A 103 7.42 -8.73 17.70
CA GLU A 103 8.35 -7.72 18.20
C GLU A 103 9.73 -7.90 17.55
N ASN A 104 10.09 -9.14 17.26
CA ASN A 104 11.38 -9.44 16.63
C ASN A 104 11.21 -9.65 15.13
N PHE A 105 10.21 -9.00 14.55
CA PHE A 105 9.95 -9.12 13.12
C PHE A 105 11.17 -8.66 12.32
N ARG A 106 11.25 -9.14 11.08
CA ARG A 106 12.36 -8.79 10.20
C ARG A 106 12.00 -9.07 8.74
N ARG A 107 11.86 -8.02 7.95
CA ARG A 107 11.53 -8.15 6.54
C ARG A 107 12.28 -9.33 5.91
N PRO A 108 11.53 -10.21 5.24
CA PRO A 108 12.10 -11.39 4.58
C PRO A 108 12.95 -11.03 3.37
N GLN A 109 14.26 -11.15 3.50
CA GLN A 109 15.17 -10.84 2.41
C GLN A 109 15.15 -11.93 1.35
N THR A 110 14.73 -13.13 1.74
CA THR A 110 14.67 -14.25 0.83
C THR A 110 13.37 -14.24 0.03
N ASP A 111 13.49 -14.29 -1.29
CA ASP A 111 12.33 -14.28 -2.16
C ASP A 111 11.32 -15.35 -1.75
N GLN A 112 11.82 -16.57 -1.53
CA GLN A 112 10.98 -17.69 -1.13
C GLN A 112 10.10 -17.30 0.06
N ALA A 113 10.67 -16.54 0.99
CA ALA A 113 9.94 -16.11 2.17
C ALA A 113 8.99 -14.96 1.85
N VAL A 114 9.50 -13.97 1.13
CA VAL A 114 8.69 -12.82 0.74
C VAL A 114 7.34 -13.26 0.18
N GLU A 115 7.37 -13.98 -0.93
CA GLU A 115 6.15 -14.46 -1.57
C GLU A 115 5.16 -14.98 -0.53
N PHE A 116 5.60 -15.94 0.27
CA PHE A 116 4.75 -16.52 1.29
C PHE A 116 4.22 -15.45 2.23
N PHE A 117 5.13 -14.69 2.84
CA PHE A 117 4.76 -13.61 3.76
C PHE A 117 3.45 -12.96 3.33
N ILE A 118 3.44 -12.39 2.12
CA ILE A 118 2.27 -11.73 1.59
C ILE A 118 1.10 -12.71 1.46
N ARG A 119 1.42 -13.96 1.12
CA ARG A 119 0.39 -14.99 0.97
C ARG A 119 -0.37 -15.20 2.28
N ASP A 120 0.26 -14.81 3.38
CA ASP A 120 -0.36 -14.96 4.70
C ASP A 120 -0.55 -13.60 5.36
N LYS A 121 -0.02 -12.55 4.74
CA LYS A 121 -0.13 -11.21 5.28
C LYS A 121 -1.39 -10.52 4.77
N TYR A 122 -1.80 -10.87 3.55
CA TYR A 122 -3.00 -10.29 2.94
C TYR A 122 -4.08 -11.35 2.77
N GLU A 123 -3.71 -12.45 2.12
CA GLU A 123 -4.66 -13.54 1.88
C GLU A 123 -5.18 -14.11 3.19
N LYS A 124 -4.26 -14.69 3.98
CA LYS A 124 -4.63 -15.28 5.27
C LYS A 124 -4.97 -14.19 6.28
N LYS A 125 -4.52 -12.97 6.02
CA LYS A 125 -4.78 -11.85 6.90
C LYS A 125 -4.28 -12.14 8.31
N LYS A 126 -3.24 -12.95 8.41
CA LYS A 126 -2.66 -13.32 9.70
C LYS A 126 -2.37 -12.08 10.53
N TYR A 127 -1.41 -11.28 10.07
CA TYR A 127 -1.02 -10.05 10.76
C TYR A 127 -1.97 -8.91 10.41
N TYR A 128 -3.25 -9.23 10.26
CA TYR A 128 -4.25 -8.22 9.92
C TYR A 128 -5.01 -7.77 11.17
N ASP A 129 -4.96 -6.47 11.44
CA ASP A 129 -5.64 -5.90 12.60
C ASP A 129 -6.98 -5.32 12.20
N LYS A 130 -8.05 -6.07 12.44
CA LYS A 130 -9.40 -5.62 12.11
C LYS A 130 -9.85 -4.51 13.06
N ASN A 131 -9.53 -4.66 14.34
CA ASN A 131 -9.91 -3.67 15.34
C ASN A 131 -9.76 -2.26 14.79
N ALA A 132 -8.63 -2.00 14.12
CA ALA A 132 -8.37 -0.68 13.55
C ALA A 132 -9.59 -0.16 12.81
N ILE A 133 -10.05 -0.92 11.81
CA ILE A 133 -11.22 -0.54 11.02
C ILE A 133 -12.31 0.06 11.91
N ALA A 134 -12.50 -0.54 13.08
CA ALA A 134 -13.50 -0.07 14.02
C ALA A 134 -13.41 1.44 14.23
N ILE A 135 -14.35 2.18 13.65
CA ILE A 135 -14.38 3.62 13.77
C ILE A 135 -15.22 4.06 14.96
N SER A 136 -15.24 5.37 15.21
CA SER A 136 -16.01 5.92 16.33
C SER A 136 -17.14 6.80 15.82
N GLY A 137 -16.79 7.82 15.03
CA GLY A 137 -17.79 8.73 14.50
C GLY A 137 -17.24 9.60 13.39
N PRO A 138 -17.58 9.28 12.14
CA PRO A 138 -17.12 10.02 10.96
C PRO A 138 -17.77 11.40 10.88
N SER A 139 -16.93 12.43 10.78
CA SER A 139 -17.43 13.80 10.70
C SER A 139 -17.79 14.16 9.26
N SER A 140 -19.08 14.03 8.94
CA SER A 140 -19.57 14.33 7.60
C SER A 140 -19.92 15.81 7.47
N GLY A 141 -19.71 16.36 6.28
CA GLY A 141 -20.01 17.76 6.05
C GLY A 141 -19.06 18.40 5.06
ZN ZN B . 8.58 -5.47 -2.84
N GLY A 1 18.50 19.39 6.51
CA GLY A 1 17.34 18.69 5.98
C GLY A 1 16.39 18.22 7.06
N SER A 2 15.54 19.13 7.54
CA SER A 2 14.59 18.80 8.60
C SER A 2 13.15 18.91 8.08
N SER A 3 12.93 18.41 6.87
CA SER A 3 11.60 18.47 6.26
C SER A 3 10.71 17.35 6.81
N GLY A 4 9.60 17.74 7.43
CA GLY A 4 8.68 16.77 7.99
C GLY A 4 7.24 17.21 7.88
N SER A 5 6.84 17.62 6.68
CA SER A 5 5.47 18.08 6.45
C SER A 5 5.06 17.86 5.00
N SER A 6 4.12 16.95 4.77
CA SER A 6 3.65 16.65 3.43
C SER A 6 2.38 15.81 3.47
N GLY A 7 1.68 15.75 2.35
CA GLY A 7 0.45 14.98 2.28
C GLY A 7 -0.79 15.87 2.26
N LYS A 8 -1.84 15.42 2.93
CA LYS A 8 -3.09 16.17 2.99
C LYS A 8 -3.38 16.84 1.65
N ALA A 9 -2.86 16.27 0.58
CA ALA A 9 -3.07 16.81 -0.76
C ALA A 9 -4.31 16.21 -1.42
N GLN A 10 -5.38 16.09 -0.64
CA GLN A 10 -6.62 15.52 -1.14
C GLN A 10 -7.45 16.59 -1.87
N LYS A 11 -7.63 17.73 -1.21
CA LYS A 11 -8.40 18.82 -1.79
C LYS A 11 -7.66 19.46 -2.96
N LEU A 12 -6.35 19.60 -2.80
CA LEU A 12 -5.51 20.19 -3.85
C LEU A 12 -5.20 19.18 -4.94
N ASN A 13 -6.22 18.43 -5.35
CA ASN A 13 -6.05 17.41 -6.39
C ASN A 13 -6.33 17.99 -7.78
N GLU A 14 -5.38 17.82 -8.69
CA GLU A 14 -5.53 18.33 -10.05
C GLU A 14 -5.49 17.19 -11.06
N GLN A 15 -4.50 16.31 -10.92
CA GLN A 15 -4.35 15.18 -11.81
C GLN A 15 -3.78 13.96 -11.08
N HIS A 16 -4.31 12.79 -11.39
CA HIS A 16 -3.84 11.55 -10.76
C HIS A 16 -2.33 11.41 -10.89
N GLN A 17 -1.85 11.34 -12.13
CA GLN A 17 -0.42 11.20 -12.40
C GLN A 17 0.39 11.94 -11.35
N LEU A 18 0.07 13.22 -11.15
CA LEU A 18 0.78 14.04 -10.17
C LEU A 18 0.60 13.49 -8.76
N ILE A 19 -0.66 13.25 -8.38
CA ILE A 19 -0.96 12.73 -7.06
C ILE A 19 -0.12 11.50 -6.75
N LEU A 20 -0.32 10.44 -7.52
CA LEU A 20 0.42 9.20 -7.33
C LEU A 20 1.90 9.48 -7.07
N SER A 21 2.44 10.47 -7.77
CA SER A 21 3.85 10.84 -7.62
C SER A 21 4.07 11.56 -6.28
N LYS A 22 3.17 12.46 -5.94
CA LYS A 22 3.27 13.21 -4.69
C LYS A 22 3.33 12.27 -3.50
N LEU A 23 2.58 11.17 -3.57
CA LEU A 23 2.55 10.19 -2.50
C LEU A 23 3.90 9.50 -2.35
N LEU A 24 4.42 8.97 -3.44
CA LEU A 24 5.71 8.30 -3.44
C LEU A 24 6.78 9.19 -2.80
N ARG A 25 6.86 10.43 -3.27
CA ARG A 25 7.85 11.37 -2.75
C ARG A 25 7.92 11.29 -1.22
N GLU A 26 6.77 11.10 -0.58
CA GLU A 26 6.72 11.01 0.87
C GLU A 26 7.51 9.81 1.37
N GLU A 27 8.27 10.02 2.44
CA GLU A 27 9.09 8.95 3.02
C GLU A 27 8.24 7.71 3.28
N ASP A 28 6.99 7.93 3.68
CA ASP A 28 6.08 6.82 3.97
C ASP A 28 5.89 5.94 2.74
N ASN A 29 6.09 6.52 1.57
CA ASN A 29 5.95 5.78 0.32
C ASN A 29 7.25 5.80 -0.48
N LYS A 30 8.38 5.81 0.23
CA LYS A 30 9.68 5.83 -0.42
C LYS A 30 10.13 4.41 -0.77
N TYR A 31 9.68 3.44 0.02
CA TYR A 31 10.04 2.05 -0.21
C TYR A 31 8.80 1.16 -0.21
N CYS A 32 8.99 -0.10 -0.56
CA CYS A 32 7.89 -1.06 -0.60
C CYS A 32 7.26 -1.22 0.78
N ALA A 33 6.09 -1.86 0.81
CA ALA A 33 5.38 -2.08 2.07
C ALA A 33 5.64 -3.49 2.60
N ASP A 34 6.29 -4.31 1.78
CA ASP A 34 6.60 -5.69 2.18
C ASP A 34 8.11 -5.90 2.25
N CYS A 35 8.80 -5.57 1.16
CA CYS A 35 10.24 -5.73 1.09
C CYS A 35 10.94 -4.37 1.17
N GLU A 36 10.18 -3.33 1.48
CA GLU A 36 10.73 -1.98 1.58
C GLU A 36 11.82 -1.76 0.54
N ALA A 37 11.57 -2.21 -0.68
CA ALA A 37 12.53 -2.05 -1.77
C ALA A 37 12.77 -0.59 -2.08
N LYS A 38 13.85 -0.31 -2.81
CA LYS A 38 14.19 1.06 -3.18
C LYS A 38 13.55 1.43 -4.51
N GLY A 39 12.60 2.37 -4.47
CA GLY A 39 11.93 2.80 -5.67
C GLY A 39 10.74 1.93 -6.02
N PRO A 40 9.74 1.90 -5.12
CA PRO A 40 8.52 1.10 -5.32
C PRO A 40 7.65 1.65 -6.44
N ARG A 41 8.01 1.32 -7.67
CA ARG A 41 7.25 1.78 -8.84
C ARG A 41 5.81 1.30 -8.77
N TRP A 42 5.60 0.03 -9.09
CA TRP A 42 4.26 -0.56 -9.06
C TRP A 42 3.51 -0.16 -7.80
N ALA A 43 2.20 -0.40 -7.79
CA ALA A 43 1.38 -0.06 -6.64
C ALA A 43 0.05 -0.81 -6.68
N SER A 44 -0.36 -1.36 -5.54
CA SER A 44 -1.61 -2.11 -5.45
C SER A 44 -2.75 -1.20 -5.01
N TRP A 45 -3.49 -0.68 -5.97
CA TRP A 45 -4.62 0.20 -5.69
C TRP A 45 -5.65 -0.49 -4.82
N ASN A 46 -6.06 -1.70 -5.23
CA ASN A 46 -7.04 -2.47 -4.47
C ASN A 46 -6.86 -2.27 -2.97
N ILE A 47 -5.63 -2.39 -2.51
CA ILE A 47 -5.33 -2.22 -1.09
C ILE A 47 -5.06 -0.75 -0.76
N GLY A 48 -4.22 -0.11 -1.55
CA GLY A 48 -3.90 1.29 -1.33
C GLY A 48 -2.49 1.48 -0.83
N VAL A 49 -1.56 0.68 -1.34
CA VAL A 49 -0.16 0.77 -0.94
C VAL A 49 0.77 0.58 -2.14
N PHE A 50 1.95 1.17 -2.06
CA PHE A 50 2.93 1.07 -3.14
C PHE A 50 3.88 -0.10 -2.91
N ILE A 51 3.96 -0.98 -3.89
CA ILE A 51 4.82 -2.15 -3.81
C ILE A 51 5.72 -2.27 -5.04
N CYS A 52 6.78 -3.06 -4.92
CA CYS A 52 7.72 -3.25 -6.02
C CYS A 52 7.17 -4.27 -7.02
N ILE A 53 7.89 -4.46 -8.11
CA ILE A 53 7.48 -5.41 -9.15
C ILE A 53 7.53 -6.83 -8.62
N ARG A 54 8.58 -7.15 -7.87
CA ARG A 54 8.74 -8.49 -7.32
C ARG A 54 7.51 -8.89 -6.51
N CYS A 55 7.16 -8.09 -5.52
CA CYS A 55 6.01 -8.37 -4.67
C CYS A 55 4.73 -8.39 -5.50
N ALA A 56 4.58 -7.42 -6.40
CA ALA A 56 3.41 -7.33 -7.24
C ALA A 56 3.09 -8.68 -7.88
N GLY A 57 4.10 -9.31 -8.48
CA GLY A 57 3.91 -10.60 -9.11
C GLY A 57 3.21 -11.59 -8.22
N ILE A 58 3.55 -11.57 -6.94
CA ILE A 58 2.95 -12.48 -5.97
C ILE A 58 1.51 -12.09 -5.69
N HIS A 59 1.27 -10.80 -5.50
CA HIS A 59 -0.06 -10.30 -5.21
C HIS A 59 -1.08 -10.86 -6.21
N ARG A 60 -0.77 -10.73 -7.50
CA ARG A 60 -1.65 -11.23 -8.54
C ARG A 60 -2.15 -12.63 -8.22
N ASN A 61 -1.22 -13.53 -7.88
CA ASN A 61 -1.58 -14.90 -7.55
C ASN A 61 -2.67 -14.94 -6.48
N LEU A 62 -2.46 -14.20 -5.40
CA LEU A 62 -3.43 -14.16 -4.32
C LEU A 62 -4.85 -14.23 -4.85
N GLY A 63 -5.17 -13.37 -5.81
CA GLY A 63 -6.51 -13.37 -6.39
C GLY A 63 -7.08 -11.97 -6.52
N VAL A 64 -7.65 -11.68 -7.69
CA VAL A 64 -8.23 -10.36 -7.94
C VAL A 64 -9.12 -9.92 -6.78
N HIS A 65 -9.73 -10.89 -6.11
CA HIS A 65 -10.60 -10.61 -4.98
C HIS A 65 -9.80 -10.16 -3.77
N ILE A 66 -8.59 -10.68 -3.65
CA ILE A 66 -7.71 -10.34 -2.53
C ILE A 66 -6.93 -9.06 -2.82
N SER A 67 -6.23 -9.04 -3.94
CA SER A 67 -5.44 -7.88 -4.34
C SER A 67 -5.32 -7.79 -5.86
N ARG A 68 -5.40 -6.57 -6.38
CA ARG A 68 -5.30 -6.34 -7.81
C ARG A 68 -4.06 -5.53 -8.15
N VAL A 69 -3.13 -6.14 -8.87
CA VAL A 69 -1.89 -5.47 -9.26
C VAL A 69 -2.06 -4.75 -10.60
N LYS A 70 -1.50 -3.55 -10.69
CA LYS A 70 -1.58 -2.76 -11.92
C LYS A 70 -0.61 -1.59 -11.88
N SER A 71 0.11 -1.39 -12.98
CA SER A 71 1.09 -0.31 -13.07
C SER A 71 0.48 1.01 -12.61
N VAL A 72 1.32 1.88 -12.06
CA VAL A 72 0.87 3.18 -11.57
C VAL A 72 0.57 4.13 -12.73
N ASN A 73 1.58 4.35 -13.57
CA ASN A 73 1.44 5.24 -14.73
C ASN A 73 1.00 4.46 -15.95
N LEU A 74 1.83 3.50 -16.36
CA LEU A 74 1.53 2.68 -17.53
C LEU A 74 0.04 2.33 -17.59
N ASP A 75 -0.52 1.97 -16.45
CA ASP A 75 -1.93 1.62 -16.37
C ASP A 75 -2.79 2.86 -16.11
N GLN A 76 -4.06 2.78 -16.50
CA GLN A 76 -4.98 3.90 -16.33
C GLN A 76 -5.65 3.83 -14.96
N TRP A 77 -5.85 5.00 -14.34
CA TRP A 77 -6.49 5.07 -13.04
C TRP A 77 -7.65 6.05 -13.04
N THR A 78 -8.57 5.89 -12.11
CA THR A 78 -9.74 6.76 -12.01
C THR A 78 -9.82 7.41 -10.63
N ALA A 79 -10.29 8.65 -10.60
CA ALA A 79 -10.42 9.38 -9.34
C ALA A 79 -10.84 8.45 -8.21
N GLU A 80 -11.78 7.57 -8.50
CA GLU A 80 -12.26 6.63 -7.49
C GLU A 80 -11.10 5.92 -6.81
N GLN A 81 -10.32 5.18 -7.59
CA GLN A 81 -9.18 4.44 -7.05
C GLN A 81 -8.17 5.40 -6.44
N ILE A 82 -7.84 6.46 -7.17
CA ILE A 82 -6.87 7.46 -6.70
C ILE A 82 -7.12 7.80 -5.24
N GLN A 83 -8.33 8.25 -4.94
CA GLN A 83 -8.70 8.62 -3.57
C GLN A 83 -8.28 7.54 -2.59
N CYS A 84 -8.49 6.28 -2.96
CA CYS A 84 -8.15 5.15 -2.12
C CYS A 84 -6.70 5.25 -1.65
N MET A 85 -5.78 5.27 -2.62
CA MET A 85 -4.35 5.36 -2.32
C MET A 85 -4.11 6.22 -1.09
N GLN A 86 -4.67 7.42 -1.10
CA GLN A 86 -4.51 8.35 0.01
C GLN A 86 -5.19 7.81 1.28
N ASP A 87 -6.45 7.42 1.13
CA ASP A 87 -7.22 6.88 2.25
C ASP A 87 -6.41 5.84 3.02
N MET A 88 -5.99 4.79 2.32
CA MET A 88 -5.21 3.73 2.94
C MET A 88 -3.73 4.11 3.01
N GLY A 89 -3.09 4.14 1.85
CA GLY A 89 -1.68 4.50 1.80
C GLY A 89 -0.82 3.57 2.64
N ASN A 90 0.50 3.72 2.52
CA ASN A 90 1.42 2.88 3.27
C ASN A 90 1.35 3.20 4.77
N THR A 91 1.28 4.48 5.09
CA THR A 91 1.19 4.91 6.48
C THR A 91 0.31 3.98 7.30
N LYS A 92 -0.99 4.02 7.01
CA LYS A 92 -1.95 3.17 7.72
C LYS A 92 -1.68 1.70 7.45
N ALA A 93 -1.44 1.36 6.18
CA ALA A 93 -1.16 -0.02 5.80
C ALA A 93 -0.22 -0.68 6.80
N ARG A 94 0.78 0.07 7.26
CA ARG A 94 1.75 -0.46 8.21
C ARG A 94 1.11 -0.64 9.59
N LEU A 95 0.40 0.38 10.05
CA LEU A 95 -0.25 0.33 11.35
C LEU A 95 -1.34 -0.75 11.37
N LEU A 96 -1.77 -1.17 10.18
CA LEU A 96 -2.80 -2.19 10.05
C LEU A 96 -2.18 -3.56 9.80
N TYR A 97 -1.57 -3.72 8.64
CA TYR A 97 -0.93 -4.98 8.27
C TYR A 97 0.32 -5.23 9.12
N GLU A 98 1.20 -4.24 9.15
CA GLU A 98 2.43 -4.35 9.92
C GLU A 98 2.20 -3.97 11.38
N ALA A 99 1.03 -4.32 11.90
CA ALA A 99 0.68 -4.02 13.28
C ALA A 99 0.87 -5.23 14.17
N ASN A 100 0.37 -6.38 13.73
CA ASN A 100 0.47 -7.61 14.49
C ASN A 100 1.79 -8.33 14.18
N LEU A 101 2.76 -7.56 13.70
CA LEU A 101 4.08 -8.12 13.36
C LEU A 101 4.72 -8.78 14.58
N PRO A 102 5.47 -9.86 14.33
CA PRO A 102 6.16 -10.59 15.40
C PRO A 102 7.31 -9.80 16.01
N GLU A 103 7.43 -9.87 17.34
CA GLU A 103 8.48 -9.15 18.05
C GLU A 103 9.83 -9.34 17.35
N ASN A 104 10.05 -10.54 16.81
CA ASN A 104 11.29 -10.84 16.11
C ASN A 104 11.10 -10.80 14.60
N PHE A 105 10.29 -9.84 14.14
CA PHE A 105 10.02 -9.69 12.71
C PHE A 105 11.30 -9.33 11.95
N ARG A 106 11.42 -9.86 10.75
CA ARG A 106 12.59 -9.60 9.91
C ARG A 106 12.25 -9.71 8.43
N ARG A 107 12.16 -8.57 7.76
CA ARG A 107 11.84 -8.55 6.34
C ARG A 107 12.56 -9.67 5.59
N PRO A 108 11.79 -10.56 4.96
CA PRO A 108 12.34 -11.69 4.20
C PRO A 108 13.03 -11.25 2.93
N GLN A 109 14.27 -11.68 2.75
CA GLN A 109 15.04 -11.33 1.56
C GLN A 109 14.83 -12.36 0.45
N THR A 110 14.79 -13.63 0.83
CA THR A 110 14.61 -14.71 -0.13
C THR A 110 13.20 -14.68 -0.72
N ASP A 111 13.11 -14.94 -2.02
CA ASP A 111 11.82 -14.94 -2.70
C ASP A 111 10.88 -15.99 -2.10
N GLN A 112 11.27 -17.25 -2.20
CA GLN A 112 10.46 -18.34 -1.66
C GLN A 112 9.80 -17.93 -0.35
N ALA A 113 10.47 -17.05 0.39
CA ALA A 113 9.95 -16.57 1.67
C ALA A 113 9.00 -15.40 1.47
N VAL A 114 9.44 -14.40 0.71
CA VAL A 114 8.63 -13.23 0.44
C VAL A 114 7.21 -13.61 0.00
N GLU A 115 7.14 -14.40 -1.06
CA GLU A 115 5.86 -14.85 -1.59
C GLU A 115 4.90 -15.21 -0.45
N PHE A 116 5.38 -16.01 0.49
CA PHE A 116 4.58 -16.44 1.62
C PHE A 116 4.29 -15.26 2.55
N PHE A 117 5.34 -14.70 3.13
CA PHE A 117 5.19 -13.56 4.04
C PHE A 117 4.03 -12.67 3.62
N ILE A 118 3.98 -12.34 2.33
CA ILE A 118 2.92 -11.49 1.80
C ILE A 118 1.60 -12.24 1.73
N ARG A 119 1.65 -13.48 1.23
CA ARG A 119 0.45 -14.30 1.12
C ARG A 119 -0.21 -14.49 2.49
N ASP A 120 0.54 -15.05 3.42
CA ASP A 120 0.04 -15.29 4.77
C ASP A 120 -0.29 -13.98 5.47
N LYS A 121 0.27 -12.89 4.96
CA LYS A 121 0.05 -11.57 5.54
C LYS A 121 -1.28 -10.99 5.05
N TYR A 122 -1.52 -11.08 3.76
CA TYR A 122 -2.75 -10.57 3.16
C TYR A 122 -3.75 -11.69 2.92
N GLU A 123 -3.30 -12.73 2.21
CA GLU A 123 -4.15 -13.87 1.90
C GLU A 123 -4.77 -14.45 3.17
N LYS A 124 -3.92 -14.98 4.04
CA LYS A 124 -4.38 -15.56 5.30
C LYS A 124 -4.74 -14.48 6.30
N LYS A 125 -4.22 -13.28 6.08
CA LYS A 125 -4.48 -12.16 6.98
C LYS A 125 -3.94 -12.43 8.38
N LYS A 126 -2.82 -13.14 8.44
CA LYS A 126 -2.19 -13.48 9.73
C LYS A 126 -1.92 -12.21 10.54
N TYR A 127 -1.03 -11.37 10.02
CA TYR A 127 -0.67 -10.13 10.69
C TYR A 127 -1.66 -9.02 10.36
N TYR A 128 -2.94 -9.39 10.25
CA TYR A 128 -3.99 -8.43 9.93
C TYR A 128 -4.73 -7.99 11.19
N ASP A 129 -4.71 -6.70 11.48
CA ASP A 129 -5.38 -6.16 12.65
C ASP A 129 -6.79 -5.68 12.30
N LYS A 130 -7.79 -6.46 12.67
CA LYS A 130 -9.17 -6.12 12.39
C LYS A 130 -9.68 -5.06 13.36
N ASN A 131 -9.29 -5.19 14.63
CA ASN A 131 -9.70 -4.24 15.66
C ASN A 131 -9.72 -2.83 15.11
N ALA A 132 -8.66 -2.45 14.40
CA ALA A 132 -8.56 -1.12 13.82
C ALA A 132 -9.92 -0.63 13.34
N ILE A 133 -10.65 -1.49 12.65
CA ILE A 133 -11.98 -1.14 12.14
C ILE A 133 -12.04 0.33 11.75
N ALA A 134 -11.12 0.76 10.89
CA ALA A 134 -11.08 2.14 10.44
C ALA A 134 -11.95 2.35 9.21
N ILE A 135 -12.02 3.59 8.73
CA ILE A 135 -12.82 3.91 7.56
C ILE A 135 -11.94 4.10 6.33
N SER A 136 -12.17 3.27 5.31
CA SER A 136 -11.40 3.35 4.07
C SER A 136 -12.22 4.01 2.96
N GLY A 137 -13.29 3.35 2.55
CA GLY A 137 -14.14 3.89 1.51
C GLY A 137 -14.18 3.00 0.28
N PRO A 138 -13.36 3.34 -0.73
CA PRO A 138 -13.28 2.59 -1.98
C PRO A 138 -12.63 1.22 -1.79
N SER A 139 -12.42 0.84 -0.53
CA SER A 139 -11.81 -0.45 -0.21
C SER A 139 -12.83 -1.42 0.36
N SER A 140 -12.50 -2.70 0.36
CA SER A 140 -13.38 -3.74 0.87
C SER A 140 -12.92 -4.24 2.23
N GLY A 141 -12.54 -3.29 3.10
CA GLY A 141 -12.07 -3.66 4.42
C GLY A 141 -12.57 -2.71 5.50
ZN ZN B . 8.25 -5.36 -2.46
N GLY A 1 23.95 22.46 -1.46
CA GLY A 1 24.08 23.90 -1.46
C GLY A 1 22.80 24.60 -1.89
N SER A 2 22.55 24.62 -3.20
CA SER A 2 21.37 25.25 -3.74
C SER A 2 20.10 24.48 -3.35
N SER A 3 19.22 25.14 -2.61
CA SER A 3 17.98 24.51 -2.16
C SER A 3 16.79 25.04 -2.97
N GLY A 4 15.63 24.44 -2.74
CA GLY A 4 14.43 24.86 -3.46
C GLY A 4 13.40 25.49 -2.53
N SER A 5 12.89 26.65 -2.93
CA SER A 5 11.89 27.35 -2.13
C SER A 5 10.50 26.76 -2.35
N SER A 6 9.67 26.83 -1.31
CA SER A 6 8.31 26.30 -1.39
C SER A 6 7.56 26.90 -2.57
N GLY A 7 6.39 26.33 -2.88
CA GLY A 7 5.59 26.83 -3.98
C GLY A 7 6.07 26.30 -5.32
N LYS A 8 5.51 25.16 -5.74
CA LYS A 8 5.88 24.55 -7.00
C LYS A 8 4.65 24.33 -7.88
N ALA A 9 4.87 23.85 -9.10
CA ALA A 9 3.79 23.60 -10.04
C ALA A 9 3.22 22.19 -9.84
N GLN A 10 3.07 21.77 -8.59
CA GLN A 10 2.55 20.45 -8.28
C GLN A 10 1.04 20.49 -8.13
N LYS A 11 0.54 21.48 -7.39
CA LYS A 11 -0.89 21.63 -7.18
C LYS A 11 -1.58 22.17 -8.43
N LEU A 12 -1.03 23.25 -8.98
CA LEU A 12 -1.59 23.86 -10.18
C LEU A 12 -2.10 22.80 -11.15
N ASN A 13 -1.32 21.74 -11.34
CA ASN A 13 -1.69 20.66 -12.23
C ASN A 13 -2.68 19.71 -11.55
N GLU A 14 -3.86 19.56 -12.14
CA GLU A 14 -4.89 18.69 -11.60
C GLU A 14 -4.97 17.39 -12.39
N GLN A 15 -4.20 16.40 -11.97
CA GLN A 15 -4.19 15.09 -12.64
C GLN A 15 -3.70 14.00 -11.69
N HIS A 16 -4.37 12.85 -11.74
CA HIS A 16 -4.02 11.72 -10.88
C HIS A 16 -2.52 11.47 -10.92
N GLN A 17 -2.03 11.04 -12.09
CA GLN A 17 -0.60 10.76 -12.26
C GLN A 17 0.24 11.65 -11.35
N LEU A 18 -0.05 12.95 -11.37
CA LEU A 18 0.68 13.90 -10.56
C LEU A 18 0.57 13.56 -9.08
N ILE A 19 -0.66 13.36 -8.61
CA ILE A 19 -0.90 13.02 -7.21
C ILE A 19 -0.16 11.75 -6.83
N LEU A 20 -0.33 10.70 -7.63
CA LEU A 20 0.33 9.42 -7.36
C LEU A 20 1.80 9.63 -7.02
N SER A 21 2.44 10.56 -7.72
CA SER A 21 3.86 10.85 -7.49
C SER A 21 4.07 11.46 -6.11
N LYS A 22 3.25 12.45 -5.79
CA LYS A 22 3.34 13.13 -4.49
C LYS A 22 3.39 12.11 -3.35
N LEU A 23 2.64 11.03 -3.50
CA LEU A 23 2.60 9.99 -2.48
C LEU A 23 3.97 9.31 -2.33
N LEU A 24 4.53 8.90 -3.46
CA LEU A 24 5.83 8.25 -3.46
C LEU A 24 6.89 9.13 -2.80
N ARG A 25 6.90 10.41 -3.17
CA ARG A 25 7.86 11.36 -2.61
C ARG A 25 8.00 11.17 -1.10
N GLU A 26 6.87 10.90 -0.45
CA GLU A 26 6.88 10.70 1.01
C GLU A 26 7.66 9.45 1.38
N GLU A 27 8.50 9.56 2.41
CA GLU A 27 9.30 8.44 2.86
C GLU A 27 8.43 7.22 3.14
N ASP A 28 7.20 7.46 3.55
CA ASP A 28 6.26 6.38 3.84
C ASP A 28 6.00 5.53 2.61
N ASN A 29 6.11 6.15 1.43
CA ASN A 29 5.89 5.46 0.17
C ASN A 29 7.13 5.53 -0.71
N LYS A 30 8.29 5.67 -0.08
CA LYS A 30 9.55 5.75 -0.82
C LYS A 30 10.02 4.35 -1.24
N TYR A 31 9.64 3.35 -0.46
CA TYR A 31 10.04 1.97 -0.76
C TYR A 31 8.84 1.04 -0.65
N CYS A 32 9.03 -0.20 -1.10
CA CYS A 32 7.97 -1.20 -1.05
C CYS A 32 7.41 -1.34 0.37
N ALA A 33 6.27 -2.00 0.49
CA ALA A 33 5.63 -2.21 1.78
C ALA A 33 5.97 -3.59 2.34
N ASP A 34 6.65 -4.40 1.54
CA ASP A 34 7.03 -5.74 1.96
C ASP A 34 8.55 -5.89 1.99
N CYS A 35 9.20 -5.58 0.87
CA CYS A 35 10.65 -5.67 0.77
C CYS A 35 11.28 -4.28 0.77
N GLU A 36 10.47 -3.27 1.00
CA GLU A 36 10.95 -1.89 1.03
C GLU A 36 12.00 -1.66 -0.05
N ALA A 37 11.70 -2.12 -1.26
CA ALA A 37 12.62 -1.96 -2.39
C ALA A 37 12.84 -0.50 -2.72
N LYS A 38 13.91 -0.22 -3.45
CA LYS A 38 14.25 1.16 -3.82
C LYS A 38 13.58 1.53 -5.15
N GLY A 39 12.51 2.31 -5.06
CA GLY A 39 11.80 2.73 -6.25
C GLY A 39 10.61 1.84 -6.56
N PRO A 40 9.58 1.91 -5.71
CA PRO A 40 8.36 1.12 -5.87
C PRO A 40 7.53 1.57 -7.06
N ARG A 41 7.90 1.11 -8.25
CA ARG A 41 7.18 1.47 -9.48
C ARG A 41 5.73 1.02 -9.40
N TRP A 42 5.52 -0.29 -9.28
CA TRP A 42 4.18 -0.85 -9.21
C TRP A 42 3.49 -0.44 -7.91
N ALA A 43 2.18 -0.66 -7.84
CA ALA A 43 1.41 -0.32 -6.65
C ALA A 43 0.05 -1.00 -6.66
N SER A 44 -0.39 -1.46 -5.49
CA SER A 44 -1.67 -2.13 -5.37
C SER A 44 -2.73 -1.20 -4.81
N TRP A 45 -3.60 -0.70 -5.68
CA TRP A 45 -4.66 0.21 -5.27
C TRP A 45 -5.64 -0.49 -4.34
N ASN A 46 -6.17 -1.62 -4.79
CA ASN A 46 -7.13 -2.38 -3.99
C ASN A 46 -6.75 -2.37 -2.51
N ILE A 47 -5.45 -2.51 -2.25
CA ILE A 47 -4.96 -2.51 -0.87
C ILE A 47 -4.64 -1.09 -0.40
N GLY A 48 -4.07 -0.29 -1.30
CA GLY A 48 -3.72 1.08 -0.95
C GLY A 48 -2.29 1.23 -0.49
N VAL A 49 -1.37 0.65 -1.25
CA VAL A 49 0.04 0.71 -0.93
C VAL A 49 0.92 0.52 -2.16
N PHE A 50 2.13 1.05 -2.11
CA PHE A 50 3.06 0.93 -3.24
C PHE A 50 4.03 -0.22 -3.02
N ILE A 51 4.10 -1.11 -4.00
CA ILE A 51 5.00 -2.26 -3.92
C ILE A 51 5.88 -2.37 -5.16
N CYS A 52 6.87 -3.26 -5.11
CA CYS A 52 7.77 -3.46 -6.23
C CYS A 52 7.21 -4.48 -7.22
N ILE A 53 7.88 -4.61 -8.36
CA ILE A 53 7.46 -5.56 -9.38
C ILE A 53 7.53 -6.99 -8.88
N ARG A 54 8.53 -7.26 -8.05
CA ARG A 54 8.71 -8.60 -7.49
C ARG A 54 7.50 -9.03 -6.68
N CYS A 55 7.24 -8.30 -5.59
CA CYS A 55 6.11 -8.61 -4.72
C CYS A 55 4.80 -8.61 -5.52
N ALA A 56 4.70 -7.72 -6.49
CA ALA A 56 3.50 -7.62 -7.32
C ALA A 56 3.13 -8.99 -7.90
N GLY A 57 4.11 -9.66 -8.51
CA GLY A 57 3.86 -10.96 -9.09
C GLY A 57 3.10 -11.88 -8.15
N ILE A 58 3.46 -11.85 -6.87
CA ILE A 58 2.80 -12.69 -5.88
C ILE A 58 1.37 -12.23 -5.63
N HIS A 59 1.19 -10.92 -5.52
CA HIS A 59 -0.13 -10.34 -5.29
C HIS A 59 -1.14 -10.86 -6.30
N ARG A 60 -0.80 -10.75 -7.59
CA ARG A 60 -1.68 -11.21 -8.66
C ARG A 60 -2.20 -12.62 -8.36
N ASN A 61 -1.30 -13.50 -7.95
CA ASN A 61 -1.66 -14.88 -7.64
C ASN A 61 -2.76 -14.92 -6.57
N LEU A 62 -2.53 -14.20 -5.47
CA LEU A 62 -3.49 -14.16 -4.38
C LEU A 62 -4.93 -14.21 -4.91
N GLY A 63 -5.28 -13.26 -5.77
CA GLY A 63 -6.60 -13.22 -6.33
C GLY A 63 -7.12 -11.80 -6.51
N VAL A 64 -7.69 -11.51 -7.68
CA VAL A 64 -8.22 -10.19 -7.98
C VAL A 64 -9.07 -9.68 -6.83
N HIS A 65 -9.78 -10.59 -6.16
CA HIS A 65 -10.64 -10.22 -5.04
C HIS A 65 -9.80 -9.77 -3.84
N ILE A 66 -8.68 -10.45 -3.62
CA ILE A 66 -7.80 -10.11 -2.51
C ILE A 66 -7.01 -8.85 -2.80
N SER A 67 -6.53 -8.72 -4.04
CA SER A 67 -5.76 -7.56 -4.44
C SER A 67 -5.57 -7.54 -5.95
N ARG A 68 -5.67 -6.35 -6.54
CA ARG A 68 -5.50 -6.18 -7.98
C ARG A 68 -4.24 -5.39 -8.30
N VAL A 69 -3.20 -6.10 -8.75
CA VAL A 69 -1.94 -5.45 -9.09
C VAL A 69 -2.03 -4.73 -10.42
N LYS A 70 -1.42 -3.55 -10.50
CA LYS A 70 -1.43 -2.76 -11.72
C LYS A 70 -0.43 -1.60 -11.62
N SER A 71 0.13 -1.22 -12.76
CA SER A 71 1.10 -0.13 -12.81
C SER A 71 0.48 1.17 -12.30
N VAL A 72 1.34 2.10 -11.90
CA VAL A 72 0.87 3.39 -11.39
C VAL A 72 0.68 4.39 -12.52
N ASN A 73 1.65 4.42 -13.45
CA ASN A 73 1.57 5.33 -14.58
C ASN A 73 1.01 4.63 -15.81
N LEU A 74 1.66 3.55 -16.21
CA LEU A 74 1.22 2.78 -17.38
C LEU A 74 -0.30 2.61 -17.38
N ASP A 75 -0.80 1.92 -16.36
CA ASP A 75 -2.24 1.69 -16.23
C ASP A 75 -2.98 2.98 -15.90
N GLN A 76 -4.28 2.99 -16.16
CA GLN A 76 -5.10 4.18 -15.89
C GLN A 76 -5.78 4.06 -14.53
N TRP A 77 -5.85 5.18 -13.82
CA TRP A 77 -6.49 5.20 -12.51
C TRP A 77 -7.62 6.23 -12.47
N THR A 78 -8.59 6.00 -11.58
CA THR A 78 -9.72 6.90 -11.45
C THR A 78 -9.79 7.50 -10.04
N ALA A 79 -10.53 8.59 -9.91
CA ALA A 79 -10.68 9.26 -8.62
C ALA A 79 -10.92 8.26 -7.50
N GLU A 80 -11.79 7.27 -7.77
CA GLU A 80 -12.11 6.24 -6.79
C GLU A 80 -10.84 5.56 -6.28
N GLN A 81 -10.00 5.12 -7.22
CA GLN A 81 -8.75 4.45 -6.86
C GLN A 81 -7.78 5.42 -6.21
N ILE A 82 -7.57 6.56 -6.85
CA ILE A 82 -6.66 7.58 -6.33
C ILE A 82 -6.98 7.92 -4.89
N GLN A 83 -8.24 8.24 -4.63
CA GLN A 83 -8.69 8.58 -3.28
C GLN A 83 -8.24 7.53 -2.28
N CYS A 84 -8.44 6.26 -2.62
CA CYS A 84 -8.06 5.16 -1.75
C CYS A 84 -6.58 5.26 -1.37
N MET A 85 -5.73 5.38 -2.38
CA MET A 85 -4.29 5.47 -2.15
C MET A 85 -3.99 6.42 -1.00
N GLN A 86 -4.61 7.59 -1.01
CA GLN A 86 -4.40 8.59 0.02
C GLN A 86 -5.05 8.15 1.34
N ASP A 87 -6.33 7.75 1.26
CA ASP A 87 -7.06 7.31 2.44
C ASP A 87 -6.26 6.25 3.21
N MET A 88 -5.94 5.16 2.53
CA MET A 88 -5.18 4.08 3.16
C MET A 88 -3.69 4.38 3.15
N GLY A 89 -3.09 4.31 1.97
CA GLY A 89 -1.66 4.58 1.85
C GLY A 89 -0.81 3.58 2.61
N ASN A 90 0.51 3.70 2.47
CA ASN A 90 1.42 2.80 3.15
C ASN A 90 1.41 3.04 4.66
N THR A 91 1.41 4.31 5.04
CA THR A 91 1.40 4.67 6.46
C THR A 91 0.45 3.77 7.25
N LYS A 92 -0.83 3.87 6.97
CA LYS A 92 -1.83 3.06 7.66
C LYS A 92 -1.61 1.57 7.38
N ALA A 93 -1.45 1.23 6.11
CA ALA A 93 -1.22 -0.16 5.72
C ALA A 93 -0.34 -0.88 6.73
N ARG A 94 0.68 -0.19 7.22
CA ARG A 94 1.59 -0.76 8.20
C ARG A 94 0.93 -0.88 9.57
N LEU A 95 0.16 0.15 9.95
CA LEU A 95 -0.52 0.16 11.22
C LEU A 95 -1.69 -0.84 11.23
N LEU A 96 -2.03 -1.34 10.05
CA LEU A 96 -3.12 -2.31 9.92
C LEU A 96 -2.56 -3.70 9.64
N TYR A 97 -1.90 -3.84 8.50
CA TYR A 97 -1.33 -5.13 8.10
C TYR A 97 -0.17 -5.51 9.01
N GLU A 98 0.78 -4.59 9.17
CA GLU A 98 1.94 -4.83 10.01
C GLU A 98 1.68 -4.37 11.44
N ALA A 99 0.46 -4.59 11.92
CA ALA A 99 0.08 -4.21 13.27
C ALA A 99 0.38 -5.32 14.27
N ASN A 100 0.10 -6.55 13.86
CA ASN A 100 0.34 -7.71 14.73
C ASN A 100 1.75 -8.23 14.56
N LEU A 101 2.64 -7.38 14.03
CA LEU A 101 4.02 -7.76 13.83
C LEU A 101 4.87 -7.45 15.07
N PRO A 102 5.93 -8.23 15.27
CA PRO A 102 6.83 -8.07 16.41
C PRO A 102 7.67 -6.80 16.31
N GLU A 103 7.88 -6.13 17.44
CA GLU A 103 8.67 -4.90 17.47
C GLU A 103 9.96 -5.06 16.69
N ASN A 104 10.62 -6.22 16.85
CA ASN A 104 11.86 -6.50 16.16
C ASN A 104 11.63 -7.38 14.94
N PHE A 105 10.56 -7.08 14.19
CA PHE A 105 10.22 -7.85 13.00
C PHE A 105 11.32 -7.75 11.95
N ARG A 106 11.47 -8.79 11.15
CA ARG A 106 12.48 -8.82 10.10
C ARG A 106 11.88 -9.26 8.77
N ARG A 107 11.75 -8.33 7.84
CA ARG A 107 11.20 -8.63 6.52
C ARG A 107 12.11 -9.56 5.74
N PRO A 108 11.51 -10.54 5.04
CA PRO A 108 12.26 -11.51 4.23
C PRO A 108 12.91 -10.88 3.00
N GLN A 109 14.16 -11.24 2.74
CA GLN A 109 14.88 -10.72 1.60
C GLN A 109 14.80 -11.67 0.41
N THR A 110 14.85 -12.95 0.69
CA THR A 110 14.78 -13.96 -0.36
C THR A 110 13.35 -14.14 -0.86
N ASP A 111 13.16 -13.92 -2.17
CA ASP A 111 11.85 -14.05 -2.77
C ASP A 111 11.04 -15.16 -2.10
N GLN A 112 11.62 -16.35 -2.03
CA GLN A 112 10.95 -17.49 -1.42
C GLN A 112 10.12 -17.05 -0.23
N ALA A 113 10.78 -16.60 0.83
CA ALA A 113 10.09 -16.14 2.03
C ALA A 113 9.10 -15.02 1.71
N VAL A 114 9.58 -14.01 1.00
CA VAL A 114 8.74 -12.87 0.63
C VAL A 114 7.37 -13.35 0.15
N GLU A 115 7.36 -14.26 -0.82
CA GLU A 115 6.12 -14.79 -1.37
C GLU A 115 5.18 -15.23 -0.25
N PHE A 116 5.69 -16.07 0.65
CA PHE A 116 4.90 -16.56 1.77
C PHE A 116 4.45 -15.42 2.67
N PHE A 117 5.37 -14.51 2.98
CA PHE A 117 5.07 -13.37 3.83
C PHE A 117 3.77 -12.70 3.40
N ILE A 118 3.71 -12.29 2.13
CA ILE A 118 2.53 -11.63 1.60
C ILE A 118 1.36 -12.61 1.48
N ARG A 119 1.67 -13.85 1.14
CA ARG A 119 0.66 -14.88 0.99
C ARG A 119 0.09 -15.29 2.35
N ASP A 120 0.73 -14.80 3.42
CA ASP A 120 0.29 -15.12 4.77
C ASP A 120 -0.08 -13.85 5.53
N LYS A 121 0.35 -12.70 5.01
CA LYS A 121 0.07 -11.42 5.63
C LYS A 121 -1.19 -10.80 5.05
N TYR A 122 -1.36 -10.95 3.73
CA TYR A 122 -2.54 -10.40 3.06
C TYR A 122 -3.59 -11.48 2.83
N GLU A 123 -3.19 -12.56 2.17
CA GLU A 123 -4.10 -13.67 1.88
C GLU A 123 -4.65 -14.26 3.17
N LYS A 124 -3.78 -14.90 3.94
CA LYS A 124 -4.17 -15.51 5.20
C LYS A 124 -4.63 -14.46 6.21
N LYS A 125 -4.10 -13.24 6.06
CA LYS A 125 -4.45 -12.14 6.95
C LYS A 125 -4.02 -12.43 8.39
N LYS A 126 -2.88 -13.10 8.53
CA LYS A 126 -2.35 -13.45 9.84
C LYS A 126 -2.08 -12.19 10.66
N TYR A 127 -1.05 -11.47 10.29
CA TYR A 127 -0.68 -10.24 10.99
C TYR A 127 -1.71 -9.13 10.73
N TYR A 128 -2.51 -9.32 9.70
CA TYR A 128 -3.53 -8.34 9.34
C TYR A 128 -4.40 -8.00 10.54
N ASP A 129 -4.42 -6.72 10.90
CA ASP A 129 -5.22 -6.26 12.03
C ASP A 129 -6.68 -6.10 11.64
N LYS A 130 -7.52 -7.01 12.14
CA LYS A 130 -8.95 -6.97 11.85
C LYS A 130 -9.67 -6.03 12.80
N ASN A 131 -9.25 -6.02 14.05
CA ASN A 131 -9.86 -5.16 15.07
C ASN A 131 -10.26 -3.82 14.47
N ALA A 132 -9.40 -3.29 13.60
CA ALA A 132 -9.66 -2.00 12.96
C ALA A 132 -11.11 -1.89 12.51
N ILE A 133 -11.60 -2.94 11.84
CA ILE A 133 -12.98 -2.96 11.36
C ILE A 133 -13.44 -1.58 10.94
N ALA A 134 -12.67 -0.95 10.05
CA ALA A 134 -13.01 0.39 9.56
C ALA A 134 -12.68 0.53 8.08
N ILE A 135 -13.36 1.46 7.42
CA ILE A 135 -13.15 1.70 6.00
C ILE A 135 -13.63 0.51 5.16
N SER A 136 -14.88 0.12 5.37
CA SER A 136 -15.46 -1.00 4.64
C SER A 136 -15.77 -0.61 3.21
N GLY A 137 -15.05 -1.22 2.26
CA GLY A 137 -15.26 -0.92 0.86
C GLY A 137 -16.42 -1.70 0.26
N PRO A 138 -17.33 -1.00 -0.41
CA PRO A 138 -18.50 -1.61 -1.03
C PRO A 138 -18.14 -2.47 -2.25
N SER A 139 -18.74 -3.64 -2.35
CA SER A 139 -18.47 -4.55 -3.45
C SER A 139 -19.54 -4.42 -4.54
N SER A 140 -19.19 -4.85 -5.75
CA SER A 140 -20.11 -4.77 -6.88
C SER A 140 -20.45 -6.16 -7.40
N GLY A 141 -19.41 -6.95 -7.68
CA GLY A 141 -19.61 -8.29 -8.19
C GLY A 141 -20.54 -9.11 -7.31
ZN ZN B . 8.42 -5.58 -2.68
#